data_2VUU
#
_entry.id   2VUU
#
_cell.length_a   231.730
_cell.length_b   231.730
_cell.length_c   223.450
_cell.angle_alpha   90.00
_cell.angle_beta   90.00
_cell.angle_gamma   120.00
#
_symmetry.space_group_name_H-M   'H 3'
#
loop_
_entity.id
_entity.type
_entity.pdbx_description
1 polymer 'NITROGEN METABOLITE REPRESSION REGULATOR NMRA'
2 polymer 'NITROGEN REGULATORY PROTEIN AREA'
3 non-polymer 'NADP NICOTINAMIDE-ADENINE-DINUCLEOTIDE PHOSPHATE'
4 non-polymer 'ZINC ION'
5 water water
#
loop_
_entity_poly.entity_id
_entity_poly.type
_entity_poly.pdbx_seq_one_letter_code
_entity_poly.pdbx_strand_id
1 'polypeptide(L)'
;MAQQKKTIAVVNATGRQAASLIRVAAAVGHHVRAQVHSLKGLIAEELQAIPNVTLFQGPLLNNVPLMDTLFEGAHLAFIN
TTSQAGDEIAIGKDLADAAKRAGTIQHYIYSSMPDHSLYGPWPAVPMWAPKFTVENYVRQLGLPSTFVYAGIYNNNFTSL
PYPLFQMELMPDGTFEWHAPFDPDIPLPWLDAEHDVGPALLQIFKDGPQKWNGHRIALTFETLSPVQVCAAFSRALNRRV
TYVQVPKVEIKVNIPVGYREQLEAIEVVFGEHKAPYFPLPEFSRPAAGSPKGLGPANGKGAGAGMMQGPGGVISQRVTDE
ARKLWSGWRDMEEYAREVFPIEEEANGLDWML
;
A,B,C,D,E,F,G,H
2 'polypeptide(L)' PTTCTNCFTQTTPLWRRNPEGQPLCNACGLFLKLHGVVRPLSL I,J,K,L,M,N,O,P
#
# COMPACT_ATOMS: atom_id res chain seq x y z
N GLN A 3 -48.40 -37.89 19.24
CA GLN A 3 -48.89 -39.22 19.75
C GLN A 3 -49.20 -40.19 18.61
N GLN A 4 -50.39 -40.08 18.05
CA GLN A 4 -50.82 -40.93 16.97
C GLN A 4 -49.95 -40.74 15.72
N LYS A 5 -49.84 -41.81 14.93
CA LYS A 5 -49.08 -41.80 13.67
C LYS A 5 -50.01 -41.27 12.59
N LYS A 6 -49.49 -40.48 11.68
CA LYS A 6 -50.32 -39.91 10.62
C LYS A 6 -50.05 -40.50 9.24
N THR A 7 -50.64 -39.86 8.22
CA THR A 7 -50.46 -40.26 6.84
C THR A 7 -49.61 -39.17 6.20
N ILE A 8 -48.50 -39.58 5.60
CA ILE A 8 -47.59 -38.63 4.97
C ILE A 8 -47.61 -38.70 3.44
N ALA A 9 -47.73 -37.54 2.81
CA ALA A 9 -47.71 -37.45 1.36
C ALA A 9 -46.26 -37.13 0.99
N VAL A 10 -45.72 -37.81 -0.01
CA VAL A 10 -44.34 -37.58 -0.42
C VAL A 10 -44.27 -37.70 -1.94
N VAL A 11 -43.32 -36.98 -2.55
CA VAL A 11 -43.14 -37.07 -4.00
C VAL A 11 -41.69 -37.48 -4.23
N ASN A 12 -41.37 -37.92 -5.43
CA ASN A 12 -40.00 -38.33 -5.75
C ASN A 12 -39.60 -39.41 -4.76
N ALA A 13 -40.55 -40.29 -4.45
CA ALA A 13 -40.37 -41.37 -3.48
C ALA A 13 -39.04 -42.15 -3.56
N THR A 14 -38.58 -42.40 -4.78
CA THR A 14 -37.33 -43.13 -5.01
C THR A 14 -36.07 -42.32 -4.69
N GLY A 15 -36.22 -40.99 -4.59
CA GLY A 15 -35.07 -40.16 -4.29
C GLY A 15 -34.53 -40.49 -2.92
N ARG A 16 -33.25 -40.21 -2.71
CA ARG A 16 -32.57 -40.47 -1.45
C ARG A 16 -33.20 -39.85 -0.20
N GLN A 17 -33.69 -38.61 -0.32
CA GLN A 17 -34.32 -37.96 0.81
C GLN A 17 -35.66 -38.64 1.12
N ALA A 18 -36.55 -38.69 0.14
CA ALA A 18 -37.86 -39.32 0.35
C ALA A 18 -37.73 -40.77 0.81
N ALA A 19 -37.04 -41.59 0.03
CA ALA A 19 -36.84 -43.00 0.36
C ALA A 19 -36.47 -43.17 1.82
N SER A 20 -35.55 -42.34 2.30
CA SER A 20 -35.10 -42.40 3.70
C SER A 20 -36.27 -42.23 4.65
N LEU A 21 -36.99 -41.13 4.48
CA LEU A 21 -38.15 -40.86 5.31
C LEU A 21 -39.13 -42.00 5.24
N ILE A 22 -39.50 -42.37 4.01
CA ILE A 22 -40.48 -43.44 3.78
C ILE A 22 -40.17 -44.70 4.58
N ARG A 23 -38.96 -45.22 4.45
CA ARG A 23 -38.58 -46.42 5.18
C ARG A 23 -38.85 -46.24 6.67
N VAL A 24 -38.29 -45.19 7.25
CA VAL A 24 -38.47 -44.97 8.68
C VAL A 24 -39.92 -44.65 9.02
N ALA A 25 -40.58 -43.83 8.22
CA ALA A 25 -41.97 -43.49 8.51
C ALA A 25 -42.86 -44.71 8.55
N ALA A 26 -42.75 -45.55 7.53
CA ALA A 26 -43.57 -46.75 7.45
C ALA A 26 -43.25 -47.68 8.64
N ALA A 27 -41.97 -47.87 8.90
CA ALA A 27 -41.48 -48.71 9.97
C ALA A 27 -42.06 -48.40 11.35
N VAL A 28 -42.28 -47.12 11.66
CA VAL A 28 -42.81 -46.77 12.97
C VAL A 28 -44.32 -46.73 13.03
N GLY A 29 -44.98 -46.97 11.89
CA GLY A 29 -46.42 -46.98 11.89
C GLY A 29 -47.16 -45.92 11.10
N HIS A 30 -46.46 -45.05 10.40
CA HIS A 30 -47.14 -44.01 9.61
C HIS A 30 -47.56 -44.61 8.28
N HIS A 31 -48.53 -43.96 7.65
CA HIS A 31 -49.01 -44.37 6.34
C HIS A 31 -48.36 -43.42 5.35
N VAL A 32 -47.96 -43.95 4.21
CA VAL A 32 -47.29 -43.14 3.20
C VAL A 32 -47.93 -43.16 1.81
N ARG A 33 -48.28 -41.99 1.30
CA ARG A 33 -48.83 -41.88 -0.05
C ARG A 33 -47.68 -41.27 -0.84
N ALA A 34 -47.09 -42.06 -1.74
CA ALA A 34 -45.95 -41.57 -2.48
C ALA A 34 -46.10 -41.55 -4.01
N GLN A 35 -45.47 -40.56 -4.61
CA GLN A 35 -45.47 -40.35 -6.05
C GLN A 35 -44.14 -40.85 -6.62
N VAL A 36 -44.21 -41.72 -7.62
CA VAL A 36 -42.99 -42.21 -8.27
C VAL A 36 -43.17 -42.01 -9.75
N HIS A 37 -42.07 -41.74 -10.43
CA HIS A 37 -42.16 -41.51 -11.86
C HIS A 37 -42.21 -42.83 -12.62
N SER A 38 -41.69 -43.89 -12.02
CA SER A 38 -41.69 -45.22 -12.61
C SER A 38 -41.58 -46.31 -11.55
N LEU A 39 -42.25 -47.43 -11.79
CA LEU A 39 -42.23 -48.56 -10.88
C LEU A 39 -41.02 -49.44 -11.12
N LYS A 40 -40.40 -49.23 -12.27
CA LYS A 40 -39.22 -50.01 -12.63
C LYS A 40 -38.04 -49.40 -11.89
N GLY A 41 -37.33 -50.25 -11.16
CA GLY A 41 -36.19 -49.77 -10.42
C GLY A 41 -36.10 -50.45 -9.07
N LEU A 42 -34.87 -50.63 -8.60
CA LEU A 42 -34.61 -51.28 -7.32
C LEU A 42 -35.43 -50.65 -6.21
N ILE A 43 -35.18 -49.36 -5.98
CA ILE A 43 -35.86 -48.61 -4.93
C ILE A 43 -37.37 -48.74 -5.06
N ALA A 44 -37.86 -48.44 -6.26
CA ALA A 44 -39.27 -48.51 -6.56
C ALA A 44 -39.85 -49.80 -6.01
N GLU A 45 -39.30 -50.93 -6.44
CA GLU A 45 -39.81 -52.21 -5.96
C GLU A 45 -39.67 -52.39 -4.46
N GLU A 46 -38.63 -51.82 -3.88
CA GLU A 46 -38.42 -51.90 -2.45
C GLU A 46 -39.57 -51.21 -1.74
N LEU A 47 -39.81 -49.96 -2.11
CA LEU A 47 -40.86 -49.15 -1.52
C LEU A 47 -42.22 -49.78 -1.81
N GLN A 48 -42.30 -50.38 -2.97
CA GLN A 48 -43.53 -51.05 -3.41
C GLN A 48 -43.83 -52.14 -2.38
N ALA A 49 -42.76 -52.72 -1.86
CA ALA A 49 -42.85 -53.80 -0.89
C ALA A 49 -43.26 -53.39 0.52
N ILE A 50 -42.78 -52.24 1.00
CA ILE A 50 -43.13 -51.80 2.35
C ILE A 50 -44.64 -51.68 2.55
N PRO A 51 -45.19 -52.48 3.48
CA PRO A 51 -46.61 -52.56 3.84
C PRO A 51 -47.53 -51.37 3.74
N ASN A 52 -47.34 -50.35 4.57
CA ASN A 52 -48.25 -49.21 4.50
C ASN A 52 -47.89 -48.07 3.58
N VAL A 53 -47.26 -48.43 2.46
CA VAL A 53 -46.82 -47.50 1.45
C VAL A 53 -47.67 -47.65 0.21
N THR A 54 -48.26 -46.57 -0.25
CA THR A 54 -49.05 -46.61 -1.46
C THR A 54 -48.42 -45.71 -2.50
N LEU A 55 -48.09 -46.29 -3.65
CA LEU A 55 -47.46 -45.52 -4.70
C LEU A 55 -48.40 -45.14 -5.82
N PHE A 56 -48.12 -43.99 -6.41
CA PHE A 56 -48.87 -43.48 -7.53
C PHE A 56 -47.84 -43.22 -8.61
N GLN A 57 -47.93 -43.97 -9.70
CA GLN A 57 -46.98 -43.79 -10.76
C GLN A 57 -47.51 -42.85 -11.81
N GLY A 58 -46.77 -41.76 -12.00
CA GLY A 58 -47.15 -40.75 -12.96
C GLY A 58 -46.24 -39.54 -12.83
N PRO A 59 -46.33 -38.60 -13.77
CA PRO A 59 -45.51 -37.39 -13.73
C PRO A 59 -46.14 -36.29 -12.88
N LEU A 60 -45.29 -35.40 -12.36
CA LEU A 60 -45.73 -34.28 -11.53
C LEU A 60 -46.07 -33.04 -12.36
N LEU A 61 -45.36 -32.86 -13.48
CA LEU A 61 -45.56 -31.69 -14.35
C LEU A 61 -46.94 -31.65 -14.97
N ASN A 62 -47.68 -30.59 -14.64
CA ASN A 62 -49.03 -30.38 -15.14
C ASN A 62 -49.89 -31.59 -14.84
N ASN A 63 -49.76 -32.11 -13.64
CA ASN A 63 -50.54 -33.27 -13.25
C ASN A 63 -51.21 -33.06 -11.90
N VAL A 64 -52.14 -32.13 -11.88
CA VAL A 64 -52.89 -31.81 -10.68
C VAL A 64 -53.69 -33.03 -10.20
N PRO A 65 -54.31 -33.78 -11.13
CA PRO A 65 -55.07 -34.96 -10.70
C PRO A 65 -54.29 -35.81 -9.69
N LEU A 66 -53.06 -36.19 -10.05
CA LEU A 66 -52.21 -36.99 -9.17
C LEU A 66 -52.01 -36.27 -7.85
N MET A 67 -51.66 -34.99 -7.97
CA MET A 67 -51.44 -34.17 -6.80
C MET A 67 -52.59 -34.23 -5.81
N ASP A 68 -53.81 -34.09 -6.32
CA ASP A 68 -54.99 -34.14 -5.47
C ASP A 68 -55.10 -35.48 -4.80
N THR A 69 -54.91 -36.54 -5.57
CA THR A 69 -55.00 -37.87 -5.02
C THR A 69 -54.00 -38.01 -3.89
N LEU A 70 -52.75 -37.69 -4.21
CA LEU A 70 -51.65 -37.81 -3.25
C LEU A 70 -51.93 -37.20 -1.89
N PHE A 71 -52.59 -36.05 -1.87
CA PHE A 71 -52.89 -35.37 -0.61
C PHE A 71 -54.19 -35.80 0.09
N GLU A 72 -54.96 -36.70 -0.53
CA GLU A 72 -56.20 -37.14 0.08
C GLU A 72 -55.91 -37.86 1.39
N GLY A 73 -56.50 -37.37 2.49
CA GLY A 73 -56.30 -37.99 3.79
C GLY A 73 -54.92 -37.82 4.41
N ALA A 74 -54.12 -36.94 3.83
CA ALA A 74 -52.77 -36.69 4.34
C ALA A 74 -52.78 -35.58 5.40
N HIS A 75 -51.96 -35.76 6.44
CA HIS A 75 -51.84 -34.81 7.53
C HIS A 75 -50.47 -34.15 7.46
N LEU A 76 -49.51 -34.87 6.90
CA LEU A 76 -48.14 -34.41 6.75
C LEU A 76 -47.71 -34.50 5.29
N ALA A 77 -46.56 -33.92 5.01
CA ALA A 77 -46.02 -33.94 3.66
C ALA A 77 -44.55 -33.55 3.69
N PHE A 78 -43.76 -34.29 2.93
CA PHE A 78 -42.35 -34.00 2.79
C PHE A 78 -42.21 -33.86 1.30
N ILE A 79 -42.00 -32.63 0.84
CA ILE A 79 -41.87 -32.36 -0.58
C ILE A 79 -40.47 -31.97 -1.00
N ASN A 80 -39.86 -32.79 -1.86
CA ASN A 80 -38.52 -32.52 -2.38
C ASN A 80 -38.48 -32.92 -3.86
N THR A 81 -38.50 -31.93 -4.75
CA THR A 81 -38.49 -32.20 -6.19
C THR A 81 -37.11 -32.33 -6.82
N THR A 82 -37.10 -32.61 -8.12
CA THR A 82 -35.87 -32.73 -8.92
C THR A 82 -36.09 -31.93 -10.19
N SER A 83 -34.97 -31.60 -10.83
CA SER A 83 -35.01 -30.85 -12.07
C SER A 83 -35.39 -31.78 -13.22
N GLN A 84 -35.22 -33.09 -13.00
CA GLN A 84 -35.54 -34.11 -14.00
C GLN A 84 -37.02 -34.20 -14.33
N ALA A 85 -37.86 -33.67 -13.44
CA ALA A 85 -39.31 -33.70 -13.63
C ALA A 85 -39.87 -32.51 -14.39
N GLY A 86 -39.03 -31.49 -14.61
CA GLY A 86 -39.48 -30.31 -15.33
C GLY A 86 -39.45 -29.06 -14.47
N ASP A 87 -40.16 -28.02 -14.92
CA ASP A 87 -40.20 -26.75 -14.20
C ASP A 87 -40.49 -26.95 -12.71
N GLU A 88 -39.43 -26.99 -11.92
CA GLU A 88 -39.52 -27.20 -10.48
C GLU A 88 -40.36 -26.20 -9.71
N ILE A 89 -40.67 -25.07 -10.33
CA ILE A 89 -41.46 -24.03 -9.70
C ILE A 89 -42.95 -24.20 -10.04
N ALA A 90 -43.24 -24.56 -11.28
CA ALA A 90 -44.63 -24.78 -11.69
C ALA A 90 -45.12 -26.00 -10.92
N ILE A 91 -44.20 -26.92 -10.69
CA ILE A 91 -44.50 -28.14 -9.96
C ILE A 91 -44.62 -27.86 -8.48
N GLY A 92 -43.62 -27.18 -7.93
CA GLY A 92 -43.64 -26.85 -6.51
C GLY A 92 -44.81 -26.00 -6.08
N LYS A 93 -45.35 -25.21 -7.02
CA LYS A 93 -46.50 -24.35 -6.77
C LYS A 93 -47.79 -25.16 -6.79
N ASP A 94 -47.89 -26.04 -7.78
CA ASP A 94 -49.07 -26.89 -7.91
C ASP A 94 -49.24 -27.78 -6.70
N LEU A 95 -48.12 -28.32 -6.23
CA LEU A 95 -48.10 -29.18 -5.06
C LEU A 95 -48.62 -28.44 -3.84
N ALA A 96 -48.09 -27.24 -3.65
CA ALA A 96 -48.48 -26.43 -2.50
C ALA A 96 -49.96 -26.07 -2.59
N ASP A 97 -50.45 -25.89 -3.81
CA ASP A 97 -51.86 -25.56 -4.02
C ASP A 97 -52.70 -26.80 -3.73
N ALA A 98 -52.22 -27.95 -4.17
CA ALA A 98 -52.90 -29.21 -3.95
C ALA A 98 -53.06 -29.38 -2.44
N ALA A 99 -51.95 -29.29 -1.73
CA ALA A 99 -51.92 -29.44 -0.30
C ALA A 99 -52.91 -28.53 0.40
N LYS A 100 -52.95 -27.26 -0.03
CA LYS A 100 -53.86 -26.30 0.58
C LYS A 100 -55.30 -26.70 0.30
N ARG A 101 -55.59 -27.11 -0.93
CA ARG A 101 -56.93 -27.52 -1.29
C ARG A 101 -57.36 -28.72 -0.42
N ALA A 102 -56.43 -29.63 -0.13
CA ALA A 102 -56.74 -30.80 0.68
C ALA A 102 -57.24 -30.38 2.06
N GLY A 103 -56.71 -29.27 2.55
CA GLY A 103 -57.11 -28.75 3.85
C GLY A 103 -56.79 -29.59 5.06
N THR A 104 -56.16 -30.74 4.88
CA THR A 104 -55.83 -31.59 6.02
C THR A 104 -54.37 -31.64 6.39
N ILE A 105 -53.52 -30.87 5.70
CA ILE A 105 -52.09 -30.87 6.01
C ILE A 105 -51.82 -30.01 7.25
N GLN A 106 -51.18 -30.62 8.22
CA GLN A 106 -50.84 -29.98 9.50
C GLN A 106 -49.40 -29.48 9.47
N HIS A 107 -48.56 -30.20 8.72
CA HIS A 107 -47.16 -29.84 8.64
C HIS A 107 -46.64 -30.16 7.23
N TYR A 108 -46.19 -29.13 6.53
CA TYR A 108 -45.71 -29.27 5.17
C TYR A 108 -44.22 -28.92 5.06
N ILE A 109 -43.36 -29.94 5.14
CA ILE A 109 -41.91 -29.72 5.04
C ILE A 109 -41.45 -29.75 3.58
N TYR A 110 -40.90 -28.64 3.12
CA TYR A 110 -40.41 -28.55 1.76
C TYR A 110 -38.90 -28.53 1.82
N SER A 111 -38.26 -29.30 0.96
CA SER A 111 -36.82 -29.35 0.93
C SER A 111 -36.38 -28.21 -0.01
N SER A 112 -35.72 -27.20 0.55
CA SER A 112 -35.30 -26.01 -0.19
C SER A 112 -33.79 -25.91 -0.40
N MET A 113 -33.39 -24.96 -1.25
CA MET A 113 -31.98 -24.69 -1.56
C MET A 113 -31.76 -23.20 -1.90
N PRO A 114 -30.58 -22.66 -1.57
CA PRO A 114 -30.30 -21.24 -1.83
C PRO A 114 -30.23 -20.75 -3.28
N ASP A 115 -30.50 -19.44 -3.41
CA ASP A 115 -30.44 -18.73 -4.68
C ASP A 115 -29.26 -17.80 -4.47
N HIS A 116 -28.05 -18.33 -4.68
CA HIS A 116 -26.82 -17.56 -4.45
C HIS A 116 -26.74 -16.15 -5.00
N SER A 117 -27.42 -15.86 -6.11
CA SER A 117 -27.36 -14.52 -6.69
C SER A 117 -28.06 -13.49 -5.80
N LEU A 118 -28.58 -13.92 -4.65
CA LEU A 118 -29.27 -13.02 -3.74
C LEU A 118 -28.42 -12.66 -2.54
N TYR A 119 -27.22 -13.22 -2.43
CA TYR A 119 -26.38 -12.92 -1.26
C TYR A 119 -24.96 -12.56 -1.68
N GLY A 120 -24.76 -12.36 -2.97
CA GLY A 120 -23.45 -12.02 -3.50
C GLY A 120 -23.52 -11.77 -4.99
N PRO A 121 -22.42 -11.34 -5.62
CA PRO A 121 -22.37 -11.07 -7.06
C PRO A 121 -22.31 -12.36 -7.85
N TRP A 122 -22.78 -13.43 -7.22
CA TRP A 122 -22.75 -14.76 -7.79
C TRP A 122 -23.94 -15.11 -8.66
N PRO A 123 -23.81 -16.20 -9.44
CA PRO A 123 -24.93 -16.62 -10.30
C PRO A 123 -25.86 -17.54 -9.51
N ALA A 124 -27.06 -17.73 -10.02
CA ALA A 124 -28.04 -18.58 -9.36
C ALA A 124 -27.74 -20.01 -9.76
N VAL A 125 -27.41 -20.87 -8.80
CA VAL A 125 -27.15 -22.26 -9.15
C VAL A 125 -28.48 -22.86 -9.63
N PRO A 126 -28.55 -23.20 -10.93
CA PRO A 126 -29.68 -23.76 -11.69
C PRO A 126 -30.67 -24.74 -11.05
N MET A 127 -30.17 -25.61 -10.18
CA MET A 127 -31.04 -26.61 -9.55
C MET A 127 -31.20 -26.37 -8.06
N TRP A 128 -30.92 -25.15 -7.63
CA TRP A 128 -31.07 -24.80 -6.23
C TRP A 128 -31.97 -23.59 -6.09
N ALA A 129 -31.60 -22.52 -6.79
CA ALA A 129 -32.33 -21.26 -6.75
C ALA A 129 -33.84 -21.34 -6.99
N PRO A 130 -34.29 -22.18 -7.93
CA PRO A 130 -35.72 -22.26 -8.15
C PRO A 130 -36.47 -22.77 -6.93
N LYS A 131 -35.83 -23.63 -6.15
CA LYS A 131 -36.47 -24.14 -4.94
C LYS A 131 -36.81 -22.98 -3.99
N PHE A 132 -35.87 -22.06 -3.83
CA PHE A 132 -36.07 -20.90 -2.95
C PHE A 132 -37.33 -20.11 -3.28
N THR A 133 -37.70 -20.08 -4.55
CA THR A 133 -38.88 -19.37 -5.02
C THR A 133 -40.14 -20.10 -4.56
N VAL A 134 -40.11 -21.43 -4.60
CA VAL A 134 -41.24 -22.25 -4.19
C VAL A 134 -41.43 -22.15 -2.67
N GLU A 135 -40.32 -21.98 -1.94
CA GLU A 135 -40.37 -21.83 -0.49
C GLU A 135 -41.24 -20.64 -0.15
N ASN A 136 -40.91 -19.50 -0.75
CA ASN A 136 -41.62 -18.26 -0.54
C ASN A 136 -43.11 -18.40 -0.87
N TYR A 137 -43.40 -19.19 -1.89
CA TYR A 137 -44.77 -19.41 -2.31
C TYR A 137 -45.52 -20.22 -1.24
N VAL A 138 -44.83 -21.18 -0.63
CA VAL A 138 -45.46 -21.99 0.40
C VAL A 138 -45.81 -21.07 1.57
N ARG A 139 -44.86 -20.21 1.94
CA ARG A 139 -45.04 -19.26 3.03
C ARG A 139 -46.23 -18.35 2.70
N GLN A 140 -46.32 -18.00 1.43
CA GLN A 140 -47.36 -17.13 0.90
C GLN A 140 -48.77 -17.71 1.11
N LEU A 141 -48.92 -19.00 0.83
CA LEU A 141 -50.20 -19.69 0.98
C LEU A 141 -50.58 -19.83 2.45
N GLY A 142 -49.59 -19.64 3.31
CA GLY A 142 -49.84 -19.76 4.73
C GLY A 142 -49.86 -21.21 5.22
N LEU A 143 -49.29 -22.12 4.44
CA LEU A 143 -49.27 -23.52 4.85
C LEU A 143 -48.33 -23.72 6.06
N PRO A 144 -48.82 -24.40 7.10
CA PRO A 144 -47.94 -24.62 8.26
C PRO A 144 -46.72 -25.40 7.77
N SER A 145 -45.60 -24.69 7.61
CA SER A 145 -44.41 -25.33 7.07
C SER A 145 -43.07 -25.13 7.75
N THR A 146 -42.11 -25.89 7.27
CA THR A 146 -40.74 -25.88 7.75
C THR A 146 -39.93 -26.19 6.50
N PHE A 147 -38.78 -25.55 6.36
CA PHE A 147 -37.96 -25.73 5.18
C PHE A 147 -36.62 -26.33 5.55
N VAL A 148 -36.20 -27.32 4.79
CA VAL A 148 -34.93 -27.97 5.04
C VAL A 148 -33.99 -27.72 3.89
N TYR A 149 -32.74 -27.53 4.24
CA TYR A 149 -31.68 -27.30 3.29
C TYR A 149 -30.69 -28.43 3.54
N ALA A 150 -30.62 -29.34 2.57
CA ALA A 150 -29.76 -30.49 2.67
C ALA A 150 -28.32 -30.19 2.31
N GLY A 151 -27.39 -30.72 3.11
CA GLY A 151 -25.98 -30.53 2.84
C GLY A 151 -25.65 -31.50 1.73
N ILE A 152 -24.45 -31.44 1.18
CA ILE A 152 -24.08 -32.35 0.12
C ILE A 152 -23.93 -33.78 0.65
N TYR A 153 -24.50 -34.72 -0.08
CA TYR A 153 -24.52 -36.14 0.31
C TYR A 153 -23.15 -36.82 0.37
N ASN A 154 -22.89 -37.56 1.45
CA ASN A 154 -21.63 -38.30 1.58
C ASN A 154 -21.59 -39.32 0.43
N ASN A 155 -22.78 -39.81 0.04
CA ASN A 155 -22.81 -40.82 -1.01
C ASN A 155 -22.87 -40.32 -2.45
N ASN A 156 -22.44 -39.09 -2.67
CA ASN A 156 -22.38 -38.59 -4.02
C ASN A 156 -21.09 -39.23 -4.50
N PHE A 157 -20.22 -39.53 -3.54
CA PHE A 157 -18.94 -40.14 -3.84
C PHE A 157 -19.05 -41.50 -4.49
N THR A 158 -18.14 -41.71 -5.44
CA THR A 158 -18.03 -42.94 -6.20
C THR A 158 -16.70 -42.89 -6.95
N SER A 159 -16.13 -44.05 -7.23
CA SER A 159 -14.88 -44.10 -7.95
C SER A 159 -15.19 -44.03 -9.44
N LEU A 160 -16.46 -44.21 -9.79
CA LEU A 160 -16.88 -44.15 -11.19
C LEU A 160 -16.66 -42.72 -11.71
N PRO A 161 -16.55 -42.56 -13.04
CA PRO A 161 -16.33 -41.28 -13.74
C PRO A 161 -17.50 -40.29 -13.73
N TYR A 162 -18.14 -40.13 -12.58
CA TYR A 162 -19.25 -39.19 -12.47
C TYR A 162 -18.71 -37.88 -11.92
N PRO A 163 -19.17 -36.75 -12.51
CA PRO A 163 -18.83 -35.36 -12.19
C PRO A 163 -18.78 -34.91 -10.73
N LEU A 164 -17.85 -34.00 -10.46
CA LEU A 164 -17.69 -33.35 -9.17
C LEU A 164 -17.38 -34.17 -7.94
N PHE A 165 -17.92 -35.38 -7.86
CA PHE A 165 -17.67 -36.19 -6.67
C PHE A 165 -17.12 -37.56 -6.98
N GLN A 166 -15.96 -37.57 -7.63
CA GLN A 166 -15.36 -38.82 -7.95
C GLN A 166 -14.16 -39.02 -7.06
N MET A 167 -14.25 -40.10 -6.30
CA MET A 167 -13.21 -40.52 -5.42
C MET A 167 -12.53 -41.48 -6.37
N GLU A 168 -11.63 -40.95 -7.20
CA GLU A 168 -10.94 -41.78 -8.18
C GLU A 168 -9.88 -42.72 -7.62
N LEU A 169 -9.92 -43.94 -8.13
CA LEU A 169 -8.98 -44.99 -7.75
C LEU A 169 -7.78 -44.91 -8.68
N MET A 170 -6.69 -44.34 -8.18
CA MET A 170 -5.46 -44.21 -8.97
C MET A 170 -4.87 -45.60 -9.15
N PRO A 171 -4.01 -45.77 -10.16
CA PRO A 171 -3.34 -47.05 -10.48
C PRO A 171 -2.52 -47.59 -9.32
N ASP A 172 -1.74 -46.72 -8.70
CA ASP A 172 -0.91 -47.09 -7.58
C ASP A 172 -1.72 -47.43 -6.33
N GLY A 173 -3.03 -47.60 -6.52
CA GLY A 173 -3.89 -47.95 -5.40
C GLY A 173 -4.30 -46.81 -4.48
N THR A 174 -3.94 -45.57 -4.84
CA THR A 174 -4.33 -44.42 -4.02
C THR A 174 -5.58 -43.82 -4.59
N PHE A 175 -6.19 -42.95 -3.80
CA PHE A 175 -7.40 -42.27 -4.21
C PHE A 175 -7.19 -40.76 -4.29
N GLU A 176 -7.83 -40.16 -5.29
CA GLU A 176 -7.75 -38.73 -5.50
C GLU A 176 -9.10 -38.13 -5.79
N TRP A 177 -9.37 -36.97 -5.19
CA TRP A 177 -10.62 -36.26 -5.42
C TRP A 177 -10.32 -34.88 -5.98
N HIS A 178 -10.78 -34.65 -7.21
CA HIS A 178 -10.59 -33.41 -7.95
C HIS A 178 -11.88 -32.62 -8.05
N ALA A 179 -11.91 -31.45 -7.43
CA ALA A 179 -13.09 -30.58 -7.46
C ALA A 179 -12.72 -29.10 -7.37
N PRO A 180 -13.65 -28.22 -7.76
CA PRO A 180 -13.41 -26.77 -7.72
C PRO A 180 -13.38 -26.23 -6.29
N PHE A 181 -13.93 -27.00 -5.36
CA PHE A 181 -13.99 -26.58 -3.96
C PHE A 181 -12.62 -26.26 -3.38
N ASP A 182 -12.58 -25.27 -2.51
CA ASP A 182 -11.35 -24.92 -1.85
C ASP A 182 -11.11 -26.12 -0.94
N PRO A 183 -9.85 -26.55 -0.81
CA PRO A 183 -9.42 -27.70 0.01
C PRO A 183 -9.35 -27.42 1.50
N ASP A 184 -9.39 -26.15 1.85
CA ASP A 184 -9.29 -25.75 3.24
C ASP A 184 -10.61 -25.23 3.80
N ILE A 185 -11.55 -24.96 2.90
CA ILE A 185 -12.86 -24.44 3.24
C ILE A 185 -13.86 -25.57 3.55
N PRO A 186 -14.38 -25.60 4.79
CA PRO A 186 -15.35 -26.62 5.21
C PRO A 186 -16.66 -26.51 4.45
N LEU A 187 -17.20 -27.66 4.05
CA LEU A 187 -18.45 -27.69 3.32
C LEU A 187 -19.45 -28.47 4.19
N PRO A 188 -20.76 -28.19 4.04
CA PRO A 188 -21.80 -28.88 4.82
C PRO A 188 -22.09 -30.27 4.25
N TRP A 189 -21.85 -31.30 5.04
CA TRP A 189 -22.11 -32.66 4.57
C TRP A 189 -23.35 -33.29 5.20
N LEU A 190 -23.89 -34.28 4.51
CA LEU A 190 -25.09 -34.98 4.97
C LEU A 190 -25.15 -36.42 4.46
N ASP A 191 -25.60 -37.35 5.32
CA ASP A 191 -25.74 -38.75 4.90
C ASP A 191 -27.23 -39.00 4.63
N ALA A 192 -27.66 -38.70 3.41
CA ALA A 192 -29.06 -38.83 3.00
C ALA A 192 -29.83 -40.08 3.47
N GLU A 193 -29.38 -41.27 3.07
CA GLU A 193 -30.06 -42.50 3.43
C GLU A 193 -30.15 -42.72 4.93
N HIS A 194 -29.03 -42.54 5.61
CA HIS A 194 -28.93 -42.77 7.04
C HIS A 194 -29.64 -41.73 7.90
N ASP A 195 -29.44 -40.45 7.61
CA ASP A 195 -30.03 -39.42 8.46
C ASP A 195 -31.23 -38.57 8.04
N VAL A 196 -31.57 -38.54 6.78
CA VAL A 196 -32.71 -37.71 6.42
C VAL A 196 -34.00 -38.25 7.06
N GLY A 197 -34.24 -39.55 6.93
CA GLY A 197 -35.45 -40.12 7.49
C GLY A 197 -35.66 -39.77 8.95
N PRO A 198 -34.73 -40.17 9.83
CA PRO A 198 -34.81 -39.90 11.26
C PRO A 198 -35.05 -38.42 11.60
N ALA A 199 -34.32 -37.53 10.95
CA ALA A 199 -34.46 -36.11 11.21
C ALA A 199 -35.84 -35.59 10.87
N LEU A 200 -36.29 -35.83 9.64
CA LEU A 200 -37.62 -35.36 9.23
C LEU A 200 -38.69 -35.91 10.16
N LEU A 201 -38.47 -37.13 10.63
CA LEU A 201 -39.41 -37.77 11.55
C LEU A 201 -39.53 -36.96 12.83
N GLN A 202 -38.36 -36.56 13.35
CA GLN A 202 -38.29 -35.79 14.56
C GLN A 202 -38.91 -34.40 14.39
N ILE A 203 -38.77 -33.82 13.20
CA ILE A 203 -39.34 -32.51 12.93
C ILE A 203 -40.86 -32.65 12.93
N PHE A 204 -41.35 -33.72 12.31
CA PHE A 204 -42.80 -33.98 12.26
C PHE A 204 -43.30 -34.20 13.67
N LYS A 205 -42.51 -34.97 14.43
CA LYS A 205 -42.81 -35.29 15.82
C LYS A 205 -42.92 -34.02 16.70
N ASP A 206 -42.31 -32.93 16.24
CA ASP A 206 -42.32 -31.65 16.97
C ASP A 206 -43.47 -30.74 16.55
N GLY A 207 -43.92 -30.88 15.30
CA GLY A 207 -45.03 -30.06 14.84
C GLY A 207 -44.72 -28.62 14.47
N PRO A 208 -45.63 -27.93 13.78
CA PRO A 208 -45.38 -26.53 13.40
C PRO A 208 -45.42 -25.64 14.62
N GLN A 209 -45.87 -26.19 15.76
CA GLN A 209 -45.94 -25.46 17.01
C GLN A 209 -44.53 -25.00 17.36
N LYS A 210 -43.55 -25.79 16.94
CA LYS A 210 -42.15 -25.49 17.18
C LYS A 210 -41.41 -25.02 15.93
N TRP A 211 -41.61 -25.75 14.83
CA TRP A 211 -40.90 -25.47 13.59
C TRP A 211 -41.56 -24.68 12.49
N ASN A 212 -42.76 -24.19 12.70
CA ASN A 212 -43.44 -23.46 11.64
C ASN A 212 -42.73 -22.17 11.20
N GLY A 213 -42.41 -22.10 9.89
CA GLY A 213 -41.73 -20.95 9.32
C GLY A 213 -40.22 -21.05 9.38
N HIS A 214 -39.70 -22.08 10.06
CA HIS A 214 -38.29 -22.27 10.24
C HIS A 214 -37.53 -22.92 9.09
N ARG A 215 -36.27 -22.51 8.96
CA ARG A 215 -35.35 -23.03 7.96
C ARG A 215 -34.38 -23.88 8.76
N ILE A 216 -34.17 -25.12 8.32
CA ILE A 216 -33.25 -25.99 9.02
C ILE A 216 -32.23 -26.51 8.05
N ALA A 217 -30.98 -26.47 8.49
CA ALA A 217 -29.87 -26.95 7.69
C ALA A 217 -29.68 -28.43 7.97
N LEU A 218 -30.02 -29.26 7.00
CA LEU A 218 -29.86 -30.70 7.18
C LEU A 218 -28.42 -31.11 6.90
N THR A 219 -27.56 -30.81 7.85
CA THR A 219 -26.17 -31.14 7.73
C THR A 219 -25.72 -31.52 9.13
N PHE A 220 -24.99 -32.62 9.25
CA PHE A 220 -24.57 -33.08 10.56
C PHE A 220 -23.10 -32.89 10.85
N GLU A 221 -22.35 -32.48 9.84
CA GLU A 221 -20.92 -32.27 9.99
C GLU A 221 -20.38 -31.41 8.85
N THR A 222 -19.34 -30.65 9.16
CA THR A 222 -18.71 -29.79 8.17
C THR A 222 -17.24 -30.19 8.01
N LEU A 223 -16.83 -30.45 6.77
CA LEU A 223 -15.45 -30.84 6.47
C LEU A 223 -14.95 -30.15 5.22
N SER A 224 -13.65 -29.87 5.22
CA SER A 224 -13.01 -29.23 4.09
C SER A 224 -12.58 -30.40 3.21
N PRO A 225 -12.55 -30.19 1.90
CA PRO A 225 -12.15 -31.25 0.99
C PRO A 225 -11.01 -32.10 1.53
N VAL A 226 -9.97 -31.45 2.04
CA VAL A 226 -8.82 -32.14 2.59
C VAL A 226 -9.22 -33.11 3.69
N GLN A 227 -10.10 -32.66 4.58
CA GLN A 227 -10.58 -33.49 5.68
C GLN A 227 -11.42 -34.66 5.16
N VAL A 228 -12.24 -34.39 4.15
CA VAL A 228 -13.05 -35.43 3.57
C VAL A 228 -12.10 -36.55 3.19
N CYS A 229 -11.07 -36.17 2.44
CA CYS A 229 -10.05 -37.12 1.98
C CYS A 229 -9.31 -37.77 3.13
N ALA A 230 -9.04 -37.01 4.18
CA ALA A 230 -8.36 -37.53 5.34
C ALA A 230 -9.24 -38.60 5.97
N ALA A 231 -10.55 -38.46 5.78
CA ALA A 231 -11.54 -39.39 6.32
C ALA A 231 -11.58 -40.66 5.50
N PHE A 232 -11.72 -40.53 4.19
CA PHE A 232 -11.73 -41.71 3.34
C PHE A 232 -10.41 -42.46 3.55
N SER A 233 -9.35 -41.68 3.71
CA SER A 233 -8.02 -42.25 3.92
C SER A 233 -7.92 -42.94 5.28
N ARG A 234 -8.70 -42.46 6.25
CA ARG A 234 -8.70 -43.05 7.59
C ARG A 234 -9.40 -44.41 7.56
N ALA A 235 -10.51 -44.47 6.84
CA ALA A 235 -11.31 -45.70 6.74
C ALA A 235 -10.75 -46.79 5.86
N LEU A 236 -10.27 -46.43 4.68
CA LEU A 236 -9.76 -47.41 3.74
C LEU A 236 -8.28 -47.71 3.93
N ASN A 237 -7.67 -46.98 4.85
CA ASN A 237 -6.24 -47.14 5.14
C ASN A 237 -5.43 -47.04 3.85
N ARG A 238 -5.82 -46.09 3.00
CA ARG A 238 -5.15 -45.84 1.73
C ARG A 238 -4.81 -44.36 1.65
N ARG A 239 -4.02 -43.99 0.66
CA ARG A 239 -3.61 -42.62 0.51
C ARG A 239 -4.62 -41.87 -0.33
N VAL A 240 -5.47 -41.06 0.30
CA VAL A 240 -6.44 -40.29 -0.44
C VAL A 240 -6.02 -38.82 -0.37
N THR A 241 -5.89 -38.20 -1.54
CA THR A 241 -5.47 -36.82 -1.64
C THR A 241 -6.42 -35.97 -2.48
N TYR A 242 -6.63 -34.73 -2.03
CA TYR A 242 -7.51 -33.78 -2.70
C TYR A 242 -6.74 -32.90 -3.68
N VAL A 243 -7.37 -32.59 -4.80
CA VAL A 243 -6.75 -31.74 -5.81
C VAL A 243 -7.74 -30.70 -6.31
N GLN A 244 -7.47 -29.44 -6.01
CA GLN A 244 -8.36 -28.37 -6.44
C GLN A 244 -8.19 -28.08 -7.92
N VAL A 245 -9.24 -28.27 -8.69
CA VAL A 245 -9.19 -28.02 -10.12
C VAL A 245 -10.13 -26.88 -10.46
N PRO A 246 -9.69 -25.94 -11.31
CA PRO A 246 -10.50 -24.79 -11.71
C PRO A 246 -11.86 -25.16 -12.29
N LYS A 247 -11.90 -26.26 -13.04
CA LYS A 247 -13.16 -26.67 -13.64
C LYS A 247 -13.54 -28.08 -13.24
N VAL A 248 -14.83 -28.38 -13.37
CA VAL A 248 -15.35 -29.69 -13.03
C VAL A 248 -15.08 -30.66 -14.16
N GLU A 249 -14.42 -31.78 -13.87
CA GLU A 249 -14.11 -32.81 -14.89
C GLU A 249 -15.36 -33.62 -15.23
N ILE A 250 -15.66 -33.73 -16.52
CA ILE A 250 -16.85 -34.44 -16.99
C ILE A 250 -16.49 -35.63 -17.90
N LYS A 251 -15.97 -36.69 -17.29
CA LYS A 251 -15.52 -37.92 -17.97
C LYS A 251 -16.57 -38.75 -18.71
N VAL A 252 -17.84 -38.35 -18.64
CA VAL A 252 -18.91 -39.08 -19.33
C VAL A 252 -19.91 -38.10 -19.92
N ASN A 253 -20.90 -38.65 -20.61
CA ASN A 253 -21.94 -37.84 -21.23
C ASN A 253 -23.02 -37.54 -20.21
N ILE A 254 -23.28 -36.25 -20.03
CA ILE A 254 -24.28 -35.79 -19.09
C ILE A 254 -25.25 -34.85 -19.81
N PRO A 255 -26.51 -34.80 -19.36
CA PRO A 255 -27.47 -33.91 -20.02
C PRO A 255 -27.20 -32.45 -19.60
N VAL A 256 -27.56 -31.52 -20.48
CA VAL A 256 -27.37 -30.09 -20.28
C VAL A 256 -27.50 -29.59 -18.85
N GLY A 257 -28.74 -29.59 -18.35
CA GLY A 257 -29.04 -29.13 -17.00
C GLY A 257 -27.98 -29.41 -15.95
N TYR A 258 -27.37 -30.58 -16.02
CA TYR A 258 -26.34 -30.93 -15.06
C TYR A 258 -25.02 -30.25 -15.43
N ARG A 259 -24.84 -30.02 -16.72
CA ARG A 259 -23.62 -29.37 -17.22
C ARG A 259 -23.66 -27.90 -16.80
N GLU A 260 -24.78 -27.25 -17.08
CA GLU A 260 -25.00 -25.86 -16.69
C GLU A 260 -24.87 -25.75 -15.17
N GLN A 261 -25.47 -26.71 -14.48
CA GLN A 261 -25.44 -26.76 -13.03
C GLN A 261 -24.02 -26.73 -12.54
N LEU A 262 -23.20 -27.62 -13.11
CA LEU A 262 -21.81 -27.73 -12.72
C LEU A 262 -21.03 -26.46 -13.04
N GLU A 263 -21.33 -25.88 -14.20
CA GLU A 263 -20.67 -24.65 -14.61
C GLU A 263 -20.86 -23.61 -13.51
N ALA A 264 -22.09 -23.47 -13.04
CA ALA A 264 -22.42 -22.50 -12.00
C ALA A 264 -21.67 -22.77 -10.72
N ILE A 265 -21.53 -24.05 -10.42
CA ILE A 265 -20.82 -24.53 -9.26
C ILE A 265 -19.36 -24.10 -9.34
N GLU A 266 -18.78 -24.23 -10.53
CA GLU A 266 -17.39 -23.85 -10.77
C GLU A 266 -17.18 -22.39 -10.37
N VAL A 267 -18.07 -21.54 -10.86
CA VAL A 267 -18.01 -20.10 -10.58
C VAL A 267 -18.22 -19.76 -9.11
N VAL A 268 -19.31 -20.26 -8.54
CA VAL A 268 -19.65 -19.98 -7.14
C VAL A 268 -18.69 -20.51 -6.08
N PHE A 269 -18.24 -21.75 -6.23
CA PHE A 269 -17.34 -22.35 -5.25
C PHE A 269 -15.88 -22.30 -5.65
N GLY A 270 -15.63 -22.42 -6.95
CA GLY A 270 -14.26 -22.37 -7.44
C GLY A 270 -13.78 -20.94 -7.56
N GLU A 271 -14.43 -20.19 -8.44
CA GLU A 271 -14.09 -18.80 -8.72
C GLU A 271 -14.34 -17.87 -7.52
N HIS A 272 -15.56 -17.87 -7.00
CA HIS A 272 -15.89 -16.99 -5.87
C HIS A 272 -15.68 -17.52 -4.45
N LYS A 273 -15.29 -18.78 -4.31
CA LYS A 273 -15.08 -19.34 -2.97
C LYS A 273 -16.29 -18.98 -2.09
N ALA A 274 -17.49 -19.27 -2.57
CA ALA A 274 -18.72 -18.94 -1.83
C ALA A 274 -19.26 -20.05 -0.93
N PRO A 275 -20.07 -19.68 0.07
CA PRO A 275 -20.67 -20.61 1.02
C PRO A 275 -21.82 -21.44 0.41
N TYR A 276 -21.81 -22.74 0.72
CA TYR A 276 -22.85 -23.61 0.21
C TYR A 276 -24.18 -23.03 0.67
N PHE A 277 -24.23 -22.55 1.91
CA PHE A 277 -25.46 -21.91 2.46
C PHE A 277 -25.19 -20.40 2.65
N PRO A 278 -25.31 -19.61 1.56
CA PRO A 278 -25.10 -18.15 1.57
C PRO A 278 -26.13 -17.36 2.38
N LEU A 279 -26.95 -18.07 3.15
CA LEU A 279 -27.97 -17.43 3.96
C LEU A 279 -27.38 -16.90 5.26
N PRO A 280 -27.64 -15.62 5.59
CA PRO A 280 -27.11 -15.03 6.82
C PRO A 280 -27.27 -15.95 8.03
N GLU A 281 -28.39 -16.65 8.11
CA GLU A 281 -28.63 -17.55 9.21
C GLU A 281 -27.67 -18.72 9.20
N PHE A 282 -27.24 -19.10 8.01
CA PHE A 282 -26.33 -20.23 7.86
C PHE A 282 -24.90 -19.79 7.60
N SER A 283 -24.60 -18.54 7.98
CA SER A 283 -23.26 -17.97 7.81
C SER A 283 -22.76 -17.37 9.13
N ARG A 316 -22.68 -23.09 15.53
CA ARG A 316 -22.48 -23.87 14.31
C ARG A 316 -23.77 -24.13 13.54
N VAL A 317 -23.62 -24.33 12.24
CA VAL A 317 -24.75 -24.61 11.37
C VAL A 317 -25.29 -26.03 11.59
N THR A 318 -24.51 -26.85 12.26
CA THR A 318 -24.90 -28.23 12.51
C THR A 318 -25.66 -28.39 13.81
N ASP A 319 -25.71 -27.32 14.59
CA ASP A 319 -26.39 -27.36 15.87
C ASP A 319 -27.82 -27.93 15.82
N GLU A 320 -28.72 -27.27 15.11
CA GLU A 320 -30.10 -27.74 15.03
C GLU A 320 -30.25 -29.16 14.53
N ALA A 321 -29.56 -29.49 13.44
CA ALA A 321 -29.64 -30.83 12.89
C ALA A 321 -29.27 -31.88 13.94
N ARG A 322 -28.12 -31.71 14.58
CA ARG A 322 -27.68 -32.67 15.58
C ARG A 322 -28.66 -32.81 16.76
N LYS A 323 -29.36 -31.72 17.10
CA LYS A 323 -30.34 -31.75 18.19
C LYS A 323 -31.57 -32.60 17.81
N LEU A 324 -31.96 -32.53 16.55
CA LEU A 324 -33.10 -33.28 16.04
C LEU A 324 -32.83 -34.76 15.87
N TRP A 325 -31.60 -35.09 15.51
CA TRP A 325 -31.19 -36.47 15.29
C TRP A 325 -29.73 -36.52 15.72
N SER A 326 -29.46 -37.27 16.78
CA SER A 326 -28.10 -37.39 17.29
C SER A 326 -27.44 -38.72 16.96
N GLY A 327 -28.07 -39.51 16.10
CA GLY A 327 -27.51 -40.78 15.69
C GLY A 327 -27.03 -40.70 14.25
N TRP A 328 -26.50 -39.54 13.87
CA TRP A 328 -26.00 -39.30 12.51
C TRP A 328 -24.76 -40.11 12.14
N ARG A 329 -24.56 -40.31 10.84
CA ARG A 329 -23.40 -41.03 10.33
C ARG A 329 -22.41 -40.10 9.64
N ASP A 330 -21.21 -40.00 10.20
CA ASP A 330 -20.17 -39.13 9.65
C ASP A 330 -19.49 -39.75 8.44
N MET A 331 -18.60 -38.98 7.83
CA MET A 331 -17.87 -39.40 6.64
C MET A 331 -17.05 -40.68 6.86
N GLU A 332 -16.31 -40.74 7.96
CA GLU A 332 -15.48 -41.88 8.33
C GLU A 332 -16.27 -43.21 8.27
N GLU A 333 -17.42 -43.24 8.95
CA GLU A 333 -18.24 -44.45 8.95
C GLU A 333 -18.81 -44.70 7.58
N TYR A 334 -19.14 -43.62 6.89
CA TYR A 334 -19.68 -43.76 5.55
C TYR A 334 -18.61 -44.40 4.67
N ALA A 335 -17.46 -43.73 4.60
CA ALA A 335 -16.31 -44.19 3.81
C ALA A 335 -15.98 -45.63 4.09
N ARG A 336 -15.87 -45.96 5.37
CA ARG A 336 -15.53 -47.32 5.79
C ARG A 336 -16.67 -48.32 5.59
N GLU A 337 -17.80 -48.07 6.24
CA GLU A 337 -18.93 -48.98 6.20
C GLU A 337 -19.80 -49.01 4.95
N VAL A 338 -19.93 -47.89 4.25
CA VAL A 338 -20.82 -47.87 3.09
C VAL A 338 -20.12 -47.77 1.75
N PHE A 339 -19.25 -46.78 1.60
CA PHE A 339 -18.53 -46.56 0.36
C PHE A 339 -18.16 -47.87 -0.32
N PRO A 340 -17.35 -48.72 0.36
CA PRO A 340 -16.89 -50.01 -0.16
C PRO A 340 -18.02 -50.83 -0.76
N ILE A 341 -19.08 -50.98 0.02
CA ILE A 341 -20.27 -51.74 -0.33
C ILE A 341 -20.92 -51.19 -1.60
N GLU A 342 -21.18 -49.88 -1.60
CA GLU A 342 -21.80 -49.23 -2.75
C GLU A 342 -20.95 -49.48 -3.99
N GLU A 343 -19.63 -49.33 -3.86
CA GLU A 343 -18.75 -49.58 -5.01
C GLU A 343 -19.04 -50.98 -5.52
N GLU A 344 -18.79 -51.95 -4.65
CA GLU A 344 -19.01 -53.37 -4.93
C GLU A 344 -20.28 -53.57 -5.75
N ALA A 345 -21.39 -53.01 -5.27
CA ALA A 345 -22.67 -53.12 -5.95
C ALA A 345 -22.65 -52.51 -7.34
N ASN A 346 -21.86 -51.44 -7.50
CA ASN A 346 -21.73 -50.76 -8.78
C ASN A 346 -20.87 -51.59 -9.72
N GLY A 347 -20.38 -52.73 -9.23
CA GLY A 347 -19.56 -53.61 -10.04
C GLY A 347 -18.04 -53.48 -9.91
N LEU A 348 -17.56 -52.81 -8.86
CA LEU A 348 -16.10 -52.65 -8.68
C LEU A 348 -15.51 -53.79 -7.84
N ASP A 349 -14.20 -53.71 -7.58
CA ASP A 349 -13.52 -54.75 -6.79
C ASP A 349 -12.15 -54.39 -6.24
N TRP A 350 -12.02 -53.31 -5.49
CA TRP A 350 -10.72 -52.99 -4.91
C TRP A 350 -10.86 -53.28 -3.41
N MET A 351 -12.10 -53.54 -3.00
CA MET A 351 -12.39 -53.83 -1.61
C MET A 351 -12.12 -55.31 -1.35
N LEU A 352 -11.86 -56.05 -2.42
CA LEU A 352 -11.59 -57.49 -2.34
C LEU A 352 -10.09 -57.79 -2.39
N GLN B 3 17.64 -80.67 15.66
CA GLN B 3 16.83 -81.77 16.26
C GLN B 3 16.68 -81.60 17.76
N GLN B 4 17.75 -81.92 18.50
CA GLN B 4 17.72 -81.81 19.95
C GLN B 4 17.95 -80.39 20.41
N LYS B 5 17.25 -79.99 21.46
CA LYS B 5 17.39 -78.65 22.02
C LYS B 5 18.76 -78.51 22.68
N LYS B 6 19.33 -77.31 22.66
CA LYS B 6 20.65 -77.05 23.23
C LYS B 6 20.60 -76.13 24.45
N THR B 7 21.80 -75.77 24.92
CA THR B 7 21.97 -74.86 26.05
C THR B 7 22.50 -73.54 25.48
N ILE B 8 21.73 -72.47 25.67
CA ILE B 8 22.12 -71.16 25.15
C ILE B 8 22.62 -70.18 26.21
N ALA B 9 23.80 -69.62 25.96
CA ALA B 9 24.38 -68.64 26.86
C ALA B 9 23.97 -67.24 26.35
N VAL B 10 23.47 -66.40 27.26
CA VAL B 10 23.04 -65.06 26.89
C VAL B 10 23.50 -64.06 27.94
N VAL B 11 23.66 -62.81 27.56
CA VAL B 11 24.04 -61.76 28.52
C VAL B 11 23.01 -60.65 28.38
N ASN B 12 22.90 -59.77 29.37
CA ASN B 12 21.93 -58.68 29.30
C ASN B 12 20.56 -59.32 29.15
N ALA B 13 20.34 -60.40 29.91
CA ALA B 13 19.10 -61.17 29.88
C ALA B 13 17.80 -60.37 29.98
N THR B 14 17.80 -59.28 30.73
CA THR B 14 16.63 -58.45 30.91
C THR B 14 16.41 -57.49 29.74
N GLY B 15 17.38 -57.41 28.84
CA GLY B 15 17.23 -56.54 27.68
C GLY B 15 16.12 -57.08 26.79
N ARG B 16 15.52 -56.22 25.97
CA ARG B 16 14.44 -56.65 25.09
C ARG B 16 14.82 -57.76 24.12
N GLN B 17 16.02 -57.70 23.56
CA GLN B 17 16.43 -58.74 22.62
C GLN B 17 16.65 -60.07 23.31
N ALA B 18 17.43 -60.07 24.38
CA ALA B 18 17.70 -61.30 25.11
C ALA B 18 16.45 -61.90 25.74
N ALA B 19 15.65 -61.09 26.45
CA ALA B 19 14.44 -61.60 27.09
C ALA B 19 13.54 -62.31 26.06
N SER B 20 13.38 -61.69 24.91
CA SER B 20 12.57 -62.24 23.83
C SER B 20 13.02 -63.65 23.48
N LEU B 21 14.30 -63.79 23.22
CA LEU B 21 14.87 -65.09 22.89
C LEU B 21 14.72 -66.07 24.02
N ILE B 22 15.02 -65.62 25.24
CA ILE B 22 14.94 -66.48 26.43
C ILE B 22 13.56 -67.07 26.61
N ARG B 23 12.53 -66.23 26.61
CA ARG B 23 11.16 -66.71 26.75
C ARG B 23 10.91 -67.82 25.73
N VAL B 24 11.12 -67.49 24.46
CA VAL B 24 10.90 -68.46 23.39
C VAL B 24 11.80 -69.68 23.47
N ALA B 25 13.08 -69.47 23.74
CA ALA B 25 13.99 -70.62 23.80
C ALA B 25 13.66 -71.58 24.94
N ALA B 26 13.33 -71.04 26.11
CA ALA B 26 13.00 -71.88 27.24
C ALA B 26 11.70 -72.65 26.97
N ALA B 27 10.71 -71.94 26.45
CA ALA B 27 9.41 -72.53 26.13
C ALA B 27 9.46 -73.73 25.21
N VAL B 28 10.38 -73.74 24.24
CA VAL B 28 10.46 -74.86 23.33
C VAL B 28 11.32 -76.00 23.85
N GLY B 29 12.01 -75.78 24.95
CA GLY B 29 12.82 -76.84 25.51
C GLY B 29 14.32 -76.64 25.58
N HIS B 30 14.81 -75.43 25.33
CA HIS B 30 16.25 -75.22 25.42
C HIS B 30 16.57 -74.79 26.84
N HIS B 31 17.85 -74.89 27.19
CA HIS B 31 18.32 -74.51 28.50
C HIS B 31 18.96 -73.16 28.29
N VAL B 32 18.82 -72.27 29.27
CA VAL B 32 19.40 -70.94 29.14
C VAL B 32 20.26 -70.53 30.33
N ARG B 33 21.47 -70.10 30.02
CA ARG B 33 22.40 -69.62 31.03
C ARG B 33 22.44 -68.12 30.74
N ALA B 34 21.88 -67.33 31.64
CA ALA B 34 21.85 -65.90 31.39
C ALA B 34 22.48 -65.03 32.46
N GLN B 35 23.10 -63.96 31.98
CA GLN B 35 23.78 -62.98 32.84
C GLN B 35 22.87 -61.77 33.03
N VAL B 36 22.66 -61.40 34.29
CA VAL B 36 21.84 -60.23 34.61
C VAL B 36 22.64 -59.33 35.55
N HIS B 37 22.46 -58.03 35.41
CA HIS B 37 23.21 -57.13 36.26
C HIS B 37 22.58 -57.01 37.65
N SER B 38 21.27 -57.27 37.72
CA SER B 38 20.53 -57.20 38.97
C SER B 38 19.30 -58.10 38.92
N LEU B 39 18.95 -58.70 40.06
CA LEU B 39 17.77 -59.56 40.12
C LEU B 39 16.55 -58.75 40.50
N LYS B 40 16.77 -57.48 40.83
CA LYS B 40 15.67 -56.60 41.18
C LYS B 40 15.13 -56.13 39.83
N GLY B 41 13.83 -56.25 39.65
CA GLY B 41 13.23 -55.83 38.41
C GLY B 41 12.15 -56.76 37.93
N LEU B 42 11.16 -56.20 37.27
CA LEU B 42 10.06 -56.98 36.74
C LEU B 42 10.58 -58.12 35.88
N ILE B 43 11.27 -57.79 34.80
CA ILE B 43 11.80 -58.79 33.90
C ILE B 43 12.70 -59.81 34.57
N ALA B 44 13.59 -59.34 35.43
CA ALA B 44 14.49 -60.21 36.16
C ALA B 44 13.71 -61.32 36.87
N GLU B 45 12.71 -60.90 37.66
CA GLU B 45 11.91 -61.87 38.39
C GLU B 45 11.14 -62.77 37.45
N GLU B 46 10.73 -62.25 36.30
CA GLU B 46 10.01 -63.05 35.32
C GLU B 46 10.90 -64.16 34.82
N LEU B 47 12.11 -63.76 34.42
CA LEU B 47 13.09 -64.69 33.88
C LEU B 47 13.60 -65.70 34.89
N GLN B 48 13.69 -65.30 36.16
CA GLN B 48 14.16 -66.23 37.18
C GLN B 48 13.04 -67.20 37.47
N ALA B 49 11.85 -66.85 36.98
CA ALA B 49 10.69 -67.68 37.16
C ALA B 49 10.69 -68.82 36.14
N ILE B 50 11.02 -68.53 34.89
CA ILE B 50 11.04 -69.53 33.81
C ILE B 50 11.89 -70.77 34.15
N PRO B 51 11.26 -71.95 34.20
CA PRO B 51 11.89 -73.24 34.54
C PRO B 51 13.35 -73.57 34.19
N ASN B 52 13.69 -73.61 32.90
CA ASN B 52 15.06 -73.98 32.53
C ASN B 52 16.04 -72.85 32.31
N VAL B 53 15.81 -71.75 33.03
CA VAL B 53 16.64 -70.58 32.94
C VAL B 53 17.44 -70.40 34.20
N THR B 54 18.76 -70.27 34.05
CA THR B 54 19.63 -70.07 35.19
C THR B 54 20.29 -68.70 35.05
N LEU B 55 20.11 -67.87 36.06
CA LEU B 55 20.68 -66.53 36.03
C LEU B 55 21.92 -66.36 36.89
N PHE B 56 22.82 -65.54 36.39
CA PHE B 56 24.07 -65.22 37.09
C PHE B 56 24.07 -63.72 37.27
N GLN B 57 23.95 -63.28 38.51
CA GLN B 57 23.93 -61.85 38.77
C GLN B 57 25.32 -61.33 39.04
N GLY B 58 25.75 -60.41 38.18
CA GLY B 58 27.05 -59.82 38.32
C GLY B 58 27.33 -58.93 37.12
N PRO B 59 28.44 -58.18 37.15
CA PRO B 59 28.81 -57.28 36.05
C PRO B 59 29.68 -58.00 35.02
N LEU B 60 29.59 -57.55 33.76
CA LEU B 60 30.36 -58.12 32.66
C LEU B 60 31.75 -57.49 32.55
N LEU B 61 31.83 -56.17 32.75
CA LEU B 61 33.11 -55.44 32.63
C LEU B 61 34.19 -56.00 33.52
N ASN B 62 35.27 -56.45 32.89
CA ASN B 62 36.38 -57.05 33.61
C ASN B 62 35.86 -58.07 34.60
N ASN B 63 35.11 -59.05 34.09
CA ASN B 63 34.57 -60.13 34.91
C ASN B 63 34.57 -61.36 34.04
N VAL B 64 35.74 -61.98 34.01
CA VAL B 64 35.97 -63.18 33.24
C VAL B 64 35.33 -64.38 33.91
N PRO B 65 35.59 -64.55 35.22
CA PRO B 65 35.02 -65.67 35.96
C PRO B 65 33.53 -65.89 35.64
N LEU B 66 32.77 -64.80 35.60
CA LEU B 66 31.35 -64.88 35.28
C LEU B 66 31.21 -65.44 33.88
N MET B 67 31.98 -64.87 32.96
CA MET B 67 31.94 -65.29 31.57
C MET B 67 32.26 -66.76 31.36
N ASP B 68 33.24 -67.27 32.08
CA ASP B 68 33.60 -68.67 31.94
C ASP B 68 32.47 -69.57 32.43
N THR B 69 31.83 -69.15 33.52
CA THR B 69 30.73 -69.91 34.09
C THR B 69 29.58 -69.91 33.09
N LEU B 70 29.26 -68.73 32.59
CA LEU B 70 28.19 -68.56 31.63
C LEU B 70 28.27 -69.51 30.43
N PHE B 71 29.48 -69.72 29.91
CA PHE B 71 29.68 -70.60 28.74
C PHE B 71 29.88 -72.09 29.03
N GLU B 72 29.85 -72.46 30.31
CA GLU B 72 30.02 -73.86 30.70
C GLU B 72 28.88 -74.70 30.16
N GLY B 73 29.18 -75.67 29.30
CA GLY B 73 28.14 -76.53 28.76
C GLY B 73 27.23 -75.90 27.73
N ALA B 74 27.57 -74.71 27.27
CA ALA B 74 26.76 -74.02 26.27
C ALA B 74 27.17 -74.45 24.86
N HIS B 75 26.18 -74.55 23.96
CA HIS B 75 26.40 -74.95 22.57
C HIS B 75 26.11 -73.76 21.67
N LEU B 76 25.25 -72.87 22.17
CA LEU B 76 24.81 -71.68 21.45
C LEU B 76 25.02 -70.43 22.31
N ALA B 77 24.92 -69.27 21.68
CA ALA B 77 25.07 -68.04 22.41
C ALA B 77 24.55 -66.86 21.63
N PHE B 78 23.76 -66.03 22.29
CA PHE B 78 23.23 -64.81 21.69
C PHE B 78 23.81 -63.72 22.53
N ILE B 79 24.73 -62.98 21.95
CA ILE B 79 25.37 -61.90 22.67
C ILE B 79 24.97 -60.53 22.14
N ASN B 80 24.34 -59.72 22.98
CA ASN B 80 23.91 -58.36 22.65
C ASN B 80 24.26 -57.52 23.86
N THR B 81 25.30 -56.69 23.76
CA THR B 81 25.72 -55.86 24.89
C THR B 81 25.05 -54.48 24.90
N THR B 82 25.17 -53.76 26.02
CA THR B 82 24.62 -52.41 26.13
C THR B 82 25.74 -51.48 26.59
N SER B 83 25.46 -50.18 26.58
CA SER B 83 26.45 -49.22 27.00
C SER B 83 26.44 -49.02 28.52
N GLN B 84 25.32 -49.31 29.17
CA GLN B 84 25.21 -49.15 30.63
C GLN B 84 26.30 -49.92 31.37
N ALA B 85 26.77 -50.99 30.72
CA ALA B 85 27.79 -51.88 31.29
C ALA B 85 29.21 -51.34 31.13
N GLY B 86 29.38 -50.31 30.32
CA GLY B 86 30.70 -49.76 30.10
C GLY B 86 31.31 -50.41 28.88
N ASP B 87 32.59 -50.13 28.65
CA ASP B 87 33.33 -50.65 27.50
C ASP B 87 32.72 -51.83 26.74
N GLU B 88 31.98 -51.55 25.67
CA GLU B 88 31.37 -52.61 24.88
C GLU B 88 32.38 -53.44 24.10
N ILE B 89 33.56 -52.87 23.85
CA ILE B 89 34.60 -53.58 23.11
C ILE B 89 35.26 -54.58 24.06
N ALA B 90 35.79 -54.06 25.17
CA ALA B 90 36.46 -54.84 26.21
C ALA B 90 35.61 -56.01 26.68
N ILE B 91 34.31 -55.77 26.81
CA ILE B 91 33.39 -56.81 27.23
C ILE B 91 33.20 -57.76 26.04
N GLY B 92 32.86 -57.21 24.88
CA GLY B 92 32.64 -58.00 23.68
C GLY B 92 33.80 -58.93 23.35
N LYS B 93 35.02 -58.48 23.62
CA LYS B 93 36.20 -59.28 23.34
C LYS B 93 36.39 -60.37 24.38
N ASP B 94 36.15 -60.02 25.64
CA ASP B 94 36.26 -60.97 26.72
C ASP B 94 35.25 -62.11 26.50
N LEU B 95 34.02 -61.75 26.19
CA LEU B 95 32.97 -62.75 25.95
C LEU B 95 33.36 -63.71 24.83
N ALA B 96 33.84 -63.14 23.73
CA ALA B 96 34.23 -63.95 22.59
C ALA B 96 35.38 -64.89 22.99
N ASP B 97 36.28 -64.40 23.84
CA ASP B 97 37.38 -65.22 24.27
C ASP B 97 36.89 -66.31 25.20
N ALA B 98 35.95 -65.97 26.08
CA ALA B 98 35.42 -66.94 27.01
C ALA B 98 34.73 -68.07 26.23
N ALA B 99 33.95 -67.68 25.23
CA ALA B 99 33.23 -68.64 24.39
C ALA B 99 34.18 -69.55 23.63
N LYS B 100 35.29 -69.00 23.16
CA LYS B 100 36.26 -69.78 22.43
C LYS B 100 36.93 -70.75 23.40
N ARG B 101 37.27 -70.26 24.59
CA ARG B 101 37.88 -71.08 25.64
C ARG B 101 36.96 -72.27 25.97
N ALA B 102 35.65 -72.03 26.03
CA ALA B 102 34.70 -73.09 26.35
C ALA B 102 34.78 -74.24 25.34
N GLY B 103 35.07 -73.87 24.09
CA GLY B 103 35.21 -74.84 23.02
C GLY B 103 33.97 -75.62 22.63
N THR B 104 32.85 -75.33 23.28
CA THR B 104 31.59 -76.03 23.02
C THR B 104 30.61 -75.29 22.15
N ILE B 105 30.85 -74.00 21.93
CA ILE B 105 29.97 -73.15 21.13
C ILE B 105 29.97 -73.57 19.67
N GLN B 106 28.78 -73.84 19.14
CA GLN B 106 28.59 -74.25 17.76
C GLN B 106 28.05 -73.10 16.92
N HIS B 107 27.41 -72.15 17.60
CA HIS B 107 26.82 -71.02 16.90
C HIS B 107 26.80 -69.83 17.83
N TYR B 108 27.60 -68.83 17.49
CA TYR B 108 27.70 -67.62 18.30
C TYR B 108 27.12 -66.43 17.53
N ILE B 109 25.90 -66.02 17.88
CA ILE B 109 25.22 -64.89 17.25
C ILE B 109 25.54 -63.62 18.06
N TYR B 110 26.09 -62.62 17.41
CA TYR B 110 26.43 -61.36 18.07
C TYR B 110 25.51 -60.32 17.50
N SER B 111 24.92 -59.51 18.37
CA SER B 111 24.04 -58.44 17.92
C SER B 111 25.04 -57.32 17.62
N SER B 112 25.05 -56.85 16.38
CA SER B 112 25.99 -55.84 15.95
C SER B 112 25.31 -54.60 15.39
N MET B 113 26.05 -53.50 15.35
CA MET B 113 25.54 -52.24 14.78
C MET B 113 26.61 -51.58 13.90
N PRO B 114 26.16 -50.82 12.87
CA PRO B 114 27.02 -50.12 11.92
C PRO B 114 27.92 -49.07 12.52
N ASP B 115 28.96 -48.72 11.76
CA ASP B 115 29.91 -47.69 12.16
C ASP B 115 29.87 -46.68 11.03
N HIS B 116 28.89 -45.78 11.08
CA HIS B 116 28.71 -44.79 10.02
C HIS B 116 29.93 -44.03 9.52
N SER B 117 30.86 -43.68 10.40
CA SER B 117 32.04 -42.96 9.96
C SER B 117 32.81 -43.70 8.87
N LEU B 118 32.45 -44.95 8.62
CA LEU B 118 33.12 -45.79 7.62
C LEU B 118 32.47 -45.83 6.25
N TYR B 119 31.39 -45.05 6.03
CA TYR B 119 30.73 -45.11 4.73
C TYR B 119 30.41 -43.73 4.16
N GLY B 120 30.80 -42.70 4.89
CA GLY B 120 30.55 -41.34 4.44
C GLY B 120 31.11 -40.36 5.44
N PRO B 121 31.09 -39.05 5.10
CA PRO B 121 31.58 -37.94 5.93
C PRO B 121 30.73 -37.78 7.18
N TRP B 122 30.46 -38.90 7.84
CA TRP B 122 29.62 -38.90 9.00
C TRP B 122 30.35 -39.31 10.28
N PRO B 123 29.76 -38.96 11.44
CA PRO B 123 30.36 -39.29 12.72
C PRO B 123 29.94 -40.70 13.13
N ALA B 124 30.68 -41.28 14.06
CA ALA B 124 30.35 -42.62 14.51
C ALA B 124 29.34 -42.50 15.61
N VAL B 125 28.20 -43.17 15.44
CA VAL B 125 27.17 -43.17 16.47
C VAL B 125 27.84 -44.03 17.56
N PRO B 126 28.22 -43.39 18.68
CA PRO B 126 28.89 -43.97 19.85
C PRO B 126 28.40 -45.25 20.49
N MET B 127 27.12 -45.53 20.45
CA MET B 127 26.61 -46.74 21.06
C MET B 127 26.49 -47.83 20.03
N TRP B 128 26.93 -47.52 18.82
CA TRP B 128 26.85 -48.47 17.70
C TRP B 128 28.21 -48.82 17.15
N ALA B 129 28.95 -47.81 16.72
CA ALA B 129 30.27 -48.00 16.13
C ALA B 129 31.09 -49.10 16.80
N PRO B 130 31.17 -49.06 18.14
CA PRO B 130 31.95 -50.08 18.83
C PRO B 130 31.51 -51.54 18.62
N LYS B 131 30.22 -51.77 18.46
CA LYS B 131 29.73 -53.12 18.23
C LYS B 131 30.37 -53.72 16.98
N PHE B 132 30.62 -52.87 15.98
CA PHE B 132 31.19 -53.32 14.72
C PHE B 132 32.62 -53.84 14.87
N THR B 133 33.31 -53.26 15.84
CA THR B 133 34.68 -53.63 16.15
C THR B 133 34.69 -55.02 16.76
N VAL B 134 33.76 -55.31 17.66
CA VAL B 134 33.71 -56.63 18.30
C VAL B 134 33.28 -57.69 17.30
N GLU B 135 32.49 -57.31 16.30
CA GLU B 135 32.08 -58.26 15.27
C GLU B 135 33.32 -58.79 14.56
N ASN B 136 34.16 -57.87 14.15
CA ASN B 136 35.38 -58.22 13.45
C ASN B 136 36.29 -59.08 14.29
N TYR B 137 36.25 -58.88 15.61
CA TYR B 137 37.06 -59.67 16.52
C TYR B 137 36.51 -61.09 16.62
N VAL B 138 35.18 -61.22 16.62
CA VAL B 138 34.57 -62.53 16.66
C VAL B 138 35.06 -63.29 15.41
N ARG B 139 34.88 -62.68 14.25
CA ARG B 139 35.32 -63.27 12.97
C ARG B 139 36.78 -63.67 13.07
N GLN B 140 37.56 -62.81 13.69
CA GLN B 140 38.99 -63.02 13.88
C GLN B 140 39.31 -64.32 14.64
N LEU B 141 38.59 -64.58 15.74
CA LEU B 141 38.82 -65.77 16.53
C LEU B 141 38.38 -67.02 15.77
N GLY B 142 37.60 -66.80 14.71
CA GLY B 142 37.11 -67.91 13.93
C GLY B 142 35.94 -68.63 14.58
N LEU B 143 35.18 -67.93 15.42
CA LEU B 143 34.03 -68.55 16.06
C LEU B 143 32.90 -68.70 15.04
N PRO B 144 32.27 -69.89 14.98
CA PRO B 144 31.16 -70.07 14.03
C PRO B 144 30.07 -69.07 14.42
N SER B 145 30.00 -67.99 13.65
CA SER B 145 29.10 -66.89 13.95
C SER B 145 28.08 -66.45 12.92
N THR B 146 27.28 -65.49 13.35
CA THR B 146 26.23 -64.87 12.56
C THR B 146 26.06 -63.51 13.26
N PHE B 147 25.89 -62.44 12.49
CA PHE B 147 25.75 -61.12 13.09
C PHE B 147 24.40 -60.53 12.77
N VAL B 148 23.64 -60.19 13.80
CA VAL B 148 22.32 -59.60 13.58
C VAL B 148 22.32 -58.11 13.85
N TYR B 149 21.75 -57.38 12.90
CA TYR B 149 21.64 -55.95 13.01
C TYR B 149 20.15 -55.65 13.15
N ALA B 150 19.79 -55.18 14.34
CA ALA B 150 18.40 -54.86 14.63
C ALA B 150 18.02 -53.46 14.15
N GLY B 151 16.71 -53.29 13.93
CA GLY B 151 16.15 -52.03 13.47
C GLY B 151 15.59 -51.26 14.66
N ILE B 152 15.05 -50.08 14.43
CA ILE B 152 14.50 -49.27 15.51
C ILE B 152 13.32 -50.01 16.12
N TYR B 153 13.31 -50.18 17.44
CA TYR B 153 12.21 -50.87 18.11
C TYR B 153 10.91 -50.09 18.02
N ASN B 154 9.83 -50.79 17.69
CA ASN B 154 8.51 -50.15 17.61
C ASN B 154 8.18 -49.63 19.01
N ASN B 155 8.65 -50.34 20.03
CA ASN B 155 8.34 -49.97 21.38
C ASN B 155 9.26 -48.95 22.02
N ASN B 156 10.01 -48.21 21.21
CA ASN B 156 10.83 -47.17 21.79
C ASN B 156 9.83 -46.04 22.02
N PHE B 157 8.72 -46.11 21.28
CA PHE B 157 7.65 -45.14 21.37
C PHE B 157 6.92 -45.15 22.70
N THR B 158 6.66 -43.94 23.18
CA THR B 158 5.98 -43.68 24.45
C THR B 158 5.54 -42.22 24.44
N SER B 159 4.45 -41.91 25.13
CA SER B 159 3.96 -40.54 25.18
C SER B 159 4.72 -39.81 26.29
N LEU B 160 5.52 -40.54 27.04
CA LEU B 160 6.33 -39.93 28.10
C LEU B 160 7.44 -39.06 27.46
N PRO B 161 7.98 -38.10 28.21
CA PRO B 161 9.03 -37.16 27.79
C PRO B 161 10.42 -37.75 27.54
N TYR B 162 10.47 -38.95 26.97
CA TYR B 162 11.76 -39.57 26.70
C TYR B 162 12.17 -39.26 25.26
N PRO B 163 13.44 -38.84 25.09
CA PRO B 163 14.10 -38.47 23.84
C PRO B 163 13.85 -39.27 22.56
N LEU B 164 13.88 -38.55 21.44
CA LEU B 164 13.81 -39.17 20.13
C LEU B 164 12.60 -39.96 19.66
N PHE B 165 11.93 -40.63 20.60
CA PHE B 165 10.78 -41.44 20.26
C PHE B 165 9.53 -41.16 21.06
N GLN B 166 9.35 -39.92 21.50
CA GLN B 166 8.13 -39.60 22.25
C GLN B 166 6.97 -39.33 21.32
N MET B 167 5.91 -40.13 21.51
CA MET B 167 4.65 -40.02 20.78
C MET B 167 3.79 -39.21 21.73
N GLU B 168 4.00 -37.90 21.69
CA GLU B 168 3.34 -36.92 22.55
C GLU B 168 1.82 -36.77 22.40
N LEU B 169 1.15 -36.77 23.55
CA LEU B 169 -0.29 -36.60 23.56
C LEU B 169 -0.61 -35.14 23.91
N MET B 170 -0.92 -34.37 22.87
CA MET B 170 -1.26 -32.97 23.04
C MET B 170 -2.56 -32.90 23.85
N PRO B 171 -2.96 -31.69 24.28
CA PRO B 171 -4.18 -31.54 25.08
C PRO B 171 -5.45 -31.82 24.27
N ASP B 172 -5.44 -31.44 22.99
CA ASP B 172 -6.60 -31.65 22.14
C ASP B 172 -6.87 -33.12 21.83
N GLY B 173 -6.19 -34.01 22.55
CA GLY B 173 -6.38 -35.43 22.35
C GLY B 173 -5.65 -36.00 21.13
N THR B 174 -4.83 -35.20 20.48
CA THR B 174 -4.10 -35.71 19.33
C THR B 174 -2.64 -35.93 19.69
N PHE B 175 -2.00 -36.83 18.94
CA PHE B 175 -0.61 -37.15 19.17
C PHE B 175 0.31 -36.46 18.17
N GLU B 176 1.57 -36.32 18.56
CA GLU B 176 2.56 -35.69 17.71
C GLU B 176 3.94 -36.29 18.01
N TRP B 177 4.67 -36.63 16.95
CA TRP B 177 6.01 -37.20 17.11
C TRP B 177 7.06 -36.31 16.43
N HIS B 178 8.02 -35.83 17.22
CA HIS B 178 9.09 -34.99 16.68
C HIS B 178 10.46 -35.68 16.71
N ALA B 179 11.14 -35.68 15.57
CA ALA B 179 12.45 -36.30 15.46
C ALA B 179 13.23 -35.78 14.24
N PRO B 180 14.57 -35.75 14.33
CA PRO B 180 15.46 -35.29 13.27
C PRO B 180 15.36 -36.09 11.95
N PHE B 181 14.76 -37.27 12.02
CA PHE B 181 14.64 -38.11 10.82
C PHE B 181 13.79 -37.40 9.76
N ASP B 182 14.19 -37.55 8.50
CA ASP B 182 13.42 -36.99 7.40
C ASP B 182 12.06 -37.70 7.46
N PRO B 183 10.97 -36.96 7.22
CA PRO B 183 9.61 -37.51 7.27
C PRO B 183 9.22 -38.49 6.18
N ASP B 184 9.82 -38.37 5.00
CA ASP B 184 9.43 -39.26 3.92
C ASP B 184 10.38 -40.40 3.68
N ILE B 185 11.56 -40.33 4.31
CA ILE B 185 12.55 -41.39 4.17
C ILE B 185 12.19 -42.58 5.07
N PRO B 186 12.25 -43.80 4.52
CA PRO B 186 11.93 -45.02 5.27
C PRO B 186 13.06 -45.47 6.22
N LEU B 187 12.67 -45.86 7.43
CA LEU B 187 13.62 -46.30 8.44
C LEU B 187 13.31 -47.76 8.73
N PRO B 188 14.33 -48.55 9.08
CA PRO B 188 14.16 -49.98 9.39
C PRO B 188 13.58 -50.21 10.79
N TRP B 189 12.33 -50.69 10.85
CA TRP B 189 11.70 -50.94 12.15
C TRP B 189 11.76 -52.41 12.59
N LEU B 190 11.60 -52.62 13.90
CA LEU B 190 11.64 -53.97 14.47
C LEU B 190 10.85 -54.05 15.77
N ASP B 191 10.09 -55.14 15.95
CA ASP B 191 9.33 -55.32 17.19
C ASP B 191 10.12 -56.30 18.05
N ALA B 192 11.02 -55.76 18.85
CA ALA B 192 11.90 -56.51 19.72
C ALA B 192 11.31 -57.67 20.51
N GLU B 193 10.31 -57.37 21.34
CA GLU B 193 9.69 -58.37 22.19
C GLU B 193 8.97 -59.47 21.43
N HIS B 194 8.27 -59.09 20.38
CA HIS B 194 7.51 -60.04 19.58
C HIS B 194 8.30 -60.84 18.55
N ASP B 195 9.24 -60.20 17.88
CA ASP B 195 9.98 -60.90 16.83
C ASP B 195 11.46 -61.29 17.00
N VAL B 196 12.17 -60.75 17.97
CA VAL B 196 13.56 -61.12 18.10
C VAL B 196 13.70 -62.58 18.50
N GLY B 197 12.93 -63.01 19.48
CA GLY B 197 13.00 -64.39 19.93
C GLY B 197 12.85 -65.39 18.80
N PRO B 198 11.69 -65.40 18.13
CA PRO B 198 11.40 -66.32 17.02
C PRO B 198 12.43 -66.31 15.89
N ALA B 199 12.95 -65.13 15.56
CA ALA B 199 13.94 -65.03 14.50
C ALA B 199 15.25 -65.68 14.91
N LEU B 200 15.80 -65.29 16.06
CA LEU B 200 17.05 -65.85 16.55
C LEU B 200 16.93 -67.36 16.66
N LEU B 201 15.75 -67.82 17.06
CA LEU B 201 15.50 -69.25 17.21
C LEU B 201 15.68 -69.94 15.87
N GLN B 202 15.08 -69.36 14.83
CA GLN B 202 15.16 -69.92 13.52
C GLN B 202 16.58 -69.94 13.00
N ILE B 203 17.34 -68.87 13.27
CA ILE B 203 18.73 -68.81 12.82
C ILE B 203 19.52 -69.92 13.47
N PHE B 204 19.27 -70.14 14.76
CA PHE B 204 19.95 -71.20 15.50
C PHE B 204 19.55 -72.55 14.88
N LYS B 205 18.24 -72.69 14.63
CA LYS B 205 17.70 -73.92 14.04
C LYS B 205 18.32 -74.21 12.66
N ASP B 206 18.76 -73.16 11.96
CA ASP B 206 19.37 -73.34 10.65
C ASP B 206 20.81 -73.84 10.76
N GLY B 207 21.52 -73.37 11.77
CA GLY B 207 22.90 -73.79 11.97
C GLY B 207 23.92 -72.89 11.31
N PRO B 208 25.20 -72.91 11.75
CA PRO B 208 26.26 -72.09 11.16
C PRO B 208 26.51 -72.60 9.74
N GLN B 209 26.03 -73.82 9.51
CA GLN B 209 26.14 -74.50 8.23
C GLN B 209 25.51 -73.62 7.15
N LYS B 210 24.54 -72.83 7.56
CA LYS B 210 23.88 -71.94 6.62
C LYS B 210 24.22 -70.46 6.83
N TRP B 211 24.22 -70.02 8.08
CA TRP B 211 24.45 -68.63 8.43
C TRP B 211 25.84 -68.15 8.81
N ASN B 212 26.79 -69.06 8.89
CA ASN B 212 28.15 -68.70 9.27
C ASN B 212 28.73 -67.50 8.52
N GLY B 213 29.20 -66.50 9.26
CA GLY B 213 29.80 -65.31 8.66
C GLY B 213 28.81 -64.28 8.14
N HIS B 214 27.54 -64.64 8.13
CA HIS B 214 26.50 -63.76 7.63
C HIS B 214 26.06 -62.63 8.54
N ARG B 215 25.63 -61.57 7.87
CA ARG B 215 25.10 -60.38 8.51
C ARG B 215 23.62 -60.45 8.20
N ILE B 216 22.78 -60.24 9.21
CA ILE B 216 21.35 -60.28 8.98
C ILE B 216 20.72 -59.03 9.57
N ALA B 217 19.86 -58.40 8.78
CA ALA B 217 19.18 -57.19 9.23
C ALA B 217 17.90 -57.60 9.94
N LEU B 218 17.86 -57.43 11.25
CA LEU B 218 16.68 -57.78 12.01
C LEU B 218 15.63 -56.70 11.93
N THR B 219 15.03 -56.56 10.75
CA THR B 219 14.00 -55.55 10.52
C THR B 219 12.93 -56.26 9.70
N PHE B 220 11.67 -56.07 10.05
CA PHE B 220 10.60 -56.71 9.32
C PHE B 220 9.73 -55.79 8.51
N GLU B 221 10.03 -54.50 8.55
CA GLU B 221 9.26 -53.51 7.80
C GLU B 221 9.95 -52.16 7.86
N THR B 222 9.88 -51.43 6.75
CA THR B 222 10.47 -50.12 6.67
C THR B 222 9.37 -49.07 6.49
N LEU B 223 9.42 -48.01 7.31
CA LEU B 223 8.42 -46.95 7.25
C LEU B 223 9.09 -45.59 7.40
N SER B 224 8.54 -44.58 6.73
CA SER B 224 9.08 -43.23 6.86
C SER B 224 8.32 -42.65 8.05
N PRO B 225 8.94 -41.73 8.78
CA PRO B 225 8.26 -41.14 9.93
C PRO B 225 6.78 -40.85 9.69
N VAL B 226 6.46 -40.28 8.53
CA VAL B 226 5.07 -39.96 8.24
C VAL B 226 4.19 -41.21 8.24
N GLN B 227 4.73 -42.30 7.72
CA GLN B 227 4.00 -43.56 7.68
C GLN B 227 3.82 -44.11 9.08
N VAL B 228 4.88 -44.04 9.88
CA VAL B 228 4.80 -44.53 11.25
C VAL B 228 3.63 -43.82 11.93
N CYS B 229 3.52 -42.51 11.71
CA CYS B 229 2.44 -41.72 12.29
C CYS B 229 1.10 -42.08 11.67
N ALA B 230 1.12 -42.37 10.38
CA ALA B 230 -0.09 -42.75 9.67
C ALA B 230 -0.61 -44.04 10.30
N ALA B 231 0.34 -44.85 10.78
CA ALA B 231 0.06 -46.13 11.41
C ALA B 231 -0.59 -45.90 12.77
N PHE B 232 0.14 -45.30 13.70
CA PHE B 232 -0.40 -45.03 15.02
C PHE B 232 -1.74 -44.33 14.86
N SER B 233 -1.81 -43.48 13.84
CA SER B 233 -3.01 -42.72 13.53
C SER B 233 -4.17 -43.68 13.27
N ARG B 234 -3.93 -44.72 12.48
CA ARG B 234 -4.95 -45.70 12.12
C ARG B 234 -5.45 -46.56 13.28
N ALA B 235 -4.53 -47.00 14.12
CA ALA B 235 -4.89 -47.85 15.25
C ALA B 235 -5.55 -47.10 16.38
N LEU B 236 -5.28 -45.80 16.49
CA LEU B 236 -5.81 -45.00 17.56
C LEU B 236 -6.97 -44.06 17.18
N ASN B 237 -7.40 -44.11 15.91
CA ASN B 237 -8.48 -43.27 15.39
C ASN B 237 -8.23 -41.80 15.68
N ARG B 238 -6.95 -41.45 15.81
CA ARG B 238 -6.59 -40.07 16.11
C ARG B 238 -5.69 -39.41 15.06
N ARG B 239 -5.43 -38.13 15.27
CA ARG B 239 -4.62 -37.31 14.39
C ARG B 239 -3.15 -37.33 14.79
N VAL B 240 -2.40 -38.28 14.23
CA VAL B 240 -0.98 -38.38 14.54
C VAL B 240 -0.24 -37.69 13.41
N THR B 241 0.60 -36.72 13.77
CA THR B 241 1.35 -35.96 12.79
C THR B 241 2.85 -35.94 13.13
N TYR B 242 3.68 -36.01 12.10
CA TYR B 242 5.12 -36.00 12.30
C TYR B 242 5.70 -34.60 12.07
N VAL B 243 6.68 -34.23 12.90
CA VAL B 243 7.32 -32.93 12.77
C VAL B 243 8.82 -33.09 12.82
N GLN B 244 9.47 -32.81 11.70
CA GLN B 244 10.91 -32.91 11.59
C GLN B 244 11.59 -31.74 12.29
N VAL B 245 12.34 -32.05 13.35
CA VAL B 245 13.03 -31.02 14.10
C VAL B 245 14.55 -31.20 13.95
N PRO B 246 15.28 -30.09 13.76
CA PRO B 246 16.73 -30.17 13.59
C PRO B 246 17.47 -30.87 14.73
N LYS B 247 17.02 -30.64 15.96
CA LYS B 247 17.67 -31.25 17.11
C LYS B 247 16.73 -32.15 17.90
N VAL B 248 17.32 -33.09 18.64
CA VAL B 248 16.54 -34.01 19.45
C VAL B 248 16.06 -33.34 20.74
N GLU B 249 14.73 -33.26 20.91
CA GLU B 249 14.11 -32.65 22.11
C GLU B 249 14.37 -33.48 23.36
N ILE B 250 15.07 -32.88 24.32
CA ILE B 250 15.41 -33.57 25.55
C ILE B 250 14.69 -32.95 26.74
N LYS B 251 13.49 -33.48 27.00
CA LYS B 251 12.63 -32.99 28.06
C LYS B 251 12.88 -33.55 29.46
N VAL B 252 13.95 -34.32 29.64
CA VAL B 252 14.22 -34.91 30.94
C VAL B 252 15.73 -34.96 31.22
N ASN B 253 16.09 -34.90 32.49
CA ASN B 253 17.51 -34.96 32.86
C ASN B 253 18.00 -36.37 32.55
N ILE B 254 18.97 -36.48 31.64
CA ILE B 254 19.50 -37.79 31.26
C ILE B 254 21.00 -37.94 31.47
N PRO B 255 21.55 -39.13 31.15
CA PRO B 255 22.98 -39.36 31.31
C PRO B 255 23.76 -38.81 30.11
N VAL B 256 24.96 -38.35 30.38
CA VAL B 256 25.82 -37.77 29.37
C VAL B 256 26.03 -38.62 28.10
N GLY B 257 26.18 -39.93 28.27
CA GLY B 257 26.39 -40.82 27.13
C GLY B 257 25.26 -40.90 26.11
N TYR B 258 24.03 -40.96 26.61
CA TYR B 258 22.87 -41.03 25.74
C TYR B 258 22.75 -39.66 25.06
N ARG B 259 23.24 -38.63 25.74
CA ARG B 259 23.19 -37.27 25.21
C ARG B 259 24.05 -37.19 23.95
N GLU B 260 25.29 -37.64 24.07
CA GLU B 260 26.28 -37.68 22.99
C GLU B 260 25.78 -38.58 21.85
N GLN B 261 25.11 -39.66 22.25
CA GLN B 261 24.55 -40.60 21.30
C GLN B 261 23.52 -39.91 20.44
N LEU B 262 22.65 -39.14 21.07
CA LEU B 262 21.59 -38.41 20.39
C LEU B 262 22.15 -37.31 19.48
N GLU B 263 23.19 -36.65 19.97
CA GLU B 263 23.83 -35.59 19.22
C GLU B 263 24.36 -36.13 17.89
N ALA B 264 24.91 -37.34 17.93
CA ALA B 264 25.44 -37.99 16.74
C ALA B 264 24.33 -38.36 15.79
N ILE B 265 23.20 -38.76 16.34
CA ILE B 265 22.05 -39.14 15.54
C ILE B 265 21.54 -37.89 14.82
N GLU B 266 21.53 -36.77 15.52
CA GLU B 266 21.08 -35.49 14.94
C GLU B 266 21.88 -35.21 13.66
N VAL B 267 23.20 -35.41 13.74
CA VAL B 267 24.10 -35.17 12.61
C VAL B 267 23.93 -36.16 11.46
N VAL B 268 23.94 -37.45 11.79
CA VAL B 268 23.82 -38.53 10.82
C VAL B 268 22.48 -38.62 10.09
N PHE B 269 21.38 -38.53 10.82
CA PHE B 269 20.06 -38.64 10.23
C PHE B 269 19.41 -37.32 9.93
N GLY B 270 19.68 -36.32 10.76
CA GLY B 270 19.08 -35.02 10.54
C GLY B 270 19.86 -34.13 9.59
N GLU B 271 21.15 -33.98 9.88
CA GLU B 271 22.04 -33.12 9.09
C GLU B 271 22.57 -33.69 7.77
N HIS B 272 22.84 -35.00 7.73
CA HIS B 272 23.36 -35.64 6.52
C HIS B 272 22.35 -36.60 5.93
N LYS B 273 21.17 -36.64 6.55
CA LYS B 273 20.10 -37.52 6.12
C LYS B 273 20.67 -38.86 5.65
N ALA B 274 21.52 -39.47 6.48
CA ALA B 274 22.17 -40.74 6.18
C ALA B 274 21.39 -42.00 6.58
N PRO B 275 21.72 -43.15 5.98
CA PRO B 275 21.08 -44.45 6.23
C PRO B 275 21.32 -45.07 7.60
N TYR B 276 20.27 -45.63 8.17
CA TYR B 276 20.40 -46.27 9.47
C TYR B 276 21.35 -47.45 9.27
N PHE B 277 21.28 -48.06 8.08
CA PHE B 277 22.16 -49.18 7.70
C PHE B 277 23.05 -48.72 6.53
N PRO B 278 24.23 -48.10 6.84
CA PRO B 278 25.21 -47.58 5.87
C PRO B 278 26.10 -48.59 5.13
N LEU B 279 25.91 -49.88 5.39
CA LEU B 279 26.69 -50.93 4.75
C LEU B 279 26.16 -51.21 3.36
N PRO B 280 27.04 -51.22 2.34
CA PRO B 280 26.66 -51.48 0.94
C PRO B 280 25.59 -52.56 0.82
N GLU B 281 25.79 -53.65 1.53
CA GLU B 281 24.83 -54.74 1.50
C GLU B 281 23.47 -54.24 1.98
N PHE B 282 23.46 -53.62 3.14
CA PHE B 282 22.24 -53.10 3.75
C PHE B 282 21.77 -51.83 3.04
N SER B 283 22.71 -51.17 2.36
CA SER B 283 22.45 -49.92 1.65
C SER B 283 21.82 -50.07 0.27
N ARG B 284 21.84 -48.98 -0.48
CA ARG B 284 21.25 -48.93 -1.81
C ARG B 284 21.91 -49.91 -2.78
N ARG B 316 14.40 -56.02 -1.20
CA ARG B 316 15.14 -55.09 -0.34
C ARG B 316 15.66 -55.76 0.92
N VAL B 317 15.71 -55.01 2.01
CA VAL B 317 16.21 -55.51 3.28
C VAL B 317 15.30 -56.46 4.08
N THR B 318 14.03 -56.09 4.28
CA THR B 318 13.12 -56.92 5.06
C THR B 318 13.10 -58.38 4.61
N ASP B 319 13.64 -58.65 3.43
CA ASP B 319 13.63 -60.00 2.87
C ASP B 319 14.17 -61.16 3.74
N GLU B 320 15.45 -61.12 4.11
CA GLU B 320 16.01 -62.20 4.94
C GLU B 320 15.24 -62.35 6.24
N ALA B 321 14.99 -61.24 6.91
CA ALA B 321 14.27 -61.27 8.17
C ALA B 321 12.91 -61.94 8.03
N ARG B 322 12.13 -61.50 7.04
CA ARG B 322 10.79 -62.07 6.84
C ARG B 322 10.80 -63.54 6.48
N LYS B 323 11.89 -63.99 5.86
CA LYS B 323 12.06 -65.39 5.48
C LYS B 323 12.29 -66.27 6.71
N LEU B 324 13.04 -65.75 7.69
CA LEU B 324 13.35 -66.46 8.93
C LEU B 324 12.15 -66.53 9.88
N TRP B 325 11.38 -65.46 9.93
CA TRP B 325 10.21 -65.39 10.80
C TRP B 325 9.19 -64.60 10.00
N SER B 326 8.07 -65.25 9.70
CA SER B 326 7.01 -64.60 8.93
C SER B 326 5.79 -64.25 9.78
N GLY B 327 5.92 -64.39 11.10
CA GLY B 327 4.82 -64.05 11.98
C GLY B 327 5.13 -62.74 12.71
N TRP B 328 5.79 -61.83 12.01
CA TRP B 328 6.17 -60.54 12.60
C TRP B 328 5.03 -59.60 12.90
N ARG B 329 5.27 -58.68 13.82
CA ARG B 329 4.27 -57.68 14.21
C ARG B 329 4.63 -56.31 13.65
N ASP B 330 3.75 -55.77 12.82
CA ASP B 330 3.97 -54.46 12.21
C ASP B 330 3.60 -53.34 13.17
N MET B 331 3.84 -52.11 12.74
CA MET B 331 3.57 -50.92 13.52
C MET B 331 2.09 -50.77 13.91
N GLU B 332 1.21 -50.97 12.95
CA GLU B 332 -0.22 -50.85 13.19
C GLU B 332 -0.69 -51.79 14.32
N GLU B 333 -0.26 -53.05 14.30
CA GLU B 333 -0.66 -53.98 15.36
C GLU B 333 -0.03 -53.55 16.67
N TYR B 334 1.21 -53.07 16.60
CA TYR B 334 1.89 -52.63 17.80
C TYR B 334 1.15 -51.44 18.40
N ALA B 335 0.95 -50.41 17.56
CA ALA B 335 0.27 -49.18 17.96
C ALA B 335 -1.09 -49.46 18.56
N ARG B 336 -1.83 -50.35 17.91
CA ARG B 336 -3.15 -50.72 18.36
C ARG B 336 -3.16 -51.64 19.56
N GLU B 337 -2.57 -52.81 19.39
CA GLU B 337 -2.57 -53.83 20.44
C GLU B 337 -1.60 -53.65 21.61
N VAL B 338 -0.45 -53.03 21.39
CA VAL B 338 0.49 -52.89 22.49
C VAL B 338 0.69 -51.50 23.05
N PHE B 339 0.95 -50.53 22.18
CA PHE B 339 1.18 -49.17 22.64
C PHE B 339 0.23 -48.74 23.77
N PRO B 340 -1.09 -48.87 23.57
CA PRO B 340 -2.05 -48.46 24.61
C PRO B 340 -1.84 -49.14 25.95
N ILE B 341 -1.56 -50.43 25.90
CA ILE B 341 -1.36 -51.20 27.11
C ILE B 341 -0.04 -50.84 27.77
N GLU B 342 0.96 -50.53 26.95
CA GLU B 342 2.24 -50.13 27.50
C GLU B 342 2.03 -48.80 28.22
N GLU B 343 1.32 -47.89 27.58
CA GLU B 343 1.03 -46.58 28.16
C GLU B 343 0.26 -46.76 29.48
N GLU B 344 -0.78 -47.59 29.46
CA GLU B 344 -1.61 -47.86 30.64
C GLU B 344 -0.78 -48.32 31.84
N ALA B 345 0.14 -49.26 31.62
CA ALA B 345 0.99 -49.78 32.69
C ALA B 345 1.94 -48.72 33.23
N ASN B 346 2.07 -47.62 32.50
CA ASN B 346 2.93 -46.52 32.90
C ASN B 346 2.13 -45.47 33.67
N GLY B 347 0.86 -45.80 33.95
CA GLY B 347 0.01 -44.90 34.70
C GLY B 347 -0.94 -44.01 33.92
N LEU B 348 -0.78 -43.95 32.60
CA LEU B 348 -1.63 -43.08 31.77
C LEU B 348 -3.04 -43.62 31.52
N ASP B 349 -4.04 -42.79 31.78
CA ASP B 349 -5.44 -43.18 31.60
C ASP B 349 -6.12 -42.63 30.35
N TRP B 350 -5.36 -42.06 29.42
CA TRP B 350 -5.97 -41.51 28.21
C TRP B 350 -6.70 -42.51 27.33
N MET B 351 -6.46 -43.80 27.56
CA MET B 351 -7.10 -44.83 26.75
C MET B 351 -8.36 -45.37 27.42
N LEU B 352 -8.87 -44.61 28.39
CA LEU B 352 -10.07 -45.01 29.12
C LEU B 352 -11.25 -44.12 28.76
N GLN C 3 -20.14 104.51 32.02
CA GLN C 3 -18.77 105.11 32.12
C GLN C 3 -17.84 104.31 33.03
N GLN C 4 -18.39 103.70 34.06
CA GLN C 4 -17.60 102.87 34.95
C GLN C 4 -17.57 101.46 34.39
N LYS C 5 -16.45 100.77 34.59
CA LYS C 5 -16.33 99.38 34.12
C LYS C 5 -17.17 98.58 35.12
N LYS C 6 -18.01 97.67 34.65
CA LYS C 6 -18.84 96.90 35.57
C LYS C 6 -18.48 95.41 35.62
N THR C 7 -19.23 94.66 36.43
CA THR C 7 -19.01 93.22 36.58
C THR C 7 -19.98 92.49 35.67
N ILE C 8 -19.46 91.61 34.82
CA ILE C 8 -20.33 90.88 33.92
C ILE C 8 -20.40 89.39 34.23
N ALA C 9 -21.62 88.87 34.31
CA ALA C 9 -21.85 87.45 34.57
C ALA C 9 -22.05 86.78 33.21
N VAL C 10 -21.35 85.69 32.97
CA VAL C 10 -21.46 84.97 31.70
C VAL C 10 -21.45 83.47 31.99
N VAL C 11 -22.09 82.71 31.10
CA VAL C 11 -22.12 81.24 31.22
C VAL C 11 -21.54 80.68 29.93
N ASN C 12 -21.18 79.39 29.93
CA ASN C 12 -20.61 78.78 28.73
C ASN C 12 -19.37 79.59 28.32
N ALA C 13 -18.61 80.03 29.33
CA ALA C 13 -17.42 80.86 29.14
C ALA C 13 -16.50 80.44 27.99
N THR C 14 -16.24 79.15 27.84
CA THR C 14 -15.37 78.67 26.79
C THR C 14 -15.98 78.71 25.40
N GLY C 15 -17.30 78.95 25.31
CA GLY C 15 -17.95 79.02 24.02
C GLY C 15 -17.41 80.21 23.25
N ARG C 16 -17.47 80.13 21.92
CA ARG C 16 -16.96 81.19 21.06
C ARG C 16 -17.54 82.60 21.31
N GLN C 17 -18.83 82.67 21.61
CA GLN C 17 -19.43 83.97 21.85
C GLN C 17 -18.94 84.53 23.18
N ALA C 18 -19.10 83.74 24.25
CA ALA C 18 -18.69 84.16 25.57
C ALA C 18 -17.21 84.51 25.59
N ALA C 19 -16.35 83.57 25.23
CA ALA C 19 -14.90 83.79 25.23
C ALA C 19 -14.54 85.11 24.57
N SER C 20 -15.14 85.40 23.43
CA SER C 20 -14.87 86.64 22.73
C SER C 20 -15.14 87.83 23.65
N LEU C 21 -16.34 87.88 24.20
CA LEU C 21 -16.70 88.98 25.09
C LEU C 21 -15.77 89.05 26.28
N ILE C 22 -15.53 87.91 26.90
CA ILE C 22 -14.69 87.83 28.08
C ILE C 22 -13.30 88.44 27.84
N ARG C 23 -12.62 88.02 26.77
CA ARG C 23 -11.30 88.56 26.46
C ARG C 23 -11.39 90.08 26.39
N VAL C 24 -12.27 90.55 25.52
CA VAL C 24 -12.52 91.96 25.32
C VAL C 24 -12.88 92.68 26.61
N ALA C 25 -13.90 92.17 27.30
CA ALA C 25 -14.38 92.80 28.53
C ALA C 25 -13.34 92.91 29.62
N ALA C 26 -12.55 91.86 29.83
CA ALA C 26 -11.51 91.89 30.85
C ALA C 26 -10.43 92.91 30.45
N ALA C 27 -9.99 92.84 29.19
CA ALA C 27 -8.97 93.73 28.66
C ALA C 27 -9.24 95.23 28.87
N VAL C 28 -10.52 95.62 28.81
CA VAL C 28 -10.90 97.01 28.98
C VAL C 28 -11.05 97.42 30.45
N GLY C 29 -11.09 96.45 31.34
CA GLY C 29 -11.23 96.80 32.74
C GLY C 29 -12.48 96.30 33.45
N HIS C 30 -13.27 95.46 32.78
CA HIS C 30 -14.47 94.93 33.40
C HIS C 30 -14.13 93.67 34.19
N HIS C 31 -14.95 93.34 35.17
CA HIS C 31 -14.74 92.13 35.96
C HIS C 31 -15.69 91.10 35.40
N VAL C 32 -15.23 89.86 35.32
CA VAL C 32 -16.05 88.80 34.75
C VAL C 32 -16.23 87.58 35.65
N ARG C 33 -17.49 87.22 35.89
CA ARG C 33 -17.82 86.03 36.67
C ARG C 33 -18.32 85.08 35.61
N ALA C 34 -17.59 83.99 35.39
CA ALA C 34 -17.96 83.07 34.34
C ALA C 34 -18.12 81.61 34.76
N GLN C 35 -19.12 80.97 34.16
CA GLN C 35 -19.44 79.57 34.42
C GLN C 35 -18.79 78.70 33.35
N VAL C 36 -18.09 77.66 33.79
CA VAL C 36 -17.46 76.73 32.84
C VAL C 36 -17.83 75.33 33.29
N HIS C 37 -18.02 74.48 32.30
CA HIS C 37 -18.38 73.09 32.49
C HIS C 37 -17.19 72.31 33.06
N SER C 38 -15.99 72.65 32.56
CA SER C 38 -14.75 72.02 33.01
C SER C 38 -13.55 72.92 32.81
N LEU C 39 -12.58 72.82 33.71
CA LEU C 39 -11.36 73.61 33.67
C LEU C 39 -10.35 73.01 32.72
N LYS C 40 -10.62 71.78 32.28
CA LYS C 40 -9.72 71.12 31.36
C LYS C 40 -10.04 71.63 29.97
N GLY C 41 -9.04 72.15 29.29
CA GLY C 41 -9.26 72.66 27.95
C GLY C 41 -8.46 73.92 27.67
N LEU C 42 -8.02 74.03 26.42
CA LEU C 42 -7.25 75.17 25.98
C LEU C 42 -7.86 76.47 26.50
N ILE C 43 -9.05 76.78 25.98
CA ILE C 43 -9.77 77.99 26.32
C ILE C 43 -9.95 78.17 27.82
N ALA C 44 -10.37 77.10 28.49
CA ALA C 44 -10.57 77.15 29.92
C ALA C 44 -9.34 77.73 30.59
N GLU C 45 -8.19 77.13 30.30
CA GLU C 45 -6.94 77.59 30.89
C GLU C 45 -6.60 79.02 30.50
N GLU C 46 -6.93 79.41 29.27
CA GLU C 46 -6.68 80.77 28.82
C GLU C 46 -7.46 81.74 29.70
N LEU C 47 -8.76 81.55 29.77
CA LEU C 47 -9.64 82.41 30.57
C LEU C 47 -9.27 82.41 32.05
N GLN C 48 -8.96 81.23 32.57
CA GLN C 48 -8.60 81.09 33.96
C GLN C 48 -7.42 81.99 34.26
N ALA C 49 -6.59 82.20 33.24
CA ALA C 49 -5.40 83.03 33.35
C ALA C 49 -5.72 84.51 33.44
N ILE C 50 -6.55 85.00 32.51
CA ILE C 50 -6.91 86.42 32.49
C ILE C 50 -7.12 86.96 33.89
N PRO C 51 -6.49 88.09 34.20
CA PRO C 51 -6.60 88.70 35.53
C PRO C 51 -7.94 88.80 36.24
N ASN C 52 -8.82 89.67 35.73
CA ASN C 52 -10.11 89.91 36.39
C ASN C 52 -11.25 88.92 36.10
N VAL C 53 -10.89 87.71 35.70
CA VAL C 53 -11.87 86.71 35.39
C VAL C 53 -11.93 85.65 36.47
N THR C 54 -13.14 85.41 36.97
CA THR C 54 -13.34 84.40 37.99
C THR C 54 -14.22 83.30 37.38
N LEU C 55 -13.74 82.08 37.46
CA LEU C 55 -14.48 80.95 36.91
C LEU C 55 -15.12 80.12 38.00
N PHE C 56 -16.26 79.54 37.66
CA PHE C 56 -17.01 78.67 38.54
C PHE C 56 -17.22 77.41 37.70
N GLN C 57 -16.62 76.31 38.14
CA GLN C 57 -16.76 75.08 37.39
C GLN C 57 -17.84 74.23 37.98
N GLY C 58 -18.85 73.98 37.14
CA GLY C 58 -19.98 73.18 37.54
C GLY C 58 -21.01 73.19 36.43
N PRO C 59 -22.07 72.37 36.54
CA PRO C 59 -23.13 72.31 35.53
C PRO C 59 -24.20 73.35 35.80
N LEU C 60 -24.90 73.75 34.74
CA LEU C 60 -25.98 74.73 34.83
C LEU C 60 -27.32 74.03 35.06
N LEU C 61 -27.42 72.78 34.60
CA LEU C 61 -28.65 72.02 34.73
C LEU C 61 -28.97 71.68 36.18
N ASN C 62 -30.10 72.21 36.66
CA ASN C 62 -30.54 72.01 38.02
C ASN C 62 -29.50 72.42 39.03
N ASN C 63 -28.85 73.56 38.80
CA ASN C 63 -27.84 74.05 39.72
C ASN C 63 -28.04 75.53 40.00
N VAL C 64 -29.01 75.82 40.85
CA VAL C 64 -29.35 77.18 41.20
C VAL C 64 -28.33 77.77 42.17
N PRO C 65 -27.61 76.93 42.92
CA PRO C 65 -26.63 77.52 43.82
C PRO C 65 -25.56 78.22 42.98
N LEU C 66 -25.18 77.59 41.88
CA LEU C 66 -24.15 78.13 40.98
C LEU C 66 -24.63 79.43 40.38
N MET C 67 -25.86 79.42 39.88
CA MET C 67 -26.41 80.59 39.25
C MET C 67 -26.50 81.79 40.20
N ASP C 68 -26.85 81.56 41.48
CA ASP C 68 -26.92 82.67 42.42
C ASP C 68 -25.55 83.24 42.69
N THR C 69 -24.55 82.37 42.76
CA THR C 69 -23.19 82.83 43.00
C THR C 69 -22.75 83.68 41.83
N LEU C 70 -22.97 83.16 40.63
CA LEU C 70 -22.58 83.83 39.40
C LEU C 70 -23.07 85.27 39.30
N PHE C 71 -24.31 85.49 39.73
CA PHE C 71 -24.93 86.81 39.67
C PHE C 71 -24.60 87.76 40.82
N GLU C 72 -23.89 87.26 41.84
CA GLU C 72 -23.53 88.10 42.99
C GLU C 72 -22.66 89.28 42.56
N GLY C 73 -23.15 90.50 42.79
CA GLY C 73 -22.39 91.69 42.44
C GLY C 73 -22.29 91.99 40.95
N ALA C 74 -23.09 91.32 40.14
CA ALA C 74 -23.04 91.54 38.70
C ALA C 74 -24.04 92.61 38.28
N HIS C 75 -23.63 93.46 37.34
CA HIS C 75 -24.50 94.54 36.85
C HIS C 75 -24.95 94.22 35.45
N LEU C 76 -24.15 93.40 34.76
CA LEU C 76 -24.44 93.01 33.39
C LEU C 76 -24.38 91.50 33.24
N ALA C 77 -24.89 91.01 32.13
CA ALA C 77 -24.89 89.59 31.87
C ALA C 77 -25.02 89.32 30.39
N PHE C 78 -24.24 88.36 29.91
CA PHE C 78 -24.31 87.91 28.53
C PHE C 78 -24.60 86.45 28.68
N ILE C 79 -25.83 86.06 28.37
CA ILE C 79 -26.18 84.67 28.51
C ILE C 79 -26.43 83.94 27.22
N ASN C 80 -25.58 82.94 26.96
CA ASN C 80 -25.72 82.11 25.78
C ASN C 80 -25.53 80.64 26.15
N THR C 81 -26.57 79.84 25.97
CA THR C 81 -26.50 78.41 26.31
C THR C 81 -26.31 77.48 25.10
N THR C 82 -25.98 76.22 25.37
CA THR C 82 -25.81 75.20 24.33
C THR C 82 -26.68 74.01 24.71
N SER C 83 -27.06 73.22 23.72
CA SER C 83 -27.88 72.04 23.99
C SER C 83 -27.07 70.98 24.77
N GLN C 84 -25.75 71.06 24.66
CA GLN C 84 -24.86 70.13 25.34
C GLN C 84 -25.03 70.14 26.86
N ALA C 85 -25.50 71.26 27.39
CA ALA C 85 -25.70 71.40 28.82
C ALA C 85 -26.96 70.70 29.34
N GLY C 86 -27.90 70.40 28.45
CA GLY C 86 -29.12 69.75 28.89
C GLY C 86 -30.33 70.57 28.47
N ASP C 87 -31.35 70.58 29.31
CA ASP C 87 -32.58 71.33 29.01
C ASP C 87 -32.33 72.86 28.97
N GLU C 88 -32.12 73.39 27.78
CA GLU C 88 -31.87 74.82 27.58
C GLU C 88 -32.97 75.74 28.08
N ILE C 89 -34.20 75.24 28.10
CA ILE C 89 -35.33 76.05 28.55
C ILE C 89 -35.37 76.11 30.08
N ALA C 90 -35.10 74.97 30.72
CA ALA C 90 -35.09 74.90 32.18
C ALA C 90 -33.96 75.77 32.69
N ILE C 91 -32.81 75.65 32.02
CA ILE C 91 -31.60 76.40 32.38
C ILE C 91 -31.82 77.89 32.16
N GLY C 92 -32.23 78.26 30.95
CA GLY C 92 -32.46 79.65 30.61
C GLY C 92 -33.43 80.35 31.53
N LYS C 93 -34.43 79.62 32.02
CA LYS C 93 -35.40 80.20 32.92
C LYS C 93 -34.78 80.37 34.30
N ASP C 94 -34.04 79.36 34.74
CA ASP C 94 -33.36 79.41 36.04
C ASP C 94 -32.40 80.58 36.11
N LEU C 95 -31.68 80.80 35.02
CA LEU C 95 -30.70 81.88 34.94
C LEU C 95 -31.42 83.21 35.06
N ALA C 96 -32.48 83.38 34.28
CA ALA C 96 -33.23 84.61 34.28
C ALA C 96 -33.77 84.87 35.69
N ASP C 97 -34.16 83.80 36.37
CA ASP C 97 -34.71 83.93 37.71
C ASP C 97 -33.60 84.36 38.65
N ALA C 98 -32.45 83.73 38.51
CA ALA C 98 -31.29 84.02 39.32
C ALA C 98 -30.98 85.50 39.17
N ALA C 99 -30.85 85.94 37.94
CA ALA C 99 -30.54 87.34 37.64
C ALA C 99 -31.56 88.28 38.32
N LYS C 100 -32.83 87.95 38.20
CA LYS C 100 -33.85 88.79 38.80
C LYS C 100 -33.62 88.83 40.31
N ARG C 101 -33.46 87.67 40.92
CA ARG C 101 -33.22 87.58 42.36
C ARG C 101 -32.07 88.48 42.79
N ALA C 102 -30.99 88.47 42.00
CA ALA C 102 -29.80 89.26 42.31
C ALA C 102 -30.18 90.73 42.46
N GLY C 103 -31.10 91.18 41.61
CA GLY C 103 -31.57 92.55 41.66
C GLY C 103 -30.56 93.61 41.24
N THR C 104 -29.35 93.20 40.88
CA THR C 104 -28.32 94.15 40.49
C THR C 104 -28.08 94.23 38.97
N ILE C 105 -28.74 93.39 38.19
CA ILE C 105 -28.53 93.42 36.75
C ILE C 105 -29.22 94.60 36.08
N GLN C 106 -28.43 95.38 35.36
CA GLN C 106 -28.93 96.55 34.66
C GLN C 106 -29.10 96.29 33.18
N HIS C 107 -28.42 95.28 32.65
CA HIS C 107 -28.55 94.96 31.25
C HIS C 107 -28.28 93.46 31.07
N TYR C 108 -29.33 92.74 30.70
CA TYR C 108 -29.26 91.30 30.51
C TYR C 108 -29.38 90.95 29.04
N ILE C 109 -28.26 90.65 28.39
CA ILE C 109 -28.26 90.28 26.97
C ILE C 109 -28.32 88.76 26.86
N TYR C 110 -29.35 88.28 26.17
CA TYR C 110 -29.50 86.86 25.97
C TYR C 110 -29.26 86.61 24.49
N SER C 111 -28.54 85.54 24.18
CA SER C 111 -28.29 85.22 22.78
C SER C 111 -29.42 84.27 22.39
N SER C 112 -30.28 84.72 21.48
CA SER C 112 -31.40 83.88 21.07
C SER C 112 -31.39 83.46 19.61
N MET C 113 -32.41 82.67 19.25
CA MET C 113 -32.52 82.20 17.88
C MET C 113 -34.00 81.99 17.52
N PRO C 114 -34.31 81.93 16.21
CA PRO C 114 -35.69 81.76 15.76
C PRO C 114 -36.29 80.37 15.92
N ASP C 115 -37.62 80.34 15.88
CA ASP C 115 -38.43 79.11 15.96
C ASP C 115 -39.16 79.09 14.62
N HIS C 116 -38.49 78.62 13.58
CA HIS C 116 -39.06 78.62 12.25
C HIS C 116 -40.47 78.08 12.09
N SER C 117 -40.99 77.34 13.05
CA SER C 117 -42.33 76.82 12.84
C SER C 117 -43.39 77.91 13.03
N LEU C 118 -42.95 79.07 13.50
CA LEU C 118 -43.83 80.21 13.75
C LEU C 118 -43.75 81.27 12.64
N TYR C 119 -43.30 80.88 11.46
CA TYR C 119 -43.21 81.85 10.38
C TYR C 119 -43.46 81.19 9.02
N GLY C 120 -43.71 79.88 9.03
CA GLY C 120 -43.96 79.16 7.79
C GLY C 120 -44.23 77.67 8.02
N PRO C 121 -44.52 76.91 6.95
CA PRO C 121 -44.79 75.46 7.03
C PRO C 121 -43.50 74.68 7.27
N TRP C 122 -42.67 75.20 8.17
CA TRP C 122 -41.38 74.60 8.47
C TRP C 122 -41.30 74.05 9.88
N PRO C 123 -40.25 73.25 10.17
CA PRO C 123 -40.05 72.66 11.49
C PRO C 123 -39.18 73.53 12.39
N ALA C 124 -39.42 73.43 13.69
CA ALA C 124 -38.66 74.19 14.65
C ALA C 124 -37.28 73.57 14.76
N VAL C 125 -36.25 74.25 14.27
CA VAL C 125 -34.89 73.67 14.38
C VAL C 125 -34.49 73.53 15.85
N PRO C 126 -34.48 72.29 16.37
CA PRO C 126 -34.17 71.87 17.73
C PRO C 126 -33.18 72.64 18.59
N MET C 127 -32.10 73.13 18.01
CA MET C 127 -31.09 73.86 18.77
C MET C 127 -31.24 75.36 18.61
N TRP C 128 -32.44 75.77 18.18
CA TRP C 128 -32.72 77.17 17.94
C TRP C 128 -34.05 77.60 18.57
N ALA C 129 -35.13 76.95 18.17
CA ALA C 129 -36.46 77.26 18.69
C ALA C 129 -36.58 77.31 20.22
N PRO C 130 -35.84 76.45 20.95
CA PRO C 130 -35.99 76.52 22.41
C PRO C 130 -35.57 77.85 23.01
N LYS C 131 -34.59 78.50 22.38
CA LYS C 131 -34.08 79.81 22.82
C LYS C 131 -35.16 80.87 22.84
N PHE C 132 -35.88 80.98 21.73
CA PHE C 132 -36.94 81.98 21.60
C PHE C 132 -37.95 81.89 22.75
N THR C 133 -38.13 80.68 23.27
CA THR C 133 -39.04 80.50 24.40
C THR C 133 -38.44 81.21 25.63
N VAL C 134 -37.13 81.07 25.82
CA VAL C 134 -36.42 81.69 26.95
C VAL C 134 -36.38 83.21 26.79
N GLU C 135 -36.34 83.69 25.55
CA GLU C 135 -36.33 85.12 25.30
C GLU C 135 -37.61 85.72 25.85
N ASN C 136 -38.74 85.12 25.49
CA ASN C 136 -40.04 85.60 25.91
C ASN C 136 -40.19 85.56 27.41
N TYR C 137 -39.50 84.62 28.04
CA TYR C 137 -39.54 84.49 29.49
C TYR C 137 -38.77 85.64 30.11
N VAL C 138 -37.63 85.99 29.52
CA VAL C 138 -36.84 87.10 30.03
C VAL C 138 -37.66 88.38 29.97
N ARG C 139 -38.35 88.59 28.85
CA ARG C 139 -39.19 89.77 28.67
C ARG C 139 -40.31 89.75 29.69
N GLN C 140 -40.78 88.54 29.99
CA GLN C 140 -41.86 88.34 30.95
C GLN C 140 -41.45 88.79 32.35
N LEU C 141 -40.23 88.45 32.78
CA LEU C 141 -39.77 88.85 34.11
C LEU C 141 -39.50 90.33 34.17
N GLY C 142 -39.51 91.00 33.01
CA GLY C 142 -39.27 92.42 32.98
C GLY C 142 -37.80 92.81 33.14
N LEU C 143 -36.88 91.87 32.91
CA LEU C 143 -35.45 92.17 33.05
C LEU C 143 -34.98 93.09 31.93
N PRO C 144 -34.30 94.20 32.28
CA PRO C 144 -33.81 95.12 31.24
C PRO C 144 -32.93 94.27 30.32
N SER C 145 -33.45 93.99 29.12
CA SER C 145 -32.74 93.11 28.20
C SER C 145 -32.66 93.50 26.74
N THR C 146 -31.78 92.78 26.04
CA THR C 146 -31.54 92.93 24.61
C THR C 146 -31.22 91.52 24.12
N PHE C 147 -31.73 91.18 22.94
CA PHE C 147 -31.56 89.84 22.39
C PHE C 147 -30.79 89.83 21.10
N VAL C 148 -29.67 89.13 21.09
CA VAL C 148 -28.85 89.07 19.90
C VAL C 148 -29.07 87.75 19.16
N TYR C 149 -29.00 87.82 17.83
CA TYR C 149 -29.19 86.64 16.98
C TYR C 149 -27.93 86.49 16.16
N ALA C 150 -27.17 85.45 16.47
CA ALA C 150 -25.91 85.21 15.77
C ALA C 150 -26.07 84.72 14.35
N GLY C 151 -25.03 84.97 13.55
CA GLY C 151 -25.02 84.54 12.17
C GLY C 151 -24.26 83.23 12.15
N ILE C 152 -24.10 82.63 10.97
CA ILE C 152 -23.38 81.37 10.84
C ILE C 152 -21.90 81.71 10.99
N TYR C 153 -21.25 81.11 11.98
CA TYR C 153 -19.84 81.39 12.22
C TYR C 153 -18.95 81.11 11.02
N ASN C 154 -18.10 82.07 10.66
CA ASN C 154 -17.16 81.88 9.55
C ASN C 154 -16.26 80.69 9.91
N ASN C 155 -15.97 80.53 11.20
CA ASN C 155 -15.09 79.44 11.61
C ASN C 155 -15.75 78.10 11.83
N ASN C 156 -16.96 77.91 11.33
CA ASN C 156 -17.57 76.60 11.45
C ASN C 156 -16.84 75.80 10.38
N PHE C 157 -16.27 76.51 9.41
CA PHE C 157 -15.54 75.88 8.32
C PHE C 157 -14.25 75.20 8.76
N THR C 158 -14.03 74.04 8.15
CA THR C 158 -12.86 73.20 8.41
C THR C 158 -12.79 72.18 7.27
N SER C 159 -11.60 71.72 6.94
CA SER C 159 -11.49 70.73 5.90
C SER C 159 -11.68 69.35 6.51
N LEU C 160 -11.79 69.29 7.84
CA LEU C 160 -12.03 68.03 8.57
C LEU C 160 -13.44 67.56 8.23
N PRO C 161 -13.70 66.24 8.37
CA PRO C 161 -14.98 65.55 8.10
C PRO C 161 -16.22 65.94 8.93
N TYR C 162 -16.23 67.16 9.46
CA TYR C 162 -17.35 67.59 10.27
C TYR C 162 -18.51 68.10 9.42
N PRO C 163 -19.75 67.70 9.77
CA PRO C 163 -21.02 68.03 9.12
C PRO C 163 -21.32 69.47 8.76
N LEU C 164 -22.06 69.62 7.66
CA LEU C 164 -22.54 70.90 7.13
C LEU C 164 -21.55 71.99 6.71
N PHE C 165 -20.44 72.13 7.41
CA PHE C 165 -19.47 73.17 7.05
C PHE C 165 -18.05 72.70 6.76
N GLN C 166 -17.93 71.67 5.93
CA GLN C 166 -16.57 71.23 5.60
C GLN C 166 -16.11 71.88 4.32
N MET C 167 -14.98 72.58 4.39
CA MET C 167 -14.38 73.21 3.24
C MET C 167 -13.33 72.16 2.88
N GLU C 168 -13.85 71.11 2.26
CA GLU C 168 -13.08 69.94 1.86
C GLU C 168 -11.95 70.16 0.88
N LEU C 169 -10.81 69.58 1.22
CA LEU C 169 -9.63 69.65 0.37
C LEU C 169 -9.62 68.42 -0.51
N MET C 170 -9.92 68.61 -1.79
CA MET C 170 -9.93 67.48 -2.71
C MET C 170 -8.48 67.05 -2.97
N PRO C 171 -8.28 65.87 -3.56
CA PRO C 171 -6.93 65.38 -3.84
C PRO C 171 -6.14 66.38 -4.69
N ASP C 172 -6.81 66.93 -5.70
CA ASP C 172 -6.19 67.90 -6.59
C ASP C 172 -6.00 69.25 -5.92
N GLY C 173 -5.84 69.25 -4.60
CA GLY C 173 -5.64 70.49 -3.86
C GLY C 173 -6.73 71.52 -4.08
N THR C 174 -7.87 71.09 -4.62
CA THR C 174 -8.98 72.00 -4.86
C THR C 174 -9.94 71.83 -3.68
N PHE C 175 -10.87 72.76 -3.52
CA PHE C 175 -11.82 72.69 -2.41
C PHE C 175 -13.28 72.58 -2.78
N GLU C 176 -14.06 71.95 -1.91
CA GLU C 176 -15.46 71.80 -2.17
C GLU C 176 -16.33 71.88 -0.93
N TRP C 177 -17.36 72.71 -1.00
CA TRP C 177 -18.31 72.82 0.10
C TRP C 177 -19.66 72.30 -0.43
N HIS C 178 -20.11 71.18 0.14
CA HIS C 178 -21.39 70.61 -0.24
C HIS C 178 -22.37 70.95 0.90
N ALA C 179 -23.53 71.47 0.56
CA ALA C 179 -24.50 71.79 1.60
C ALA C 179 -25.91 71.88 1.04
N PRO C 180 -26.93 71.78 1.90
CA PRO C 180 -28.34 71.87 1.49
C PRO C 180 -28.75 73.28 1.05
N PHE C 181 -27.99 74.27 1.53
CA PHE C 181 -28.26 75.68 1.22
C PHE C 181 -28.27 75.99 -0.27
N ASP C 182 -29.26 76.78 -0.72
CA ASP C 182 -29.28 77.15 -2.13
C ASP C 182 -27.96 77.87 -2.35
N PRO C 183 -27.33 77.66 -3.51
CA PRO C 183 -26.05 78.29 -3.84
C PRO C 183 -26.08 79.79 -4.09
N ASP C 184 -27.23 80.29 -4.51
CA ASP C 184 -27.34 81.71 -4.84
C ASP C 184 -28.01 82.58 -3.77
N ILE C 185 -28.64 81.95 -2.80
CA ILE C 185 -29.31 82.69 -1.73
C ILE C 185 -28.30 83.05 -0.63
N PRO C 186 -28.26 84.34 -0.25
CA PRO C 186 -27.35 84.83 0.79
C PRO C 186 -27.74 84.41 2.19
N LEU C 187 -26.74 84.01 2.98
CA LEU C 187 -26.94 83.57 4.36
C LEU C 187 -26.22 84.55 5.26
N PRO C 188 -26.74 84.80 6.47
CA PRO C 188 -26.11 85.72 7.42
C PRO C 188 -24.85 85.11 8.03
N TRP C 189 -23.70 85.75 7.83
CA TRP C 189 -22.43 85.25 8.38
C TRP C 189 -21.90 86.11 9.51
N LEU C 190 -21.19 85.47 10.43
CA LEU C 190 -20.60 86.17 11.58
C LEU C 190 -19.24 85.58 11.97
N ASP C 191 -18.30 86.44 12.38
CA ASP C 191 -17.00 85.99 12.84
C ASP C 191 -17.06 86.05 14.39
N ALA C 192 -17.45 84.94 15.00
CA ALA C 192 -17.58 84.84 16.46
C ALA C 192 -16.45 85.38 17.32
N GLU C 193 -15.25 84.84 17.16
CA GLU C 193 -14.10 85.25 17.95
C GLU C 193 -13.68 86.70 17.74
N HIS C 194 -13.71 87.14 16.49
CA HIS C 194 -13.27 88.47 16.17
C HIS C 194 -14.30 89.56 16.45
N ASP C 195 -15.57 89.30 16.18
CA ASP C 195 -16.60 90.32 16.35
C ASP C 195 -17.69 90.28 17.45
N VAL C 196 -17.88 89.12 18.07
CA VAL C 196 -18.90 89.06 19.11
C VAL C 196 -18.51 89.92 20.32
N GLY C 197 -17.26 89.81 20.75
CA GLY C 197 -16.84 90.56 21.92
C GLY C 197 -17.04 92.05 21.75
N PRO C 198 -16.44 92.65 20.73
CA PRO C 198 -16.55 94.09 20.46
C PRO C 198 -17.99 94.59 20.31
N ALA C 199 -18.84 93.80 19.69
CA ALA C 199 -20.24 94.20 19.50
C ALA C 199 -21.02 94.20 20.81
N LEU C 200 -20.92 93.11 21.57
CA LEU C 200 -21.63 93.01 22.83
C LEU C 200 -21.18 94.13 23.74
N LEU C 201 -19.89 94.45 23.67
CA LEU C 201 -19.34 95.50 24.52
C LEU C 201 -19.98 96.85 24.19
N GLN C 202 -20.17 97.09 22.90
CA GLN C 202 -20.77 98.32 22.44
C GLN C 202 -22.23 98.39 22.87
N ILE C 203 -22.92 97.26 22.86
CA ILE C 203 -24.31 97.20 23.28
C ILE C 203 -24.38 97.56 24.76
N PHE C 204 -23.50 96.96 25.56
CA PHE C 204 -23.47 97.22 27.01
C PHE C 204 -23.12 98.68 27.26
N LYS C 205 -22.24 99.22 26.42
CA LYS C 205 -21.80 100.61 26.55
C LYS C 205 -22.93 101.57 26.18
N ASP C 206 -23.67 101.25 25.12
CA ASP C 206 -24.80 102.07 24.68
C ASP C 206 -25.87 102.04 25.77
N GLY C 207 -25.90 100.96 26.53
CA GLY C 207 -26.84 100.84 27.63
C GLY C 207 -28.22 100.24 27.41
N PRO C 208 -28.99 100.07 28.49
CA PRO C 208 -30.34 99.51 28.51
C PRO C 208 -31.33 100.48 27.85
N GLN C 209 -31.08 101.77 28.08
CA GLN C 209 -31.89 102.84 27.54
C GLN C 209 -31.99 102.77 26.03
N LYS C 210 -30.87 102.50 25.37
CA LYS C 210 -30.84 102.44 23.92
C LYS C 210 -31.28 101.11 23.30
N TRP C 211 -31.09 100.01 24.01
CA TRP C 211 -31.40 98.68 23.47
C TRP C 211 -32.41 97.81 24.19
N ASN C 212 -33.01 98.32 25.24
CA ASN C 212 -33.96 97.50 25.97
C ASN C 212 -35.06 96.96 25.03
N GLY C 213 -35.38 95.67 25.17
CA GLY C 213 -36.41 95.04 24.37
C GLY C 213 -36.11 94.85 22.89
N HIS C 214 -34.89 95.24 22.50
CA HIS C 214 -34.41 95.12 21.12
C HIS C 214 -33.89 93.73 20.74
N ARG C 215 -34.07 93.40 19.46
CA ARG C 215 -33.57 92.15 18.89
C ARG C 215 -32.47 92.69 17.97
N ILE C 216 -31.31 92.07 18.00
CA ILE C 216 -30.24 92.52 17.12
C ILE C 216 -29.61 91.33 16.43
N ALA C 217 -29.52 91.44 15.11
CA ALA C 217 -28.93 90.39 14.32
C ALA C 217 -27.41 90.56 14.33
N LEU C 218 -26.74 89.61 14.96
CA LEU C 218 -25.28 89.64 15.06
C LEU C 218 -24.67 89.06 13.79
N THR C 219 -24.83 89.77 12.68
CA THR C 219 -24.30 89.36 11.39
C THR C 219 -23.70 90.59 10.70
N PHE C 220 -22.47 90.46 10.23
CA PHE C 220 -21.78 91.58 9.61
C PHE C 220 -21.71 91.54 8.10
N GLU C 221 -22.18 90.46 7.51
CA GLU C 221 -22.14 90.34 6.06
C GLU C 221 -22.96 89.12 5.63
N THR C 222 -23.62 89.25 4.49
CA THR C 222 -24.42 88.14 3.98
C THR C 222 -23.87 87.68 2.62
N LEU C 223 -23.62 86.38 2.52
CA LEU C 223 -23.08 85.81 1.29
C LEU C 223 -23.80 84.52 0.94
N SER C 224 -23.93 84.26 -0.35
CA SER C 224 -24.57 83.05 -0.82
C SER C 224 -23.44 82.03 -0.81
N PRO C 225 -23.76 80.74 -0.68
CA PRO C 225 -22.74 79.69 -0.66
C PRO C 225 -21.68 79.91 -1.74
N VAL C 226 -22.13 80.22 -2.95
CA VAL C 226 -21.22 80.45 -4.06
C VAL C 226 -20.21 81.55 -3.75
N GLN C 227 -20.70 82.63 -3.14
CA GLN C 227 -19.84 83.76 -2.77
C GLN C 227 -18.86 83.36 -1.66
N VAL C 228 -19.35 82.57 -0.71
CA VAL C 228 -18.50 82.13 0.37
C VAL C 228 -17.31 81.43 -0.27
N CYS C 229 -17.59 80.55 -1.22
CA CYS C 229 -16.55 79.81 -1.90
C CYS C 229 -15.68 80.74 -2.74
N ALA C 230 -16.30 81.71 -3.39
CA ALA C 230 -15.56 82.67 -4.19
C ALA C 230 -14.55 83.36 -3.29
N ALA C 231 -14.94 83.57 -2.03
CA ALA C 231 -14.09 84.22 -1.04
C ALA C 231 -12.88 83.35 -0.71
N PHE C 232 -13.13 82.07 -0.41
CA PHE C 232 -12.02 81.16 -0.09
C PHE C 232 -11.11 80.99 -1.29
N SER C 233 -11.71 81.01 -2.47
CA SER C 233 -10.95 80.87 -3.71
C SER C 233 -10.02 82.06 -3.88
N ARG C 234 -10.53 83.24 -3.51
CA ARG C 234 -9.79 84.49 -3.61
C ARG C 234 -8.68 84.56 -2.56
N ALA C 235 -8.98 84.07 -1.35
CA ALA C 235 -8.05 84.10 -0.22
C ALA C 235 -6.96 83.05 -0.19
N LEU C 236 -7.29 81.84 -0.62
CA LEU C 236 -6.30 80.75 -0.60
C LEU C 236 -5.72 80.54 -1.99
N ASN C 237 -6.26 81.28 -2.95
CA ASN C 237 -5.80 81.22 -4.34
C ASN C 237 -6.10 79.91 -5.05
N ARG C 238 -6.90 79.05 -4.42
CA ARG C 238 -7.22 77.79 -5.07
C ARG C 238 -8.62 77.88 -5.66
N ARG C 239 -9.00 76.85 -6.40
CA ARG C 239 -10.33 76.81 -7.00
C ARG C 239 -11.26 76.22 -5.97
N VAL C 240 -12.23 77.03 -5.57
CA VAL C 240 -13.19 76.55 -4.60
C VAL C 240 -14.56 76.53 -5.25
N THR C 241 -15.27 75.42 -5.06
CA THR C 241 -16.57 75.19 -5.66
C THR C 241 -17.64 74.75 -4.66
N TYR C 242 -18.85 75.27 -4.84
CA TYR C 242 -19.97 74.91 -3.98
C TYR C 242 -20.81 73.85 -4.66
N VAL C 243 -21.33 72.92 -3.88
CA VAL C 243 -22.16 71.84 -4.40
C VAL C 243 -23.39 71.65 -3.52
N GLN C 244 -24.57 71.99 -4.04
CA GLN C 244 -25.78 71.81 -3.24
C GLN C 244 -26.19 70.36 -3.20
N VAL C 245 -26.25 69.82 -1.99
CA VAL C 245 -26.66 68.43 -1.80
C VAL C 245 -27.95 68.42 -1.00
N PRO C 246 -28.87 67.53 -1.35
CA PRO C 246 -30.17 67.41 -0.68
C PRO C 246 -30.04 67.14 0.81
N LYS C 247 -29.08 66.29 1.17
CA LYS C 247 -28.90 65.96 2.56
C LYS C 247 -27.54 66.37 3.09
N VAL C 248 -27.45 66.51 4.41
CA VAL C 248 -26.22 66.89 5.06
C VAL C 248 -25.34 65.67 5.20
N GLU C 249 -24.12 65.75 4.68
CA GLU C 249 -23.17 64.64 4.72
C GLU C 249 -22.60 64.42 6.13
N ILE C 250 -22.95 63.28 6.73
CA ILE C 250 -22.51 62.92 8.07
C ILE C 250 -21.32 61.96 8.02
N LYS C 251 -20.18 62.46 7.53
CA LYS C 251 -18.97 61.66 7.39
C LYS C 251 -18.36 61.06 8.65
N VAL C 252 -18.84 61.47 9.81
CA VAL C 252 -18.31 60.95 11.07
C VAL C 252 -19.47 60.62 12.00
N ASN C 253 -19.15 60.07 13.17
CA ASN C 253 -20.18 59.72 14.14
C ASN C 253 -20.52 60.97 14.91
N ILE C 254 -21.81 61.13 15.17
CA ILE C 254 -22.33 62.29 15.89
C ILE C 254 -23.46 61.86 16.82
N PRO C 255 -23.63 62.58 17.96
CA PRO C 255 -24.69 62.25 18.90
C PRO C 255 -26.05 62.53 18.25
N VAL C 256 -27.01 61.63 18.48
CA VAL C 256 -28.33 61.76 17.89
C VAL C 256 -28.92 63.17 17.98
N GLY C 257 -28.64 63.88 19.06
CA GLY C 257 -29.15 65.23 19.20
C GLY C 257 -28.74 66.15 18.05
N TYR C 258 -27.49 66.01 17.62
CA TYR C 258 -26.98 66.82 16.52
C TYR C 258 -27.49 66.31 15.16
N ARG C 259 -27.76 65.01 15.07
CA ARG C 259 -28.23 64.43 13.83
C ARG C 259 -29.58 65.07 13.52
N GLU C 260 -30.42 65.13 14.54
CA GLU C 260 -31.76 65.69 14.44
C GLU C 260 -31.71 67.16 14.02
N GLN C 261 -30.78 67.89 14.63
CA GLN C 261 -30.62 69.30 14.31
C GLN C 261 -30.37 69.41 12.81
N LEU C 262 -29.39 68.67 12.31
CA LEU C 262 -29.06 68.72 10.89
C LEU C 262 -30.22 68.32 10.01
N GLU C 263 -30.96 67.30 10.43
CA GLU C 263 -32.10 66.83 9.64
C GLU C 263 -33.08 67.99 9.46
N ALA C 264 -33.28 68.76 10.52
CA ALA C 264 -34.19 69.91 10.46
C ALA C 264 -33.67 70.93 9.47
N ILE C 265 -32.37 71.16 9.54
CA ILE C 265 -31.70 72.09 8.67
C ILE C 265 -31.95 71.72 7.22
N GLU C 266 -31.84 70.42 6.92
CA GLU C 266 -32.03 69.93 5.56
C GLU C 266 -33.40 70.33 5.05
N VAL C 267 -34.40 70.14 5.89
CA VAL C 267 -35.78 70.47 5.55
C VAL C 267 -36.01 71.97 5.38
N VAL C 268 -35.60 72.74 6.37
CA VAL C 268 -35.77 74.19 6.38
C VAL C 268 -35.04 74.97 5.30
N PHE C 269 -33.75 74.68 5.13
CA PHE C 269 -32.92 75.39 4.15
C PHE C 269 -32.76 74.69 2.82
N GLY C 270 -32.79 73.36 2.85
CA GLY C 270 -32.66 72.59 1.63
C GLY C 270 -34.00 72.43 0.93
N GLU C 271 -34.89 71.66 1.54
CA GLU C 271 -36.21 71.40 1.00
C GLU C 271 -37.04 72.68 0.86
N HIS C 272 -37.20 73.41 1.96
CA HIS C 272 -38.01 74.62 1.95
C HIS C 272 -37.35 75.96 1.62
N LYS C 273 -36.05 76.07 1.90
CA LYS C 273 -35.32 77.31 1.64
C LYS C 273 -35.88 78.51 2.41
N ALA C 274 -36.02 78.38 3.73
CA ALA C 274 -36.54 79.46 4.57
C ALA C 274 -35.40 80.30 5.13
N PRO C 275 -35.61 81.62 5.23
CA PRO C 275 -34.57 82.51 5.77
C PRO C 275 -33.95 82.00 7.07
N TYR C 276 -32.65 82.21 7.23
CA TYR C 276 -31.96 81.79 8.45
C TYR C 276 -32.65 82.54 9.58
N PHE C 277 -33.03 83.78 9.28
CA PHE C 277 -33.73 84.66 10.20
C PHE C 277 -35.10 85.01 9.60
N PRO C 278 -36.11 84.15 9.82
CA PRO C 278 -37.45 84.41 9.27
C PRO C 278 -38.15 85.54 10.03
N LEU C 279 -37.36 86.36 10.70
CA LEU C 279 -37.88 87.47 11.49
C LEU C 279 -38.18 88.67 10.63
N PRO C 280 -39.37 89.29 10.83
CA PRO C 280 -39.83 90.46 10.10
C PRO C 280 -38.78 91.57 10.03
N GLU C 281 -38.22 91.95 11.18
CA GLU C 281 -37.23 93.02 11.19
C GLU C 281 -35.91 92.58 10.54
N PHE C 282 -35.84 91.30 10.19
CA PHE C 282 -34.63 90.76 9.58
C PHE C 282 -34.95 90.23 8.18
N SER C 283 -36.04 90.74 7.60
CA SER C 283 -36.51 90.38 6.26
C SER C 283 -37.13 91.58 5.56
N ARG C 316 -30.48 96.48 4.92
CA ARG C 316 -29.86 95.17 5.13
C ARG C 316 -29.69 94.85 6.63
N VAL C 317 -29.99 93.62 7.00
CA VAL C 317 -29.88 93.21 8.40
C VAL C 317 -28.52 93.47 9.01
N THR C 318 -27.49 93.59 8.17
CA THR C 318 -26.14 93.80 8.67
C THR C 318 -25.90 95.24 9.13
N ASP C 319 -26.92 96.09 8.99
CA ASP C 319 -26.81 97.50 9.39
C ASP C 319 -26.61 97.73 10.88
N GLU C 320 -27.58 97.29 11.69
CA GLU C 320 -27.47 97.45 13.14
C GLU C 320 -26.10 96.98 13.63
N ALA C 321 -25.73 95.77 13.22
CA ALA C 321 -24.48 95.18 13.62
C ALA C 321 -23.28 96.03 13.23
N ARG C 322 -23.26 96.43 11.96
CA ARG C 322 -22.16 97.25 11.46
C ARG C 322 -22.01 98.59 12.17
N LYS C 323 -23.15 99.13 12.61
CA LYS C 323 -23.17 100.39 13.33
C LYS C 323 -22.61 100.26 14.75
N LEU C 324 -22.80 99.10 15.36
CA LEU C 324 -22.29 98.84 16.72
C LEU C 324 -20.80 98.54 16.73
N TRP C 325 -20.33 97.84 15.70
CA TRP C 325 -18.94 97.45 15.56
C TRP C 325 -18.67 97.56 14.07
N SER C 326 -17.73 98.42 13.72
CA SER C 326 -17.38 98.66 12.32
C SER C 326 -16.02 98.04 11.96
N GLY C 327 -15.39 97.35 12.91
CA GLY C 327 -14.11 96.74 12.65
C GLY C 327 -14.26 95.24 12.48
N TRP C 328 -15.37 94.81 11.88
CA TRP C 328 -15.64 93.39 11.67
C TRP C 328 -14.75 92.69 10.65
N ARG C 329 -14.63 91.38 10.80
CA ARG C 329 -13.82 90.55 9.90
C ARG C 329 -14.67 89.78 8.91
N ASP C 330 -14.46 90.04 7.62
CA ASP C 330 -15.25 89.34 6.60
C ASP C 330 -14.64 87.99 6.24
N MET C 331 -15.39 87.22 5.47
CA MET C 331 -14.99 85.89 5.04
C MET C 331 -13.59 85.81 4.41
N GLU C 332 -13.28 86.73 3.49
CA GLU C 332 -11.98 86.71 2.84
C GLU C 332 -10.83 86.82 3.84
N GLU C 333 -10.94 87.76 4.77
CA GLU C 333 -9.90 87.93 5.77
C GLU C 333 -9.83 86.70 6.64
N TYR C 334 -10.99 86.13 6.97
CA TYR C 334 -11.01 84.92 7.77
C TYR C 334 -10.32 83.79 7.01
N ALA C 335 -10.83 83.50 5.82
CA ALA C 335 -10.30 82.46 4.96
C ALA C 335 -8.80 82.57 4.83
N ARG C 336 -8.33 83.77 4.49
CA ARG C 336 -6.90 83.99 4.33
C ARG C 336 -6.12 83.97 5.63
N GLU C 337 -6.47 84.90 6.52
CA GLU C 337 -5.78 85.08 7.81
C GLU C 337 -5.99 84.05 8.90
N VAL C 338 -7.18 83.45 8.98
CA VAL C 338 -7.44 82.51 10.05
C VAL C 338 -7.55 81.06 9.63
N PHE C 339 -8.45 80.78 8.70
CA PHE C 339 -8.68 79.42 8.24
C PHE C 339 -7.41 78.55 8.15
N PRO C 340 -6.36 79.04 7.48
CA PRO C 340 -5.11 78.30 7.33
C PRO C 340 -4.51 77.93 8.69
N ILE C 341 -4.45 78.91 9.57
CA ILE C 341 -3.88 78.73 10.89
C ILE C 341 -4.70 77.78 11.74
N GLU C 342 -6.02 77.88 11.63
CA GLU C 342 -6.89 77.00 12.39
C GLU C 342 -6.65 75.57 11.90
N GLU C 343 -6.54 75.41 10.59
CA GLU C 343 -6.29 74.09 10.01
C GLU C 343 -4.98 73.51 10.54
N GLU C 344 -3.91 74.29 10.46
CA GLU C 344 -2.61 73.85 10.95
C GLU C 344 -2.79 73.46 12.42
N ALA C 345 -3.40 74.35 13.18
CA ALA C 345 -3.65 74.14 14.60
C ALA C 345 -4.34 72.81 14.82
N ASN C 346 -5.03 72.35 13.80
CA ASN C 346 -5.73 71.08 13.86
C ASN C 346 -4.68 70.00 13.60
N GLY C 347 -4.39 69.74 12.33
CA GLY C 347 -3.40 68.75 11.99
C GLY C 347 -3.01 68.78 10.53
N LEU C 348 -3.87 69.33 9.70
CA LEU C 348 -3.62 69.44 8.28
C LEU C 348 -2.33 70.20 8.03
N ASP C 349 -1.80 70.07 6.81
CA ASP C 349 -0.58 70.78 6.47
C ASP C 349 -0.56 71.18 4.99
N TRP C 350 -1.71 71.06 4.34
CA TRP C 350 -1.86 71.42 2.95
C TRP C 350 -1.48 72.89 2.71
N MET C 351 -0.83 73.50 3.69
CA MET C 351 -0.41 74.89 3.57
C MET C 351 1.03 75.11 4.01
N LEU C 352 1.78 74.03 4.14
CA LEU C 352 3.18 74.10 4.54
C LEU C 352 4.09 73.68 3.40
N GLN D 3 21.35 13.08 52.53
CA GLN D 3 22.63 13.78 52.82
C GLN D 3 23.66 12.87 53.49
N GLN D 4 23.32 12.32 54.64
CA GLN D 4 24.25 11.42 55.32
C GLN D 4 24.17 10.05 54.66
N LYS D 5 25.20 9.24 54.89
CA LYS D 5 25.23 7.89 54.37
C LYS D 5 24.43 7.03 55.35
N LYS D 6 23.52 6.21 54.84
CA LYS D 6 22.68 5.38 55.72
C LYS D 6 23.13 3.92 55.82
N THR D 7 22.34 3.12 56.52
CA THR D 7 22.60 1.70 56.69
C THR D 7 21.59 1.00 55.79
N ILE D 8 22.08 0.12 54.92
CA ILE D 8 21.25 -0.61 53.98
C ILE D 8 21.16 -2.09 54.29
N ALA D 9 19.94 -2.61 54.37
CA ALA D 9 19.73 -4.02 54.61
C ALA D 9 19.56 -4.67 53.23
N VAL D 10 20.23 -5.79 53.00
CA VAL D 10 20.15 -6.49 51.72
C VAL D 10 20.16 -8.00 51.95
N VAL D 11 19.47 -8.75 51.10
CA VAL D 11 19.46 -10.22 51.20
C VAL D 11 20.03 -10.75 49.91
N ASN D 12 20.38 -12.03 49.88
CA ASN D 12 20.94 -12.63 48.67
C ASN D 12 22.17 -11.82 48.26
N ALA D 13 22.92 -11.35 49.26
CA ALA D 13 24.12 -10.52 49.06
C ALA D 13 25.11 -10.95 47.97
N THR D 14 25.24 -12.25 47.73
CA THR D 14 26.16 -12.74 46.72
C THR D 14 25.56 -12.67 45.31
N GLY D 15 24.25 -12.45 45.21
CA GLY D 15 23.61 -12.35 43.92
C GLY D 15 24.13 -11.15 43.14
N ARG D 16 24.05 -11.20 41.81
CA ARG D 16 24.55 -10.10 40.99
C ARG D 16 23.97 -8.74 41.33
N GLN D 17 22.67 -8.66 41.54
CA GLN D 17 22.05 -7.40 41.86
C GLN D 17 22.59 -6.85 43.17
N ALA D 18 22.40 -7.60 44.24
CA ALA D 18 22.85 -7.19 45.55
C ALA D 18 24.35 -6.83 45.60
N ALA D 19 25.20 -7.78 45.22
CA ALA D 19 26.64 -7.54 45.25
C ALA D 19 27.01 -6.22 44.59
N SER D 20 26.38 -5.93 43.45
CA SER D 20 26.64 -4.69 42.74
C SER D 20 26.41 -3.52 43.69
N LEU D 21 25.19 -3.46 44.20
CA LEU D 21 24.81 -2.42 45.13
C LEU D 21 25.80 -2.33 46.26
N ILE D 22 25.99 -3.47 46.94
CA ILE D 22 26.88 -3.55 48.09
C ILE D 22 28.25 -2.93 47.86
N ARG D 23 28.95 -3.35 46.80
CA ARG D 23 30.27 -2.81 46.50
C ARG D 23 30.19 -1.28 46.42
N VAL D 24 29.29 -0.80 45.59
CA VAL D 24 29.06 0.62 45.40
C VAL D 24 28.64 1.32 46.72
N ALA D 25 27.66 0.76 47.40
CA ALA D 25 27.17 1.36 48.63
C ALA D 25 28.28 1.49 49.68
N ALA D 26 29.01 0.40 49.92
CA ALA D 26 30.10 0.42 50.91
C ALA D 26 31.17 1.45 50.54
N ALA D 27 31.56 1.44 49.27
CA ALA D 27 32.57 2.33 48.74
C ALA D 27 32.31 3.82 48.94
N VAL D 28 31.03 4.21 48.94
CA VAL D 28 30.71 5.60 49.12
C VAL D 28 30.47 5.98 50.58
N GLY D 29 30.48 5.00 51.46
CA GLY D 29 30.32 5.33 52.85
C GLY D 29 29.09 4.80 53.57
N HIS D 30 28.28 3.99 52.90
CA HIS D 30 27.08 3.45 53.55
C HIS D 30 27.47 2.19 54.30
N HIS D 31 26.64 1.82 55.26
CA HIS D 31 26.83 0.61 56.05
C HIS D 31 25.89 -0.43 55.46
N VAL D 32 26.34 -1.67 55.41
CA VAL D 32 25.52 -2.71 54.81
C VAL D 32 25.32 -3.93 55.68
N ARG D 33 24.07 -4.29 55.92
CA ARG D 33 23.76 -5.49 56.70
C ARG D 33 23.23 -6.44 55.64
N ALA D 34 24.02 -7.48 55.35
CA ALA D 34 23.64 -8.42 54.31
C ALA D 34 23.44 -9.86 54.75
N GLN D 35 22.48 -10.52 54.11
CA GLN D 35 22.18 -11.91 54.39
C GLN D 35 22.77 -12.75 53.28
N VAL D 36 23.47 -13.81 53.67
CA VAL D 36 24.11 -14.72 52.73
C VAL D 36 23.76 -16.14 53.13
N HIS D 37 23.54 -16.99 52.14
CA HIS D 37 23.17 -18.36 52.44
C HIS D 37 24.39 -19.13 52.94
N SER D 38 25.56 -18.80 52.41
CA SER D 38 26.81 -19.43 52.83
C SER D 38 28.00 -18.50 52.63
N LEU D 39 28.99 -18.64 53.50
CA LEU D 39 30.20 -17.81 53.41
C LEU D 39 31.21 -18.44 52.46
N LYS D 40 30.95 -19.67 52.04
CA LYS D 40 31.81 -20.36 51.10
C LYS D 40 31.50 -19.78 49.74
N GLY D 41 32.53 -19.28 49.06
CA GLY D 41 32.28 -18.72 47.75
C GLY D 41 33.14 -17.51 47.49
N LEU D 42 33.48 -17.32 46.23
CA LEU D 42 34.29 -16.20 45.80
C LEU D 42 33.68 -14.91 46.31
N ILE D 43 32.48 -14.59 45.82
CA ILE D 43 31.78 -13.38 46.18
C ILE D 43 31.60 -13.22 47.67
N ALA D 44 31.18 -14.29 48.34
CA ALA D 44 30.96 -14.23 49.78
C ALA D 44 32.21 -13.72 50.48
N GLU D 45 33.36 -14.28 50.13
CA GLU D 45 34.61 -13.85 50.73
C GLU D 45 34.91 -12.41 50.38
N GLU D 46 34.61 -12.04 49.14
CA GLU D 46 34.84 -10.67 48.69
C GLU D 46 34.09 -9.69 49.58
N LEU D 47 32.80 -9.92 49.74
CA LEU D 47 31.94 -9.06 50.55
C LEU D 47 32.30 -9.08 52.02
N GLN D 48 32.74 -10.23 52.50
CA GLN D 48 33.11 -10.34 53.90
C GLN D 48 34.29 -9.40 54.15
N ALA D 49 35.05 -9.18 53.09
CA ALA D 49 36.22 -8.32 53.13
C ALA D 49 35.84 -6.85 53.25
N ILE D 50 35.01 -6.36 52.32
CA ILE D 50 34.59 -4.96 52.31
C ILE D 50 34.29 -4.43 53.70
N PRO D 51 35.10 -3.48 54.17
CA PRO D 51 34.98 -2.86 55.49
C PRO D 51 33.64 -2.68 56.19
N ASN D 52 32.75 -1.83 55.70
CA ASN D 52 31.48 -1.60 56.38
C ASN D 52 30.32 -2.54 56.06
N VAL D 53 30.66 -3.77 55.72
CA VAL D 53 29.68 -4.80 55.38
C VAL D 53 29.65 -5.85 56.48
N THR D 54 28.44 -6.12 56.96
CA THR D 54 28.24 -7.14 57.98
C THR D 54 27.36 -8.22 57.36
N LEU D 55 27.85 -9.45 57.40
CA LEU D 55 27.13 -10.58 56.84
C LEU D 55 26.51 -11.48 57.90
N PHE D 56 25.32 -11.97 57.57
CA PHE D 56 24.56 -12.86 58.42
C PHE D 56 24.36 -14.11 57.59
N GLN D 57 24.96 -15.21 58.03
CA GLN D 57 24.85 -16.45 57.31
C GLN D 57 23.72 -17.27 57.85
N GLY D 58 22.75 -17.57 56.97
CA GLY D 58 21.59 -18.35 57.38
C GLY D 58 20.54 -18.33 56.28
N PRO D 59 19.48 -19.15 56.37
CA PRO D 59 18.42 -19.21 55.36
C PRO D 59 17.34 -18.17 55.64
N LEU D 60 16.67 -17.74 54.58
CA LEU D 60 15.60 -16.76 54.73
C LEU D 60 14.29 -17.46 55.06
N LEU D 61 14.06 -18.59 54.38
CA LEU D 61 12.83 -19.32 54.57
C LEU D 61 12.53 -19.58 56.04
N ASN D 62 11.39 -19.09 56.50
CA ASN D 62 10.97 -19.29 57.88
C ASN D 62 12.03 -18.93 58.92
N ASN D 63 12.75 -17.83 58.70
CA ASN D 63 13.76 -17.40 59.64
C ASN D 63 13.56 -15.92 59.97
N VAL D 64 12.55 -15.66 60.79
CA VAL D 64 12.21 -14.30 61.18
C VAL D 64 13.28 -13.65 62.06
N PRO D 65 13.92 -14.43 62.96
CA PRO D 65 14.97 -13.87 63.82
C PRO D 65 16.12 -13.26 62.98
N LEU D 66 16.43 -13.91 61.87
CA LEU D 66 17.47 -13.45 60.97
C LEU D 66 17.00 -12.14 60.35
N MET D 67 15.76 -12.14 59.88
CA MET D 67 15.16 -10.97 59.26
C MET D 67 15.12 -9.79 60.22
N ASP D 68 14.73 -10.05 61.46
CA ASP D 68 14.67 -8.99 62.46
C ASP D 68 16.04 -8.37 62.66
N THR D 69 17.05 -9.24 62.78
CA THR D 69 18.39 -8.74 63.00
C THR D 69 18.86 -7.92 61.80
N LEU D 70 18.58 -8.43 60.60
CA LEU D 70 18.97 -7.74 59.38
C LEU D 70 18.51 -6.28 59.38
N PHE D 71 17.25 -6.05 59.71
CA PHE D 71 16.68 -4.70 59.71
C PHE D 71 17.06 -3.77 60.86
N GLU D 72 17.69 -4.33 61.89
CA GLU D 72 18.07 -3.51 63.05
C GLU D 72 18.94 -2.34 62.62
N GLY D 73 18.48 -1.12 62.91
CA GLY D 73 19.22 0.08 62.56
C GLY D 73 19.32 0.40 61.07
N ALA D 74 18.50 -0.25 60.26
CA ALA D 74 18.52 -0.01 58.82
C ALA D 74 17.54 1.09 58.44
N HIS D 75 17.94 1.96 57.49
CA HIS D 75 17.09 3.05 57.03
C HIS D 75 16.66 2.78 55.59
N LEU D 76 17.42 1.92 54.92
CA LEU D 76 17.17 1.56 53.53
C LEU D 76 17.27 0.05 53.32
N ALA D 77 16.67 -0.44 52.25
CA ALA D 77 16.74 -1.87 51.97
C ALA D 77 16.60 -2.11 50.49
N PHE D 78 17.32 -3.10 50.00
CA PHE D 78 17.21 -3.49 48.62
C PHE D 78 16.94 -4.97 48.73
N ILE D 79 15.69 -5.36 48.46
CA ILE D 79 15.36 -6.77 48.54
C ILE D 79 15.13 -7.42 47.20
N ASN D 80 15.92 -8.45 46.93
CA ASN D 80 15.83 -9.22 45.70
C ASN D 80 16.09 -10.67 46.09
N THR D 81 15.00 -11.42 46.17
CA THR D 81 15.03 -12.85 46.54
C THR D 81 15.16 -13.81 45.36
N THR D 82 15.82 -14.94 45.61
CA THR D 82 15.99 -15.99 44.59
C THR D 82 15.12 -17.18 44.99
N SER D 83 14.72 -17.94 43.98
CA SER D 83 13.88 -19.11 44.18
C SER D 83 14.58 -20.25 44.96
N GLN D 84 15.92 -20.20 44.99
CA GLN D 84 16.73 -21.22 45.67
C GLN D 84 16.64 -21.17 47.19
N ALA D 85 16.17 -20.06 47.75
CA ALA D 85 16.06 -19.95 49.20
C ALA D 85 14.75 -20.58 49.64
N GLY D 86 13.85 -20.78 48.68
CA GLY D 86 12.55 -21.37 48.99
C GLY D 86 11.37 -20.61 48.42
N ASP D 87 10.28 -20.58 49.19
CA ASP D 87 9.03 -19.90 48.82
C ASP D 87 9.17 -18.37 48.80
N GLU D 88 9.52 -17.79 47.65
CA GLU D 88 9.70 -16.36 47.55
C GLU D 88 8.60 -15.49 48.17
N ILE D 89 7.36 -15.93 48.02
CA ILE D 89 6.23 -15.19 48.55
C ILE D 89 6.23 -15.20 50.08
N ALA D 90 6.33 -16.37 50.68
CA ALA D 90 6.37 -16.44 52.14
C ALA D 90 7.56 -15.63 52.68
N ILE D 91 8.70 -15.76 52.02
CA ILE D 91 9.92 -15.04 52.41
C ILE D 91 9.75 -13.54 52.15
N GLY D 92 9.39 -13.18 50.92
CA GLY D 92 9.17 -11.79 50.60
C GLY D 92 8.19 -11.12 51.57
N LYS D 93 7.12 -11.82 51.96
CA LYS D 93 6.15 -11.27 52.91
C LYS D 93 6.81 -11.09 54.27
N ASP D 94 7.52 -12.13 54.70
CA ASP D 94 8.23 -12.10 55.98
C ASP D 94 9.18 -10.91 56.05
N LEU D 95 9.92 -10.72 54.98
CA LEU D 95 10.87 -9.61 54.92
C LEU D 95 10.17 -8.28 55.04
N ALA D 96 9.07 -8.13 54.31
CA ALA D 96 8.31 -6.88 54.33
C ALA D 96 7.80 -6.62 55.74
N ASP D 97 7.38 -7.70 56.42
CA ASP D 97 6.87 -7.58 57.79
C ASP D 97 7.97 -7.19 58.74
N ALA D 98 9.13 -7.80 58.54
CA ALA D 98 10.28 -7.53 59.37
C ALA D 98 10.62 -6.06 59.23
N ALA D 99 10.73 -5.61 57.99
CA ALA D 99 11.06 -4.22 57.73
C ALA D 99 10.08 -3.26 58.39
N LYS D 100 8.79 -3.60 58.31
CA LYS D 100 7.74 -2.77 58.88
C LYS D 100 7.88 -2.74 60.40
N ARG D 101 8.16 -3.89 60.99
CA ARG D 101 8.35 -3.98 62.44
C ARG D 101 9.56 -3.17 62.90
N ALA D 102 10.61 -3.12 62.07
CA ALA D 102 11.81 -2.35 62.43
C ALA D 102 11.45 -0.87 62.58
N GLY D 103 10.49 -0.43 61.78
CA GLY D 103 10.05 0.94 61.85
C GLY D 103 11.04 2.01 61.42
N THR D 104 12.25 1.62 61.04
CA THR D 104 13.24 2.61 60.63
C THR D 104 13.49 2.69 59.13
N ILE D 105 12.82 1.85 58.34
CA ILE D 105 13.01 1.87 56.90
C ILE D 105 12.35 3.08 56.26
N GLN D 106 13.14 3.87 55.56
CA GLN D 106 12.65 5.07 54.88
C GLN D 106 12.39 4.77 53.42
N HIS D 107 13.16 3.85 52.85
CA HIS D 107 13.00 3.51 51.46
C HIS D 107 13.27 2.01 51.27
N TYR D 108 12.24 1.29 50.84
CA TYR D 108 12.33 -0.15 50.64
C TYR D 108 12.17 -0.51 49.17
N ILE D 109 13.29 -0.72 48.49
CA ILE D 109 13.30 -1.07 47.07
C ILE D 109 13.26 -2.59 46.89
N TYR D 110 12.19 -3.09 46.27
CA TYR D 110 12.03 -4.50 46.02
C TYR D 110 12.22 -4.77 44.55
N SER D 111 13.02 -5.79 44.22
CA SER D 111 13.27 -6.15 42.83
C SER D 111 12.10 -7.05 42.43
N SER D 112 11.25 -6.58 41.52
CA SER D 112 10.08 -7.34 41.12
C SER D 112 10.15 -7.82 39.67
N MET D 113 9.16 -8.61 39.26
CA MET D 113 9.09 -9.13 37.89
C MET D 113 7.61 -9.29 37.53
N PRO D 114 7.30 -9.22 36.22
CA PRO D 114 5.91 -9.34 35.79
C PRO D 114 5.31 -10.74 35.81
N ASP D 115 3.98 -10.76 35.89
CA ASP D 115 3.21 -12.00 35.87
C ASP D 115 2.53 -11.92 34.50
N HIS D 116 3.10 -12.62 33.53
CA HIS D 116 2.56 -12.60 32.18
C HIS D 116 1.11 -13.04 32.01
N SER D 117 0.62 -13.91 32.90
CA SER D 117 -0.74 -14.39 32.76
C SER D 117 -1.76 -13.28 32.93
N LEU D 118 -1.31 -12.14 33.44
CA LEU D 118 -2.20 -11.01 33.67
C LEU D 118 -2.41 -10.05 32.51
N TYR D 119 -1.62 -10.16 31.44
CA TYR D 119 -1.77 -9.22 30.32
C TYR D 119 -2.05 -9.89 28.99
N GLY D 120 -2.24 -11.20 29.01
CA GLY D 120 -2.51 -11.93 27.80
C GLY D 120 -2.83 -13.38 28.07
N PRO D 121 -3.08 -14.17 27.01
CA PRO D 121 -3.41 -15.61 27.05
C PRO D 121 -2.13 -16.40 27.25
N TRP D 122 -1.30 -15.91 28.16
CA TRP D 122 -0.01 -16.52 28.42
C TRP D 122 0.06 -17.21 29.78
N PRO D 123 1.18 -17.90 30.06
CA PRO D 123 1.33 -18.59 31.34
C PRO D 123 2.23 -17.79 32.27
N ALA D 124 2.04 -17.98 33.57
CA ALA D 124 2.86 -17.28 34.55
C ALA D 124 4.24 -17.93 34.57
N VAL D 125 5.28 -17.12 34.34
CA VAL D 125 6.65 -17.64 34.36
C VAL D 125 7.04 -17.84 35.85
N PRO D 126 7.20 -19.11 36.27
CA PRO D 126 7.54 -19.63 37.60
C PRO D 126 8.43 -18.80 38.53
N MET D 127 9.48 -18.20 37.99
CA MET D 127 10.39 -17.42 38.82
C MET D 127 10.20 -15.92 38.63
N TRP D 128 9.05 -15.52 38.10
CA TRP D 128 8.77 -14.12 37.90
C TRP D 128 7.44 -13.74 38.55
N ALA D 129 6.36 -14.34 38.05
CA ALA D 129 5.01 -14.08 38.55
C ALA D 129 4.87 -13.99 40.06
N PRO D 130 5.66 -14.78 40.81
CA PRO D 130 5.52 -14.69 42.27
C PRO D 130 6.04 -13.41 42.94
N LYS D 131 7.03 -12.77 42.34
CA LYS D 131 7.60 -11.53 42.89
C LYS D 131 6.55 -10.43 42.86
N PHE D 132 5.79 -10.40 41.78
CA PHE D 132 4.72 -9.41 41.60
C PHE D 132 3.74 -9.43 42.77
N THR D 133 3.45 -10.63 43.26
CA THR D 133 2.55 -10.80 44.39
C THR D 133 3.12 -10.17 45.64
N VAL D 134 4.44 -10.28 45.83
CA VAL D 134 5.09 -9.69 46.99
C VAL D 134 5.06 -8.17 46.83
N GLU D 135 5.22 -7.70 45.60
CA GLU D 135 5.17 -6.27 45.32
C GLU D 135 3.91 -5.65 45.92
N ASN D 136 2.78 -6.26 45.56
CA ASN D 136 1.46 -5.81 46.01
C ASN D 136 1.41 -5.79 47.52
N TYR D 137 1.98 -6.82 48.13
CA TYR D 137 1.99 -6.95 49.59
C TYR D 137 2.77 -5.81 50.23
N VAL D 138 3.89 -5.43 49.62
CA VAL D 138 4.67 -4.34 50.16
C VAL D 138 3.85 -3.05 50.10
N ARG D 139 3.18 -2.82 48.97
CA ARG D 139 2.32 -1.64 48.80
C ARG D 139 1.21 -1.67 49.86
N GLN D 140 0.74 -2.88 50.13
CA GLN D 140 -0.31 -3.11 51.11
C GLN D 140 0.08 -2.67 52.50
N LEU D 141 1.31 -3.01 52.90
CA LEU D 141 1.78 -2.64 54.23
C LEU D 141 2.00 -1.14 54.32
N GLY D 142 2.08 -0.48 53.17
CA GLY D 142 2.29 0.95 53.18
C GLY D 142 3.76 1.33 53.30
N LEU D 143 4.68 0.38 53.11
CA LEU D 143 6.11 0.68 53.20
C LEU D 143 6.51 1.65 52.10
N PRO D 144 7.28 2.70 52.45
CA PRO D 144 7.72 3.67 51.43
C PRO D 144 8.61 2.85 50.49
N SER D 145 8.09 2.55 49.31
CA SER D 145 8.81 1.71 48.37
C SER D 145 8.94 2.15 46.93
N THR D 146 9.71 1.37 46.19
CA THR D 146 9.98 1.58 44.78
C THR D 146 10.29 0.18 44.25
N PHE D 147 9.77 -0.15 43.08
CA PHE D 147 9.98 -1.49 42.53
C PHE D 147 10.83 -1.47 41.29
N VAL D 148 11.85 -2.32 41.27
CA VAL D 148 12.74 -2.38 40.12
C VAL D 148 12.54 -3.70 39.38
N TYR D 149 12.50 -3.58 38.06
CA TYR D 149 12.33 -4.72 37.17
C TYR D 149 13.60 -4.81 36.34
N ALA D 150 14.38 -5.85 36.61
CA ALA D 150 15.65 -6.05 35.92
C ALA D 150 15.50 -6.58 34.51
N GLY D 151 16.37 -6.16 33.60
CA GLY D 151 16.31 -6.64 32.24
C GLY D 151 17.13 -7.91 32.14
N ILE D 152 17.27 -8.46 30.95
CA ILE D 152 18.06 -9.68 30.79
C ILE D 152 19.54 -9.35 30.98
N TYR D 153 20.20 -10.04 31.91
CA TYR D 153 21.62 -9.79 32.18
C TYR D 153 22.52 -10.03 30.98
N ASN D 154 23.37 -9.07 30.62
CA ASN D 154 24.31 -9.26 29.50
C ASN D 154 25.18 -10.48 29.84
N ASN D 155 25.50 -10.64 31.11
CA ASN D 155 26.36 -11.73 31.55
C ASN D 155 25.70 -13.10 31.71
N ASN D 156 24.49 -13.25 31.21
CA ASN D 156 23.88 -14.57 31.28
C ASN D 156 24.64 -15.36 30.21
N PHE D 157 25.20 -14.61 29.27
CA PHE D 157 25.98 -15.19 28.17
C PHE D 157 27.26 -15.90 28.58
N THR D 158 27.44 -17.08 27.98
CA THR D 158 28.62 -17.90 28.21
C THR D 158 28.66 -18.94 27.09
N SER D 159 29.85 -19.37 26.71
CA SER D 159 29.97 -20.36 25.66
C SER D 159 29.76 -21.74 26.26
N LEU D 160 29.68 -21.81 27.59
CA LEU D 160 29.42 -23.08 28.29
C LEU D 160 28.01 -23.56 27.91
N PRO D 161 27.75 -24.86 28.05
CA PRO D 161 26.45 -25.49 27.72
C PRO D 161 25.29 -25.18 28.67
N TYR D 162 25.20 -23.94 29.11
CA TYR D 162 24.12 -23.53 30.00
C TYR D 162 22.97 -23.08 29.11
N PRO D 163 21.73 -23.43 29.49
CA PRO D 163 20.51 -23.10 28.76
C PRO D 163 20.15 -21.65 28.49
N LEU D 164 19.44 -21.47 27.37
CA LEU D 164 18.92 -20.19 26.91
C LEU D 164 19.91 -19.13 26.47
N PHE D 165 20.99 -18.97 27.22
CA PHE D 165 21.96 -17.94 26.85
C PHE D 165 23.37 -18.41 26.56
N GLN D 166 23.47 -19.43 25.73
CA GLN D 166 24.77 -19.94 25.38
C GLN D 166 25.30 -19.34 24.07
N MET D 167 26.27 -18.44 24.20
CA MET D 167 26.92 -17.85 23.04
C MET D 167 27.88 -18.97 22.70
N GLU D 168 27.35 -19.94 21.97
CA GLU D 168 28.09 -21.14 21.59
C GLU D 168 29.27 -20.92 20.66
N LEU D 169 30.39 -21.51 21.05
CA LEU D 169 31.63 -21.42 20.29
C LEU D 169 31.77 -22.55 19.27
N MET D 170 31.25 -22.32 18.07
CA MET D 170 31.31 -23.31 16.99
C MET D 170 32.73 -23.77 16.63
N PRO D 171 32.85 -24.75 15.71
CA PRO D 171 34.11 -25.35 15.23
C PRO D 171 35.04 -24.42 14.44
N ASP D 172 34.50 -23.80 13.39
CA ASP D 172 35.28 -22.89 12.57
C ASP D 172 35.83 -21.75 13.41
N GLY D 173 35.16 -21.46 14.52
CA GLY D 173 35.57 -20.40 15.40
C GLY D 173 34.42 -19.44 15.61
N THR D 174 33.47 -19.47 14.67
CA THR D 174 32.32 -18.59 14.75
C THR D 174 31.51 -18.95 15.98
N PHE D 175 30.72 -17.99 16.43
CA PHE D 175 29.86 -18.16 17.58
C PHE D 175 28.44 -18.19 17.10
N GLU D 176 27.62 -18.99 17.76
CA GLU D 176 26.23 -19.06 17.38
C GLU D 176 25.39 -19.15 18.63
N TRP D 177 24.29 -18.39 18.65
CA TRP D 177 23.39 -18.39 19.78
C TRP D 177 22.01 -18.84 19.32
N HIS D 178 21.52 -19.89 19.97
CA HIS D 178 20.21 -20.48 19.67
C HIS D 178 19.19 -20.16 20.77
N ALA D 179 18.07 -19.55 20.39
CA ALA D 179 17.04 -19.20 21.37
C ALA D 179 15.62 -19.13 20.79
N PRO D 180 14.60 -19.25 21.67
CA PRO D 180 13.20 -19.17 21.22
C PRO D 180 12.76 -17.74 20.90
N PHE D 181 13.55 -16.77 21.35
CA PHE D 181 13.23 -15.36 21.14
C PHE D 181 13.17 -15.03 19.64
N ASP D 182 12.13 -14.30 19.22
CA ASP D 182 12.05 -13.93 17.81
C ASP D 182 13.36 -13.16 17.58
N PRO D 183 14.06 -13.47 16.48
CA PRO D 183 15.33 -12.82 16.14
C PRO D 183 15.31 -11.32 15.91
N ASP D 184 14.16 -10.77 15.50
CA ASP D 184 14.10 -9.34 15.23
C ASP D 184 13.46 -8.46 16.30
N ILE D 185 12.73 -9.06 17.21
CA ILE D 185 12.09 -8.29 18.27
C ILE D 185 13.08 -7.95 19.39
N PRO D 186 13.14 -6.67 19.79
CA PRO D 186 14.03 -6.16 20.84
C PRO D 186 13.67 -6.67 22.23
N LEU D 187 14.70 -6.98 23.01
CA LEU D 187 14.55 -7.44 24.38
C LEU D 187 15.23 -6.44 25.30
N PRO D 188 14.74 -6.31 26.54
CA PRO D 188 15.35 -5.38 27.47
C PRO D 188 16.61 -6.00 28.08
N TRP D 189 17.76 -5.35 27.90
CA TRP D 189 19.01 -5.87 28.44
C TRP D 189 19.52 -5.03 29.59
N LEU D 190 20.30 -5.66 30.46
CA LEU D 190 20.87 -5.00 31.64
C LEU D 190 22.25 -5.60 32.03
N ASP D 191 23.18 -4.74 32.43
CA ASP D 191 24.49 -5.23 32.87
C ASP D 191 24.52 -5.17 34.39
N ALA D 192 24.01 -6.24 35.00
CA ALA D 192 23.90 -6.39 36.45
C ALA D 192 25.03 -5.89 37.33
N GLU D 193 26.25 -6.38 37.11
CA GLU D 193 27.38 -5.98 37.93
C GLU D 193 27.80 -4.53 37.75
N HIS D 194 27.82 -4.08 36.51
CA HIS D 194 28.24 -2.73 36.20
C HIS D 194 27.23 -1.67 36.52
N ASP D 195 25.94 -1.92 36.25
CA ASP D 195 24.90 -0.90 36.44
C ASP D 195 23.81 -1.00 37.50
N VAL D 196 23.65 -2.15 38.15
CA VAL D 196 22.62 -2.25 39.19
C VAL D 196 23.00 -1.39 40.41
N GLY D 197 24.26 -1.49 40.84
CA GLY D 197 24.71 -0.75 42.00
C GLY D 197 24.48 0.73 41.86
N PRO D 198 25.10 1.37 40.86
CA PRO D 198 24.97 2.81 40.63
C PRO D 198 23.52 3.30 40.52
N ALA D 199 22.68 2.55 39.80
CA ALA D 199 21.29 2.91 39.65
C ALA D 199 20.52 2.90 40.97
N LEU D 200 20.60 1.80 41.71
CA LEU D 200 19.90 1.71 42.98
C LEU D 200 20.37 2.81 43.89
N LEU D 201 21.65 3.13 43.82
CA LEU D 201 22.23 4.17 44.66
C LEU D 201 21.60 5.52 44.35
N GLN D 202 21.36 5.78 43.08
CA GLN D 202 20.74 7.01 42.66
C GLN D 202 19.31 7.07 43.12
N ILE D 203 18.59 5.95 43.07
CA ILE D 203 17.19 5.90 43.50
C ILE D 203 17.10 6.20 44.98
N PHE D 204 18.04 5.65 45.74
CA PHE D 204 18.09 5.86 47.19
C PHE D 204 18.41 7.33 47.44
N LYS D 205 19.31 7.85 46.61
CA LYS D 205 19.72 9.25 46.67
C LYS D 205 18.50 10.15 46.46
N ASP D 206 17.59 9.70 45.60
CA ASP D 206 16.37 10.44 45.27
C ASP D 206 15.37 10.35 46.41
N GLY D 207 15.25 9.16 47.00
CA GLY D 207 14.34 8.97 48.11
C GLY D 207 12.93 8.64 47.66
N PRO D 208 12.00 8.37 48.61
CA PRO D 208 10.63 8.06 48.20
C PRO D 208 9.88 9.30 47.71
N GLN D 209 10.39 10.46 48.07
CA GLN D 209 9.81 11.74 47.66
C GLN D 209 9.64 11.72 46.14
N LYS D 210 10.65 11.19 45.45
CA LYS D 210 10.62 11.09 43.99
C LYS D 210 10.15 9.76 43.47
N TRP D 211 10.42 8.69 44.21
CA TRP D 211 10.11 7.34 43.73
C TRP D 211 9.13 6.47 44.44
N ASN D 212 8.50 6.96 45.49
CA ASN D 212 7.56 6.15 46.22
C ASN D 212 6.43 5.62 45.34
N GLY D 213 6.20 4.30 45.40
CA GLY D 213 5.14 3.68 44.63
C GLY D 213 5.46 3.42 43.18
N HIS D 214 6.60 3.93 42.71
CA HIS D 214 6.97 3.75 41.32
C HIS D 214 7.63 2.43 40.94
N ARG D 215 7.40 2.07 39.67
CA ARG D 215 7.98 0.86 39.08
C ARG D 215 9.01 1.42 38.14
N ILE D 216 10.20 0.83 38.17
CA ILE D 216 11.28 1.27 37.32
C ILE D 216 11.84 0.08 36.58
N ALA D 217 12.00 0.23 35.27
CA ALA D 217 12.54 -0.82 34.46
C ALA D 217 14.07 -0.69 34.45
N LEU D 218 14.75 -1.63 35.09
CA LEU D 218 16.20 -1.58 35.13
C LEU D 218 16.78 -2.17 33.87
N THR D 219 16.69 -1.41 32.79
CA THR D 219 17.21 -1.82 31.51
C THR D 219 17.81 -0.56 30.89
N PHE D 220 18.99 -0.68 30.31
CA PHE D 220 19.63 0.48 29.74
C PHE D 220 19.79 0.45 28.23
N GLU D 221 19.24 -0.60 27.61
CA GLU D 221 19.32 -0.74 26.16
C GLU D 221 18.49 -1.93 25.72
N THR D 222 17.82 -1.80 24.58
CA THR D 222 17.02 -2.90 24.05
C THR D 222 17.60 -3.33 22.71
N LEU D 223 17.81 -4.63 22.55
CA LEU D 223 18.36 -5.19 21.32
C LEU D 223 17.59 -6.46 20.95
N SER D 224 17.52 -6.72 19.65
CA SER D 224 16.86 -7.92 19.16
C SER D 224 17.99 -8.95 19.10
N PRO D 225 17.67 -10.24 19.30
CA PRO D 225 18.68 -11.30 19.27
C PRO D 225 19.74 -11.06 18.19
N VAL D 226 19.28 -10.72 16.99
CA VAL D 226 20.15 -10.43 15.86
C VAL D 226 21.18 -9.37 16.21
N GLN D 227 20.71 -8.29 16.82
CA GLN D 227 21.58 -7.19 17.21
C GLN D 227 22.57 -7.60 18.29
N VAL D 228 22.08 -8.38 19.25
CA VAL D 228 22.93 -8.87 20.34
C VAL D 228 24.11 -9.59 19.70
N CYS D 229 23.81 -10.41 18.70
CA CYS D 229 24.86 -11.15 18.00
C CYS D 229 25.73 -10.23 17.15
N ALA D 230 25.10 -9.21 16.56
CA ALA D 230 25.82 -8.23 15.75
C ALA D 230 26.86 -7.54 16.62
N ALA D 231 26.44 -7.20 17.84
CA ALA D 231 27.30 -6.53 18.83
C ALA D 231 28.48 -7.44 19.17
N PHE D 232 28.19 -8.70 19.45
CA PHE D 232 29.25 -9.65 19.77
C PHE D 232 30.18 -9.78 18.56
N SER D 233 29.57 -9.95 17.39
CA SER D 233 30.31 -10.10 16.16
C SER D 233 31.26 -8.92 15.96
N ARG D 234 30.82 -7.73 16.35
CA ARG D 234 31.67 -6.55 16.22
C ARG D 234 32.73 -6.51 17.30
N ALA D 235 32.34 -6.82 18.53
CA ALA D 235 33.27 -6.82 19.65
C ALA D 235 34.37 -7.87 19.55
N LEU D 236 34.00 -9.09 19.18
CA LEU D 236 34.94 -10.21 19.06
C LEU D 236 35.58 -10.38 17.70
N ASN D 237 35.08 -9.66 16.70
CA ASN D 237 35.60 -9.79 15.34
C ASN D 237 35.52 -11.25 14.91
N ARG D 238 34.29 -11.75 14.85
CA ARG D 238 33.98 -13.12 14.45
C ARG D 238 32.65 -13.04 13.75
N ARG D 239 32.25 -14.15 13.16
CA ARG D 239 30.94 -14.20 12.54
C ARG D 239 30.10 -14.60 13.76
N VAL D 240 29.02 -13.87 14.04
CA VAL D 240 28.18 -14.31 15.15
C VAL D 240 26.80 -14.38 14.54
N THR D 241 26.11 -15.49 14.79
CA THR D 241 24.79 -15.68 14.18
C THR D 241 23.74 -16.16 15.18
N TYR D 242 22.54 -15.63 15.02
CA TYR D 242 21.43 -16.03 15.87
C TYR D 242 20.58 -17.07 15.19
N VAL D 243 20.09 -18.03 15.96
CA VAL D 243 19.26 -19.10 15.43
C VAL D 243 18.04 -19.30 16.31
N GLN D 244 16.86 -18.92 15.80
CA GLN D 244 15.66 -19.08 16.59
C GLN D 244 15.20 -20.53 16.60
N VAL D 245 15.17 -21.11 17.79
CA VAL D 245 14.78 -22.49 17.98
C VAL D 245 13.46 -22.53 18.75
N PRO D 246 12.55 -23.45 18.40
CA PRO D 246 11.27 -23.54 19.08
C PRO D 246 11.37 -23.89 20.56
N LYS D 247 12.36 -24.69 20.92
CA LYS D 247 12.55 -25.08 22.31
C LYS D 247 13.93 -24.74 22.86
N VAL D 248 13.99 -24.51 24.16
CA VAL D 248 15.24 -24.18 24.83
C VAL D 248 16.09 -25.43 24.87
N GLU D 249 17.23 -25.40 24.18
CA GLU D 249 18.12 -26.55 24.16
C GLU D 249 18.81 -26.71 25.50
N ILE D 250 18.39 -27.74 26.21
CA ILE D 250 18.94 -28.04 27.51
C ILE D 250 19.99 -29.13 27.27
N LYS D 251 21.25 -28.72 27.17
CA LYS D 251 22.37 -29.63 26.93
C LYS D 251 22.97 -30.10 28.23
N VAL D 252 22.27 -29.87 29.33
CA VAL D 252 22.77 -30.30 30.63
C VAL D 252 21.65 -30.70 31.54
N ASN D 253 22.02 -31.31 32.65
CA ASN D 253 21.06 -31.74 33.65
C ASN D 253 20.73 -30.59 34.57
N ILE D 254 19.54 -30.04 34.40
CA ILE D 254 19.09 -28.93 35.21
C ILE D 254 17.89 -29.35 36.05
N PRO D 255 17.78 -28.77 37.26
CA PRO D 255 16.64 -29.14 38.09
C PRO D 255 15.33 -28.73 37.44
N VAL D 256 14.30 -29.52 37.71
CA VAL D 256 12.95 -29.33 37.21
C VAL D 256 12.49 -27.88 37.27
N GLY D 257 12.57 -27.28 38.46
CA GLY D 257 12.18 -25.89 38.62
C GLY D 257 12.65 -25.02 37.47
N TYR D 258 13.93 -25.10 37.17
CA TYR D 258 14.50 -24.32 36.08
C TYR D 258 13.95 -24.84 34.76
N ARG D 259 13.77 -26.16 34.67
CA ARG D 259 13.24 -26.70 33.43
C ARG D 259 11.86 -26.12 33.21
N GLU D 260 11.06 -26.06 34.28
CA GLU D 260 9.71 -25.51 34.18
C GLU D 260 9.79 -24.03 33.79
N GLN D 261 10.72 -23.32 34.41
CA GLN D 261 10.91 -21.91 34.13
C GLN D 261 11.19 -21.70 32.65
N LEU D 262 12.06 -22.55 32.10
CA LEU D 262 12.42 -22.44 30.69
C LEU D 262 11.27 -22.84 29.79
N GLU D 263 10.51 -23.85 30.21
CA GLU D 263 9.38 -24.30 29.41
C GLU D 263 8.41 -23.14 29.23
N ALA D 264 8.19 -22.40 30.31
CA ALA D 264 7.29 -21.25 30.29
C ALA D 264 7.82 -20.23 29.30
N ILE D 265 9.11 -19.95 29.40
CA ILE D 265 9.74 -18.99 28.52
C ILE D 265 9.56 -19.38 27.07
N GLU D 266 9.63 -20.68 26.78
CA GLU D 266 9.44 -21.17 25.42
C GLU D 266 8.08 -20.75 24.90
N VAL D 267 7.06 -20.94 25.72
CA VAL D 267 5.69 -20.58 25.35
C VAL D 267 5.49 -19.08 25.21
N VAL D 268 5.83 -18.32 26.26
CA VAL D 268 5.66 -16.86 26.27
C VAL D 268 6.42 -16.09 25.20
N PHE D 269 7.70 -16.37 25.03
CA PHE D 269 8.51 -15.64 24.04
C PHE D 269 8.66 -16.34 22.71
N GLY D 270 8.64 -17.68 22.74
CA GLY D 270 8.75 -18.43 21.52
C GLY D 270 7.43 -18.59 20.78
N GLU D 271 6.36 -18.90 21.52
CA GLU D 271 5.05 -19.13 20.93
C GLU D 271 4.12 -17.92 20.80
N HIS D 272 4.05 -17.10 21.84
CA HIS D 272 3.17 -15.94 21.81
C HIS D 272 3.87 -14.61 21.49
N LYS D 273 5.19 -14.68 21.35
CA LYS D 273 5.98 -13.50 21.02
C LYS D 273 5.73 -12.34 21.97
N ALA D 274 5.33 -12.63 23.22
CA ALA D 274 5.06 -11.56 24.18
C ALA D 274 6.30 -10.78 24.60
N PRO D 275 6.11 -9.57 25.14
CA PRO D 275 7.24 -8.75 25.58
C PRO D 275 7.77 -9.24 26.92
N TYR D 276 9.05 -8.99 27.17
CA TYR D 276 9.67 -9.39 28.43
C TYR D 276 8.96 -8.59 29.51
N PHE D 277 8.66 -7.32 29.21
CA PHE D 277 7.97 -6.41 30.11
C PHE D 277 6.54 -6.20 29.61
N PRO D 278 5.64 -7.18 29.83
CA PRO D 278 4.24 -7.18 29.42
C PRO D 278 3.32 -6.12 30.08
N LEU D 279 3.88 -5.27 30.92
CA LEU D 279 3.09 -4.24 31.60
C LEU D 279 2.73 -3.11 30.65
N PRO D 280 1.53 -2.53 30.83
CA PRO D 280 1.07 -1.42 29.99
C PRO D 280 2.05 -0.28 30.15
N GLU D 281 2.36 0.06 31.39
CA GLU D 281 3.29 1.15 31.64
C GLU D 281 4.61 0.96 30.88
N PHE D 282 4.88 -0.28 30.49
CA PHE D 282 6.09 -0.65 29.79
C PHE D 282 5.81 -0.87 28.28
N SER D 283 5.88 0.21 27.51
CA SER D 283 5.65 0.18 26.06
C SER D 283 6.30 1.39 25.29
N ARG D 284 5.84 1.61 24.05
CA ARG D 284 6.32 2.68 23.15
C ARG D 284 7.83 2.67 23.42
N ARG D 316 10.83 5.31 25.03
CA ARG D 316 11.07 3.87 25.10
C ARG D 316 10.97 3.44 26.57
N VAL D 317 11.74 2.43 26.95
CA VAL D 317 11.71 1.95 28.34
C VAL D 317 13.03 2.17 29.05
N THR D 318 14.08 2.41 28.27
CA THR D 318 15.40 2.63 28.83
C THR D 318 15.53 4.07 29.39
N ASP D 319 14.47 4.84 29.19
CA ASP D 319 14.44 6.23 29.62
C ASP D 319 14.76 6.49 31.09
N GLU D 320 13.84 6.11 31.98
CA GLU D 320 14.06 6.32 33.41
C GLU D 320 15.40 5.76 33.88
N ALA D 321 15.72 4.55 33.46
CA ALA D 321 16.98 3.94 33.85
C ALA D 321 18.15 4.85 33.47
N ARG D 322 18.24 5.20 32.19
CA ARG D 322 19.34 6.03 31.69
C ARG D 322 19.48 7.37 32.40
N LYS D 323 18.35 7.90 32.89
CA LYS D 323 18.34 9.17 33.60
C LYS D 323 18.93 9.01 35.02
N LEU D 324 18.72 7.84 35.63
CA LEU D 324 19.24 7.56 36.98
C LEU D 324 20.74 7.24 36.98
N TRP D 325 21.18 6.57 35.93
CA TRP D 325 22.58 6.18 35.79
C TRP D 325 22.87 6.28 34.29
N SER D 326 23.76 7.20 33.94
CA SER D 326 24.11 7.43 32.56
C SER D 326 25.48 6.85 32.20
N GLY D 327 26.08 6.12 33.13
CA GLY D 327 27.38 5.51 32.86
C GLY D 327 27.22 4.01 32.64
N TRP D 328 26.10 3.61 32.05
CA TRP D 328 25.81 2.20 31.78
C TRP D 328 26.73 1.51 30.79
N ARG D 329 26.80 0.19 30.89
CA ARG D 329 27.63 -0.63 30.00
C ARG D 329 26.75 -1.36 29.00
N ASP D 330 26.99 -1.14 27.71
CA ASP D 330 26.22 -1.75 26.64
C ASP D 330 26.80 -3.12 26.30
N MET D 331 26.07 -3.86 25.47
CA MET D 331 26.47 -5.18 25.03
C MET D 331 27.86 -5.25 24.40
N GLU D 332 28.15 -4.34 23.48
CA GLU D 332 29.47 -4.37 22.84
C GLU D 332 30.61 -4.24 23.85
N GLU D 333 30.47 -3.33 24.82
CA GLU D 333 31.52 -3.18 25.82
C GLU D 333 31.61 -4.45 26.64
N TYR D 334 30.44 -5.01 26.96
CA TYR D 334 30.42 -6.23 27.74
C TYR D 334 31.13 -7.31 26.95
N ALA D 335 30.59 -7.60 25.76
CA ALA D 335 31.11 -8.64 24.88
C ALA D 335 32.61 -8.54 24.71
N ARG D 336 33.05 -7.33 24.44
CA ARG D 336 34.44 -6.98 24.23
C ARG D 336 35.27 -7.08 25.50
N GLU D 337 34.97 -6.20 26.45
CA GLU D 337 35.71 -6.09 27.69
C GLU D 337 35.48 -7.14 28.78
N VAL D 338 34.28 -7.71 28.86
CA VAL D 338 34.02 -8.67 29.92
C VAL D 338 33.88 -10.13 29.50
N PHE D 339 33.00 -10.38 28.55
CA PHE D 339 32.76 -11.74 28.08
C PHE D 339 34.04 -12.59 27.99
N PRO D 340 35.06 -12.10 27.27
CA PRO D 340 36.32 -12.82 27.13
C PRO D 340 36.92 -13.23 28.47
N ILE D 341 37.00 -12.26 29.37
CA ILE D 341 37.58 -12.51 30.66
C ILE D 341 36.76 -13.48 31.50
N GLU D 342 35.44 -13.40 31.38
CA GLU D 342 34.59 -14.32 32.13
C GLU D 342 34.84 -15.72 31.59
N GLU D 343 34.79 -15.86 30.27
CA GLU D 343 35.03 -17.15 29.64
C GLU D 343 36.33 -17.74 30.16
N GLU D 344 37.38 -16.97 29.96
CA GLU D 344 38.71 -17.34 30.38
C GLU D 344 38.76 -17.77 31.85
N ALA D 345 38.00 -17.10 32.70
CA ALA D 345 37.99 -17.43 34.12
C ALA D 345 37.25 -18.74 34.36
N ASN D 346 36.55 -19.20 33.33
CA ASN D 346 35.79 -20.44 33.39
C ASN D 346 36.55 -21.55 32.67
N GLY D 347 37.88 -21.46 32.69
CA GLY D 347 38.72 -22.48 32.06
C GLY D 347 38.71 -22.57 30.54
N LEU D 348 38.28 -21.51 29.86
CA LEU D 348 38.26 -21.49 28.39
C LEU D 348 39.50 -20.75 27.90
N ASP D 349 39.76 -20.77 26.59
CA ASP D 349 40.94 -20.11 26.03
C ASP D 349 40.85 -19.67 24.57
N TRP D 350 39.70 -19.86 23.94
CA TRP D 350 39.53 -19.46 22.54
C TRP D 350 40.06 -18.05 22.27
N MET D 351 40.14 -17.22 23.30
CA MET D 351 40.60 -15.86 23.14
C MET D 351 42.12 -15.71 23.15
N LEU D 352 42.80 -16.71 23.69
CA LEU D 352 44.26 -16.68 23.76
C LEU D 352 44.91 -16.98 22.41
N GLN E 3 -17.84 31.51 -33.32
CA GLN E 3 -18.17 31.72 -34.77
C GLN E 3 -16.95 32.18 -35.58
N GLN E 4 -16.53 33.41 -35.33
CA GLN E 4 -15.37 33.97 -36.02
C GLN E 4 -14.07 33.26 -35.68
N LYS E 5 -13.19 33.17 -36.67
CA LYS E 5 -11.87 32.57 -36.48
C LYS E 5 -11.07 33.72 -35.85
N LYS E 6 -10.45 33.46 -34.71
CA LYS E 6 -9.70 34.48 -34.02
C LYS E 6 -8.19 34.34 -34.14
N THR E 7 -7.47 35.19 -33.42
CA THR E 7 -6.02 35.15 -33.44
C THR E 7 -5.59 34.45 -32.18
N ILE E 8 -4.72 33.46 -32.32
CA ILE E 8 -4.25 32.73 -31.15
C ILE E 8 -2.76 32.92 -30.90
N ALA E 9 -2.45 33.21 -29.65
CA ALA E 9 -1.06 33.39 -29.23
C ALA E 9 -0.61 32.06 -28.66
N VAL E 10 0.59 31.60 -29.03
CA VAL E 10 1.13 30.35 -28.51
C VAL E 10 2.63 30.45 -28.35
N VAL E 11 3.18 29.71 -27.40
CA VAL E 11 4.62 29.70 -27.20
C VAL E 11 5.09 28.26 -27.35
N ASN E 12 6.40 28.07 -27.47
CA ASN E 12 6.94 26.71 -27.61
C ASN E 12 6.28 26.10 -28.87
N ALA E 13 6.08 26.93 -29.89
CA ALA E 13 5.42 26.51 -31.12
C ALA E 13 5.86 25.18 -31.72
N THR E 14 7.14 24.86 -31.63
CA THR E 14 7.65 23.62 -32.18
C THR E 14 7.37 22.40 -31.28
N GLY E 15 6.85 22.63 -30.09
CA GLY E 15 6.55 21.52 -29.21
C GLY E 15 5.35 20.76 -29.75
N ARG E 16 5.26 19.47 -29.43
CA ARG E 16 4.16 18.63 -29.91
C ARG E 16 2.76 19.14 -29.64
N GLN E 17 2.51 19.71 -28.46
CA GLN E 17 1.18 20.23 -28.19
C GLN E 17 0.93 21.40 -29.11
N ALA E 18 1.71 22.47 -28.94
CA ALA E 18 1.58 23.68 -29.75
C ALA E 18 1.44 23.40 -31.24
N ALA E 19 2.46 22.75 -31.79
CA ALA E 19 2.49 22.43 -33.20
C ALA E 19 1.16 21.86 -33.65
N SER E 20 0.66 20.89 -32.89
CA SER E 20 -0.61 20.25 -33.26
C SER E 20 -1.72 21.29 -33.40
N LEU E 21 -1.87 22.12 -32.38
CA LEU E 21 -2.88 23.16 -32.39
C LEU E 21 -2.67 24.04 -33.62
N ILE E 22 -1.45 24.59 -33.71
CA ILE E 22 -1.10 25.50 -34.80
C ILE E 22 -1.48 25.00 -36.18
N ARG E 23 -1.13 23.74 -36.49
CA ARG E 23 -1.45 23.14 -37.77
C ARG E 23 -2.95 23.19 -38.02
N VAL E 24 -3.70 22.71 -37.03
CA VAL E 24 -5.15 22.66 -37.12
C VAL E 24 -5.78 24.06 -37.08
N ALA E 25 -5.32 24.91 -36.17
CA ALA E 25 -5.86 26.26 -36.07
C ALA E 25 -5.67 27.03 -37.37
N ALA E 26 -4.48 27.00 -37.93
CA ALA E 26 -4.22 27.74 -39.17
C ALA E 26 -5.12 27.22 -40.28
N ALA E 27 -5.12 25.92 -40.46
CA ALA E 27 -5.91 25.25 -41.46
C ALA E 27 -7.39 25.64 -41.49
N VAL E 28 -8.00 25.86 -40.32
CA VAL E 28 -9.41 26.22 -40.30
C VAL E 28 -9.66 27.72 -40.43
N GLY E 29 -8.59 28.51 -40.53
CA GLY E 29 -8.79 29.93 -40.68
C GLY E 29 -8.38 30.86 -39.56
N HIS E 30 -7.78 30.33 -38.50
CA HIS E 30 -7.36 31.17 -37.39
C HIS E 30 -5.99 31.74 -37.69
N HIS E 31 -5.66 32.86 -37.05
CA HIS E 31 -4.35 33.47 -37.21
C HIS E 31 -3.55 33.11 -35.97
N VAL E 32 -2.28 32.80 -36.17
CA VAL E 32 -1.45 32.38 -35.07
C VAL E 32 -0.17 33.15 -34.87
N ARG E 33 0.01 33.69 -33.66
CA ARG E 33 1.24 34.41 -33.30
C ARG E 33 1.97 33.39 -32.43
N ALA E 34 3.11 32.91 -32.89
CA ALA E 34 3.86 31.89 -32.17
C ALA E 34 5.28 32.29 -31.78
N GLN E 35 5.72 31.79 -30.64
CA GLN E 35 7.07 32.07 -30.16
C GLN E 35 7.86 30.79 -30.39
N VAL E 36 9.06 30.93 -30.92
CA VAL E 36 9.95 29.80 -31.19
C VAL E 36 11.31 30.14 -30.64
N HIS E 37 12.03 29.18 -30.08
CA HIS E 37 13.36 29.48 -29.56
C HIS E 37 14.32 29.63 -30.71
N SER E 38 14.11 28.87 -31.78
CA SER E 38 14.96 28.95 -32.95
C SER E 38 14.23 28.54 -34.23
N LEU E 39 14.63 29.15 -35.33
CA LEU E 39 14.03 28.87 -36.64
C LEU E 39 14.73 27.70 -37.34
N LYS E 40 15.76 27.18 -36.70
CA LYS E 40 16.48 26.06 -37.24
C LYS E 40 15.74 24.84 -36.74
N GLY E 41 15.30 23.99 -37.66
CA GLY E 41 14.60 22.80 -37.24
C GLY E 41 13.52 22.43 -38.23
N LEU E 42 13.22 21.15 -38.32
CA LEU E 42 12.19 20.65 -39.21
C LEU E 42 10.86 21.35 -38.96
N ILE E 43 10.37 21.21 -37.73
CA ILE E 43 9.09 21.78 -37.32
C ILE E 43 9.06 23.29 -37.50
N ALA E 44 10.12 23.96 -37.08
CA ALA E 44 10.21 25.40 -37.20
C ALA E 44 9.94 25.82 -38.64
N GLU E 45 10.67 25.21 -39.56
CA GLU E 45 10.50 25.54 -40.97
C GLU E 45 9.08 25.23 -41.41
N GLU E 46 8.56 24.10 -40.97
CA GLU E 46 7.19 23.69 -41.29
C GLU E 46 6.22 24.83 -40.97
N LEU E 47 6.14 25.18 -39.69
CA LEU E 47 5.24 26.23 -39.20
C LEU E 47 5.52 27.54 -39.89
N GLN E 48 6.79 27.78 -40.18
CA GLN E 48 7.17 29.03 -40.82
C GLN E 48 6.48 29.10 -42.20
N ALA E 49 6.30 27.96 -42.83
CA ALA E 49 5.67 27.87 -44.14
C ALA E 49 4.16 28.08 -44.11
N ILE E 50 3.50 27.54 -43.10
CA ILE E 50 2.05 27.68 -42.99
C ILE E 50 1.72 29.16 -43.17
N PRO E 51 0.73 29.47 -44.01
CA PRO E 51 0.31 30.86 -44.27
C PRO E 51 -0.03 31.86 -43.17
N ASN E 52 -1.05 31.59 -42.36
CA ASN E 52 -1.43 32.56 -41.33
C ASN E 52 -0.72 32.45 -39.99
N VAL E 53 0.53 31.99 -40.02
CA VAL E 53 1.31 31.82 -38.82
C VAL E 53 2.48 32.77 -38.83
N THR E 54 2.61 33.54 -37.74
CA THR E 54 3.71 34.47 -37.60
C THR E 54 4.56 34.02 -36.43
N LEU E 55 5.85 33.89 -36.69
CA LEU E 55 6.78 33.42 -35.67
C LEU E 55 7.60 34.57 -35.11
N PHE E 56 8.00 34.41 -33.86
CA PHE E 56 8.82 35.37 -33.15
C PHE E 56 9.92 34.55 -32.52
N GLN E 57 11.14 34.70 -33.04
CA GLN E 57 12.30 33.96 -32.56
C GLN E 57 12.98 34.67 -31.42
N GLY E 58 12.93 34.06 -30.25
CA GLY E 58 13.56 34.66 -29.09
C GLY E 58 13.23 33.85 -27.85
N PRO E 59 13.96 34.08 -26.74
CA PRO E 59 13.73 33.37 -25.48
C PRO E 59 12.52 33.93 -24.71
N LEU E 60 11.93 33.11 -23.86
CA LEU E 60 10.82 33.56 -23.07
C LEU E 60 11.32 34.09 -21.74
N LEU E 61 12.39 33.48 -21.24
CA LEU E 61 12.97 33.86 -19.96
C LEU E 61 13.42 35.31 -19.95
N ASN E 62 12.81 36.08 -19.06
CA ASN E 62 13.12 37.49 -18.89
C ASN E 62 13.10 38.23 -20.22
N ASN E 63 11.99 38.16 -20.94
CA ASN E 63 11.88 38.84 -22.22
C ASN E 63 10.45 39.30 -22.50
N VAL E 64 9.92 40.11 -21.59
CA VAL E 64 8.56 40.62 -21.73
C VAL E 64 8.29 41.34 -23.03
N PRO E 65 9.33 41.94 -23.65
CA PRO E 65 9.02 42.62 -24.92
C PRO E 65 8.44 41.59 -25.91
N LEU E 66 9.04 40.40 -25.95
CA LEU E 66 8.56 39.37 -26.84
C LEU E 66 7.11 39.00 -26.45
N MET E 67 6.88 38.81 -25.15
CA MET E 67 5.56 38.45 -24.65
C MET E 67 4.50 39.47 -25.03
N ASP E 68 4.83 40.75 -24.86
CA ASP E 68 3.89 41.82 -25.20
C ASP E 68 3.53 41.76 -26.67
N THR E 69 4.53 41.56 -27.50
CA THR E 69 4.26 41.50 -28.92
C THR E 69 3.37 40.30 -29.20
N LEU E 70 3.74 39.15 -28.65
CA LEU E 70 2.97 37.94 -28.87
C LEU E 70 1.46 38.15 -28.68
N PHE E 71 1.08 38.75 -27.56
CA PHE E 71 -0.34 38.96 -27.26
C PHE E 71 -1.04 40.11 -28.01
N GLU E 72 -0.31 40.92 -28.76
CA GLU E 72 -0.95 42.00 -29.47
C GLU E 72 -1.97 41.49 -30.47
N GLY E 73 -3.22 41.92 -30.30
CA GLY E 73 -4.30 41.53 -31.18
C GLY E 73 -4.80 40.12 -30.99
N ALA E 74 -4.34 39.45 -29.94
CA ALA E 74 -4.74 38.06 -29.68
C ALA E 74 -6.03 37.97 -28.85
N HIS E 75 -6.89 37.03 -29.20
CA HIS E 75 -8.14 36.83 -28.49
C HIS E 75 -8.10 35.52 -27.72
N LEU E 76 -7.20 34.64 -28.12
CA LEU E 76 -7.04 33.34 -27.49
C LEU E 76 -5.58 33.06 -27.24
N ALA E 77 -5.30 32.04 -26.46
CA ALA E 77 -3.95 31.65 -26.13
C ALA E 77 -3.89 30.21 -25.65
N PHE E 78 -2.87 29.51 -26.11
CA PHE E 78 -2.62 28.17 -25.64
C PHE E 78 -1.19 28.21 -25.15
N ILE E 79 -1.02 28.24 -23.83
CA ILE E 79 0.29 28.33 -23.27
C ILE E 79 0.79 27.05 -22.63
N ASN E 80 1.91 26.57 -23.16
CA ASN E 80 2.54 25.37 -22.66
C ASN E 80 4.05 25.53 -22.68
N THR E 81 4.63 25.79 -21.52
CA THR E 81 6.07 25.97 -21.40
C THR E 81 6.80 24.65 -21.24
N THR E 82 8.13 24.70 -21.34
CA THR E 82 8.96 23.51 -21.19
C THR E 82 10.20 23.92 -20.37
N SER E 83 10.61 23.04 -19.45
CA SER E 83 11.74 23.33 -18.57
C SER E 83 12.96 23.78 -19.36
N GLN E 84 13.12 23.24 -20.55
CA GLN E 84 14.23 23.59 -21.40
C GLN E 84 14.35 25.10 -21.61
N ALA E 85 13.27 25.85 -21.37
CA ALA E 85 13.25 27.30 -21.54
C ALA E 85 13.84 28.04 -20.33
N GLY E 86 13.66 27.47 -19.14
CA GLY E 86 14.18 28.09 -17.95
C GLY E 86 13.20 27.95 -16.80
N ASP E 87 13.20 28.92 -15.91
CA ASP E 87 12.28 28.88 -14.77
C ASP E 87 10.87 28.94 -15.34
N GLU E 88 10.17 27.80 -15.36
CA GLU E 88 8.81 27.76 -15.91
C GLU E 88 7.79 28.60 -15.13
N ILE E 89 8.11 28.94 -13.89
CA ILE E 89 7.21 29.74 -13.06
C ILE E 89 7.35 31.23 -13.35
N ALA E 90 8.58 31.69 -13.57
CA ALA E 90 8.80 33.11 -13.87
C ALA E 90 8.29 33.40 -15.28
N ILE E 91 8.54 32.46 -16.17
CA ILE E 91 8.09 32.60 -17.55
C ILE E 91 6.57 32.50 -17.60
N GLY E 92 6.02 31.57 -16.83
CA GLY E 92 4.58 31.35 -16.77
C GLY E 92 3.78 32.49 -16.14
N LYS E 93 4.40 33.20 -15.20
CA LYS E 93 3.74 34.32 -14.57
C LYS E 93 3.84 35.53 -15.48
N ASP E 94 5.01 35.72 -16.09
CA ASP E 94 5.21 36.84 -17.01
C ASP E 94 4.22 36.77 -18.19
N LEU E 95 4.03 35.57 -18.71
CA LEU E 95 3.11 35.38 -19.82
C LEU E 95 1.71 35.77 -19.38
N ALA E 96 1.29 35.23 -18.24
CA ALA E 96 -0.04 35.51 -17.70
C ALA E 96 -0.24 37.02 -17.50
N ASP E 97 0.84 37.71 -17.13
CA ASP E 97 0.82 39.16 -16.92
C ASP E 97 0.66 39.84 -18.28
N ALA E 98 1.44 39.38 -19.25
CA ALA E 98 1.42 39.92 -20.59
C ALA E 98 0.01 39.83 -21.11
N ALA E 99 -0.55 38.64 -21.07
CA ALA E 99 -1.90 38.40 -21.55
C ALA E 99 -2.87 39.38 -20.92
N LYS E 100 -2.78 39.51 -19.60
CA LYS E 100 -3.68 40.40 -18.88
C LYS E 100 -3.55 41.83 -19.37
N ARG E 101 -2.31 42.29 -19.50
CA ARG E 101 -2.05 43.66 -19.98
C ARG E 101 -2.54 43.87 -21.41
N ALA E 102 -2.60 42.79 -22.20
CA ALA E 102 -3.08 42.90 -23.58
C ALA E 102 -4.56 43.28 -23.50
N GLY E 103 -5.25 42.72 -22.52
CA GLY E 103 -6.66 42.99 -22.34
C GLY E 103 -7.58 42.45 -23.40
N THR E 104 -7.06 41.76 -24.40
CA THR E 104 -7.88 41.23 -25.46
C THR E 104 -8.20 39.73 -25.36
N ILE E 105 -7.50 39.01 -24.47
CA ILE E 105 -7.68 37.58 -24.32
C ILE E 105 -9.01 37.15 -23.72
N GLN E 106 -9.76 36.38 -24.49
CA GLN E 106 -11.07 35.91 -24.07
C GLN E 106 -10.99 34.49 -23.51
N HIS E 107 -9.98 33.74 -23.92
CA HIS E 107 -9.85 32.39 -23.40
C HIS E 107 -8.37 32.04 -23.38
N TYR E 108 -7.88 31.83 -22.17
CA TYR E 108 -6.48 31.52 -21.94
C TYR E 108 -6.31 30.08 -21.44
N ILE E 109 -5.95 29.16 -22.35
CA ILE E 109 -5.76 27.77 -21.96
C ILE E 109 -4.29 27.51 -21.62
N TYR E 110 -4.05 27.08 -20.39
CA TYR E 110 -2.70 26.79 -19.93
C TYR E 110 -2.55 25.28 -19.71
N SER E 111 -1.51 24.70 -20.29
CA SER E 111 -1.28 23.27 -20.13
C SER E 111 -0.62 23.09 -18.78
N SER E 112 -1.30 22.43 -17.85
CA SER E 112 -0.76 22.23 -16.51
C SER E 112 -0.52 20.74 -16.17
N MET E 113 -0.04 20.51 -14.96
CA MET E 113 0.31 19.17 -14.50
C MET E 113 0.23 19.12 -12.96
N PRO E 114 0.26 17.91 -12.39
CA PRO E 114 0.19 17.69 -10.94
C PRO E 114 1.46 17.98 -10.14
N ASP E 115 1.24 18.30 -8.86
CA ASP E 115 2.32 18.53 -7.91
C ASP E 115 2.03 17.41 -6.92
N HIS E 116 2.43 16.20 -7.28
CA HIS E 116 2.17 15.01 -6.44
C HIS E 116 2.38 15.13 -4.95
N SER E 117 3.24 16.05 -4.51
CA SER E 117 3.49 16.17 -3.07
C SER E 117 2.27 16.60 -2.26
N LEU E 118 1.29 17.23 -2.91
CA LEU E 118 0.07 17.69 -2.24
C LEU E 118 -1.08 16.71 -2.37
N TYR E 119 -0.78 15.43 -2.47
CA TYR E 119 -1.82 14.41 -2.64
C TYR E 119 -1.45 13.16 -1.85
N GLY E 120 -0.19 13.10 -1.42
CA GLY E 120 0.27 11.95 -0.67
C GLY E 120 1.72 12.13 -0.27
N PRO E 121 2.31 11.14 0.41
CA PRO E 121 3.71 11.16 0.87
C PRO E 121 4.68 10.93 -0.28
N TRP E 122 4.42 11.61 -1.39
CA TRP E 122 5.24 11.45 -2.55
C TRP E 122 5.96 12.71 -2.88
N PRO E 123 6.98 12.62 -3.74
CA PRO E 123 7.70 13.82 -4.10
C PRO E 123 7.02 14.56 -5.25
N ALA E 124 7.26 15.87 -5.29
CA ALA E 124 6.74 16.70 -6.35
C ALA E 124 7.62 16.36 -7.56
N VAL E 125 7.00 15.91 -8.66
CA VAL E 125 7.78 15.59 -9.85
C VAL E 125 8.18 16.93 -10.50
N PRO E 126 9.50 17.24 -10.49
CA PRO E 126 10.24 18.42 -10.97
C PRO E 126 9.82 19.20 -12.24
N MET E 127 9.40 18.50 -13.29
CA MET E 127 8.99 19.16 -14.51
C MET E 127 7.46 19.13 -14.62
N TRP E 128 6.80 18.74 -13.54
CA TRP E 128 5.35 18.71 -13.53
C TRP E 128 4.78 19.72 -12.52
N ALA E 129 5.07 19.51 -11.24
CA ALA E 129 4.58 20.37 -10.17
C ALA E 129 4.65 21.88 -10.41
N PRO E 130 5.80 22.41 -10.89
CA PRO E 130 5.92 23.86 -11.16
C PRO E 130 4.77 24.49 -11.90
N LYS E 131 4.23 23.78 -12.89
CA LYS E 131 3.12 24.26 -13.69
C LYS E 131 1.86 24.56 -12.87
N PHE E 132 1.59 23.70 -11.90
CA PHE E 132 0.42 23.85 -11.03
C PHE E 132 0.44 25.21 -10.34
N THR E 133 1.65 25.66 -10.02
CA THR E 133 1.85 26.96 -9.37
C THR E 133 1.40 28.08 -10.31
N VAL E 134 1.78 27.96 -11.58
CA VAL E 134 1.41 28.93 -12.61
C VAL E 134 -0.10 28.90 -12.80
N GLU E 135 -0.66 27.70 -12.76
CA GLU E 135 -2.10 27.55 -12.91
C GLU E 135 -2.87 28.42 -11.92
N ASN E 136 -2.48 28.34 -10.64
CA ASN E 136 -3.14 29.10 -9.58
C ASN E 136 -2.94 30.58 -9.77
N TYR E 137 -1.79 30.95 -10.35
CA TYR E 137 -1.50 32.34 -10.61
C TYR E 137 -2.43 32.88 -11.69
N VAL E 138 -2.66 32.08 -12.73
CA VAL E 138 -3.57 32.50 -13.80
C VAL E 138 -4.97 32.72 -13.22
N ARG E 139 -5.43 31.80 -12.37
CA ARG E 139 -6.75 31.90 -11.72
C ARG E 139 -6.79 33.17 -10.86
N GLN E 140 -5.63 33.47 -10.27
CA GLN E 140 -5.45 34.62 -9.41
C GLN E 140 -5.65 35.93 -10.17
N LEU E 141 -5.10 36.03 -11.39
CA LEU E 141 -5.25 37.24 -12.19
C LEU E 141 -6.65 37.36 -12.76
N GLY E 142 -7.44 36.32 -12.58
CA GLY E 142 -8.80 36.34 -13.07
C GLY E 142 -8.92 36.20 -14.57
N LEU E 143 -7.89 35.67 -15.23
CA LEU E 143 -7.92 35.48 -16.69
C LEU E 143 -8.91 34.38 -17.07
N PRO E 144 -9.84 34.67 -18.00
CA PRO E 144 -10.82 33.63 -18.42
C PRO E 144 -9.98 32.44 -18.91
N SER E 145 -9.90 31.40 -18.08
CA SER E 145 -9.06 30.26 -18.45
C SER E 145 -9.62 28.85 -18.30
N THR E 146 -8.85 27.90 -18.83
CA THR E 146 -9.13 26.47 -18.74
C THR E 146 -7.75 25.81 -18.69
N PHE E 147 -7.63 24.73 -17.91
CA PHE E 147 -6.36 24.05 -17.77
C PHE E 147 -6.34 22.59 -18.21
N VAL E 148 -5.56 22.30 -19.25
CA VAL E 148 -5.48 20.93 -19.76
C VAL E 148 -4.29 20.14 -19.18
N TYR E 149 -4.54 18.88 -18.87
CA TYR E 149 -3.51 18.01 -18.33
C TYR E 149 -3.22 16.94 -19.35
N ALA E 150 -2.02 16.99 -19.89
CA ALA E 150 -1.62 16.06 -20.93
C ALA E 150 -1.26 14.67 -20.42
N GLY E 151 -1.83 13.64 -21.03
CA GLY E 151 -1.50 12.28 -20.64
C GLY E 151 -0.14 11.93 -21.22
N ILE E 152 0.31 10.70 -21.03
CA ILE E 152 1.62 10.29 -21.55
C ILE E 152 1.58 10.10 -23.07
N TYR E 153 2.43 10.84 -23.78
CA TYR E 153 2.48 10.76 -25.24
C TYR E 153 2.70 9.36 -25.79
N ASN E 154 1.86 8.93 -26.73
CA ASN E 154 2.04 7.61 -27.35
C ASN E 154 3.40 7.63 -28.06
N ASN E 155 3.77 8.79 -28.58
CA ASN E 155 5.02 8.86 -29.32
C ASN E 155 6.27 9.17 -28.51
N ASN E 156 6.23 8.88 -27.22
CA ASN E 156 7.43 9.03 -26.39
C ASN E 156 8.19 7.76 -26.77
N PHE E 157 7.44 6.75 -27.22
CA PHE E 157 8.03 5.48 -27.61
C PHE E 157 8.96 5.55 -28.80
N THR E 158 10.07 4.86 -28.66
CA THR E 158 11.09 4.75 -29.70
C THR E 158 11.93 3.56 -29.32
N SER E 159 12.58 2.95 -30.30
CA SER E 159 13.42 1.80 -30.01
C SER E 159 14.83 2.31 -29.68
N LEU E 160 15.03 3.63 -29.85
CA LEU E 160 16.32 4.25 -29.54
C LEU E 160 16.56 4.25 -28.02
N PRO E 161 17.83 4.28 -27.60
CA PRO E 161 18.21 4.26 -26.17
C PRO E 161 17.77 5.44 -25.31
N TYR E 162 16.57 5.95 -25.54
CA TYR E 162 16.07 7.08 -24.75
C TYR E 162 15.38 6.52 -23.51
N PRO E 163 15.56 7.17 -22.34
CA PRO E 163 14.96 6.70 -21.09
C PRO E 163 13.47 6.63 -20.95
N LEU E 164 13.05 5.79 -20.02
CA LEU E 164 11.65 5.58 -19.66
C LEU E 164 10.74 4.98 -20.70
N PHE E 165 10.85 5.43 -21.96
CA PHE E 165 9.97 4.94 -23.01
C PHE E 165 10.67 4.36 -24.23
N GLN E 166 11.46 3.31 -24.02
CA GLN E 166 12.14 2.64 -25.12
C GLN E 166 11.49 1.30 -25.45
N MET E 167 10.87 1.25 -26.62
CA MET E 167 10.27 0.01 -27.07
C MET E 167 11.50 -0.59 -27.70
N GLU E 168 12.31 -1.24 -26.86
CA GLU E 168 13.57 -1.83 -27.28
C GLU E 168 13.40 -3.05 -28.17
N LEU E 169 14.17 -3.07 -29.26
CA LEU E 169 14.13 -4.18 -30.20
C LEU E 169 15.16 -5.25 -29.83
N MET E 170 14.71 -6.31 -29.17
CA MET E 170 15.62 -7.38 -28.78
C MET E 170 16.17 -8.08 -30.02
N PRO E 171 17.45 -8.50 -29.98
CA PRO E 171 18.12 -9.17 -31.10
C PRO E 171 17.24 -10.17 -31.85
N ASP E 172 16.48 -10.95 -31.08
CA ASP E 172 15.60 -11.98 -31.63
C ASP E 172 14.24 -11.49 -32.11
N GLY E 173 14.22 -10.36 -32.81
CA GLY E 173 12.99 -9.81 -33.34
C GLY E 173 11.86 -9.41 -32.41
N THR E 174 12.01 -9.60 -31.10
CA THR E 174 10.95 -9.23 -30.18
C THR E 174 11.25 -7.88 -29.54
N PHE E 175 10.18 -7.13 -29.25
CA PHE E 175 10.30 -5.83 -28.62
C PHE E 175 10.08 -5.97 -27.13
N GLU E 176 10.87 -5.25 -26.36
CA GLU E 176 10.77 -5.29 -24.92
C GLU E 176 11.02 -3.88 -24.40
N TRP E 177 10.11 -3.40 -23.55
CA TRP E 177 10.18 -2.07 -22.92
C TRP E 177 10.21 -2.23 -21.41
N HIS E 178 11.25 -1.68 -20.78
CA HIS E 178 11.43 -1.76 -19.34
C HIS E 178 11.13 -0.44 -18.64
N ALA E 179 10.35 -0.50 -17.56
CA ALA E 179 9.99 0.72 -16.83
C ALA E 179 9.54 0.43 -15.39
N PRO E 180 9.61 1.44 -14.51
CA PRO E 180 9.23 1.35 -13.09
C PRO E 180 7.74 1.24 -12.82
N PHE E 181 6.92 1.52 -13.83
CA PHE E 181 5.47 1.47 -13.72
C PHE E 181 4.95 0.08 -13.39
N ASP E 182 4.00 0.00 -12.48
CA ASP E 182 3.44 -1.31 -12.20
C ASP E 182 2.89 -1.78 -13.56
N PRO E 183 2.99 -3.08 -13.86
CA PRO E 183 2.53 -3.67 -15.12
C PRO E 183 1.02 -3.67 -15.39
N ASP E 184 0.25 -3.89 -14.34
CA ASP E 184 -1.20 -3.99 -14.46
C ASP E 184 -1.98 -2.72 -14.12
N ILE E 185 -1.29 -1.65 -13.73
CA ILE E 185 -1.99 -0.41 -13.42
C ILE E 185 -2.06 0.48 -14.66
N PRO E 186 -3.28 0.87 -15.04
CA PRO E 186 -3.51 1.73 -16.20
C PRO E 186 -2.99 3.15 -16.05
N LEU E 187 -2.36 3.63 -17.12
CA LEU E 187 -1.82 4.97 -17.17
C LEU E 187 -2.60 5.77 -18.21
N PRO E 188 -2.68 7.10 -18.04
CA PRO E 188 -3.41 7.93 -19.00
C PRO E 188 -2.53 8.18 -20.21
N TRP E 189 -3.02 7.82 -21.39
CA TRP E 189 -2.24 8.00 -22.62
C TRP E 189 -2.86 9.07 -23.51
N LEU E 190 -2.03 9.66 -24.37
CA LEU E 190 -2.49 10.71 -25.28
C LEU E 190 -1.63 10.80 -26.53
N ASP E 191 -2.27 10.99 -27.68
CA ASP E 191 -1.51 11.12 -28.93
C ASP E 191 -1.40 12.60 -29.28
N ALA E 192 -0.34 13.24 -28.78
CA ALA E 192 -0.09 14.67 -28.98
C ALA E 192 -0.37 15.23 -30.37
N GLU E 193 0.39 14.78 -31.36
CA GLU E 193 0.22 15.30 -32.72
C GLU E 193 -1.15 15.12 -33.29
N HIS E 194 -1.70 13.94 -33.12
CA HIS E 194 -2.99 13.62 -33.67
C HIS E 194 -4.17 14.28 -32.96
N ASP E 195 -4.18 14.24 -31.63
CA ASP E 195 -5.32 14.76 -30.89
C ASP E 195 -5.27 16.04 -30.09
N VAL E 196 -4.09 16.60 -29.84
CA VAL E 196 -4.03 17.86 -29.08
C VAL E 196 -4.62 19.07 -29.83
N GLY E 197 -4.34 19.16 -31.12
CA GLY E 197 -4.85 20.27 -31.90
C GLY E 197 -6.36 20.29 -31.93
N PRO E 198 -6.99 19.19 -32.37
CA PRO E 198 -8.44 19.06 -32.46
C PRO E 198 -9.13 19.40 -31.15
N ALA E 199 -8.69 18.77 -30.05
CA ALA E 199 -9.31 19.02 -28.74
C ALA E 199 -9.25 20.47 -28.31
N LEU E 200 -8.06 21.07 -28.35
CA LEU E 200 -7.90 22.47 -27.95
C LEU E 200 -8.83 23.34 -28.74
N LEU E 201 -8.95 23.00 -30.02
CA LEU E 201 -9.80 23.71 -30.97
C LEU E 201 -11.25 23.70 -30.48
N GLN E 202 -11.69 22.53 -30.07
CA GLN E 202 -13.04 22.33 -29.60
C GLN E 202 -13.27 23.10 -28.31
N ILE E 203 -12.25 23.15 -27.45
CA ILE E 203 -12.40 23.89 -26.20
C ILE E 203 -12.56 25.37 -26.52
N PHE E 204 -11.72 25.87 -27.42
CA PHE E 204 -11.84 27.28 -27.77
C PHE E 204 -13.19 27.54 -28.39
N LYS E 205 -13.64 26.62 -29.23
CA LYS E 205 -14.93 26.76 -29.91
C LYS E 205 -16.11 26.73 -28.92
N ASP E 206 -15.98 25.94 -27.86
CA ASP E 206 -17.03 25.85 -26.84
C ASP E 206 -17.08 27.18 -26.07
N GLY E 207 -15.95 27.86 -26.02
CA GLY E 207 -15.89 29.14 -25.34
C GLY E 207 -15.60 29.03 -23.86
N PRO E 208 -15.18 30.13 -23.24
CA PRO E 208 -14.85 30.16 -21.81
C PRO E 208 -16.13 29.97 -21.01
N GLN E 209 -17.24 30.40 -21.62
CA GLN E 209 -18.58 30.33 -21.02
C GLN E 209 -18.94 28.91 -20.61
N LYS E 210 -18.20 27.95 -21.14
CA LYS E 210 -18.45 26.56 -20.82
C LYS E 210 -17.32 25.94 -20.03
N TRP E 211 -16.09 26.37 -20.30
CA TRP E 211 -14.91 25.80 -19.68
C TRP E 211 -14.08 26.68 -18.76
N ASN E 212 -14.57 27.86 -18.44
CA ASN E 212 -13.82 28.75 -17.56
C ASN E 212 -13.58 28.08 -16.19
N GLY E 213 -12.34 28.13 -15.72
CA GLY E 213 -12.00 27.56 -14.43
C GLY E 213 -11.98 26.04 -14.38
N HIS E 214 -12.16 25.40 -15.52
CA HIS E 214 -12.14 23.93 -15.57
C HIS E 214 -10.78 23.32 -15.81
N ARG E 215 -10.59 22.13 -15.28
CA ARG E 215 -9.36 21.37 -15.50
C ARG E 215 -9.86 20.24 -16.37
N ILE E 216 -9.11 19.97 -17.44
CA ILE E 216 -9.49 18.90 -18.35
C ILE E 216 -8.29 17.99 -18.54
N ALA E 217 -8.55 16.69 -18.43
CA ALA E 217 -7.51 15.70 -18.60
C ALA E 217 -7.41 15.32 -20.08
N LEU E 218 -6.34 15.76 -20.73
CA LEU E 218 -6.17 15.44 -22.14
C LEU E 218 -5.64 14.05 -22.34
N THR E 219 -6.50 13.08 -22.09
CA THR E 219 -6.13 11.69 -22.28
C THR E 219 -7.33 10.99 -22.89
N PHE E 220 -7.10 10.24 -23.95
CA PHE E 220 -8.18 9.58 -24.66
C PHE E 220 -8.33 8.08 -24.43
N GLU E 221 -7.41 7.52 -23.64
CA GLU E 221 -7.45 6.09 -23.33
C GLU E 221 -6.43 5.77 -22.25
N THR E 222 -6.79 4.81 -21.39
CA THR E 222 -5.92 4.39 -20.30
C THR E 222 -5.54 2.92 -20.44
N LEU E 223 -4.24 2.67 -20.47
CA LEU E 223 -3.70 1.32 -20.63
C LEU E 223 -2.64 1.04 -19.60
N SER E 224 -2.55 -0.23 -19.18
CA SER E 224 -1.54 -0.64 -18.23
C SER E 224 -0.35 -1.00 -19.12
N PRO E 225 0.88 -0.86 -18.59
CA PRO E 225 2.06 -1.19 -19.38
C PRO E 225 1.88 -2.46 -20.21
N VAL E 226 1.34 -3.51 -19.57
CA VAL E 226 1.09 -4.78 -20.23
C VAL E 226 0.24 -4.60 -21.50
N GLN E 227 -0.83 -3.84 -21.37
CA GLN E 227 -1.74 -3.58 -22.48
C GLN E 227 -1.07 -2.75 -23.57
N VAL E 228 -0.26 -1.80 -23.15
CA VAL E 228 0.46 -0.96 -24.09
C VAL E 228 1.27 -1.89 -25.00
N CYS E 229 1.94 -2.86 -24.37
CA CYS E 229 2.75 -3.82 -25.09
C CYS E 229 1.87 -4.74 -25.93
N ALA E 230 0.75 -5.17 -25.35
CA ALA E 230 -0.18 -6.03 -26.09
C ALA E 230 -0.58 -5.28 -27.36
N ALA E 231 -0.94 -4.00 -27.21
CA ALA E 231 -1.32 -3.16 -28.35
C ALA E 231 -0.19 -3.13 -29.37
N PHE E 232 1.04 -3.01 -28.88
CA PHE E 232 2.18 -3.00 -29.75
C PHE E 232 2.35 -4.37 -30.38
N SER E 233 2.04 -5.41 -29.62
CA SER E 233 2.16 -6.78 -30.12
C SER E 233 1.31 -6.96 -31.38
N ARG E 234 0.01 -6.64 -31.28
CA ARG E 234 -0.93 -6.77 -32.39
C ARG E 234 -0.56 -5.93 -33.61
N ALA E 235 -0.38 -4.63 -33.36
CA ALA E 235 -0.06 -3.68 -34.41
C ALA E 235 1.21 -3.99 -35.19
N LEU E 236 2.16 -4.67 -34.55
CA LEU E 236 3.43 -4.97 -35.19
C LEU E 236 3.73 -6.39 -35.65
N ASN E 237 3.03 -7.37 -35.11
CA ASN E 237 3.28 -8.75 -35.50
C ASN E 237 4.67 -9.16 -35.01
N ARG E 238 4.84 -9.01 -33.71
CA ARG E 238 6.06 -9.37 -33.01
C ARG E 238 5.66 -9.51 -31.55
N ARG E 239 6.52 -10.17 -30.77
CA ARG E 239 6.24 -10.37 -29.36
C ARG E 239 6.69 -9.13 -28.60
N VAL E 240 5.78 -8.50 -27.89
CA VAL E 240 6.11 -7.32 -27.12
C VAL E 240 5.84 -7.63 -25.67
N THR E 241 6.89 -7.54 -24.85
CA THR E 241 6.79 -7.85 -23.43
C THR E 241 7.24 -6.71 -22.53
N TYR E 242 6.48 -6.48 -21.46
CA TYR E 242 6.80 -5.42 -20.51
C TYR E 242 7.57 -5.97 -19.33
N VAL E 243 8.57 -5.22 -18.88
CA VAL E 243 9.38 -5.63 -17.73
C VAL E 243 9.51 -4.50 -16.73
N GLN E 244 8.93 -4.70 -15.55
CA GLN E 244 8.99 -3.69 -14.51
C GLN E 244 10.34 -3.65 -13.84
N VAL E 245 11.03 -2.53 -13.99
CA VAL E 245 12.35 -2.33 -13.38
C VAL E 245 12.22 -1.31 -12.26
N PRO E 246 13.00 -1.46 -11.18
CA PRO E 246 12.92 -0.52 -10.07
C PRO E 246 13.50 0.87 -10.36
N LYS E 247 14.40 0.93 -11.33
CA LYS E 247 15.02 2.18 -11.74
C LYS E 247 14.92 2.42 -13.25
N VAL E 248 14.84 3.70 -13.61
CA VAL E 248 14.77 4.09 -15.02
C VAL E 248 16.13 3.79 -15.61
N GLU E 249 16.15 3.07 -16.73
CA GLU E 249 17.39 2.69 -17.37
C GLU E 249 18.05 3.79 -18.21
N ILE E 250 18.95 4.53 -17.57
CA ILE E 250 19.66 5.62 -18.21
C ILE E 250 20.82 5.09 -19.07
N LYS E 251 20.49 4.64 -20.26
CA LYS E 251 21.47 4.07 -21.19
C LYS E 251 22.14 5.17 -22.02
N VAL E 252 22.19 6.38 -21.49
CA VAL E 252 22.84 7.46 -22.22
C VAL E 252 22.94 8.75 -21.41
N ASN E 253 24.05 9.46 -21.57
CA ASN E 253 24.28 10.71 -20.86
C ASN E 253 23.16 11.73 -21.03
N ILE E 254 22.63 12.17 -19.89
CA ILE E 254 21.52 13.12 -19.86
C ILE E 254 21.72 14.31 -18.91
N PRO E 255 21.05 15.44 -19.19
CA PRO E 255 21.12 16.66 -18.39
C PRO E 255 20.67 16.33 -16.96
N VAL E 256 21.47 16.71 -15.97
CA VAL E 256 21.16 16.41 -14.58
C VAL E 256 19.69 16.61 -14.21
N GLY E 257 19.08 17.65 -14.77
CA GLY E 257 17.68 17.93 -14.49
C GLY E 257 16.75 16.81 -14.95
N TYR E 258 16.94 16.32 -16.17
CA TYR E 258 16.12 15.23 -16.69
C TYR E 258 16.32 14.00 -15.82
N ARG E 259 17.56 13.83 -15.40
CA ARG E 259 17.96 12.73 -14.54
C ARG E 259 17.19 12.81 -13.22
N GLU E 260 17.03 14.03 -12.70
CA GLU E 260 16.28 14.26 -11.45
C GLU E 260 14.79 14.07 -11.68
N GLN E 261 14.32 14.43 -12.87
CA GLN E 261 12.93 14.26 -13.25
C GLN E 261 12.64 12.76 -13.17
N LEU E 262 13.47 11.97 -13.85
CA LEU E 262 13.29 10.53 -13.87
C LEU E 262 13.37 9.93 -12.49
N GLU E 263 14.32 10.42 -11.69
CA GLU E 263 14.47 9.89 -10.34
C GLU E 263 13.17 10.02 -9.57
N ALA E 264 12.51 11.17 -9.70
CA ALA E 264 11.24 11.38 -9.01
C ALA E 264 10.21 10.38 -9.52
N ILE E 265 10.19 10.19 -10.83
CA ILE E 265 9.28 9.25 -11.46
C ILE E 265 9.43 7.89 -10.78
N GLU E 266 10.68 7.45 -10.66
CA GLU E 266 11.03 6.17 -10.05
C GLU E 266 10.34 5.99 -8.71
N VAL E 267 10.43 7.05 -7.90
CA VAL E 267 9.83 7.03 -6.57
C VAL E 267 8.30 7.09 -6.59
N VAL E 268 7.75 8.03 -7.33
CA VAL E 268 6.31 8.22 -7.42
C VAL E 268 5.51 7.08 -8.03
N PHE E 269 5.99 6.53 -9.16
CA PHE E 269 5.28 5.46 -9.85
C PHE E 269 5.85 4.08 -9.55
N GLY E 270 7.16 4.01 -9.39
CA GLY E 270 7.79 2.74 -9.10
C GLY E 270 7.65 2.36 -7.64
N GLU E 271 8.23 3.15 -6.75
CA GLU E 271 8.17 2.86 -5.33
C GLU E 271 6.77 3.02 -4.74
N HIS E 272 6.17 4.18 -4.96
CA HIS E 272 4.86 4.48 -4.41
C HIS E 272 3.67 4.02 -5.25
N LYS E 273 3.88 3.84 -6.56
CA LYS E 273 2.79 3.42 -7.44
C LYS E 273 1.58 4.35 -7.28
N ALA E 274 1.76 5.63 -7.58
CA ALA E 274 0.68 6.62 -7.46
C ALA E 274 -0.08 6.85 -8.75
N PRO E 275 -1.16 7.63 -8.68
CA PRO E 275 -1.94 7.90 -9.90
C PRO E 275 -1.15 8.88 -10.76
N TYR E 276 -1.29 8.78 -12.08
CA TYR E 276 -0.59 9.72 -12.93
C TYR E 276 -1.23 11.07 -12.62
N PHE E 277 -2.56 11.06 -12.53
CA PHE E 277 -3.35 12.24 -12.20
C PHE E 277 -4.00 12.05 -10.83
N PRO E 278 -3.29 12.43 -9.75
CA PRO E 278 -3.76 12.31 -8.37
C PRO E 278 -4.86 13.28 -7.96
N LEU E 279 -5.60 13.82 -8.92
CA LEU E 279 -6.64 14.78 -8.58
C LEU E 279 -8.01 14.17 -8.38
N PRO E 280 -8.78 14.70 -7.42
CA PRO E 280 -10.13 14.27 -7.06
C PRO E 280 -11.02 14.13 -8.29
N GLU E 281 -10.93 15.09 -9.20
CA GLU E 281 -11.73 15.07 -10.41
C GLU E 281 -11.22 14.10 -11.47
N PHE E 282 -9.96 13.70 -11.34
CA PHE E 282 -9.33 12.77 -12.27
C PHE E 282 -9.19 11.39 -11.62
N SER E 283 -10.13 11.05 -10.74
CA SER E 283 -10.13 9.78 -10.03
C SER E 283 -11.56 9.24 -9.88
N ARG E 316 -14.90 7.45 -15.93
CA ARG E 316 -13.46 7.45 -16.14
C ARG E 316 -12.97 8.84 -16.56
N VAL E 317 -11.65 9.05 -16.48
CA VAL E 317 -11.04 10.33 -16.81
C VAL E 317 -11.00 10.70 -18.29
N THR E 318 -11.20 9.71 -19.15
CA THR E 318 -11.15 9.93 -20.59
C THR E 318 -12.42 10.55 -21.16
N ASP E 319 -13.53 10.43 -20.44
CA ASP E 319 -14.81 10.92 -20.94
C ASP E 319 -14.85 12.36 -21.43
N GLU E 320 -14.48 13.33 -20.58
CA GLU E 320 -14.49 14.71 -21.02
C GLU E 320 -13.71 14.88 -22.33
N ALA E 321 -12.50 14.32 -22.37
CA ALA E 321 -11.67 14.42 -23.57
C ALA E 321 -12.36 13.80 -24.79
N ARG E 322 -12.85 12.58 -24.62
CA ARG E 322 -13.53 11.90 -25.71
C ARG E 322 -14.73 12.66 -26.24
N LYS E 323 -15.40 13.37 -25.34
CA LYS E 323 -16.57 14.17 -25.67
C LYS E 323 -16.20 15.43 -26.49
N LEU E 324 -14.98 15.94 -26.28
CA LEU E 324 -14.49 17.12 -26.98
C LEU E 324 -13.99 16.76 -28.38
N TRP E 325 -13.32 15.62 -28.48
CA TRP E 325 -12.77 15.15 -29.73
C TRP E 325 -12.93 13.64 -29.73
N SER E 326 -13.76 13.14 -30.64
CA SER E 326 -14.05 11.72 -30.74
C SER E 326 -13.23 11.01 -31.81
N GLY E 327 -12.42 11.75 -32.56
CA GLY E 327 -11.63 11.13 -33.60
C GLY E 327 -10.21 10.90 -33.15
N TRP E 328 -10.05 10.54 -31.88
CA TRP E 328 -8.73 10.28 -31.30
C TRP E 328 -8.02 9.04 -31.85
N ARG E 329 -6.70 9.01 -31.71
CA ARG E 329 -5.88 7.89 -32.17
C ARG E 329 -5.28 7.05 -31.04
N ASP E 330 -5.78 5.82 -30.90
CA ASP E 330 -5.34 4.91 -29.84
C ASP E 330 -3.97 4.32 -30.13
N MET E 331 -3.39 3.69 -29.10
CA MET E 331 -2.06 3.08 -29.14
C MET E 331 -1.82 2.12 -30.32
N GLU E 332 -2.80 1.26 -30.60
CA GLU E 332 -2.67 0.30 -31.68
C GLU E 332 -2.44 1.04 -33.00
N GLU E 333 -3.28 2.02 -33.29
CA GLU E 333 -3.13 2.79 -34.53
C GLU E 333 -1.81 3.53 -34.56
N TYR E 334 -1.41 4.04 -33.41
CA TYR E 334 -0.14 4.73 -33.32
C TYR E 334 1.00 3.75 -33.63
N ALA E 335 1.04 2.69 -32.83
CA ALA E 335 2.05 1.66 -32.96
C ALA E 335 2.18 1.17 -34.38
N ARG E 336 1.04 0.85 -34.99
CA ARG E 336 1.00 0.35 -36.34
C ARG E 336 1.24 1.40 -37.42
N GLU E 337 0.45 2.47 -37.43
CA GLU E 337 0.56 3.51 -38.44
C GLU E 337 1.62 4.60 -38.25
N VAL E 338 2.08 4.84 -37.02
CA VAL E 338 3.06 5.89 -36.80
C VAL E 338 4.42 5.39 -36.37
N PHE E 339 4.44 4.67 -35.26
CA PHE E 339 5.68 4.14 -34.70
C PHE E 339 6.71 3.74 -35.75
N PRO E 340 6.32 2.84 -36.68
CA PRO E 340 7.23 2.38 -37.74
C PRO E 340 7.85 3.52 -38.51
N ILE E 341 7.00 4.45 -38.93
CA ILE E 341 7.42 5.62 -39.71
C ILE E 341 8.44 6.48 -38.94
N GLU E 342 8.24 6.67 -37.64
CA GLU E 342 9.18 7.48 -36.85
C GLU E 342 10.51 6.74 -36.78
N GLU E 343 10.43 5.44 -36.50
CA GLU E 343 11.61 4.59 -36.40
C GLU E 343 12.47 4.75 -37.64
N GLU E 344 11.86 4.59 -38.81
CA GLU E 344 12.57 4.72 -40.06
C GLU E 344 13.16 6.12 -40.25
N ALA E 345 12.49 7.12 -39.70
CA ALA E 345 12.96 8.50 -39.81
C ALA E 345 14.15 8.79 -38.91
N ASN E 346 14.20 8.12 -37.75
CA ASN E 346 15.31 8.34 -36.84
C ASN E 346 16.51 7.52 -37.24
N GLY E 347 16.31 6.48 -38.04
CA GLY E 347 17.42 5.68 -38.49
C GLY E 347 17.32 4.16 -38.41
N LEU E 348 16.35 3.63 -37.69
CA LEU E 348 16.24 2.18 -37.59
C LEU E 348 15.64 1.65 -38.90
N ASP E 349 15.86 0.37 -39.20
CA ASP E 349 15.33 -0.19 -40.45
C ASP E 349 14.69 -1.57 -40.28
N TRP E 350 14.48 -1.98 -39.03
CA TRP E 350 13.88 -3.27 -38.75
C TRP E 350 12.55 -3.49 -39.48
N MET E 351 11.80 -2.44 -39.73
CA MET E 351 10.52 -2.58 -40.40
C MET E 351 10.62 -2.55 -41.92
N LEU E 352 11.78 -2.17 -42.44
CA LEU E 352 11.99 -2.12 -43.88
C LEU E 352 12.07 -3.53 -44.44
N GLN F 3 -23.19 9.86 -1.18
CA GLN F 3 -24.35 9.12 -0.56
C GLN F 3 -24.35 9.10 0.97
N GLN F 4 -23.19 8.91 1.59
CA GLN F 4 -23.13 8.87 3.04
C GLN F 4 -23.12 10.26 3.68
N LYS F 5 -23.67 10.36 4.89
CA LYS F 5 -23.74 11.60 5.66
C LYS F 5 -22.40 11.79 6.36
N LYS F 6 -21.85 13.00 6.29
CA LYS F 6 -20.55 13.24 6.88
C LYS F 6 -20.56 14.29 7.96
N THR F 7 -19.39 14.55 8.53
CA THR F 7 -19.25 15.55 9.56
C THR F 7 -18.72 16.82 8.92
N ILE F 8 -19.41 17.93 9.16
CA ILE F 8 -19.03 19.21 8.58
C ILE F 8 -18.55 20.23 9.57
N ALA F 9 -17.35 20.74 9.34
CA ALA F 9 -16.76 21.77 10.19
C ALA F 9 -17.21 23.13 9.64
N VAL F 10 -17.65 24.03 10.53
CA VAL F 10 -18.07 25.36 10.09
C VAL F 10 -17.69 26.36 11.14
N VAL F 11 -17.44 27.61 10.73
CA VAL F 11 -17.10 28.66 11.68
C VAL F 11 -18.15 29.75 11.51
N ASN F 12 -18.18 30.71 12.45
CA ASN F 12 -19.14 31.81 12.37
C ASN F 12 -20.53 31.20 12.26
N ALA F 13 -20.75 30.11 12.99
CA ALA F 13 -22.00 29.37 12.96
C ALA F 13 -23.29 30.18 13.04
N THR F 14 -23.28 31.29 13.78
CA THR F 14 -24.49 32.10 13.91
C THR F 14 -24.69 33.06 12.74
N GLY F 15 -23.74 33.09 11.81
CA GLY F 15 -23.88 33.96 10.66
C GLY F 15 -24.92 33.37 9.73
N ARG F 16 -25.59 34.22 8.96
CA ARG F 16 -26.63 33.78 8.04
C ARG F 16 -26.27 32.65 7.09
N GLN F 17 -25.06 32.68 6.56
CA GLN F 17 -24.63 31.63 5.64
C GLN F 17 -24.50 30.30 6.37
N ALA F 18 -23.67 30.29 7.42
CA ALA F 18 -23.44 29.08 8.20
C ALA F 18 -24.69 28.50 8.85
N ALA F 19 -25.46 29.34 9.53
CA ALA F 19 -26.66 28.84 10.19
C ALA F 19 -27.58 28.16 9.21
N SER F 20 -27.68 28.70 8.00
CA SER F 20 -28.52 28.15 6.95
C SER F 20 -28.10 26.71 6.66
N LEU F 21 -26.82 26.54 6.40
CA LEU F 21 -26.24 25.25 6.12
C LEU F 21 -26.44 24.30 7.29
N ILE F 22 -26.11 24.79 8.49
CA ILE F 22 -26.20 23.98 9.69
C ILE F 22 -27.57 23.41 9.92
N ARG F 23 -28.60 24.26 9.85
CA ARG F 23 -29.95 23.79 10.05
C ARG F 23 -30.28 22.68 9.07
N VAL F 24 -30.00 22.93 7.80
CA VAL F 24 -30.26 21.97 6.74
C VAL F 24 -29.40 20.71 6.89
N ALA F 25 -28.09 20.90 7.09
CA ALA F 25 -27.19 19.78 7.21
C ALA F 25 -27.58 18.85 8.35
N ALA F 26 -27.79 19.40 9.55
CA ALA F 26 -28.15 18.56 10.68
C ALA F 26 -29.46 17.82 10.40
N ALA F 27 -30.45 18.55 9.90
CA ALA F 27 -31.76 17.97 9.61
C ALA F 27 -31.69 16.71 8.74
N VAL F 28 -30.80 16.70 7.74
CA VAL F 28 -30.71 15.54 6.86
C VAL F 28 -29.82 14.41 7.40
N GLY F 29 -29.18 14.63 8.54
CA GLY F 29 -28.37 13.58 9.12
C GLY F 29 -26.87 13.77 9.15
N HIS F 30 -26.40 14.98 8.91
CA HIS F 30 -24.97 15.25 8.94
C HIS F 30 -24.63 15.70 10.35
N HIS F 31 -23.35 15.55 10.73
CA HIS F 31 -22.88 16.00 12.03
C HIS F 31 -22.19 17.34 11.80
N VAL F 32 -22.36 18.26 12.73
CA VAL F 32 -21.73 19.56 12.56
C VAL F 32 -20.90 20.04 13.74
N ARG F 33 -19.65 20.39 13.43
CA ARG F 33 -18.74 20.94 14.42
C ARG F 33 -18.73 22.43 14.07
N ALA F 34 -19.25 23.25 14.97
CA ALA F 34 -19.34 24.67 14.70
C ALA F 34 -18.58 25.52 15.69
N GLN F 35 -18.06 26.64 15.21
CA GLN F 35 -17.34 27.57 16.03
C GLN F 35 -18.22 28.80 16.15
N VAL F 36 -18.43 29.24 17.39
CA VAL F 36 -19.23 30.43 17.69
C VAL F 36 -18.48 31.31 18.65
N HIS F 37 -18.60 32.61 18.39
CA HIS F 37 -17.96 33.66 19.16
C HIS F 37 -18.53 33.67 20.58
N SER F 38 -19.85 33.53 20.70
CA SER F 38 -20.52 33.51 21.99
C SER F 38 -21.76 32.65 21.93
N LEU F 39 -22.16 32.13 23.09
CA LEU F 39 -23.36 31.30 23.19
C LEU F 39 -24.58 32.17 23.50
N LYS F 40 -24.32 33.42 23.84
CA LYS F 40 -25.41 34.33 24.13
C LYS F 40 -25.95 34.78 22.78
N GLY F 41 -27.24 34.61 22.57
CA GLY F 41 -27.83 35.01 21.31
C GLY F 41 -28.93 34.08 20.89
N LEU F 42 -29.91 34.61 20.18
CA LEU F 42 -31.03 33.80 19.73
C LEU F 42 -30.53 32.62 18.90
N ILE F 43 -29.82 32.92 17.82
CA ILE F 43 -29.28 31.91 16.92
C ILE F 43 -28.40 30.90 17.66
N ALA F 44 -27.49 31.42 18.47
CA ALA F 44 -26.60 30.57 19.22
C ALA F 44 -27.39 29.49 19.98
N GLU F 45 -28.39 29.93 20.72
CA GLU F 45 -29.21 29.01 21.49
C GLU F 45 -29.94 28.05 20.57
N GLU F 46 -30.37 28.55 19.43
CA GLU F 46 -31.08 27.75 18.44
C GLU F 46 -30.19 26.59 17.99
N LEU F 47 -29.00 26.94 17.50
CA LEU F 47 -28.04 25.96 17.03
C LEU F 47 -27.72 25.02 18.16
N GLN F 48 -27.59 25.60 19.35
CA GLN F 48 -27.29 24.83 20.54
C GLN F 48 -28.29 23.68 20.62
N ALA F 49 -29.56 24.01 20.44
CA ALA F 49 -30.65 23.06 20.50
C ALA F 49 -30.58 21.92 19.47
N ILE F 50 -30.38 22.24 18.20
CA ILE F 50 -30.27 21.21 17.15
C ILE F 50 -29.38 20.06 17.63
N PRO F 51 -29.92 18.81 17.64
CA PRO F 51 -29.32 17.54 18.05
C PRO F 51 -27.89 17.22 17.74
N ASN F 52 -27.54 17.06 16.46
CA ASN F 52 -26.15 16.69 16.11
C ASN F 52 -25.16 17.79 15.87
N VAL F 53 -25.40 18.94 16.48
CA VAL F 53 -24.53 20.08 16.32
C VAL F 53 -23.71 20.26 17.59
N THR F 54 -22.40 20.41 17.42
CA THR F 54 -21.50 20.62 18.55
C THR F 54 -20.80 21.94 18.40
N LEU F 55 -21.02 22.81 19.37
CA LEU F 55 -20.43 24.14 19.35
C LEU F 55 -19.11 24.24 20.11
N PHE F 56 -18.33 25.22 19.72
CA PHE F 56 -17.07 25.49 20.36
C PHE F 56 -17.04 27.00 20.50
N GLN F 57 -17.15 27.50 21.73
CA GLN F 57 -17.16 28.92 21.95
C GLN F 57 -15.74 29.41 22.15
N GLY F 58 -15.34 30.34 21.30
CA GLY F 58 -14.01 30.90 21.37
C GLY F 58 -13.74 31.74 20.14
N PRO F 59 -12.64 32.51 20.16
CA PRO F 59 -12.26 33.36 19.05
C PRO F 59 -11.41 32.60 18.01
N LEU F 60 -11.49 33.00 16.75
CA LEU F 60 -10.73 32.35 15.68
C LEU F 60 -9.32 32.93 15.62
N LEU F 61 -9.24 34.25 15.72
CA LEU F 61 -7.97 34.96 15.66
C LEU F 61 -6.95 34.34 16.61
N ASN F 62 -5.80 33.94 16.07
CA ASN F 62 -4.70 33.35 16.84
C ASN F 62 -5.07 32.15 17.71
N ASN F 63 -6.16 31.48 17.37
CA ASN F 63 -6.57 30.36 18.20
C ASN F 63 -6.51 28.99 17.51
N VAL F 64 -5.30 28.56 17.17
CA VAL F 64 -5.09 27.27 16.50
C VAL F 64 -5.65 26.07 17.25
N PRO F 65 -5.54 26.06 18.60
CA PRO F 65 -6.07 24.91 19.33
C PRO F 65 -7.53 24.67 18.95
N LEU F 66 -8.35 25.73 18.99
CA LEU F 66 -9.77 25.59 18.60
C LEU F 66 -9.86 25.05 17.18
N MET F 67 -9.15 25.68 16.24
CA MET F 67 -9.15 25.26 14.83
C MET F 67 -8.90 23.76 14.70
N ASP F 68 -7.88 23.27 15.39
CA ASP F 68 -7.54 21.85 15.33
C ASP F 68 -8.65 20.97 15.83
N THR F 69 -9.32 21.44 16.88
CA THR F 69 -10.42 20.68 17.46
C THR F 69 -11.53 20.65 16.41
N LEU F 70 -11.87 21.82 15.91
CA LEU F 70 -12.93 21.98 14.92
C LEU F 70 -12.85 20.94 13.80
N PHE F 71 -11.68 20.78 13.23
CA PHE F 71 -11.52 19.84 12.11
C PHE F 71 -11.37 18.35 12.48
N GLU F 72 -11.29 18.03 13.77
CA GLU F 72 -11.14 16.65 14.16
C GLU F 72 -12.30 15.79 13.67
N GLY F 73 -12.01 14.79 12.84
CA GLY F 73 -13.07 13.91 12.37
C GLY F 73 -13.97 14.49 11.31
N ALA F 74 -13.59 15.65 10.78
CA ALA F 74 -14.37 16.33 9.75
C ALA F 74 -13.98 15.90 8.33
N HIS F 75 -14.99 15.73 7.46
CA HIS F 75 -14.77 15.32 6.06
C HIS F 75 -15.12 16.48 5.13
N LEU F 76 -15.89 17.42 5.65
CA LEU F 76 -16.32 18.57 4.88
C LEU F 76 -16.17 19.83 5.70
N ALA F 77 -16.20 20.97 5.04
CA ALA F 77 -16.09 22.23 5.73
C ALA F 77 -16.64 23.39 4.92
N PHE F 78 -17.40 24.26 5.58
CA PHE F 78 -17.89 25.44 4.92
C PHE F 78 -17.28 26.53 5.74
N ILE F 79 -16.43 27.31 5.10
CA ILE F 79 -15.74 28.40 5.78
C ILE F 79 -16.16 29.79 5.29
N ASN F 80 -16.66 30.60 6.20
CA ASN F 80 -17.07 31.97 5.89
C ASN F 80 -16.79 32.81 7.13
N THR F 81 -15.84 33.72 7.01
CA THR F 81 -15.47 34.57 8.13
C THR F 81 -16.11 35.94 8.06
N THR F 82 -16.09 36.66 9.17
CA THR F 82 -16.64 38.01 9.24
C THR F 82 -15.54 38.97 9.65
N SER F 83 -15.72 40.23 9.28
CA SER F 83 -14.75 41.24 9.60
C SER F 83 -14.68 41.40 11.13
N GLN F 84 -15.85 41.45 11.74
CA GLN F 84 -15.96 41.61 13.19
C GLN F 84 -15.07 40.70 14.03
N ALA F 85 -14.67 39.56 13.46
CA ALA F 85 -13.82 38.60 14.18
C ALA F 85 -12.33 38.89 14.04
N GLY F 86 -12.00 39.92 13.26
CA GLY F 86 -10.60 40.26 13.05
C GLY F 86 -10.07 39.89 11.68
N ASP F 87 -8.74 39.96 11.57
CA ASP F 87 -7.99 39.65 10.35
C ASP F 87 -8.53 38.40 9.65
N GLU F 88 -9.25 38.59 8.54
CA GLU F 88 -9.83 37.45 7.84
C GLU F 88 -8.79 36.61 7.09
N ILE F 89 -7.64 37.22 6.83
CA ILE F 89 -6.57 36.52 6.12
C ILE F 89 -5.78 35.60 7.04
N ALA F 90 -5.31 36.14 8.15
CA ALA F 90 -4.57 35.33 9.12
C ALA F 90 -5.45 34.18 9.62
N ILE F 91 -6.72 34.50 9.86
CA ILE F 91 -7.68 33.50 10.30
C ILE F 91 -7.97 32.59 9.10
N GLY F 92 -8.15 33.19 7.92
CA GLY F 92 -8.42 32.42 6.71
C GLY F 92 -7.30 31.42 6.38
N LYS F 93 -6.05 31.82 6.62
CA LYS F 93 -4.90 30.96 6.37
C LYS F 93 -4.73 29.90 7.45
N ASP F 94 -4.95 30.30 8.70
CA ASP F 94 -4.85 29.38 9.82
C ASP F 94 -5.85 28.24 9.62
N LEU F 95 -7.11 28.58 9.32
CA LEU F 95 -8.12 27.56 9.12
C LEU F 95 -7.71 26.60 8.02
N ALA F 96 -7.28 27.15 6.89
CA ALA F 96 -6.87 26.32 5.77
C ALA F 96 -5.73 25.37 6.18
N ASP F 97 -4.84 25.85 7.03
CA ASP F 97 -3.73 25.04 7.51
C ASP F 97 -4.21 23.97 8.48
N ALA F 98 -5.18 24.32 9.32
CA ALA F 98 -5.73 23.39 10.28
C ALA F 98 -6.38 22.26 9.49
N ALA F 99 -7.20 22.64 8.53
CA ALA F 99 -7.91 21.68 7.68
C ALA F 99 -6.92 20.72 7.04
N LYS F 100 -5.87 21.28 6.46
CA LYS F 100 -4.87 20.45 5.81
C LYS F 100 -4.22 19.48 6.78
N ARG F 101 -3.86 19.98 7.97
CA ARG F 101 -3.26 19.14 9.00
C ARG F 101 -4.22 17.99 9.38
N ALA F 102 -5.51 18.29 9.48
CA ALA F 102 -6.49 17.27 9.84
C ALA F 102 -6.40 16.09 8.86
N GLY F 103 -6.08 16.40 7.60
CA GLY F 103 -5.95 15.38 6.60
C GLY F 103 -7.21 14.61 6.22
N THR F 104 -8.33 14.91 6.85
CA THR F 104 -9.58 14.21 6.54
C THR F 104 -10.55 14.94 5.64
N ILE F 105 -10.32 16.23 5.42
CA ILE F 105 -11.20 17.04 4.59
C ILE F 105 -11.20 16.59 3.14
N GLN F 106 -12.39 16.26 2.65
CA GLN F 106 -12.60 15.81 1.28
C GLN F 106 -13.09 16.97 0.42
N HIS F 107 -13.80 17.91 1.03
CA HIS F 107 -14.31 19.05 0.29
C HIS F 107 -14.38 20.30 1.17
N TYR F 108 -13.54 21.26 0.86
CA TYR F 108 -13.45 22.50 1.61
C TYR F 108 -14.02 23.69 0.82
N ILE F 109 -15.24 24.10 1.16
CA ILE F 109 -15.91 25.23 0.50
C ILE F 109 -15.61 26.52 1.28
N TYR F 110 -15.02 27.49 0.60
CA TYR F 110 -14.69 28.75 1.24
C TYR F 110 -15.53 29.82 0.61
N SER F 111 -16.22 30.60 1.43
CA SER F 111 -17.05 31.67 0.90
C SER F 111 -16.08 32.81 0.57
N SER F 112 -16.02 33.19 -0.69
CA SER F 112 -15.11 34.24 -1.12
C SER F 112 -15.83 35.40 -1.77
N MET F 113 -15.10 36.50 -1.92
CA MET F 113 -15.60 37.71 -2.55
C MET F 113 -14.51 38.31 -3.41
N PRO F 114 -14.90 39.12 -4.41
CA PRO F 114 -13.95 39.75 -5.33
C PRO F 114 -13.11 40.86 -4.71
N ASP F 115 -12.01 41.16 -5.39
CA ASP F 115 -11.13 42.25 -5.02
C ASP F 115 -11.19 43.11 -6.27
N HIS F 116 -12.06 44.13 -6.23
CA HIS F 116 -12.27 45.01 -7.38
C HIS F 116 -11.03 45.71 -7.97
N SER F 117 -10.07 46.03 -7.12
CA SER F 117 -8.85 46.70 -7.58
C SER F 117 -8.06 45.90 -8.64
N LEU F 118 -8.52 44.69 -8.96
CA LEU F 118 -7.81 43.88 -9.95
C LEU F 118 -8.55 43.86 -11.28
N TYR F 119 -9.73 44.46 -11.33
CA TYR F 119 -10.52 44.42 -12.55
C TYR F 119 -10.78 45.80 -13.15
N GLY F 120 -10.29 46.84 -12.47
CA GLY F 120 -10.50 48.18 -12.98
C GLY F 120 -9.94 49.22 -12.05
N PRO F 121 -9.97 50.51 -12.46
CA PRO F 121 -9.48 51.65 -11.68
C PRO F 121 -10.35 51.91 -10.46
N TRP F 122 -10.67 50.84 -9.74
CA TRP F 122 -11.53 50.93 -8.58
C TRP F 122 -10.81 50.60 -7.30
N PRO F 123 -11.28 51.15 -6.18
CA PRO F 123 -10.63 50.85 -4.91
C PRO F 123 -10.90 49.37 -4.60
N ALA F 124 -10.40 48.90 -3.47
CA ALA F 124 -10.61 47.51 -3.08
C ALA F 124 -11.62 47.42 -1.96
N VAL F 125 -12.85 47.06 -2.28
CA VAL F 125 -13.87 46.92 -1.26
C VAL F 125 -13.27 46.17 -0.06
N PRO F 126 -12.98 46.90 1.03
CA PRO F 126 -12.39 46.45 2.31
C PRO F 126 -12.74 45.10 2.94
N MET F 127 -14.02 44.71 2.90
CA MET F 127 -14.43 43.46 3.52
C MET F 127 -14.68 42.36 2.48
N TRP F 128 -14.30 42.62 1.24
CA TRP F 128 -14.43 41.63 0.18
C TRP F 128 -13.05 41.16 -0.30
N ALA F 129 -12.24 42.12 -0.76
CA ALA F 129 -10.89 41.87 -1.28
C ALA F 129 -10.04 40.88 -0.51
N PRO F 130 -9.94 41.05 0.82
CA PRO F 130 -9.14 40.16 1.68
C PRO F 130 -9.51 38.69 1.51
N LYS F 131 -10.81 38.42 1.44
CA LYS F 131 -11.34 37.08 1.27
C LYS F 131 -10.78 36.40 0.02
N PHE F 132 -10.51 37.19 -1.01
CA PHE F 132 -9.99 36.67 -2.28
C PHE F 132 -8.54 36.16 -2.16
N THR F 133 -7.80 36.76 -1.24
CA THR F 133 -6.42 36.39 -0.95
C THR F 133 -6.39 35.02 -0.27
N VAL F 134 -7.38 34.76 0.59
CA VAL F 134 -7.43 33.47 1.28
C VAL F 134 -7.79 32.39 0.27
N GLU F 135 -8.63 32.74 -0.69
CA GLU F 135 -9.04 31.82 -1.75
C GLU F 135 -7.81 31.20 -2.43
N ASN F 136 -6.93 32.09 -2.85
CA ASN F 136 -5.71 31.69 -3.53
C ASN F 136 -4.86 30.79 -2.64
N TYR F 137 -4.81 31.12 -1.36
CA TYR F 137 -4.03 30.34 -0.41
C TYR F 137 -4.60 28.91 -0.30
N VAL F 138 -5.91 28.80 -0.26
CA VAL F 138 -6.54 27.50 -0.20
C VAL F 138 -6.09 26.70 -1.41
N ARG F 139 -6.21 27.31 -2.59
CA ARG F 139 -5.80 26.67 -3.84
C ARG F 139 -4.35 26.24 -3.76
N GLN F 140 -3.53 27.10 -3.16
CA GLN F 140 -2.12 26.86 -3.01
C GLN F 140 -1.85 25.59 -2.18
N LEU F 141 -2.54 25.44 -1.05
CA LEU F 141 -2.37 24.26 -0.22
C LEU F 141 -2.78 22.99 -0.94
N GLY F 142 -3.55 23.15 -2.00
CA GLY F 142 -4.03 22.01 -2.74
C GLY F 142 -5.17 21.32 -2.01
N LEU F 143 -5.95 22.07 -1.24
CA LEU F 143 -7.11 21.50 -0.55
C LEU F 143 -8.26 21.33 -1.54
N PRO F 144 -8.87 20.13 -1.63
CA PRO F 144 -9.98 19.93 -2.58
C PRO F 144 -11.09 20.92 -2.23
N SER F 145 -11.16 21.99 -3.02
CA SER F 145 -12.10 23.07 -2.74
C SER F 145 -13.01 23.58 -3.84
N THR F 146 -13.92 24.45 -3.39
CA THR F 146 -14.88 25.14 -4.24
C THR F 146 -15.08 26.49 -3.55
N PHE F 147 -15.23 27.55 -4.33
CA PHE F 147 -15.41 28.87 -3.73
C PHE F 147 -16.71 29.54 -4.10
N VAL F 148 -17.51 29.81 -3.07
CA VAL F 148 -18.80 30.45 -3.27
C VAL F 148 -18.75 31.95 -3.08
N TYR F 149 -19.43 32.63 -3.98
CA TYR F 149 -19.52 34.08 -3.97
C TYR F 149 -20.99 34.41 -3.74
N ALA F 150 -21.28 34.94 -2.56
CA ALA F 150 -22.65 35.28 -2.20
C ALA F 150 -23.09 36.62 -2.79
N GLY F 151 -24.36 36.71 -3.17
CA GLY F 151 -24.90 37.94 -3.70
C GLY F 151 -25.36 38.81 -2.55
N ILE F 152 -26.02 39.92 -2.84
CA ILE F 152 -26.51 40.77 -1.79
C ILE F 152 -27.70 40.07 -1.13
N TYR F 153 -27.72 40.00 0.21
CA TYR F 153 -28.83 39.36 0.91
C TYR F 153 -30.14 40.13 0.76
N ASN F 154 -31.22 39.40 0.49
CA ASN F 154 -32.54 40.01 0.37
C ASN F 154 -32.90 40.60 1.73
N ASN F 155 -32.40 39.95 2.78
CA ASN F 155 -32.71 40.39 4.13
C ASN F 155 -31.73 41.37 4.75
N ASN F 156 -31.06 42.16 3.91
CA ASN F 156 -30.21 43.22 4.44
C ASN F 156 -31.27 44.29 4.69
N PHE F 157 -32.32 44.23 3.89
CA PHE F 157 -33.41 45.18 3.98
C PHE F 157 -34.13 45.23 5.33
N THR F 158 -34.37 46.46 5.76
CA THR F 158 -35.05 46.76 7.01
C THR F 158 -35.49 48.21 6.92
N SER F 159 -36.55 48.56 7.64
CA SER F 159 -37.00 49.95 7.60
C SER F 159 -36.22 50.72 8.65
N LEU F 160 -35.50 50.00 9.50
CA LEU F 160 -34.67 50.60 10.55
C LEU F 160 -33.56 51.42 9.87
N PRO F 161 -33.03 52.46 10.56
CA PRO F 161 -31.97 53.36 10.08
C PRO F 161 -30.57 52.76 9.87
N TYR F 162 -30.53 51.54 9.35
CA TYR F 162 -29.28 50.87 9.06
C TYR F 162 -28.84 51.27 7.65
N PRO F 163 -27.53 51.51 7.45
CA PRO F 163 -26.91 51.92 6.18
C PRO F 163 -27.11 51.07 4.95
N LEU F 164 -27.09 51.74 3.80
CA LEU F 164 -27.18 51.11 2.49
C LEU F 164 -28.42 50.35 2.11
N PHE F 165 -29.02 49.65 3.07
CA PHE F 165 -30.23 48.88 2.76
C PHE F 165 -31.41 49.21 3.63
N GLN F 166 -31.79 50.48 3.64
CA GLN F 166 -32.92 50.87 4.45
C GLN F 166 -34.15 51.11 3.59
N MET F 167 -35.10 50.17 3.69
CA MET F 167 -36.34 50.30 2.98
C MET F 167 -37.11 51.20 3.95
N GLU F 168 -36.88 52.50 3.84
CA GLU F 168 -37.47 53.51 4.72
C GLU F 168 -38.96 53.77 4.53
N LEU F 169 -39.69 53.70 5.63
CA LEU F 169 -41.11 53.94 5.62
C LEU F 169 -41.38 55.43 5.77
N MET F 170 -41.72 56.08 4.65
CA MET F 170 -41.98 57.51 4.67
C MET F 170 -43.22 57.83 5.52
N PRO F 171 -43.45 59.11 5.82
CA PRO F 171 -44.63 59.44 6.63
C PRO F 171 -45.95 59.32 5.86
N ASP F 172 -45.92 59.47 4.54
CA ASP F 172 -47.14 59.38 3.74
C ASP F 172 -47.65 57.94 3.59
N GLY F 173 -46.97 57.00 4.24
CA GLY F 173 -47.37 55.61 4.16
C GLY F 173 -46.56 54.78 3.18
N THR F 174 -45.88 55.44 2.25
CA THR F 174 -45.07 54.74 1.25
C THR F 174 -43.70 54.33 1.77
N PHE F 175 -42.97 53.62 0.92
CA PHE F 175 -41.63 53.13 1.23
C PHE F 175 -40.64 53.72 0.25
N GLU F 176 -39.51 54.19 0.77
CA GLU F 176 -38.45 54.76 -0.06
C GLU F 176 -37.14 54.12 0.34
N TRP F 177 -36.31 53.80 -0.65
CA TRP F 177 -34.99 53.20 -0.43
C TRP F 177 -33.96 53.96 -1.25
N HIS F 178 -32.98 54.54 -0.57
CA HIS F 178 -31.90 55.32 -1.18
C HIS F 178 -30.55 54.60 -1.12
N ALA F 179 -29.76 54.68 -2.19
CA ALA F 179 -28.46 54.02 -2.25
C ALA F 179 -27.71 54.45 -3.53
N PRO F 180 -26.37 54.40 -3.50
CA PRO F 180 -25.53 54.78 -4.64
C PRO F 180 -25.64 53.89 -5.89
N PHE F 181 -26.30 52.75 -5.75
CA PHE F 181 -26.46 51.85 -6.88
C PHE F 181 -27.25 52.54 -7.98
N ASP F 182 -26.80 52.43 -9.22
CA ASP F 182 -27.53 53.01 -10.33
C ASP F 182 -28.90 52.33 -10.28
N PRO F 183 -29.98 53.10 -10.48
CA PRO F 183 -31.35 52.57 -10.44
C PRO F 183 -31.62 51.40 -11.38
N ASP F 184 -31.11 51.53 -12.60
CA ASP F 184 -31.35 50.55 -13.64
C ASP F 184 -30.35 49.42 -13.87
N ILE F 185 -29.24 49.41 -13.13
CA ILE F 185 -28.30 48.32 -13.32
C ILE F 185 -28.57 47.17 -12.36
N PRO F 186 -28.83 45.98 -12.89
CA PRO F 186 -29.12 44.77 -12.12
C PRO F 186 -28.00 44.34 -11.18
N LEU F 187 -28.37 43.99 -9.96
CA LEU F 187 -27.43 43.53 -8.95
C LEU F 187 -27.73 42.06 -8.63
N PRO F 188 -26.71 41.31 -8.19
CA PRO F 188 -26.92 39.89 -7.86
C PRO F 188 -27.49 39.76 -6.45
N TRP F 189 -28.70 39.23 -6.34
CA TRP F 189 -29.31 39.06 -5.04
C TRP F 189 -29.29 37.61 -4.59
N LEU F 190 -29.46 37.41 -3.27
CA LEU F 190 -29.44 36.08 -2.67
C LEU F 190 -30.17 36.02 -1.32
N ASP F 191 -31.00 34.99 -1.14
CA ASP F 191 -31.74 34.82 0.09
C ASP F 191 -30.97 33.88 1.01
N ALA F 192 -30.05 34.44 1.79
CA ALA F 192 -29.19 33.69 2.71
C ALA F 192 -29.82 32.56 3.55
N GLU F 193 -30.81 32.89 4.36
CA GLU F 193 -31.45 31.90 5.22
C GLU F 193 -32.16 30.80 4.45
N HIS F 194 -32.86 31.19 3.40
CA HIS F 194 -33.64 30.26 2.62
C HIS F 194 -32.82 29.43 1.65
N ASP F 195 -31.88 30.04 0.95
CA ASP F 195 -31.14 29.27 -0.05
C ASP F 195 -29.67 28.89 0.12
N VAL F 196 -28.95 29.45 1.09
CA VAL F 196 -27.55 29.07 1.22
C VAL F 196 -27.36 27.65 1.75
N GLY F 197 -28.24 27.22 2.64
CA GLY F 197 -28.11 25.86 3.18
C GLY F 197 -28.27 24.85 2.06
N PRO F 198 -29.45 24.82 1.42
CA PRO F 198 -29.71 23.88 0.33
C PRO F 198 -28.59 23.85 -0.72
N ALA F 199 -28.23 25.01 -1.22
CA ALA F 199 -27.19 25.10 -2.24
C ALA F 199 -25.90 24.41 -1.83
N LEU F 200 -25.35 24.83 -0.69
CA LEU F 200 -24.10 24.26 -0.18
C LEU F 200 -24.23 22.75 -0.02
N LEU F 201 -25.42 22.31 0.38
CA LEU F 201 -25.67 20.88 0.56
C LEU F 201 -25.54 20.15 -0.76
N GLN F 202 -26.07 20.76 -1.82
CA GLN F 202 -26.00 20.15 -3.12
C GLN F 202 -24.56 20.10 -3.59
N ILE F 203 -23.82 21.18 -3.39
CA ILE F 203 -22.42 21.22 -3.81
C ILE F 203 -21.67 20.09 -3.12
N PHE F 204 -21.89 19.93 -1.83
CA PHE F 204 -21.21 18.87 -1.09
C PHE F 204 -21.63 17.53 -1.66
N LYS F 205 -22.93 17.37 -1.89
CA LYS F 205 -23.49 16.14 -2.43
C LYS F 205 -22.88 15.82 -3.83
N ASP F 206 -22.31 16.84 -4.48
CA ASP F 206 -21.68 16.68 -5.79
C ASP F 206 -20.19 16.29 -5.68
N GLY F 207 -19.55 16.63 -4.57
CA GLY F 207 -18.15 16.29 -4.39
C GLY F 207 -17.26 17.14 -5.26
N PRO F 208 -15.94 17.19 -5.00
CA PRO F 208 -14.96 17.96 -5.76
C PRO F 208 -14.73 17.32 -7.12
N GLN F 209 -15.31 16.14 -7.33
CA GLN F 209 -15.19 15.43 -8.60
C GLN F 209 -15.87 16.31 -9.65
N LYS F 210 -16.76 17.19 -9.18
CA LYS F 210 -17.46 18.07 -10.10
C LYS F 210 -17.06 19.50 -9.87
N TRP F 211 -16.95 19.85 -8.60
CA TRP F 211 -16.70 21.22 -8.22
C TRP F 211 -15.32 21.70 -7.80
N ASN F 212 -14.36 20.79 -7.74
CA ASN F 212 -13.02 21.16 -7.32
C ASN F 212 -12.33 22.27 -8.13
N GLY F 213 -12.00 23.36 -7.44
CA GLY F 213 -11.34 24.48 -8.08
C GLY F 213 -12.31 25.48 -8.69
N HIS F 214 -13.60 25.20 -8.62
CA HIS F 214 -14.62 26.07 -9.18
C HIS F 214 -15.09 27.23 -8.30
N ARG F 215 -15.46 28.30 -8.98
CA ARG F 215 -15.99 29.49 -8.33
C ARG F 215 -17.46 29.44 -8.69
N ILE F 216 -18.32 29.63 -7.69
CA ILE F 216 -19.76 29.61 -7.95
C ILE F 216 -20.37 30.87 -7.39
N ALA F 217 -21.25 31.48 -8.18
CA ALA F 217 -21.91 32.69 -7.76
C ALA F 217 -23.20 32.31 -7.06
N LEU F 218 -23.23 32.51 -5.74
CA LEU F 218 -24.41 32.19 -4.99
C LEU F 218 -25.45 33.28 -5.10
N THR F 219 -26.09 33.35 -6.25
CA THR F 219 -27.10 34.35 -6.46
C THR F 219 -28.15 33.67 -7.31
N PHE F 220 -29.42 33.87 -6.99
CA PHE F 220 -30.46 33.20 -7.75
C PHE F 220 -31.34 34.09 -8.60
N GLU F 221 -31.08 35.39 -8.55
CA GLU F 221 -31.85 36.36 -9.33
C GLU F 221 -31.12 37.69 -9.32
N THR F 222 -31.19 38.42 -10.43
CA THR F 222 -30.57 39.74 -10.54
C THR F 222 -31.64 40.80 -10.78
N LEU F 223 -31.63 41.84 -9.96
CA LEU F 223 -32.62 42.92 -10.08
C LEU F 223 -31.92 44.25 -10.00
N SER F 224 -32.49 45.24 -10.66
CA SER F 224 -31.95 46.60 -10.61
C SER F 224 -32.71 47.22 -9.43
N PRO F 225 -32.09 48.18 -8.73
CA PRO F 225 -32.75 48.81 -7.59
C PRO F 225 -34.23 49.13 -7.84
N VAL F 226 -34.54 49.64 -9.03
CA VAL F 226 -35.92 49.96 -9.37
C VAL F 226 -36.81 48.72 -9.30
N GLN F 227 -36.31 47.59 -9.79
CA GLN F 227 -37.05 46.34 -9.77
C GLN F 227 -37.21 45.84 -8.34
N VAL F 228 -36.15 45.94 -7.55
CA VAL F 228 -36.23 45.50 -6.18
C VAL F 228 -37.41 46.21 -5.55
N CYS F 229 -37.48 47.53 -5.75
CA CYS F 229 -38.58 48.32 -5.20
C CYS F 229 -39.91 47.91 -5.82
N ALA F 230 -39.91 47.65 -7.13
CA ALA F 230 -41.15 47.25 -7.80
C ALA F 230 -41.64 45.96 -7.18
N ALA F 231 -40.70 45.06 -6.85
CA ALA F 231 -41.05 43.79 -6.23
C ALA F 231 -41.64 44.08 -4.86
N PHE F 232 -40.99 44.99 -4.12
CA PHE F 232 -41.48 45.35 -2.81
C PHE F 232 -42.84 46.02 -2.93
N SER F 233 -43.04 46.75 -4.03
CA SER F 233 -44.29 47.44 -4.27
C SER F 233 -45.41 46.42 -4.42
N ARG F 234 -45.14 45.40 -5.23
CA ARG F 234 -46.10 44.34 -5.50
C ARG F 234 -46.35 43.52 -4.23
N ALA F 235 -45.28 43.21 -3.51
CA ALA F 235 -45.38 42.42 -2.30
C ALA F 235 -46.26 43.08 -1.22
N LEU F 236 -45.89 44.29 -0.85
CA LEU F 236 -46.59 45.03 0.19
C LEU F 236 -47.79 45.87 -0.26
N ASN F 237 -47.87 46.14 -1.55
CA ASN F 237 -48.96 46.97 -2.07
C ASN F 237 -48.80 48.35 -1.41
N ARG F 238 -47.74 49.03 -1.81
CA ARG F 238 -47.44 50.36 -1.33
C ARG F 238 -46.49 50.98 -2.34
N ARG F 239 -46.61 52.28 -2.58
CA ARG F 239 -45.74 52.92 -3.55
C ARG F 239 -44.29 52.91 -3.04
N VAL F 240 -43.51 51.94 -3.52
CA VAL F 240 -42.11 51.84 -3.14
C VAL F 240 -41.31 52.52 -4.24
N THR F 241 -40.40 53.41 -3.87
CA THR F 241 -39.62 54.15 -4.86
C THR F 241 -38.12 54.18 -4.54
N TYR F 242 -37.29 54.03 -5.57
CA TYR F 242 -35.85 54.04 -5.39
C TYR F 242 -35.27 55.42 -5.65
N VAL F 243 -34.29 55.83 -4.83
CA VAL F 243 -33.65 57.12 -5.05
C VAL F 243 -32.15 56.95 -4.97
N GLN F 244 -31.49 57.21 -6.09
CA GLN F 244 -30.05 57.09 -6.17
C GLN F 244 -29.35 58.27 -5.53
N VAL F 245 -28.64 58.01 -4.43
CA VAL F 245 -27.90 59.03 -3.71
C VAL F 245 -26.40 58.84 -3.94
N PRO F 246 -25.65 59.94 -4.05
CA PRO F 246 -24.21 59.89 -4.28
C PRO F 246 -23.48 59.19 -3.14
N LYS F 247 -23.93 59.44 -1.92
CA LYS F 247 -23.30 58.85 -0.74
C LYS F 247 -24.24 57.97 0.08
N VAL F 248 -23.66 57.05 0.83
CA VAL F 248 -24.46 56.17 1.65
C VAL F 248 -24.91 56.95 2.88
N GLU F 249 -26.20 57.26 2.92
CA GLU F 249 -26.80 57.98 4.03
C GLU F 249 -26.56 57.17 5.31
N ILE F 250 -25.69 57.70 6.17
CA ILE F 250 -25.37 57.03 7.43
C ILE F 250 -26.11 57.71 8.57
N LYS F 251 -27.31 57.19 8.86
CA LYS F 251 -28.17 57.73 9.89
C LYS F 251 -27.94 57.18 11.30
N VAL F 252 -26.81 56.51 11.50
CA VAL F 252 -26.50 55.95 12.82
C VAL F 252 -25.01 55.87 13.05
N ASN F 253 -24.60 55.89 14.31
CA ASN F 253 -23.18 55.80 14.64
C ASN F 253 -22.69 54.39 14.38
N ILE F 254 -21.66 54.28 13.54
CA ILE F 254 -21.09 52.98 13.17
C ILE F 254 -19.57 52.99 13.23
N PRO F 255 -18.95 51.80 13.45
CA PRO F 255 -17.50 51.74 13.51
C PRO F 255 -16.87 52.03 12.15
N VAL F 256 -15.64 52.54 12.21
CA VAL F 256 -14.89 52.91 11.01
C VAL F 256 -14.79 51.79 9.98
N GLY F 257 -14.65 50.55 10.46
CA GLY F 257 -14.54 49.42 9.55
C GLY F 257 -15.63 49.41 8.49
N TYR F 258 -16.87 49.51 8.94
CA TYR F 258 -18.03 49.50 8.05
C TYR F 258 -18.06 50.85 7.33
N ARG F 259 -17.86 51.94 8.06
CA ARG F 259 -17.87 53.25 7.45
C ARG F 259 -16.94 53.21 6.21
N GLU F 260 -15.69 52.74 6.40
CA GLU F 260 -14.72 52.61 5.29
C GLU F 260 -15.23 51.68 4.20
N GLN F 261 -15.88 50.61 4.64
CA GLN F 261 -16.46 49.62 3.77
C GLN F 261 -17.51 50.28 2.88
N LEU F 262 -18.35 51.11 3.49
CA LEU F 262 -19.39 51.79 2.76
C LEU F 262 -18.79 52.85 1.83
N GLU F 263 -17.76 53.53 2.30
CA GLU F 263 -17.14 54.57 1.50
C GLU F 263 -16.63 53.98 0.20
N ALA F 264 -16.07 52.78 0.28
CA ALA F 264 -15.54 52.09 -0.91
C ALA F 264 -16.71 51.72 -1.83
N ILE F 265 -17.81 51.27 -1.24
CA ILE F 265 -18.97 50.92 -2.03
C ILE F 265 -19.38 52.14 -2.83
N GLU F 266 -19.51 53.29 -2.16
CA GLU F 266 -19.91 54.56 -2.79
C GLU F 266 -19.12 54.80 -4.07
N VAL F 267 -17.80 54.62 -3.98
CA VAL F 267 -16.91 54.81 -5.11
C VAL F 267 -17.12 53.77 -6.21
N VAL F 268 -17.02 52.50 -5.84
CA VAL F 268 -17.16 51.41 -6.80
C VAL F 268 -18.51 51.33 -7.52
N PHE F 269 -19.60 51.39 -6.77
CA PHE F 269 -20.93 51.28 -7.39
C PHE F 269 -21.53 52.61 -7.75
N GLY F 270 -21.35 53.59 -6.88
CA GLY F 270 -21.91 54.90 -7.14
C GLY F 270 -21.12 55.59 -8.25
N GLU F 271 -19.88 55.92 -7.96
CA GLU F 271 -18.98 56.60 -8.90
C GLU F 271 -18.63 55.85 -10.21
N HIS F 272 -17.95 54.71 -10.08
CA HIS F 272 -17.54 53.94 -11.26
C HIS F 272 -18.60 53.00 -11.81
N LYS F 273 -19.73 52.91 -11.14
CA LYS F 273 -20.79 52.02 -11.60
C LYS F 273 -20.17 50.70 -12.07
N ALA F 274 -19.41 50.06 -11.18
CA ALA F 274 -18.75 48.79 -11.47
C ALA F 274 -19.58 47.58 -11.02
N PRO F 275 -19.36 46.43 -11.67
CA PRO F 275 -20.03 45.15 -11.41
C PRO F 275 -19.85 44.58 -10.01
N TYR F 276 -20.93 44.01 -9.46
CA TYR F 276 -20.84 43.43 -8.13
C TYR F 276 -19.80 42.31 -8.23
N PHE F 277 -19.94 41.43 -9.21
CA PHE F 277 -18.95 40.36 -9.42
C PHE F 277 -18.15 40.75 -10.68
N PRO F 278 -17.03 41.48 -10.50
CA PRO F 278 -16.19 41.92 -11.61
C PRO F 278 -15.51 40.80 -12.41
N LEU F 279 -15.36 39.63 -11.79
CA LEU F 279 -14.72 38.49 -12.45
C LEU F 279 -15.29 38.24 -13.85
N PRO F 280 -14.41 37.97 -14.82
CA PRO F 280 -14.81 37.70 -16.21
C PRO F 280 -15.84 36.58 -16.27
N GLU F 281 -15.64 35.58 -15.44
CA GLU F 281 -16.51 34.42 -15.39
C GLU F 281 -17.88 34.74 -14.81
N PHE F 282 -17.97 35.84 -14.09
CA PHE F 282 -19.21 36.26 -13.50
C PHE F 282 -19.77 37.35 -14.39
N SER F 283 -18.87 38.20 -14.87
CA SER F 283 -19.23 39.31 -15.75
C SER F 283 -19.45 38.81 -17.20
N ARG F 316 -26.98 33.65 -17.91
CA ARG F 316 -26.28 34.69 -17.18
C ARG F 316 -25.74 34.17 -15.85
N VAL F 317 -25.15 35.08 -15.08
CA VAL F 317 -24.55 34.80 -13.78
C VAL F 317 -25.31 33.89 -12.81
N THR F 318 -26.64 33.85 -12.89
CA THR F 318 -27.44 33.04 -11.97
C THR F 318 -27.64 31.57 -12.36
N ASP F 319 -27.18 31.18 -13.53
CA ASP F 319 -27.36 29.82 -13.99
C ASP F 319 -26.94 28.67 -13.07
N GLU F 320 -25.65 28.58 -12.77
CA GLU F 320 -25.14 27.51 -11.91
C GLU F 320 -25.89 27.38 -10.59
N ALA F 321 -26.11 28.51 -9.92
CA ALA F 321 -26.81 28.49 -8.66
C ALA F 321 -28.18 27.82 -8.84
N ARG F 322 -28.98 28.33 -9.76
CA ARG F 322 -30.32 27.79 -9.99
C ARG F 322 -30.31 26.28 -10.26
N LYS F 323 -29.26 25.79 -10.91
CA LYS F 323 -29.16 24.38 -11.21
C LYS F 323 -28.85 23.54 -9.97
N LEU F 324 -28.12 24.11 -9.02
CA LEU F 324 -27.79 23.42 -7.78
C LEU F 324 -28.99 23.39 -6.83
N TRP F 325 -29.74 24.48 -6.78
CA TRP F 325 -30.92 24.57 -5.93
C TRP F 325 -31.97 25.37 -6.69
N SER F 326 -33.06 24.71 -7.07
CA SER F 326 -34.12 25.34 -7.83
C SER F 326 -35.31 25.80 -6.99
N GLY F 327 -35.23 25.61 -5.68
CA GLY F 327 -36.31 26.02 -4.80
C GLY F 327 -35.95 27.33 -4.11
N TRP F 328 -35.30 28.23 -4.84
CA TRP F 328 -34.91 29.52 -4.28
C TRP F 328 -36.07 30.46 -4.00
N ARG F 329 -35.81 31.43 -3.13
CA ARG F 329 -36.82 32.41 -2.78
C ARG F 329 -36.44 33.79 -3.35
N ASP F 330 -37.30 34.32 -4.22
CA ASP F 330 -37.03 35.61 -4.83
C ASP F 330 -37.42 36.76 -3.91
N MET F 331 -37.14 37.98 -4.37
CA MET F 331 -37.41 39.21 -3.63
C MET F 331 -38.89 39.39 -3.26
N GLU F 332 -39.77 39.16 -4.22
CA GLU F 332 -41.21 39.31 -3.99
C GLU F 332 -41.67 38.43 -2.83
N GLU F 333 -41.29 37.16 -2.82
CA GLU F 333 -41.68 36.26 -1.72
C GLU F 333 -41.06 36.74 -0.42
N TYR F 334 -39.80 37.14 -0.52
CA TYR F 334 -39.10 37.64 0.65
C TYR F 334 -39.90 38.83 1.21
N ALA F 335 -39.98 39.88 0.40
CA ALA F 335 -40.68 41.11 0.77
C ALA F 335 -42.05 40.83 1.37
N ARG F 336 -42.81 39.98 0.70
CA ARG F 336 -44.14 39.60 1.16
C ARG F 336 -44.14 38.74 2.41
N GLU F 337 -43.59 37.54 2.28
CA GLU F 337 -43.58 36.56 3.35
C GLU F 337 -42.59 36.74 4.51
N VAL F 338 -41.46 37.38 4.28
CA VAL F 338 -40.49 37.54 5.36
C VAL F 338 -40.33 38.95 5.89
N PHE F 339 -40.01 39.89 5.00
CA PHE F 339 -39.80 41.28 5.40
C PHE F 339 -40.73 41.73 6.54
N PRO F 340 -42.04 41.59 6.34
CA PRO F 340 -43.03 41.99 7.35
C PRO F 340 -42.72 41.42 8.72
N ILE F 341 -42.53 40.10 8.73
CA ILE F 341 -42.27 39.37 9.95
C ILE F 341 -41.01 39.80 10.68
N GLU F 342 -39.95 40.07 9.92
CA GLU F 342 -38.72 40.50 10.56
C GLU F 342 -38.94 41.89 11.13
N GLU F 343 -39.55 42.76 10.33
CA GLU F 343 -39.82 44.13 10.76
C GLU F 343 -40.62 44.06 12.05
N GLU F 344 -41.77 43.39 11.98
CA GLU F 344 -42.61 43.25 13.14
C GLU F 344 -41.80 42.72 14.32
N ALA F 345 -40.84 41.87 14.01
CA ALA F 345 -39.98 41.29 15.04
C ALA F 345 -38.97 42.30 15.57
N ASN F 346 -38.76 43.39 14.84
CA ASN F 346 -37.82 44.41 15.28
C ASN F 346 -38.55 45.57 15.93
N GLY F 347 -39.79 45.31 16.35
CA GLY F 347 -40.58 46.32 17.03
C GLY F 347 -41.43 47.27 16.21
N LEU F 348 -41.80 46.90 14.99
CA LEU F 348 -42.62 47.77 14.17
C LEU F 348 -44.06 47.28 14.08
N ASP F 349 -44.91 48.04 13.40
CA ASP F 349 -46.31 47.66 13.28
C ASP F 349 -47.04 48.18 12.03
N TRP F 350 -46.32 48.79 11.10
CA TRP F 350 -46.99 49.29 9.91
C TRP F 350 -47.83 48.20 9.26
N MET F 351 -47.62 46.97 9.71
CA MET F 351 -48.35 45.82 9.19
C MET F 351 -49.33 45.24 10.22
N LEU F 352 -50.10 46.12 10.84
CA LEU F 352 -51.06 45.68 11.85
C LEU F 352 -52.30 46.56 11.87
N GLN G 3 3.28 -36.72 -69.27
CA GLN G 3 2.57 -35.55 -68.66
C GLN G 3 1.08 -35.54 -68.96
N GLN G 4 0.47 -36.71 -68.89
CA GLN G 4 -0.95 -36.81 -69.16
C GLN G 4 -1.74 -36.80 -67.86
N LYS G 5 -2.91 -36.18 -67.91
CA LYS G 5 -3.78 -36.15 -66.75
C LYS G 5 -4.31 -37.58 -66.71
N LYS G 6 -4.32 -38.16 -65.52
CA LYS G 6 -4.76 -39.53 -65.35
C LYS G 6 -6.04 -39.63 -64.53
N THR G 7 -6.48 -40.85 -64.27
CA THR G 7 -7.68 -41.06 -63.50
C THR G 7 -7.26 -41.39 -62.08
N ILE G 8 -7.85 -40.70 -61.11
CA ILE G 8 -7.52 -40.88 -59.71
C ILE G 8 -8.64 -41.48 -58.90
N ALA G 9 -8.33 -42.55 -58.17
CA ALA G 9 -9.30 -43.20 -57.32
C ALA G 9 -9.15 -42.58 -55.92
N VAL G 10 -10.26 -42.23 -55.29
CA VAL G 10 -10.24 -41.61 -53.96
C VAL G 10 -11.39 -42.13 -53.11
N VAL G 11 -11.21 -42.21 -51.80
CA VAL G 11 -12.33 -42.62 -50.94
C VAL G 11 -12.53 -41.51 -49.92
N ASN G 12 -13.65 -41.55 -49.22
CA ASN G 12 -13.95 -40.54 -48.22
C ASN G 12 -13.89 -39.16 -48.92
N ALA G 13 -14.39 -39.16 -50.15
CA ALA G 13 -14.41 -37.98 -51.02
C ALA G 13 -14.80 -36.66 -50.36
N THR G 14 -15.78 -36.69 -49.47
CA THR G 14 -16.25 -35.48 -48.81
C THR G 14 -15.35 -35.03 -47.66
N GLY G 15 -14.33 -35.83 -47.34
CA GLY G 15 -13.41 -35.44 -46.28
C GLY G 15 -12.64 -34.22 -46.75
N ARG G 16 -12.04 -33.48 -45.83
CA ARG G 16 -11.28 -32.30 -46.19
C ARG G 16 -10.06 -32.56 -47.05
N GLN G 17 -9.40 -33.69 -46.83
CA GLN G 17 -8.22 -34.02 -47.60
C GLN G 17 -8.67 -34.32 -49.02
N ALA G 18 -9.45 -35.38 -49.16
CA ALA G 18 -9.98 -35.83 -50.44
C ALA G 18 -10.59 -34.70 -51.27
N ALA G 19 -11.61 -34.05 -50.72
CA ALA G 19 -12.29 -32.96 -51.43
C ALA G 19 -11.34 -31.91 -51.99
N SER G 20 -10.30 -31.59 -51.24
CA SER G 20 -9.31 -30.61 -51.66
C SER G 20 -8.62 -31.10 -52.93
N LEU G 21 -8.18 -32.36 -52.92
CA LEU G 21 -7.52 -32.95 -54.07
C LEU G 21 -8.49 -32.99 -55.23
N ILE G 22 -9.66 -33.54 -54.95
CA ILE G 22 -10.68 -33.69 -55.98
C ILE G 22 -10.97 -32.41 -56.75
N ARG G 23 -11.19 -31.30 -56.02
CA ARG G 23 -11.47 -30.01 -56.65
C ARG G 23 -10.35 -29.68 -57.61
N VAL G 24 -9.14 -29.67 -57.05
CA VAL G 24 -7.93 -29.38 -57.78
C VAL G 24 -7.66 -30.33 -58.96
N ALA G 25 -7.76 -31.63 -58.70
CA ALA G 25 -7.49 -32.61 -59.73
C ALA G 25 -8.46 -32.49 -60.90
N ALA G 26 -9.75 -32.37 -60.60
CA ALA G 26 -10.75 -32.26 -61.66
C ALA G 26 -10.54 -30.97 -62.47
N ALA G 27 -10.28 -29.87 -61.78
CA ALA G 27 -10.05 -28.58 -62.43
C ALA G 27 -8.93 -28.60 -63.47
N VAL G 28 -7.84 -29.29 -63.16
CA VAL G 28 -6.72 -29.37 -64.09
C VAL G 28 -6.90 -30.37 -65.23
N GLY G 29 -7.93 -31.21 -65.17
CA GLY G 29 -8.15 -32.15 -66.24
C GLY G 29 -8.06 -33.62 -65.92
N HIS G 30 -7.97 -33.96 -64.65
CA HIS G 30 -7.89 -35.37 -64.25
C HIS G 30 -9.29 -35.92 -64.07
N HIS G 31 -9.42 -37.23 -64.15
CA HIS G 31 -10.71 -37.86 -63.94
C HIS G 31 -10.66 -38.39 -62.53
N VAL G 32 -11.79 -38.36 -61.84
CA VAL G 32 -11.85 -38.79 -60.46
C VAL G 32 -12.94 -39.81 -60.18
N ARG G 33 -12.55 -40.95 -59.61
CA ARG G 33 -13.49 -41.99 -59.21
C ARG G 33 -13.49 -41.90 -57.69
N ALA G 34 -14.58 -41.40 -57.11
CA ALA G 34 -14.65 -41.22 -55.67
C ALA G 34 -15.71 -42.02 -54.94
N GLN G 35 -15.39 -42.41 -53.72
CA GLN G 35 -16.30 -43.15 -52.89
C GLN G 35 -16.84 -42.20 -51.84
N VAL G 36 -18.16 -42.17 -51.70
CA VAL G 36 -18.79 -41.34 -50.66
C VAL G 36 -19.74 -42.23 -49.90
N HIS G 37 -19.87 -41.96 -48.61
CA HIS G 37 -20.75 -42.74 -47.77
C HIS G 37 -22.21 -42.36 -48.02
N SER G 38 -22.44 -41.10 -48.38
CA SER G 38 -23.78 -40.61 -48.65
C SER G 38 -23.75 -39.41 -49.59
N LEU G 39 -24.77 -39.30 -50.44
CA LEU G 39 -24.89 -38.20 -51.39
C LEU G 39 -25.57 -36.99 -50.76
N LYS G 40 -26.07 -37.19 -49.55
CA LYS G 40 -26.72 -36.11 -48.84
C LYS G 40 -25.64 -35.33 -48.12
N GLY G 41 -25.55 -34.04 -48.44
CA GLY G 41 -24.54 -33.22 -47.81
C GLY G 41 -24.09 -32.15 -48.77
N LEU G 42 -23.65 -31.03 -48.21
CA LEU G 42 -23.16 -29.91 -48.98
C LEU G 42 -22.05 -30.33 -49.93
N ILE G 43 -20.96 -30.84 -49.35
CA ILE G 43 -19.84 -31.25 -50.18
C ILE G 43 -20.18 -32.33 -51.18
N ALA G 44 -20.95 -33.32 -50.73
CA ALA G 44 -21.34 -34.40 -51.62
C ALA G 44 -21.98 -33.86 -52.90
N GLU G 45 -22.88 -32.91 -52.74
CA GLU G 45 -23.56 -32.30 -53.86
C GLU G 45 -22.59 -31.46 -54.68
N GLU G 46 -21.62 -30.85 -54.01
CA GLU G 46 -20.61 -30.05 -54.69
C GLU G 46 -19.87 -30.95 -55.66
N LEU G 47 -19.17 -31.95 -55.11
CA LEU G 47 -18.38 -32.88 -55.90
C LEU G 47 -19.17 -33.55 -57.01
N GLN G 48 -20.41 -33.93 -56.72
CA GLN G 48 -21.22 -34.59 -57.73
C GLN G 48 -21.35 -33.66 -58.93
N ALA G 49 -21.39 -32.35 -58.67
CA ALA G 49 -21.52 -31.34 -59.71
C ALA G 49 -20.27 -31.18 -60.58
N ILE G 50 -19.09 -31.22 -59.96
CA ILE G 50 -17.84 -31.08 -60.72
C ILE G 50 -17.88 -32.12 -61.83
N PRO G 51 -17.71 -31.66 -63.08
CA PRO G 51 -17.72 -32.45 -64.32
C PRO G 51 -17.11 -33.85 -64.39
N ASN G 52 -15.79 -33.96 -64.32
CA ASN G 52 -15.12 -35.27 -64.44
C ASN G 52 -15.03 -36.12 -63.19
N VAL G 53 -15.97 -35.95 -62.26
CA VAL G 53 -15.97 -36.69 -61.02
C VAL G 53 -17.12 -37.68 -61.03
N THR G 54 -16.81 -38.93 -60.71
CA THR G 54 -17.81 -40.00 -60.64
C THR G 54 -17.84 -40.50 -59.20
N LEU G 55 -19.04 -40.47 -58.62
CA LEU G 55 -19.21 -40.90 -57.25
C LEU G 55 -19.79 -42.29 -57.15
N PHE G 56 -19.45 -42.97 -56.08
CA PHE G 56 -19.95 -44.29 -55.82
C PHE G 56 -20.37 -44.24 -54.36
N GLN G 57 -21.68 -44.30 -54.15
CA GLN G 57 -22.22 -44.23 -52.81
C GLN G 57 -22.37 -45.62 -52.19
N GLY G 58 -21.65 -45.81 -51.09
CA GLY G 58 -21.70 -47.08 -50.41
C GLY G 58 -20.69 -47.08 -49.28
N PRO G 59 -20.66 -48.15 -48.48
CA PRO G 59 -19.72 -48.25 -47.35
C PRO G 59 -18.45 -48.95 -47.82
N LEU G 60 -17.33 -48.65 -47.16
CA LEU G 60 -16.06 -49.26 -47.51
C LEU G 60 -15.89 -50.58 -46.77
N LEU G 61 -16.39 -50.61 -45.53
CA LEU G 61 -16.29 -51.79 -44.70
C LEU G 61 -16.90 -53.05 -45.32
N ASN G 62 -16.07 -54.05 -45.53
CA ASN G 62 -16.48 -55.33 -46.07
C ASN G 62 -17.12 -55.24 -47.45
N ASN G 63 -16.80 -54.19 -48.19
CA ASN G 63 -17.42 -54.02 -49.50
C ASN G 63 -16.41 -53.94 -50.62
N VAL G 64 -15.84 -55.08 -50.98
CA VAL G 64 -14.84 -55.13 -52.04
C VAL G 64 -15.38 -54.97 -53.45
N PRO G 65 -16.69 -55.23 -53.67
CA PRO G 65 -17.22 -55.07 -55.03
C PRO G 65 -17.10 -53.61 -55.43
N LEU G 66 -17.31 -52.75 -54.43
CA LEU G 66 -17.22 -51.33 -54.64
C LEU G 66 -15.75 -50.95 -54.85
N MET G 67 -14.86 -51.42 -53.97
CA MET G 67 -13.43 -51.13 -54.10
C MET G 67 -12.92 -51.51 -55.50
N ASP G 68 -13.34 -52.67 -55.99
CA ASP G 68 -12.95 -53.15 -57.32
C ASP G 68 -13.36 -52.15 -58.39
N THR G 69 -14.58 -51.65 -58.24
CA THR G 69 -15.11 -50.72 -59.21
C THR G 69 -14.34 -49.41 -59.15
N LEU G 70 -14.11 -48.94 -57.92
CA LEU G 70 -13.37 -47.71 -57.69
C LEU G 70 -12.07 -47.67 -58.47
N PHE G 71 -11.29 -48.76 -58.39
CA PHE G 71 -10.00 -48.83 -59.05
C PHE G 71 -9.97 -49.15 -60.55
N GLU G 72 -11.13 -49.45 -61.14
CA GLU G 72 -11.18 -49.75 -62.55
C GLU G 72 -10.69 -48.57 -63.37
N GLY G 73 -9.65 -48.80 -64.17
CA GLY G 73 -9.10 -47.75 -65.01
C GLY G 73 -8.40 -46.62 -64.30
N ALA G 74 -8.03 -46.85 -63.05
CA ALA G 74 -7.35 -45.84 -62.25
C ALA G 74 -5.83 -46.02 -62.35
N HIS G 75 -5.11 -44.89 -62.42
CA HIS G 75 -3.65 -44.92 -62.52
C HIS G 75 -3.05 -44.39 -61.24
N LEU G 76 -3.83 -43.59 -60.53
CA LEU G 76 -3.40 -42.99 -59.29
C LEU G 76 -4.41 -43.26 -58.21
N ALA G 77 -4.07 -42.91 -56.97
CA ALA G 77 -4.99 -43.11 -55.88
C ALA G 77 -4.54 -42.39 -54.64
N PHE G 78 -5.46 -41.65 -54.04
CA PHE G 78 -5.19 -40.96 -52.79
C PHE G 78 -6.12 -41.62 -51.81
N ILE G 79 -5.56 -42.34 -50.85
CA ILE G 79 -6.41 -43.00 -49.88
C ILE G 79 -6.29 -42.46 -48.47
N ASN G 80 -7.42 -41.99 -47.96
CA ASN G 80 -7.49 -41.46 -46.60
C ASN G 80 -8.76 -41.93 -45.92
N THR G 81 -8.66 -43.01 -45.15
CA THR G 81 -9.80 -43.57 -44.45
C THR G 81 -10.12 -42.77 -43.19
N THR G 82 -11.35 -42.91 -42.70
CA THR G 82 -11.79 -42.21 -41.49
C THR G 82 -12.38 -43.19 -40.48
N SER G 83 -12.20 -42.84 -39.21
CA SER G 83 -12.67 -43.62 -38.07
C SER G 83 -14.15 -43.93 -38.17
N GLN G 84 -14.92 -42.93 -38.59
CA GLN G 84 -16.37 -43.06 -38.71
C GLN G 84 -16.87 -44.08 -39.73
N ALA G 85 -16.00 -44.59 -40.60
CA ALA G 85 -16.41 -45.57 -41.61
C ALA G 85 -16.34 -47.01 -41.09
N GLY G 86 -15.56 -47.21 -40.02
CA GLY G 86 -15.41 -48.53 -39.45
C GLY G 86 -13.94 -48.88 -39.23
N ASP G 87 -13.62 -50.16 -39.41
CA ASP G 87 -12.26 -50.68 -39.24
C ASP G 87 -11.27 -50.20 -40.31
N GLU G 88 -10.51 -49.16 -39.99
CA GLU G 88 -9.55 -48.59 -40.94
C GLU G 88 -8.48 -49.55 -41.46
N ILE G 89 -8.13 -50.55 -40.66
CA ILE G 89 -7.10 -51.53 -41.03
C ILE G 89 -7.63 -52.54 -42.02
N ALA G 90 -8.83 -53.05 -41.71
CA ALA G 90 -9.52 -54.03 -42.55
C ALA G 90 -9.76 -53.41 -43.92
N ILE G 91 -10.32 -52.21 -43.87
CA ILE G 91 -10.63 -51.41 -45.05
C ILE G 91 -9.36 -50.98 -45.79
N GLY G 92 -8.34 -50.53 -45.04
CA GLY G 92 -7.09 -50.11 -45.64
C GLY G 92 -6.43 -51.28 -46.38
N LYS G 93 -6.49 -52.46 -45.76
CA LYS G 93 -5.91 -53.63 -46.35
C LYS G 93 -6.70 -54.02 -47.60
N ASP G 94 -8.02 -54.01 -47.48
CA ASP G 94 -8.87 -54.34 -48.60
C ASP G 94 -8.60 -53.40 -49.78
N LEU G 95 -8.54 -52.10 -49.51
CA LEU G 95 -8.29 -51.13 -50.56
C LEU G 95 -6.95 -51.38 -51.24
N ALA G 96 -5.91 -51.61 -50.45
CA ALA G 96 -4.59 -51.86 -51.00
C ALA G 96 -4.65 -53.11 -51.87
N ASP G 97 -5.43 -54.10 -51.45
CA ASP G 97 -5.58 -55.35 -52.20
C ASP G 97 -6.32 -55.10 -53.51
N ALA G 98 -7.36 -54.27 -53.44
CA ALA G 98 -8.14 -53.93 -54.61
C ALA G 98 -7.26 -53.21 -55.63
N ALA G 99 -6.46 -52.27 -55.15
CA ALA G 99 -5.57 -51.52 -56.02
C ALA G 99 -4.53 -52.41 -56.68
N LYS G 100 -4.03 -53.38 -55.92
CA LYS G 100 -3.03 -54.30 -56.46
C LYS G 100 -3.69 -55.11 -57.56
N ARG G 101 -4.86 -55.66 -57.26
CA ARG G 101 -5.63 -56.45 -58.20
C ARG G 101 -5.88 -55.69 -59.50
N ALA G 102 -6.21 -54.40 -59.40
CA ALA G 102 -6.47 -53.58 -60.58
C ALA G 102 -5.26 -53.55 -61.51
N GLY G 103 -4.07 -53.66 -60.92
CA GLY G 103 -2.84 -53.67 -61.69
C GLY G 103 -2.48 -52.41 -62.45
N THR G 104 -3.37 -51.42 -62.45
CA THR G 104 -3.14 -50.18 -63.18
C THR G 104 -2.57 -49.01 -62.37
N ILE G 105 -2.55 -49.13 -61.04
CA ILE G 105 -2.05 -48.07 -60.20
C ILE G 105 -0.55 -47.89 -60.31
N GLN G 106 -0.17 -46.65 -60.61
CA GLN G 106 1.22 -46.26 -60.79
C GLN G 106 1.73 -45.50 -59.60
N HIS G 107 0.82 -44.88 -58.86
CA HIS G 107 1.17 -44.08 -57.70
C HIS G 107 0.07 -44.15 -56.64
N TYR G 108 0.34 -44.84 -55.55
CA TYR G 108 -0.64 -45.00 -54.50
C TYR G 108 -0.29 -44.22 -53.23
N ILE G 109 -0.87 -43.03 -53.07
CA ILE G 109 -0.62 -42.18 -51.91
C ILE G 109 -1.57 -42.50 -50.77
N TYR G 110 -1.03 -42.93 -49.65
CA TYR G 110 -1.86 -43.26 -48.48
C TYR G 110 -1.62 -42.21 -47.41
N SER G 111 -2.70 -41.71 -46.82
CA SER G 111 -2.60 -40.70 -45.76
C SER G 111 -2.38 -41.47 -44.45
N SER G 112 -1.18 -41.39 -43.89
CA SER G 112 -0.86 -42.14 -42.68
C SER G 112 -0.64 -41.26 -41.45
N MET G 113 -0.54 -41.90 -40.29
CA MET G 113 -0.30 -41.18 -39.04
C MET G 113 0.61 -42.01 -38.12
N PRO G 114 1.10 -41.39 -37.05
CA PRO G 114 1.98 -42.05 -36.09
C PRO G 114 1.28 -43.03 -35.12
N ASP G 115 2.13 -43.88 -34.50
CA ASP G 115 1.70 -44.85 -33.48
C ASP G 115 2.71 -44.54 -32.36
N HIS G 116 2.41 -43.48 -31.65
CA HIS G 116 3.27 -43.00 -30.57
C HIS G 116 3.81 -44.06 -29.62
N SER G 117 3.14 -45.20 -29.54
CA SER G 117 3.60 -46.23 -28.61
C SER G 117 4.98 -46.75 -28.95
N LEU G 118 5.30 -46.79 -30.24
CA LEU G 118 6.58 -47.29 -30.73
C LEU G 118 7.73 -46.27 -30.71
N TYR G 119 7.57 -45.13 -30.05
CA TYR G 119 8.64 -44.12 -30.03
C TYR G 119 8.91 -43.62 -28.63
N GLY G 120 8.03 -43.98 -27.70
CA GLY G 120 8.19 -43.56 -26.33
C GLY G 120 7.26 -44.32 -25.43
N PRO G 121 7.31 -44.05 -24.10
CA PRO G 121 6.49 -44.69 -23.07
C PRO G 121 5.08 -44.11 -23.08
N TRP G 122 4.62 -43.76 -24.27
CA TRP G 122 3.32 -43.16 -24.45
C TRP G 122 2.35 -44.13 -25.08
N PRO G 123 1.05 -43.82 -25.04
CA PRO G 123 0.00 -44.66 -25.60
C PRO G 123 -0.26 -44.32 -27.06
N ALA G 124 -0.68 -45.31 -27.83
CA ALA G 124 -0.97 -45.07 -29.24
C ALA G 124 -2.32 -44.37 -29.41
N VAL G 125 -2.30 -43.14 -29.93
CA VAL G 125 -3.55 -42.41 -30.15
C VAL G 125 -4.41 -43.23 -31.13
N PRO G 126 -5.51 -43.82 -30.63
CA PRO G 126 -6.51 -44.67 -31.29
C PRO G 126 -7.05 -44.35 -32.70
N MET G 127 -6.95 -43.09 -33.12
CA MET G 127 -7.45 -42.74 -34.44
C MET G 127 -6.30 -42.45 -35.37
N TRP G 128 -5.11 -42.81 -34.93
CA TRP G 128 -3.91 -42.58 -35.70
C TRP G 128 -3.08 -43.84 -35.88
N ALA G 129 -2.60 -44.37 -34.77
CA ALA G 129 -1.79 -45.58 -34.77
C ALA G 129 -2.18 -46.59 -35.87
N PRO G 130 -3.47 -46.97 -35.93
CA PRO G 130 -3.99 -47.93 -36.91
C PRO G 130 -3.60 -47.70 -38.37
N LYS G 131 -3.39 -46.44 -38.75
CA LYS G 131 -3.04 -46.09 -40.12
C LYS G 131 -1.62 -46.52 -40.45
N PHE G 132 -0.74 -46.50 -39.45
CA PHE G 132 0.64 -46.88 -39.66
C PHE G 132 0.69 -48.34 -40.10
N THR G 133 -0.15 -49.15 -39.47
CA THR G 133 -0.27 -50.57 -39.76
C THR G 133 -0.59 -50.78 -41.25
N VAL G 134 -1.52 -49.97 -41.75
CA VAL G 134 -1.92 -50.05 -43.15
C VAL G 134 -0.74 -49.63 -44.02
N GLU G 135 0.00 -48.63 -43.58
CA GLU G 135 1.15 -48.15 -44.33
C GLU G 135 2.09 -49.30 -44.64
N ASN G 136 2.46 -50.02 -43.60
CA ASN G 136 3.38 -51.16 -43.72
C ASN G 136 2.84 -52.18 -44.68
N TYR G 137 1.53 -52.40 -44.63
CA TYR G 137 0.88 -53.37 -45.50
C TYR G 137 0.96 -52.97 -46.96
N VAL G 138 0.83 -51.67 -47.22
CA VAL G 138 0.94 -51.16 -48.57
C VAL G 138 2.34 -51.48 -49.07
N ARG G 139 3.35 -51.09 -48.27
CA ARG G 139 4.76 -51.31 -48.59
C ARG G 139 4.99 -52.81 -48.83
N GLN G 140 4.33 -53.63 -48.04
CA GLN G 140 4.44 -55.08 -48.15
C GLN G 140 3.96 -55.58 -49.51
N LEU G 141 2.81 -55.09 -49.98
CA LEU G 141 2.30 -55.51 -51.28
C LEU G 141 3.19 -55.03 -52.42
N GLY G 142 4.12 -54.13 -52.10
CA GLY G 142 5.00 -53.61 -53.13
C GLY G 142 4.33 -52.59 -54.04
N LEU G 143 3.24 -51.96 -53.59
CA LEU G 143 2.56 -50.95 -54.40
C LEU G 143 3.39 -49.68 -54.46
N PRO G 144 3.60 -49.11 -55.66
CA PRO G 144 4.37 -47.87 -55.84
C PRO G 144 3.69 -46.79 -54.99
N SER G 145 4.21 -46.52 -53.80
CA SER G 145 3.55 -45.58 -52.91
C SER G 145 4.36 -44.48 -52.26
N THR G 146 3.61 -43.57 -51.63
CA THR G 146 4.16 -42.43 -50.91
C THR G 146 3.19 -42.25 -49.76
N PHE G 147 3.68 -41.90 -48.58
CA PHE G 147 2.80 -41.72 -47.44
C PHE G 147 2.84 -40.33 -46.85
N VAL G 148 1.69 -39.66 -46.86
CA VAL G 148 1.61 -38.32 -46.31
C VAL G 148 1.10 -38.31 -44.87
N TYR G 149 1.67 -37.42 -44.05
CA TYR G 149 1.30 -37.27 -42.65
C TYR G 149 0.74 -35.88 -42.46
N ALA G 150 -0.57 -35.78 -42.25
CA ALA G 150 -1.20 -34.46 -42.08
C ALA G 150 -0.99 -33.84 -40.70
N GLY G 151 -0.69 -32.54 -40.71
CA GLY G 151 -0.52 -31.76 -39.49
C GLY G 151 -1.89 -31.39 -38.94
N ILE G 152 -1.94 -30.58 -37.89
CA ILE G 152 -3.24 -30.21 -37.31
C ILE G 152 -3.98 -29.21 -38.20
N TYR G 153 -5.20 -29.53 -38.63
CA TYR G 153 -5.95 -28.62 -39.50
C TYR G 153 -6.15 -27.23 -38.87
N ASN G 154 -5.89 -26.16 -39.63
CA ASN G 154 -6.11 -24.81 -39.12
C ASN G 154 -7.60 -24.68 -38.86
N ASN G 155 -8.42 -25.31 -39.71
CA ASN G 155 -9.87 -25.19 -39.57
C ASN G 155 -10.53 -26.15 -38.58
N ASN G 156 -9.76 -26.71 -37.67
CA ASN G 156 -10.38 -27.55 -36.64
C ASN G 156 -10.99 -26.48 -35.71
N PHE G 157 -10.40 -25.29 -35.74
CA PHE G 157 -10.85 -24.18 -34.92
C PHE G 157 -12.23 -23.67 -35.24
N THR G 158 -12.99 -23.48 -34.15
CA THR G 158 -14.35 -22.97 -34.20
C THR G 158 -14.67 -22.45 -32.82
N SER G 159 -15.54 -21.46 -32.74
CA SER G 159 -15.92 -20.90 -31.45
C SER G 159 -16.99 -21.80 -30.83
N LEU G 160 -17.55 -22.71 -31.63
CA LEU G 160 -18.55 -23.65 -31.13
C LEU G 160 -17.93 -24.53 -30.04
N PRO G 161 -18.75 -25.16 -29.19
CA PRO G 161 -18.35 -26.04 -28.09
C PRO G 161 -17.76 -27.41 -28.46
N TYR G 162 -17.00 -27.46 -29.55
CA TYR G 162 -16.37 -28.69 -30.00
C TYR G 162 -15.07 -28.85 -29.24
N PRO G 163 -14.73 -30.10 -28.86
CA PRO G 163 -13.51 -30.42 -28.11
C PRO G 163 -12.17 -30.13 -28.75
N LEU G 164 -11.19 -29.90 -27.87
CA LEU G 164 -9.79 -29.64 -28.21
C LEU G 164 -9.47 -28.35 -28.94
N PHE G 165 -10.23 -28.05 -30.00
CA PHE G 165 -9.92 -26.86 -30.78
C PHE G 165 -11.02 -25.82 -30.83
N GLN G 166 -11.35 -25.29 -29.66
CA GLN G 166 -12.38 -24.27 -29.61
C GLN G 166 -11.78 -22.90 -29.36
N MET G 167 -11.78 -22.06 -30.39
CA MET G 167 -11.30 -20.70 -30.22
C MET G 167 -12.59 -20.04 -29.74
N GLU G 168 -12.81 -20.16 -28.43
CA GLU G 168 -14.02 -19.65 -27.78
C GLU G 168 -14.04 -18.15 -27.49
N LEU G 169 -15.10 -17.53 -27.95
CA LEU G 169 -15.29 -16.11 -27.77
C LEU G 169 -15.79 -15.85 -26.38
N MET G 170 -14.99 -15.16 -25.58
CA MET G 170 -15.42 -14.85 -24.24
C MET G 170 -16.40 -13.70 -24.37
N PRO G 171 -17.26 -13.49 -23.37
CA PRO G 171 -18.23 -12.40 -23.43
C PRO G 171 -17.58 -11.01 -23.42
N ASP G 172 -16.38 -10.93 -22.84
CA ASP G 172 -15.66 -9.66 -22.75
C ASP G 172 -14.97 -9.26 -24.05
N GLY G 173 -15.21 -10.03 -25.12
CA GLY G 173 -14.61 -9.72 -26.41
C GLY G 173 -13.41 -10.57 -26.75
N THR G 174 -12.64 -10.95 -25.73
CA THR G 174 -11.45 -11.77 -25.92
C THR G 174 -11.83 -13.17 -26.35
N PHE G 175 -10.87 -13.85 -26.96
CA PHE G 175 -11.07 -15.20 -27.40
C PHE G 175 -10.14 -16.02 -26.52
N GLU G 176 -10.46 -17.29 -26.35
CA GLU G 176 -9.61 -18.15 -25.54
C GLU G 176 -9.67 -19.57 -26.01
N TRP G 177 -8.50 -20.18 -26.10
CA TRP G 177 -8.38 -21.56 -26.53
C TRP G 177 -7.77 -22.32 -25.36
N HIS G 178 -8.45 -23.39 -24.94
CA HIS G 178 -8.00 -24.22 -23.83
C HIS G 178 -7.61 -25.60 -24.32
N ALA G 179 -6.35 -25.97 -24.07
CA ALA G 179 -5.88 -27.28 -24.50
C ALA G 179 -4.70 -27.79 -23.67
N PRO G 180 -4.54 -29.13 -23.63
CA PRO G 180 -3.45 -29.78 -22.88
C PRO G 180 -2.06 -29.48 -23.45
N PHE G 181 -2.00 -29.04 -24.70
CA PHE G 181 -0.74 -28.73 -25.37
C PHE G 181 0.09 -27.75 -24.57
N ASP G 182 1.40 -27.96 -24.52
CA ASP G 182 2.25 -27.02 -23.80
C ASP G 182 2.22 -25.75 -24.63
N PRO G 183 1.84 -24.63 -24.01
CA PRO G 183 1.75 -23.30 -24.65
C PRO G 183 2.95 -22.86 -25.48
N ASP G 184 4.14 -23.32 -25.11
CA ASP G 184 5.35 -22.90 -25.80
C ASP G 184 6.00 -23.87 -26.77
N ILE G 185 5.43 -25.06 -26.92
CA ILE G 185 5.99 -26.01 -27.86
C ILE G 185 5.26 -25.86 -29.18
N PRO G 186 6.00 -25.89 -30.30
CA PRO G 186 5.37 -25.75 -31.61
C PRO G 186 4.75 -27.06 -32.09
N LEU G 187 3.60 -26.93 -32.75
CA LEU G 187 2.88 -28.06 -33.30
C LEU G 187 2.82 -27.91 -34.81
N PRO G 188 2.75 -29.04 -35.51
CA PRO G 188 2.68 -28.94 -36.96
C PRO G 188 1.26 -28.60 -37.40
N TRP G 189 1.11 -27.52 -38.15
CA TRP G 189 -0.21 -27.10 -38.63
C TRP G 189 -0.35 -27.32 -40.14
N LEU G 190 -1.59 -27.38 -40.60
CA LEU G 190 -1.87 -27.60 -42.03
C LEU G 190 -3.25 -27.06 -42.42
N ASP G 191 -3.33 -26.40 -43.57
CA ASP G 191 -4.62 -25.90 -44.02
C ASP G 191 -5.16 -26.87 -45.07
N ALA G 192 -5.92 -27.85 -44.59
CA ALA G 192 -6.51 -28.92 -45.41
C ALA G 192 -7.16 -28.54 -46.75
N GLU G 193 -8.11 -27.62 -46.71
CA GLU G 193 -8.83 -27.22 -47.92
C GLU G 193 -7.99 -26.42 -48.90
N HIS G 194 -7.11 -25.60 -48.36
CA HIS G 194 -6.28 -24.74 -49.20
C HIS G 194 -4.99 -25.34 -49.68
N ASP G 195 -4.44 -26.29 -48.94
CA ASP G 195 -3.15 -26.86 -49.34
C ASP G 195 -3.01 -28.34 -49.66
N VAL G 196 -3.92 -29.18 -49.19
CA VAL G 196 -3.79 -30.62 -49.46
C VAL G 196 -3.96 -30.99 -50.94
N GLY G 197 -4.87 -30.32 -51.63
CA GLY G 197 -5.07 -30.62 -53.04
C GLY G 197 -3.80 -30.35 -53.81
N PRO G 198 -3.34 -29.08 -53.82
CA PRO G 198 -2.13 -28.64 -54.52
C PRO G 198 -0.93 -29.56 -54.25
N ALA G 199 -0.63 -29.78 -52.99
CA ALA G 199 0.49 -30.64 -52.61
C ALA G 199 0.40 -32.02 -53.23
N LEU G 200 -0.70 -32.74 -52.96
CA LEU G 200 -0.88 -34.08 -53.47
C LEU G 200 -0.72 -34.11 -54.97
N LEU G 201 -1.17 -33.04 -55.62
CA LEU G 201 -1.08 -32.94 -57.07
C LEU G 201 0.37 -32.87 -57.51
N GLN G 202 1.16 -32.15 -56.73
CA GLN G 202 2.57 -32.00 -57.04
C GLN G 202 3.27 -33.34 -56.88
N ILE G 203 2.90 -34.05 -55.83
CA ILE G 203 3.49 -35.35 -55.55
C ILE G 203 3.21 -36.28 -56.71
N PHE G 204 1.96 -36.31 -57.16
CA PHE G 204 1.55 -37.16 -58.27
C PHE G 204 2.31 -36.75 -59.53
N LYS G 205 2.46 -35.46 -59.72
CA LYS G 205 3.16 -34.88 -60.87
C LYS G 205 4.62 -35.32 -60.85
N ASP G 206 5.26 -35.25 -59.68
CA ASP G 206 6.67 -35.65 -59.54
C ASP G 206 6.83 -37.14 -59.82
N GLY G 207 5.75 -37.91 -59.65
CA GLY G 207 5.82 -39.33 -59.94
C GLY G 207 6.34 -40.21 -58.82
N PRO G 208 6.10 -41.52 -58.89
CA PRO G 208 6.54 -42.50 -57.90
C PRO G 208 8.04 -42.72 -57.97
N GLN G 209 8.64 -42.30 -59.07
CA GLN G 209 10.08 -42.43 -59.27
C GLN G 209 10.81 -41.58 -58.26
N LYS G 210 10.23 -40.43 -57.94
CA LYS G 210 10.82 -39.50 -56.99
C LYS G 210 10.38 -39.75 -55.55
N TRP G 211 9.10 -40.07 -55.37
CA TRP G 211 8.59 -40.26 -54.02
C TRP G 211 8.29 -41.66 -53.55
N ASN G 212 8.59 -42.67 -54.35
CA ASN G 212 8.27 -44.02 -53.92
C ASN G 212 8.87 -44.31 -52.54
N GLY G 213 8.09 -44.96 -51.68
CA GLY G 213 8.56 -45.32 -50.35
C GLY G 213 8.85 -44.18 -49.39
N HIS G 214 8.57 -42.95 -49.82
CA HIS G 214 8.77 -41.74 -49.02
C HIS G 214 7.64 -41.37 -48.07
N ARG G 215 7.98 -40.85 -46.90
CA ARG G 215 6.99 -40.37 -45.93
C ARG G 215 7.11 -38.86 -45.99
N ILE G 216 6.00 -38.18 -46.20
CA ILE G 216 6.02 -36.72 -46.29
C ILE G 216 5.16 -36.12 -45.22
N ALA G 217 5.66 -35.09 -44.56
CA ALA G 217 4.89 -34.46 -43.52
C ALA G 217 4.12 -33.30 -44.15
N LEU G 218 2.80 -33.47 -44.26
CA LEU G 218 1.95 -32.45 -44.83
C LEU G 218 1.68 -31.31 -43.86
N THR G 219 2.72 -30.54 -43.58
CA THR G 219 2.60 -29.41 -42.67
C THR G 219 3.38 -28.28 -43.29
N PHE G 220 2.81 -27.08 -43.32
CA PHE G 220 3.49 -25.95 -43.93
C PHE G 220 3.97 -24.89 -42.95
N GLU G 221 3.74 -25.12 -41.67
CA GLU G 221 4.18 -24.17 -40.65
C GLU G 221 3.95 -24.73 -39.26
N THR G 222 4.89 -24.50 -38.36
CA THR G 222 4.76 -24.97 -36.97
C THR G 222 4.59 -23.77 -36.07
N LEU G 223 3.65 -23.87 -35.14
CA LEU G 223 3.37 -22.79 -34.20
C LEU G 223 3.04 -23.39 -32.85
N SER G 224 3.43 -22.68 -31.78
CA SER G 224 3.14 -23.12 -30.43
C SER G 224 1.79 -22.51 -30.10
N PRO G 225 0.95 -23.22 -29.34
CA PRO G 225 -0.38 -22.70 -28.99
C PRO G 225 -0.42 -21.17 -28.82
N VAL G 226 0.56 -20.64 -28.09
CA VAL G 226 0.68 -19.21 -27.84
C VAL G 226 0.69 -18.44 -29.16
N GLN G 227 1.54 -18.89 -30.07
CA GLN G 227 1.68 -18.27 -31.39
C GLN G 227 0.38 -18.38 -32.17
N VAL G 228 -0.24 -19.55 -32.13
CA VAL G 228 -1.51 -19.79 -32.80
C VAL G 228 -2.47 -18.66 -32.41
N CYS G 229 -2.54 -18.41 -31.09
CA CYS G 229 -3.41 -17.38 -30.55
C CYS G 229 -2.92 -15.99 -30.95
N ALA G 230 -1.61 -15.81 -30.94
CA ALA G 230 -1.03 -14.53 -31.32
C ALA G 230 -1.50 -14.19 -32.73
N ALA G 231 -1.30 -15.11 -33.67
CA ALA G 231 -1.70 -14.90 -35.06
C ALA G 231 -3.18 -14.52 -35.09
N PHE G 232 -3.98 -15.27 -34.36
CA PHE G 232 -5.41 -15.02 -34.30
C PHE G 232 -5.69 -13.62 -33.79
N SER G 233 -4.81 -13.15 -32.90
CA SER G 233 -4.97 -11.82 -32.32
C SER G 233 -4.89 -10.76 -33.42
N ARG G 234 -3.81 -10.81 -34.19
CA ARG G 234 -3.64 -9.85 -35.28
C ARG G 234 -4.73 -10.10 -36.31
N ALA G 235 -4.93 -11.36 -36.67
CA ALA G 235 -5.94 -11.74 -37.66
C ALA G 235 -7.32 -11.19 -37.34
N LEU G 236 -7.92 -11.70 -36.26
CA LEU G 236 -9.25 -11.25 -35.85
C LEU G 236 -9.21 -9.83 -35.28
N ASN G 237 -7.99 -9.32 -35.10
CA ASN G 237 -7.78 -7.96 -34.61
C ASN G 237 -8.10 -7.78 -33.13
N ARG G 238 -8.57 -8.83 -32.48
CA ARG G 238 -8.90 -8.77 -31.05
C ARG G 238 -7.75 -9.30 -30.22
N ARG G 239 -8.05 -9.70 -28.99
CA ARG G 239 -7.03 -10.23 -28.08
C ARG G 239 -7.30 -11.70 -27.78
N VAL G 240 -6.37 -12.56 -28.19
CA VAL G 240 -6.51 -14.00 -28.00
C VAL G 240 -5.57 -14.48 -26.88
N THR G 241 -6.01 -15.47 -26.11
CA THR G 241 -5.16 -16.01 -25.05
C THR G 241 -5.27 -17.53 -24.91
N TYR G 242 -4.11 -18.17 -24.77
CA TYR G 242 -4.05 -19.62 -24.65
C TYR G 242 -4.07 -20.03 -23.18
N VAL G 243 -4.74 -21.16 -22.91
CA VAL G 243 -4.84 -21.67 -21.54
C VAL G 243 -4.58 -23.17 -21.54
N GLN G 244 -3.45 -23.60 -20.99
CA GLN G 244 -3.14 -25.03 -20.95
C GLN G 244 -3.93 -25.72 -19.84
N VAL G 245 -4.80 -26.64 -20.24
CA VAL G 245 -5.59 -27.39 -19.28
C VAL G 245 -5.18 -28.85 -19.30
N PRO G 246 -5.11 -29.48 -18.11
CA PRO G 246 -4.71 -30.90 -18.03
C PRO G 246 -5.59 -31.85 -18.81
N LYS G 247 -6.89 -31.53 -18.90
CA LYS G 247 -7.81 -32.39 -19.63
C LYS G 247 -8.57 -31.68 -20.75
N VAL G 248 -8.95 -32.45 -21.76
CA VAL G 248 -9.69 -31.91 -22.89
C VAL G 248 -11.09 -31.65 -22.34
N GLU G 249 -11.56 -30.42 -22.47
CA GLU G 249 -12.86 -30.05 -21.95
C GLU G 249 -14.04 -30.49 -22.80
N ILE G 250 -14.53 -31.68 -22.51
CA ILE G 250 -15.66 -32.28 -23.22
C ILE G 250 -16.98 -31.56 -22.87
N LYS G 251 -17.12 -30.29 -23.28
CA LYS G 251 -18.34 -29.52 -22.98
C LYS G 251 -19.56 -29.97 -23.77
N VAL G 252 -19.50 -31.13 -24.42
CA VAL G 252 -20.64 -31.60 -25.20
C VAL G 252 -20.65 -33.11 -25.31
N ASN G 253 -21.84 -33.69 -25.41
CA ASN G 253 -21.95 -35.14 -25.50
C ASN G 253 -21.32 -35.67 -26.78
N ILE G 254 -20.39 -36.62 -26.61
CA ILE G 254 -19.69 -37.22 -27.73
C ILE G 254 -19.52 -38.73 -27.58
N PRO G 255 -19.30 -39.44 -28.70
CA PRO G 255 -19.11 -40.90 -28.69
C PRO G 255 -17.84 -41.30 -27.96
N VAL G 256 -17.90 -42.43 -27.25
CA VAL G 256 -16.77 -42.92 -26.46
C VAL G 256 -15.51 -43.03 -27.30
N GLY G 257 -15.70 -43.39 -28.58
CA GLY G 257 -14.60 -43.51 -29.51
C GLY G 257 -13.77 -42.25 -29.51
N TYR G 258 -14.41 -41.12 -29.80
CA TYR G 258 -13.73 -39.82 -29.85
C TYR G 258 -13.26 -39.52 -28.44
N ARG G 259 -14.12 -39.84 -27.48
CA ARG G 259 -13.80 -39.63 -26.08
C ARG G 259 -12.44 -40.27 -25.80
N GLU G 260 -12.26 -41.52 -26.23
CA GLU G 260 -11.00 -42.27 -26.03
C GLU G 260 -9.84 -41.62 -26.78
N GLN G 261 -10.11 -41.18 -28.01
CA GLN G 261 -9.11 -40.52 -28.84
C GLN G 261 -8.57 -39.33 -28.07
N LEU G 262 -9.47 -38.49 -27.57
CA LEU G 262 -9.08 -37.31 -26.81
C LEU G 262 -8.35 -37.64 -25.52
N GLU G 263 -8.74 -38.74 -24.89
CA GLU G 263 -8.10 -39.15 -23.64
C GLU G 263 -6.65 -39.46 -23.91
N ALA G 264 -6.38 -40.11 -25.04
CA ALA G 264 -5.02 -40.47 -25.41
C ALA G 264 -4.22 -39.21 -25.68
N ILE G 265 -4.86 -38.25 -26.35
CA ILE G 265 -4.18 -37.01 -26.64
C ILE G 265 -3.76 -36.34 -25.32
N GLU G 266 -4.67 -36.33 -24.34
CA GLU G 266 -4.38 -35.72 -23.03
C GLU G 266 -3.10 -36.29 -22.43
N VAL G 267 -2.94 -37.60 -22.52
CA VAL G 267 -1.77 -38.28 -22.00
C VAL G 267 -0.53 -37.92 -22.82
N VAL G 268 -0.58 -38.21 -24.12
CA VAL G 268 0.52 -37.98 -25.05
C VAL G 268 1.08 -36.56 -25.15
N PHE G 269 0.20 -35.58 -25.31
CA PHE G 269 0.64 -34.20 -25.46
C PHE G 269 0.55 -33.37 -24.19
N GLY G 270 -0.39 -33.71 -23.32
CA GLY G 270 -0.53 -32.99 -22.07
C GLY G 270 0.42 -33.52 -21.03
N GLU G 271 0.23 -34.78 -20.66
CA GLU G 271 1.05 -35.43 -19.66
C GLU G 271 2.51 -35.57 -20.06
N HIS G 272 2.74 -36.16 -21.23
CA HIS G 272 4.09 -36.41 -21.70
C HIS G 272 4.76 -35.37 -22.58
N LYS G 273 3.98 -34.58 -23.32
CA LYS G 273 4.54 -33.55 -24.20
C LYS G 273 5.38 -34.12 -25.37
N ALA G 274 4.92 -35.23 -25.95
CA ALA G 274 5.62 -35.87 -27.08
C ALA G 274 5.47 -35.13 -28.41
N PRO G 275 6.22 -35.56 -29.41
CA PRO G 275 6.06 -34.84 -30.68
C PRO G 275 4.73 -35.22 -31.28
N TYR G 276 4.26 -34.44 -32.25
CA TYR G 276 3.02 -34.75 -32.93
C TYR G 276 3.54 -35.77 -33.93
N PHE G 277 4.74 -35.50 -34.45
CA PHE G 277 5.39 -36.41 -35.38
C PHE G 277 6.64 -36.91 -34.66
N PRO G 278 6.54 -38.12 -34.05
CA PRO G 278 7.66 -38.74 -33.33
C PRO G 278 8.64 -39.50 -34.21
N LEU G 279 8.57 -39.31 -35.53
CA LEU G 279 9.44 -40.02 -36.46
C LEU G 279 10.77 -39.29 -36.65
N PRO G 280 11.88 -40.03 -36.73
CA PRO G 280 13.25 -39.52 -36.91
C PRO G 280 13.36 -38.42 -37.95
N GLU G 281 12.84 -38.70 -39.14
CA GLU G 281 12.91 -37.75 -40.25
C GLU G 281 12.11 -36.46 -40.04
N PHE G 282 11.23 -36.47 -39.04
CA PHE G 282 10.41 -35.31 -38.75
C PHE G 282 10.88 -34.65 -37.45
N SER G 283 11.67 -35.38 -36.66
CA SER G 283 12.19 -34.84 -35.39
C SER G 283 13.64 -34.37 -35.52
N ARG G 284 13.86 -33.37 -36.35
CA ARG G 284 15.20 -32.83 -36.56
C ARG G 284 15.45 -31.56 -35.75
N ARG G 316 14.03 -28.36 -40.86
CA ARG G 316 12.76 -28.57 -40.19
C ARG G 316 11.68 -29.21 -41.08
N VAL G 317 10.82 -30.01 -40.45
CA VAL G 317 9.76 -30.73 -41.15
C VAL G 317 8.95 -30.03 -42.25
N THR G 318 8.76 -28.72 -42.13
CA THR G 318 7.97 -28.02 -43.14
C THR G 318 8.69 -27.88 -44.49
N ASP G 319 9.96 -28.24 -44.53
CA ASP G 319 10.73 -28.10 -45.77
C ASP G 319 10.21 -28.86 -46.99
N GLU G 320 10.11 -30.18 -46.93
CA GLU G 320 9.62 -30.95 -48.07
C GLU G 320 8.24 -30.46 -48.53
N ALA G 321 7.36 -30.20 -47.57
CA ALA G 321 6.03 -29.74 -47.89
C ALA G 321 6.06 -28.40 -48.64
N ARG G 322 6.82 -27.45 -48.12
CA ARG G 322 6.91 -26.12 -48.73
C ARG G 322 7.53 -26.17 -50.13
N LYS G 323 8.41 -27.14 -50.36
CA LYS G 323 9.07 -27.30 -51.66
C LYS G 323 8.08 -27.84 -52.70
N LEU G 324 7.13 -28.68 -52.26
CA LEU G 324 6.11 -29.27 -53.13
C LEU G 324 5.01 -28.29 -53.49
N TRP G 325 4.68 -27.42 -52.55
CA TRP G 325 3.62 -26.42 -52.73
C TRP G 325 4.03 -25.21 -51.91
N SER G 326 4.35 -24.12 -52.60
CA SER G 326 4.79 -22.92 -51.92
C SER G 326 3.74 -21.82 -51.87
N GLY G 327 2.50 -22.18 -52.18
CA GLY G 327 1.42 -21.22 -52.14
C GLY G 327 0.51 -21.55 -50.97
N TRP G 328 1.10 -22.03 -49.90
CA TRP G 328 0.38 -22.43 -48.69
C TRP G 328 -0.27 -21.30 -47.91
N ARG G 329 -1.34 -21.62 -47.18
CA ARG G 329 -2.03 -20.63 -46.37
C ARG G 329 -1.70 -20.79 -44.88
N ASP G 330 -1.12 -19.75 -44.28
CA ASP G 330 -0.75 -19.81 -42.87
C ASP G 330 -1.94 -19.48 -41.98
N MET G 331 -1.73 -19.67 -40.66
CA MET G 331 -2.75 -19.42 -39.65
C MET G 331 -3.38 -18.02 -39.68
N GLU G 332 -2.54 -16.99 -39.83
CA GLU G 332 -3.04 -15.62 -39.86
C GLU G 332 -4.02 -15.41 -41.02
N GLU G 333 -3.67 -15.87 -42.21
CA GLU G 333 -4.56 -15.72 -43.35
C GLU G 333 -5.84 -16.51 -43.10
N TYR G 334 -5.69 -17.72 -42.55
CA TYR G 334 -6.85 -18.54 -42.25
C TYR G 334 -7.75 -17.82 -41.26
N ALA G 335 -7.17 -17.49 -40.11
CA ALA G 335 -7.90 -16.82 -39.05
C ALA G 335 -8.64 -15.61 -39.59
N ARG G 336 -7.93 -14.77 -40.33
CA ARG G 336 -8.52 -13.58 -40.88
C ARG G 336 -9.48 -13.81 -42.04
N GLU G 337 -9.02 -14.46 -43.10
CA GLU G 337 -9.87 -14.68 -44.27
C GLU G 337 -10.85 -15.85 -44.24
N VAL G 338 -10.59 -16.89 -43.45
CA VAL G 338 -11.48 -18.04 -43.43
C VAL G 338 -12.31 -18.18 -42.17
N PHE G 339 -11.62 -18.27 -41.04
CA PHE G 339 -12.26 -18.44 -39.74
C PHE G 339 -13.59 -17.69 -39.61
N PRO G 340 -13.58 -16.36 -39.83
CA PRO G 340 -14.80 -15.55 -39.73
C PRO G 340 -15.94 -16.11 -40.58
N ILE G 341 -15.66 -16.36 -41.86
CA ILE G 341 -16.67 -16.89 -42.78
C ILE G 341 -17.18 -18.25 -42.32
N GLU G 342 -16.24 -19.09 -41.90
CA GLU G 342 -16.55 -20.43 -41.41
C GLU G 342 -17.58 -20.23 -40.31
N GLU G 343 -17.23 -19.40 -39.34
CA GLU G 343 -18.10 -19.07 -38.22
C GLU G 343 -19.52 -18.67 -38.63
N GLU G 344 -19.62 -17.60 -39.40
CA GLU G 344 -20.89 -17.07 -39.89
C GLU G 344 -21.80 -18.14 -40.50
N ALA G 345 -21.22 -19.08 -41.23
CA ALA G 345 -22.02 -20.14 -41.85
C ALA G 345 -22.54 -21.11 -40.81
N ASN G 346 -21.87 -21.18 -39.67
CA ASN G 346 -22.29 -22.07 -38.59
C ASN G 346 -23.47 -21.45 -37.88
N GLY G 347 -23.67 -20.15 -38.11
CA GLY G 347 -24.75 -19.42 -37.49
C GLY G 347 -24.28 -18.44 -36.43
N LEU G 348 -22.99 -18.13 -36.45
CA LEU G 348 -22.41 -17.20 -35.48
C LEU G 348 -22.35 -15.80 -36.06
N ASP G 349 -22.43 -14.81 -35.17
CA ASP G 349 -22.43 -13.42 -35.56
C ASP G 349 -21.72 -12.56 -34.53
N TRP G 350 -20.39 -12.52 -34.59
CA TRP G 350 -19.62 -11.72 -33.64
C TRP G 350 -18.67 -10.87 -34.46
N MET G 351 -18.53 -11.25 -35.73
CA MET G 351 -17.66 -10.57 -36.68
C MET G 351 -18.44 -9.45 -37.37
N LEU G 352 -19.76 -9.50 -37.24
CA LEU G 352 -20.66 -8.53 -37.83
C LEU G 352 -20.78 -7.28 -36.97
N GLN H 3 71.22 -8.55 -6.53
CA GLN H 3 70.91 -7.74 -5.31
C GLN H 3 71.05 -6.24 -5.57
N GLN H 4 71.29 -5.87 -6.81
CA GLN H 4 71.45 -4.46 -7.16
C GLN H 4 70.09 -3.87 -7.48
N LYS H 5 69.83 -2.66 -6.99
CA LYS H 5 68.56 -1.96 -7.29
C LYS H 5 68.76 -1.53 -8.75
N LYS H 6 67.72 -1.70 -9.55
CA LYS H 6 67.78 -1.39 -10.98
C LYS H 6 66.90 -0.21 -11.36
N THR H 7 66.82 0.06 -12.66
CA THR H 7 65.98 1.13 -13.16
C THR H 7 64.74 0.54 -13.79
N ILE H 8 63.58 0.96 -13.29
CA ILE H 8 62.31 0.43 -13.76
C ILE H 8 61.49 1.37 -14.62
N ALA H 9 61.11 0.90 -15.82
CA ALA H 9 60.29 1.68 -16.74
C ALA H 9 58.82 1.34 -16.46
N VAL H 10 57.99 2.37 -16.34
CA VAL H 10 56.56 2.17 -16.03
C VAL H 10 55.74 3.15 -16.84
N VAL H 11 54.51 2.77 -17.16
CA VAL H 11 53.61 3.69 -17.87
C VAL H 11 52.37 3.83 -17.00
N ASN H 12 51.53 4.81 -17.32
CA ASN H 12 50.31 5.04 -16.55
C ASN H 12 50.70 5.18 -15.08
N ALA H 13 51.81 5.89 -14.85
CA ALA H 13 52.34 6.09 -13.51
C ALA H 13 51.33 6.47 -12.43
N THR H 14 50.37 7.32 -12.77
CA THR H 14 49.37 7.75 -11.80
C THR H 14 48.28 6.71 -11.53
N GLY H 15 48.36 5.59 -12.23
CA GLY H 15 47.36 4.55 -12.02
C GLY H 15 47.65 3.89 -10.68
N ARG H 16 46.64 3.28 -10.08
CA ARG H 16 46.80 2.62 -8.79
C ARG H 16 47.84 1.52 -8.72
N GLN H 17 47.98 0.77 -9.81
CA GLN H 17 48.98 -0.30 -9.84
C GLN H 17 50.37 0.35 -9.89
N ALA H 18 50.63 1.10 -10.95
CA ALA H 18 51.91 1.77 -11.13
C ALA H 18 52.33 2.58 -9.91
N ALA H 19 51.50 3.51 -9.50
CA ALA H 19 51.81 4.37 -8.36
C ALA H 19 52.29 3.58 -7.16
N SER H 20 51.64 2.46 -6.88
CA SER H 20 51.99 1.60 -5.76
C SER H 20 53.42 1.08 -5.89
N LEU H 21 53.74 0.54 -7.07
CA LEU H 21 55.08 0.04 -7.32
C LEU H 21 56.10 1.17 -7.24
N ILE H 22 55.76 2.29 -7.86
CA ILE H 22 56.62 3.45 -7.89
C ILE H 22 57.06 3.87 -6.52
N ARG H 23 56.08 4.13 -5.65
CA ARG H 23 56.37 4.56 -4.28
C ARG H 23 57.34 3.59 -3.61
N VAL H 24 56.96 2.32 -3.65
CA VAL H 24 57.74 1.23 -3.09
C VAL H 24 59.13 1.14 -3.71
N ALA H 25 59.19 1.07 -5.04
CA ALA H 25 60.46 0.92 -5.74
C ALA H 25 61.41 2.08 -5.47
N ALA H 26 60.91 3.30 -5.57
CA ALA H 26 61.77 4.45 -5.32
C ALA H 26 62.32 4.41 -3.90
N ALA H 27 61.43 4.15 -2.94
CA ALA H 27 61.79 4.09 -1.52
C ALA H 27 62.94 3.14 -1.21
N VAL H 28 62.96 1.97 -1.84
CA VAL H 28 64.04 1.02 -1.55
C VAL H 28 65.35 1.34 -2.27
N GLY H 29 65.31 2.23 -3.26
CA GLY H 29 66.54 2.59 -3.95
C GLY H 29 66.56 2.35 -5.44
N HIS H 30 65.42 2.04 -6.03
CA HIS H 30 65.35 1.80 -7.46
C HIS H 30 65.13 3.11 -8.16
N HIS H 31 65.50 3.17 -9.43
CA HIS H 31 65.28 4.36 -10.24
C HIS H 31 64.03 4.08 -11.05
N VAL H 32 63.24 5.11 -11.29
CA VAL H 32 62.00 4.91 -12.03
C VAL H 32 61.73 5.89 -13.18
N ARG H 33 61.61 5.35 -14.39
CA ARG H 33 61.29 6.17 -15.55
C ARG H 33 59.79 5.94 -15.74
N ALA H 34 59.00 6.98 -15.57
CA ALA H 34 57.57 6.81 -15.69
C ALA H 34 56.91 7.71 -16.72
N GLN H 35 55.85 7.20 -17.32
CA GLN H 35 55.10 7.91 -18.32
C GLN H 35 53.78 8.35 -17.72
N VAL H 36 53.50 9.65 -17.79
CA VAL H 36 52.24 10.19 -17.28
C VAL H 36 51.55 10.98 -18.38
N HIS H 37 50.22 10.86 -18.46
CA HIS H 37 49.50 11.58 -19.49
C HIS H 37 49.45 13.07 -19.17
N SER H 38 49.45 13.43 -17.89
CA SER H 38 49.45 14.83 -17.50
C SER H 38 50.07 15.01 -16.12
N LEU H 39 50.74 16.16 -15.94
CA LEU H 39 51.39 16.47 -14.68
C LEU H 39 50.42 17.14 -13.70
N LYS H 40 49.23 17.43 -14.20
CA LYS H 40 48.20 18.04 -13.37
C LYS H 40 47.53 16.88 -12.64
N GLY H 41 47.47 16.98 -11.32
CA GLY H 41 46.84 15.91 -10.55
C GLY H 41 47.59 15.64 -9.27
N LEU H 42 46.84 15.24 -8.26
CA LEU H 42 47.44 14.95 -6.96
C LEU H 42 48.59 13.96 -7.10
N ILE H 43 48.26 12.75 -7.58
CA ILE H 43 49.25 11.70 -7.74
C ILE H 43 50.44 12.16 -8.57
N ALA H 44 50.15 12.79 -9.71
CA ALA H 44 51.18 13.29 -10.59
C ALA H 44 52.21 14.05 -9.76
N GLU H 45 51.75 15.09 -9.09
CA GLU H 45 52.64 15.91 -8.29
C GLU H 45 53.33 15.14 -7.17
N GLU H 46 52.67 14.13 -6.65
CA GLU H 46 53.27 13.31 -5.61
C GLU H 46 54.48 12.59 -6.21
N LEU H 47 54.22 11.85 -7.28
CA LEU H 47 55.26 11.08 -7.95
C LEU H 47 56.40 11.99 -8.39
N GLN H 48 56.05 13.17 -8.88
CA GLN H 48 57.05 14.12 -9.32
C GLN H 48 58.02 14.36 -8.15
N ALA H 49 57.43 14.62 -6.99
CA ALA H 49 58.21 14.90 -5.78
C ALA H 49 59.22 13.81 -5.41
N ILE H 50 58.81 12.53 -5.53
CA ILE H 50 59.72 11.44 -5.17
C ILE H 50 61.06 11.63 -5.87
N PRO H 51 62.16 11.56 -5.09
CA PRO H 51 63.50 11.74 -5.64
C PRO H 51 63.99 11.04 -6.89
N ASN H 52 64.05 9.72 -6.89
CA ASN H 52 64.59 9.04 -8.07
C ASN H 52 63.61 8.70 -9.19
N VAL H 53 62.53 9.45 -9.24
CA VAL H 53 61.48 9.23 -10.22
C VAL H 53 61.50 10.30 -11.30
N THR H 54 61.62 9.86 -12.56
CA THR H 54 61.62 10.79 -13.67
C THR H 54 60.41 10.57 -14.53
N LEU H 55 59.63 11.62 -14.69
CA LEU H 55 58.41 11.55 -15.47
C LEU H 55 58.56 12.04 -16.90
N PHE H 56 57.73 11.51 -17.76
CA PHE H 56 57.71 11.90 -19.15
C PHE H 56 56.24 12.09 -19.44
N GLN H 57 55.88 13.34 -19.70
CA GLN H 57 54.50 13.65 -19.97
C GLN H 57 54.22 13.62 -21.45
N GLY H 58 53.29 12.76 -21.82
CA GLY H 58 52.91 12.62 -23.20
C GLY H 58 52.00 11.44 -23.36
N PRO H 59 51.41 11.26 -24.55
CA PRO H 59 50.51 10.14 -24.83
C PRO H 59 51.28 8.91 -25.27
N LEU H 60 50.71 7.74 -25.03
CA LEU H 60 51.31 6.47 -25.41
C LEU H 60 50.91 6.06 -26.83
N LEU H 61 49.68 6.40 -27.20
CA LEU H 61 49.15 6.06 -28.50
C LEU H 61 49.92 6.70 -29.64
N ASN H 62 50.51 5.85 -30.48
CA ASN H 62 51.28 6.28 -31.64
C ASN H 62 52.49 7.11 -31.30
N ASN H 63 53.00 6.95 -30.08
CA ASN H 63 54.16 7.74 -29.71
C ASN H 63 55.38 6.92 -29.28
N VAL H 64 56.06 6.35 -30.27
CA VAL H 64 57.23 5.53 -30.04
C VAL H 64 58.44 6.32 -29.53
N PRO H 65 58.58 7.59 -29.97
CA PRO H 65 59.74 8.36 -29.49
C PRO H 65 59.76 8.32 -27.96
N LEU H 66 58.58 8.51 -27.38
CA LEU H 66 58.44 8.49 -25.93
C LEU H 66 58.82 7.14 -25.39
N MET H 67 58.21 6.10 -25.96
CA MET H 67 58.49 4.75 -25.52
C MET H 67 59.99 4.45 -25.56
N ASP H 68 60.68 4.87 -26.62
CA ASP H 68 62.12 4.63 -26.71
C ASP H 68 62.82 5.28 -25.53
N THR H 69 62.44 6.52 -25.25
CA THR H 69 63.06 7.26 -24.17
C THR H 69 62.86 6.52 -22.87
N LEU H 70 61.60 6.17 -22.63
CA LEU H 70 61.20 5.46 -21.42
C LEU H 70 62.04 4.25 -21.09
N PHE H 71 62.38 3.45 -22.09
CA PHE H 71 63.18 2.24 -21.88
C PHE H 71 64.71 2.42 -21.88
N GLU H 72 65.18 3.64 -22.12
CA GLU H 72 66.60 3.90 -22.13
C GLU H 72 67.19 3.63 -20.75
N GLY H 73 68.13 2.69 -20.68
CA GLY H 73 68.79 2.36 -19.43
C GLY H 73 67.93 1.61 -18.43
N ALA H 74 66.82 1.06 -18.89
CA ALA H 74 65.94 0.32 -18.01
C ALA H 74 66.27 -1.18 -18.03
N HIS H 75 66.17 -1.82 -16.87
CA HIS H 75 66.47 -3.25 -16.74
C HIS H 75 65.18 -3.99 -16.44
N LEU H 76 64.22 -3.24 -15.91
CA LEU H 76 62.93 -3.80 -15.52
C LEU H 76 61.81 -2.96 -16.07
N ALA H 77 60.61 -3.52 -16.09
CA ALA H 77 59.46 -2.79 -16.56
C ALA H 77 58.16 -3.38 -16.06
N PHE H 78 57.28 -2.50 -15.60
CA PHE H 78 55.98 -2.91 -15.17
C PHE H 78 55.01 -2.17 -16.08
N ILE H 79 54.38 -2.92 -16.96
CA ILE H 79 53.47 -2.34 -17.90
C ILE H 79 52.01 -2.66 -17.62
N ASN H 80 51.21 -1.63 -17.37
CA ASN H 80 49.79 -1.82 -17.12
C ASN H 80 49.01 -0.68 -17.76
N THR H 81 48.59 -0.87 -19.01
CA THR H 81 47.86 0.16 -19.71
C THR H 81 46.39 0.21 -19.33
N THR H 82 45.72 1.26 -19.80
CA THR H 82 44.30 1.45 -19.56
C THR H 82 43.64 1.83 -20.89
N SER H 83 42.32 1.67 -20.96
CA SER H 83 41.59 1.98 -22.19
C SER H 83 41.42 3.48 -22.40
N GLN H 84 41.37 4.23 -21.30
CA GLN H 84 41.22 5.67 -21.36
C GLN H 84 42.31 6.29 -22.23
N ALA H 85 43.42 5.56 -22.37
CA ALA H 85 44.56 6.02 -23.15
C ALA H 85 44.38 5.85 -24.65
N GLY H 86 43.67 4.81 -25.06
CA GLY H 86 43.46 4.54 -26.47
C GLY H 86 43.67 3.06 -26.72
N ASP H 87 43.54 2.64 -27.97
CA ASP H 87 43.73 1.24 -28.37
C ASP H 87 44.88 0.53 -27.60
N GLU H 88 44.51 -0.23 -26.58
CA GLU H 88 45.48 -0.93 -25.75
C GLU H 88 46.37 -1.96 -26.45
N ILE H 89 45.89 -2.52 -27.55
CA ILE H 89 46.70 -3.51 -28.27
C ILE H 89 47.80 -2.85 -29.11
N ALA H 90 47.48 -1.72 -29.75
CA ALA H 90 48.44 -0.96 -30.55
C ALA H 90 49.53 -0.44 -29.63
N ILE H 91 49.10 0.06 -28.48
CA ILE H 91 50.00 0.59 -27.47
C ILE H 91 50.82 -0.54 -26.90
N GLY H 92 50.13 -1.58 -26.44
CA GLY H 92 50.77 -2.75 -25.87
C GLY H 92 51.86 -3.35 -26.74
N LYS H 93 51.60 -3.42 -28.04
CA LYS H 93 52.58 -3.98 -28.95
C LYS H 93 53.78 -3.06 -29.13
N ASP H 94 53.50 -1.76 -29.24
CA ASP H 94 54.55 -0.77 -29.41
C ASP H 94 55.50 -0.75 -28.21
N LEU H 95 54.94 -0.86 -27.01
CA LEU H 95 55.75 -0.87 -25.81
C LEU H 95 56.65 -2.08 -25.79
N ALA H 96 56.06 -3.24 -26.09
CA ALA H 96 56.81 -4.48 -26.11
C ALA H 96 57.94 -4.38 -27.13
N ASP H 97 57.68 -3.73 -28.26
CA ASP H 97 58.67 -3.55 -29.30
C ASP H 97 59.77 -2.60 -28.80
N ALA H 98 59.37 -1.53 -28.15
CA ALA H 98 60.30 -0.55 -27.63
C ALA H 98 61.26 -1.25 -26.68
N ALA H 99 60.69 -2.01 -25.75
CA ALA H 99 61.47 -2.74 -24.75
C ALA H 99 62.47 -3.69 -25.40
N LYS H 100 62.01 -4.40 -26.43
CA LYS H 100 62.89 -5.34 -27.11
C LYS H 100 64.03 -4.58 -27.76
N ARG H 101 63.70 -3.46 -28.42
CA ARG H 101 64.70 -2.62 -29.06
C ARG H 101 65.74 -2.13 -28.07
N ALA H 102 65.30 -1.77 -26.86
CA ALA H 102 66.21 -1.28 -25.83
C ALA H 102 67.28 -2.34 -25.52
N GLY H 103 66.88 -3.60 -25.60
CA GLY H 103 67.79 -4.70 -25.35
C GLY H 103 68.33 -4.83 -23.94
N THR H 104 67.90 -3.95 -23.04
CA THR H 104 68.37 -3.97 -21.67
C THR H 104 67.41 -4.55 -20.63
N ILE H 105 66.19 -4.82 -21.06
CA ILE H 105 65.14 -5.37 -20.20
C ILE H 105 65.38 -6.82 -19.79
N GLN H 106 65.52 -7.03 -18.48
CA GLN H 106 65.77 -8.34 -17.89
C GLN H 106 64.48 -8.99 -17.41
N HIS H 107 63.51 -8.17 -17.06
CA HIS H 107 62.25 -8.70 -16.55
C HIS H 107 61.12 -7.74 -16.93
N TYR H 108 60.25 -8.21 -17.81
CA TYR H 108 59.15 -7.40 -18.28
C TYR H 108 57.81 -7.94 -17.74
N ILE H 109 57.27 -7.27 -16.73
CA ILE H 109 56.00 -7.70 -16.14
C ILE H 109 54.86 -6.90 -16.76
N TYR H 110 53.92 -7.60 -17.37
CA TYR H 110 52.79 -6.95 -18.01
C TYR H 110 51.53 -7.30 -17.24
N SER H 111 50.71 -6.31 -16.93
CA SER H 111 49.49 -6.58 -16.20
C SER H 111 48.42 -6.99 -17.21
N SER H 112 48.02 -8.25 -17.14
CA SER H 112 47.05 -8.82 -18.07
C SER H 112 45.67 -9.10 -17.48
N MET H 113 44.75 -9.47 -18.36
CA MET H 113 43.39 -9.78 -17.96
C MET H 113 42.83 -10.85 -18.92
N PRO H 114 41.86 -11.64 -18.44
CA PRO H 114 41.27 -12.68 -19.26
C PRO H 114 40.32 -12.18 -20.35
N ASP H 115 40.14 -13.00 -21.38
CA ASP H 115 39.20 -12.71 -22.47
C ASP H 115 38.18 -13.85 -22.34
N HIS H 116 37.13 -13.59 -21.58
CA HIS H 116 36.09 -14.57 -21.28
C HIS H 116 35.48 -15.37 -22.42
N SER H 117 35.49 -14.82 -23.63
CA SER H 117 34.93 -15.53 -24.77
C SER H 117 35.67 -16.84 -25.06
N LEU H 118 36.94 -16.91 -24.67
CA LEU H 118 37.78 -18.08 -24.90
C LEU H 118 37.60 -19.22 -23.88
N TYR H 119 36.73 -19.06 -22.90
CA TYR H 119 36.59 -20.12 -21.89
C TYR H 119 35.18 -20.65 -21.70
N GLY H 120 34.23 -20.05 -22.43
CA GLY H 120 32.85 -20.45 -22.33
C GLY H 120 32.03 -19.66 -23.33
N PRO H 121 30.70 -19.83 -23.32
CA PRO H 121 29.77 -19.15 -24.22
C PRO H 121 29.51 -17.71 -23.76
N TRP H 122 30.56 -17.04 -23.31
CA TRP H 122 30.43 -15.69 -22.81
C TRP H 122 31.06 -14.68 -23.75
N PRO H 123 30.83 -13.38 -23.52
CA PRO H 123 31.40 -12.33 -24.37
C PRO H 123 32.79 -11.89 -23.87
N ALA H 124 33.57 -11.31 -24.76
CA ALA H 124 34.88 -10.84 -24.36
C ALA H 124 34.69 -9.52 -23.64
N VAL H 125 34.86 -9.50 -22.31
CA VAL H 125 34.75 -8.25 -21.56
C VAL H 125 35.80 -7.27 -22.12
N PRO H 126 35.36 -6.18 -22.80
CA PRO H 126 36.07 -5.08 -23.46
C PRO H 126 37.26 -4.32 -22.86
N MET H 127 37.40 -4.30 -21.54
CA MET H 127 38.51 -3.58 -20.91
C MET H 127 39.50 -4.59 -20.39
N TRP H 128 39.17 -5.86 -20.61
CA TRP H 128 40.02 -6.95 -20.17
C TRP H 128 40.59 -7.74 -21.36
N ALA H 129 39.73 -8.47 -22.04
CA ALA H 129 40.12 -9.27 -23.20
C ALA H 129 41.29 -8.79 -24.08
N PRO H 130 41.26 -7.52 -24.52
CA PRO H 130 42.32 -6.97 -25.38
C PRO H 130 43.71 -7.17 -24.80
N LYS H 131 43.79 -7.04 -23.48
CA LYS H 131 45.06 -7.20 -22.80
C LYS H 131 45.67 -8.57 -23.08
N PHE H 132 44.86 -9.62 -23.03
CA PHE H 132 45.33 -10.98 -23.27
C PHE H 132 46.12 -11.07 -24.57
N THR H 133 45.63 -10.40 -25.60
CA THR H 133 46.28 -10.41 -26.91
C THR H 133 47.71 -9.84 -26.80
N VAL H 134 47.87 -8.80 -25.99
CA VAL H 134 49.17 -8.17 -25.78
C VAL H 134 50.10 -9.11 -25.04
N GLU H 135 49.53 -9.91 -24.16
CA GLU H 135 50.31 -10.88 -23.40
C GLU H 135 51.01 -11.83 -24.37
N ASN H 136 50.21 -12.43 -25.25
CA ASN H 136 50.72 -13.38 -26.22
C ASN H 136 51.76 -12.76 -27.13
N TYR H 137 51.62 -11.47 -27.39
CA TYR H 137 52.58 -10.77 -28.24
C TYR H 137 53.91 -10.63 -27.51
N VAL H 138 53.84 -10.35 -26.22
CA VAL H 138 55.02 -10.25 -25.37
C VAL H 138 55.78 -11.56 -25.47
N ARG H 139 55.08 -12.68 -25.19
CA ARG H 139 55.67 -14.02 -25.23
C ARG H 139 56.23 -14.31 -26.61
N GLN H 140 55.56 -13.79 -27.63
CA GLN H 140 55.99 -13.98 -29.00
C GLN H 140 57.35 -13.34 -29.25
N LEU H 141 57.57 -12.13 -28.73
CA LEU H 141 58.84 -11.44 -28.91
C LEU H 141 59.94 -12.07 -28.06
N GLY H 142 59.56 -13.05 -27.24
CA GLY H 142 60.53 -13.72 -26.41
C GLY H 142 61.10 -12.88 -25.27
N LEU H 143 60.38 -11.82 -24.88
CA LEU H 143 60.81 -10.96 -23.78
C LEU H 143 60.70 -11.63 -22.41
N PRO H 144 61.81 -11.72 -21.66
CA PRO H 144 61.74 -12.36 -20.33
C PRO H 144 60.62 -11.71 -19.52
N SER H 145 59.47 -12.38 -19.47
CA SER H 145 58.31 -11.81 -18.79
C SER H 145 57.53 -12.63 -17.79
N THR H 146 56.61 -11.94 -17.14
CA THR H 146 55.71 -12.52 -16.16
C THR H 146 54.43 -11.70 -16.29
N PHE H 147 53.28 -12.35 -16.19
CA PHE H 147 52.01 -11.65 -16.35
C PHE H 147 51.10 -11.70 -15.14
N VAL H 148 50.83 -10.54 -14.54
CA VAL H 148 49.97 -10.47 -13.36
C VAL H 148 48.49 -10.14 -13.63
N TYR H 149 47.60 -10.89 -12.98
CA TYR H 149 46.14 -10.72 -13.13
C TYR H 149 45.58 -10.12 -11.84
N ALA H 150 45.18 -8.87 -11.92
CA ALA H 150 44.66 -8.18 -10.76
C ALA H 150 43.22 -8.53 -10.39
N GLY H 151 42.98 -8.67 -9.09
CA GLY H 151 41.66 -8.97 -8.59
C GLY H 151 40.86 -7.67 -8.61
N ILE H 152 39.71 -7.66 -7.95
CA ILE H 152 38.90 -6.47 -7.92
C ILE H 152 39.39 -5.58 -6.79
N TYR H 153 39.70 -4.32 -7.11
CA TYR H 153 40.21 -3.39 -6.12
C TYR H 153 39.26 -3.16 -4.93
N ASN H 154 39.78 -3.32 -3.72
CA ASN H 154 38.99 -3.07 -2.52
C ASN H 154 38.51 -1.63 -2.57
N ASN H 155 39.33 -0.74 -3.14
CA ASN H 155 38.95 0.67 -3.16
C ASN H 155 38.16 1.17 -4.39
N ASN H 156 37.52 0.23 -5.08
CA ASN H 156 36.67 0.64 -6.18
C ASN H 156 35.45 1.15 -5.40
N PHE H 157 35.29 0.63 -4.18
CA PHE H 157 34.17 1.02 -3.32
C PHE H 157 34.16 2.47 -2.86
N THR H 158 32.98 3.07 -2.99
CA THR H 158 32.71 4.44 -2.59
C THR H 158 31.21 4.57 -2.42
N SER H 159 30.80 5.52 -1.60
CA SER H 159 29.37 5.74 -1.37
C SER H 159 28.84 6.64 -2.49
N LEU H 160 29.75 7.25 -3.25
CA LEU H 160 29.35 8.13 -4.35
C LEU H 160 28.64 7.27 -5.41
N PRO H 161 27.81 7.90 -6.25
CA PRO H 161 27.03 7.28 -7.34
C PRO H 161 27.83 6.74 -8.53
N TYR H 162 28.92 6.04 -8.26
CA TYR H 162 29.75 5.46 -9.30
C TYR H 162 29.30 4.01 -9.49
N PRO H 163 29.17 3.60 -10.76
CA PRO H 163 28.74 2.26 -11.18
C PRO H 163 29.41 1.04 -10.55
N LEU H 164 28.65 -0.04 -10.50
CA LEU H 164 29.06 -1.35 -10.02
C LEU H 164 29.57 -1.50 -8.59
N PHE H 165 30.34 -0.54 -8.10
CA PHE H 165 30.91 -0.65 -6.76
C PHE H 165 30.56 0.54 -5.90
N GLN H 166 29.35 0.54 -5.38
CA GLN H 166 28.96 1.65 -4.56
C GLN H 166 28.35 1.20 -3.27
N MET H 167 28.98 1.58 -2.17
CA MET H 167 28.45 1.27 -0.86
C MET H 167 27.56 2.44 -0.56
N GLU H 168 26.33 2.35 -1.07
CA GLU H 168 25.34 3.38 -0.92
C GLU H 168 24.91 3.57 0.52
N LEU H 169 24.88 4.83 0.95
CA LEU H 169 24.48 5.17 2.30
C LEU H 169 22.98 5.43 2.34
N MET H 170 22.23 4.40 2.73
CA MET H 170 20.78 4.52 2.83
C MET H 170 20.45 5.69 3.75
N PRO H 171 19.25 6.29 3.60
CA PRO H 171 18.89 7.43 4.44
C PRO H 171 18.96 7.07 5.93
N ASP H 172 18.80 5.79 6.24
CA ASP H 172 18.83 5.34 7.63
C ASP H 172 20.22 5.00 8.17
N GLY H 173 21.25 5.61 7.59
CA GLY H 173 22.61 5.37 8.06
C GLY H 173 23.15 3.97 7.82
N THR H 174 22.37 3.12 7.17
CA THR H 174 22.83 1.77 6.88
C THR H 174 23.48 1.80 5.51
N PHE H 175 24.10 0.69 5.15
CA PHE H 175 24.75 0.60 3.87
C PHE H 175 24.31 -0.63 3.14
N GLU H 176 24.38 -0.55 1.82
CA GLU H 176 24.04 -1.67 0.98
C GLU H 176 24.67 -1.42 -0.37
N TRP H 177 25.17 -2.50 -0.98
CA TRP H 177 25.83 -2.48 -2.27
C TRP H 177 25.07 -3.35 -3.28
N HIS H 178 24.74 -2.78 -4.43
CA HIS H 178 24.01 -3.53 -5.46
C HIS H 178 24.88 -3.82 -6.68
N ALA H 179 24.80 -5.04 -7.18
CA ALA H 179 25.59 -5.44 -8.34
C ALA H 179 25.09 -6.78 -8.84
N PRO H 180 25.35 -7.07 -10.14
CA PRO H 180 24.95 -8.32 -10.82
C PRO H 180 25.58 -9.60 -10.26
N PHE H 181 26.62 -9.45 -9.47
CA PHE H 181 27.33 -10.60 -8.89
C PHE H 181 26.47 -11.49 -7.99
N ASP H 182 26.71 -12.80 -8.07
CA ASP H 182 25.98 -13.69 -7.20
C ASP H 182 26.48 -13.34 -5.78
N PRO H 183 25.60 -13.36 -4.78
CA PRO H 183 25.92 -13.04 -3.37
C PRO H 183 26.79 -14.06 -2.67
N ASP H 184 26.66 -15.31 -3.08
CA ASP H 184 27.40 -16.40 -2.45
C ASP H 184 28.63 -16.85 -3.19
N ILE H 185 28.84 -16.35 -4.40
CA ILE H 185 30.00 -16.76 -5.17
C ILE H 185 31.17 -15.81 -4.90
N PRO H 186 32.27 -16.35 -4.37
CA PRO H 186 33.47 -15.59 -4.06
C PRO H 186 34.14 -14.96 -5.26
N LEU H 187 34.56 -13.71 -5.11
CA LEU H 187 35.25 -12.99 -6.16
C LEU H 187 36.67 -12.70 -5.69
N PRO H 188 37.63 -12.61 -6.62
CA PRO H 188 39.01 -12.32 -6.23
C PRO H 188 39.17 -10.84 -5.94
N TRP H 189 39.58 -10.50 -4.71
CA TRP H 189 39.78 -9.12 -4.31
C TRP H 189 41.26 -8.75 -4.23
N LEU H 190 41.57 -7.46 -4.33
CA LEU H 190 42.94 -6.97 -4.27
C LEU H 190 43.04 -5.52 -3.79
N ASP H 191 43.96 -5.23 -2.89
CA ASP H 191 44.14 -3.87 -2.41
C ASP H 191 45.29 -3.22 -3.19
N ALA H 192 44.95 -2.62 -4.32
CA ALA H 192 45.92 -1.98 -5.22
C ALA H 192 47.03 -1.16 -4.57
N GLU H 193 46.67 -0.10 -3.87
CA GLU H 193 47.65 0.77 -3.24
C GLU H 193 48.55 0.11 -2.23
N HIS H 194 47.94 -0.72 -1.40
CA HIS H 194 48.65 -1.37 -0.32
C HIS H 194 49.46 -2.59 -0.71
N ASP H 195 48.99 -3.36 -1.68
CA ASP H 195 49.69 -4.58 -2.03
C ASP H 195 50.29 -4.79 -3.41
N VAL H 196 49.98 -3.93 -4.38
CA VAL H 196 50.57 -4.17 -5.69
C VAL H 196 52.06 -3.81 -5.72
N GLY H 197 52.44 -2.73 -5.06
CA GLY H 197 53.84 -2.37 -5.05
C GLY H 197 54.70 -3.47 -4.49
N PRO H 198 54.50 -3.85 -3.21
CA PRO H 198 55.25 -4.92 -2.54
C PRO H 198 55.35 -6.19 -3.36
N ALA H 199 54.23 -6.68 -3.86
CA ALA H 199 54.21 -7.91 -4.65
C ALA H 199 55.09 -7.82 -5.89
N LEU H 200 54.87 -6.81 -6.71
CA LEU H 200 55.64 -6.63 -7.93
C LEU H 200 57.11 -6.56 -7.61
N LEU H 201 57.43 -5.93 -6.48
CA LEU H 201 58.81 -5.80 -6.04
C LEU H 201 59.39 -7.19 -5.77
N GLN H 202 58.62 -8.04 -5.10
CA GLN H 202 59.11 -9.37 -4.81
C GLN H 202 59.32 -10.15 -6.09
N ILE H 203 58.38 -10.03 -7.02
CA ILE H 203 58.48 -10.73 -8.29
C ILE H 203 59.78 -10.33 -9.00
N PHE H 204 60.07 -9.02 -9.00
CA PHE H 204 61.27 -8.51 -9.64
C PHE H 204 62.50 -9.03 -8.92
N LYS H 205 62.40 -9.09 -7.59
CA LYS H 205 63.48 -9.56 -6.71
C LYS H 205 63.74 -11.06 -6.91
N ASP H 206 62.70 -11.82 -7.23
CA ASP H 206 62.83 -13.27 -7.48
C ASP H 206 63.51 -13.52 -8.82
N GLY H 207 63.31 -12.62 -9.77
CA GLY H 207 63.95 -12.77 -11.06
C GLY H 207 63.10 -13.43 -12.12
N PRO H 208 63.45 -13.25 -13.40
CA PRO H 208 62.72 -13.82 -14.52
C PRO H 208 63.04 -15.30 -14.56
N GLN H 209 64.04 -15.64 -13.76
CA GLN H 209 64.55 -17.00 -13.61
C GLN H 209 63.55 -17.84 -12.85
N LYS H 210 62.77 -17.19 -11.98
CA LYS H 210 61.80 -17.87 -11.14
C LYS H 210 60.35 -17.68 -11.63
N TRP H 211 60.13 -16.62 -12.40
CA TRP H 211 58.80 -16.32 -12.89
C TRP H 211 58.62 -16.15 -14.39
N ASN H 212 59.65 -16.38 -15.17
CA ASN H 212 59.53 -16.20 -16.61
C ASN H 212 58.38 -17.05 -17.16
N GLY H 213 57.55 -16.44 -18.01
CA GLY H 213 56.43 -17.14 -18.62
C GLY H 213 55.27 -17.48 -17.71
N HIS H 214 55.37 -17.08 -16.45
CA HIS H 214 54.34 -17.32 -15.45
C HIS H 214 53.19 -16.32 -15.46
N ARG H 215 52.02 -16.80 -15.09
CA ARG H 215 50.83 -15.96 -14.96
C ARG H 215 50.53 -15.98 -13.46
N ILE H 216 50.46 -14.82 -12.84
CA ILE H 216 50.21 -14.77 -11.40
C ILE H 216 48.94 -13.99 -11.13
N ALA H 217 48.12 -14.53 -10.25
CA ALA H 217 46.88 -13.86 -9.91
C ALA H 217 47.13 -12.95 -8.73
N LEU H 218 47.07 -11.64 -8.99
CA LEU H 218 47.28 -10.63 -7.97
C LEU H 218 46.04 -10.43 -7.11
N THR H 219 45.74 -11.44 -6.32
CA THR H 219 44.58 -11.39 -5.43
C THR H 219 45.02 -12.01 -4.12
N PHE H 220 44.69 -11.35 -3.02
CA PHE H 220 45.11 -11.83 -1.72
C PHE H 220 44.02 -12.44 -0.88
N GLU H 221 42.78 -12.38 -1.37
CA GLU H 221 41.64 -12.96 -0.65
C GLU H 221 40.41 -12.97 -1.53
N THR H 222 39.59 -14.00 -1.37
CA THR H 222 38.37 -14.16 -2.14
C THR H 222 37.16 -14.03 -1.22
N LEU H 223 36.20 -13.19 -1.61
CA LEU H 223 34.99 -12.98 -0.81
C LEU H 223 33.79 -12.94 -1.72
N SER H 224 32.65 -13.39 -1.20
CA SER H 224 31.41 -13.36 -1.95
C SER H 224 30.81 -12.01 -1.58
N PRO H 225 30.04 -11.40 -2.48
CA PRO H 225 29.44 -10.10 -2.19
C PRO H 225 28.96 -10.00 -0.75
N VAL H 226 28.22 -11.02 -0.31
CA VAL H 226 27.69 -11.05 1.04
C VAL H 226 28.79 -10.83 2.07
N GLN H 227 29.88 -11.57 1.93
CA GLN H 227 31.01 -11.48 2.84
C GLN H 227 31.70 -10.11 2.76
N VAL H 228 31.76 -9.54 1.56
CA VAL H 228 32.35 -8.24 1.41
C VAL H 228 31.56 -7.28 2.30
N CYS H 229 30.24 -7.38 2.23
CA CYS H 229 29.34 -6.55 3.01
C CYS H 229 29.44 -6.85 4.50
N ALA H 230 29.56 -8.13 4.85
CA ALA H 230 29.68 -8.52 6.24
C ALA H 230 31.00 -7.93 6.76
N ALA H 231 32.01 -7.95 5.89
CA ALA H 231 33.33 -7.44 6.19
C ALA H 231 33.18 -5.98 6.53
N PHE H 232 32.55 -5.26 5.62
CA PHE H 232 32.31 -3.84 5.77
C PHE H 232 31.49 -3.50 7.01
N SER H 233 30.61 -4.43 7.41
CA SER H 233 29.76 -4.22 8.58
C SER H 233 30.56 -4.24 9.88
N ARG H 234 31.45 -5.23 10.01
CA ARG H 234 32.28 -5.32 11.21
C ARG H 234 33.17 -4.08 11.27
N ALA H 235 33.72 -3.70 10.13
CA ALA H 235 34.61 -2.54 10.04
C ALA H 235 33.95 -1.25 10.51
N LEU H 236 32.80 -0.95 9.92
CA LEU H 236 32.05 0.27 10.23
C LEU H 236 31.05 0.18 11.37
N ASN H 237 30.85 -1.04 11.87
CA ASN H 237 29.88 -1.26 12.94
C ASN H 237 28.51 -0.73 12.50
N ARG H 238 28.24 -0.83 11.19
CA ARG H 238 26.96 -0.42 10.60
C ARG H 238 26.42 -1.58 9.78
N ARG H 239 25.10 -1.62 9.60
CA ARG H 239 24.49 -2.69 8.84
C ARG H 239 24.71 -2.52 7.35
N VAL H 240 25.39 -3.49 6.75
CA VAL H 240 25.64 -3.45 5.32
C VAL H 240 25.02 -4.70 4.69
N THR H 241 24.20 -4.48 3.67
CA THR H 241 23.54 -5.59 2.98
C THR H 241 23.73 -5.58 1.46
N TYR H 242 23.91 -6.77 0.90
CA TYR H 242 24.11 -6.93 -0.54
C TYR H 242 22.79 -7.16 -1.25
N VAL H 243 22.66 -6.60 -2.44
CA VAL H 243 21.45 -6.77 -3.23
C VAL H 243 21.80 -7.10 -4.67
N GLN H 244 21.55 -8.34 -5.10
CA GLN H 244 21.86 -8.72 -6.48
C GLN H 244 20.87 -8.12 -7.44
N VAL H 245 21.36 -7.29 -8.36
CA VAL H 245 20.51 -6.66 -9.35
C VAL H 245 20.93 -7.15 -10.74
N PRO H 246 19.95 -7.43 -11.61
CA PRO H 246 20.20 -7.93 -12.96
C PRO H 246 21.08 -7.02 -13.81
N LYS H 247 20.93 -5.72 -13.60
CA LYS H 247 21.70 -4.76 -14.37
C LYS H 247 22.51 -3.83 -13.49
N VAL H 248 23.59 -3.30 -14.04
CA VAL H 248 24.45 -2.38 -13.32
C VAL H 248 23.82 -1.01 -13.32
N GLU H 249 23.55 -0.45 -12.14
CA GLU H 249 22.94 0.88 -12.00
C GLU H 249 23.86 2.03 -12.40
N ILE H 250 23.50 2.76 -13.46
CA ILE H 250 24.31 3.89 -13.94
C ILE H 250 23.66 5.22 -13.52
N LYS H 251 23.93 5.65 -12.30
CA LYS H 251 23.37 6.90 -11.75
C LYS H 251 23.99 8.21 -12.21
N VAL H 252 25.08 8.14 -12.97
CA VAL H 252 25.76 9.34 -13.45
C VAL H 252 26.15 9.13 -14.91
N ASN H 253 26.41 10.23 -15.62
CA ASN H 253 26.81 10.13 -17.02
C ASN H 253 28.21 9.53 -17.11
N ILE H 254 28.36 8.49 -17.93
CA ILE H 254 29.65 7.84 -18.11
C ILE H 254 29.98 7.68 -19.59
N PRO H 255 31.29 7.70 -19.94
CA PRO H 255 31.67 7.55 -21.36
C PRO H 255 31.18 6.24 -21.95
N VAL H 256 30.84 6.29 -23.24
CA VAL H 256 30.33 5.13 -23.97
C VAL H 256 31.14 3.85 -23.70
N GLY H 257 32.45 3.97 -23.72
CA GLY H 257 33.33 2.84 -23.49
C GLY H 257 33.09 2.10 -22.19
N TYR H 258 32.91 2.85 -21.10
CA TYR H 258 32.69 2.23 -19.79
C TYR H 258 31.31 1.59 -19.69
N ARG H 259 30.35 2.14 -20.41
CA ARG H 259 28.98 1.62 -20.40
C ARG H 259 28.97 0.22 -21.01
N GLU H 260 29.64 0.05 -22.15
CA GLU H 260 29.75 -1.24 -22.85
C GLU H 260 30.45 -2.25 -21.94
N GLN H 261 31.49 -1.77 -21.25
CA GLN H 261 32.25 -2.60 -20.33
C GLN H 261 31.32 -3.19 -19.30
N LEU H 262 30.51 -2.33 -18.71
CA LEU H 262 29.56 -2.76 -17.69
C LEU H 262 28.51 -3.71 -18.22
N GLU H 263 28.08 -3.45 -19.46
CA GLU H 263 27.08 -4.29 -20.09
C GLU H 263 27.63 -5.72 -20.13
N ALA H 264 28.88 -5.84 -20.55
CA ALA H 264 29.50 -7.16 -20.66
C ALA H 264 29.52 -7.83 -19.30
N ILE H 265 29.90 -7.06 -18.29
CA ILE H 265 29.98 -7.52 -16.92
C ILE H 265 28.63 -8.16 -16.56
N GLU H 266 27.55 -7.41 -16.82
CA GLU H 266 26.19 -7.86 -16.54
C GLU H 266 25.93 -9.26 -17.06
N VAL H 267 26.31 -9.48 -18.31
CA VAL H 267 26.13 -10.77 -18.97
C VAL H 267 27.00 -11.86 -18.39
N VAL H 268 28.31 -11.59 -18.32
CA VAL H 268 29.29 -12.55 -17.83
C VAL H 268 29.16 -12.96 -16.35
N PHE H 269 28.93 -11.99 -15.45
CA PHE H 269 28.81 -12.31 -14.03
C PHE H 269 27.37 -12.40 -13.57
N GLY H 270 26.51 -11.58 -14.14
CA GLY H 270 25.12 -11.61 -13.75
C GLY H 270 24.34 -12.75 -14.37
N GLU H 271 24.28 -12.75 -15.70
CA GLU H 271 23.56 -13.79 -16.43
C GLU H 271 24.21 -15.17 -16.28
N HIS H 272 25.35 -15.33 -16.94
CA HIS H 272 26.10 -16.58 -16.95
C HIS H 272 26.80 -16.94 -15.66
N LYS H 273 27.21 -15.94 -14.89
CA LYS H 273 27.92 -16.16 -13.64
C LYS H 273 29.23 -16.90 -13.93
N ALA H 274 30.10 -16.28 -14.70
CA ALA H 274 31.37 -16.91 -15.05
C ALA H 274 32.45 -16.52 -14.06
N PRO H 275 33.48 -17.37 -13.90
CA PRO H 275 34.57 -17.07 -12.97
C PRO H 275 35.24 -15.72 -13.30
N TYR H 276 35.75 -15.04 -12.28
CA TYR H 276 36.42 -13.78 -12.56
C TYR H 276 37.62 -14.18 -13.41
N PHE H 277 38.34 -15.21 -12.96
CA PHE H 277 39.51 -15.74 -13.66
C PHE H 277 39.21 -17.14 -14.23
N PRO H 278 38.69 -17.20 -15.46
CA PRO H 278 38.38 -18.49 -16.08
C PRO H 278 39.58 -19.42 -16.24
N LEU H 279 40.76 -18.87 -16.55
CA LEU H 279 41.97 -19.67 -16.75
C LEU H 279 42.12 -20.87 -15.79
N PRO H 280 42.42 -22.05 -16.35
CA PRO H 280 42.61 -23.29 -15.59
C PRO H 280 43.43 -23.16 -14.32
N GLU H 281 44.57 -22.47 -14.39
CA GLU H 281 45.43 -22.30 -13.22
C GLU H 281 44.79 -21.47 -12.12
N PHE H 282 43.65 -20.87 -12.43
CA PHE H 282 42.93 -20.05 -11.47
C PHE H 282 41.56 -20.67 -11.19
N SER H 283 41.24 -21.75 -11.90
CA SER H 283 39.95 -22.43 -11.72
C SER H 283 40.11 -23.93 -11.46
N GLN H 315 43.78 -25.84 -3.18
CA GLN H 315 44.59 -24.66 -2.91
C GLN H 315 44.10 -23.44 -3.71
N ARG H 316 43.71 -22.38 -3.00
CA ARG H 316 43.21 -21.16 -3.63
C ARG H 316 44.09 -20.48 -4.68
N VAL H 317 43.49 -19.54 -5.37
CA VAL H 317 44.18 -18.75 -6.38
C VAL H 317 44.95 -17.68 -5.63
N THR H 318 44.67 -17.58 -4.34
CA THR H 318 45.31 -16.58 -3.49
C THR H 318 46.70 -17.01 -3.06
N ASP H 319 47.01 -18.29 -3.25
CA ASP H 319 48.30 -18.83 -2.82
C ASP H 319 49.59 -18.16 -3.30
N GLU H 320 49.87 -18.19 -4.60
CA GLU H 320 51.09 -17.57 -5.13
C GLU H 320 51.25 -16.15 -4.60
N ALA H 321 50.19 -15.37 -4.70
CA ALA H 321 50.16 -13.99 -4.26
C ALA H 321 50.64 -13.88 -2.82
N ARG H 322 49.97 -14.59 -1.92
CA ARG H 322 50.32 -14.54 -0.51
C ARG H 322 51.77 -14.96 -0.21
N LYS H 323 52.34 -15.83 -1.03
CA LYS H 323 53.71 -16.27 -0.81
C LYS H 323 54.68 -15.14 -1.18
N LEU H 324 54.33 -14.37 -2.20
CA LEU H 324 55.15 -13.25 -2.67
C LEU H 324 55.12 -12.07 -1.72
N TRP H 325 53.96 -11.83 -1.14
CA TRP H 325 53.79 -10.72 -0.22
C TRP H 325 52.78 -11.16 0.82
N SER H 326 53.23 -11.32 2.06
CA SER H 326 52.37 -11.78 3.13
C SER H 326 51.87 -10.66 4.06
N GLY H 327 52.18 -9.42 3.72
CA GLY H 327 51.72 -8.30 4.53
C GLY H 327 50.54 -7.59 3.88
N TRP H 328 49.70 -8.38 3.20
CA TRP H 328 48.55 -7.85 2.48
C TRP H 328 47.44 -7.31 3.36
N ARG H 329 46.65 -6.38 2.80
CA ARG H 329 45.55 -5.75 3.53
C ARG H 329 44.16 -6.23 3.09
N ASP H 330 43.49 -6.95 3.97
CA ASP H 330 42.18 -7.50 3.66
C ASP H 330 41.09 -6.44 3.66
N MET H 331 39.90 -6.84 3.24
CA MET H 331 38.72 -5.98 3.14
C MET H 331 38.33 -5.30 4.47
N GLU H 332 38.36 -6.04 5.57
CA GLU H 332 38.00 -5.47 6.87
C GLU H 332 38.93 -4.31 7.27
N GLU H 333 40.23 -4.48 7.05
CA GLU H 333 41.20 -3.44 7.37
C GLU H 333 40.97 -2.26 6.43
N TYR H 334 40.71 -2.57 5.17
CA TYR H 334 40.45 -1.54 4.19
C TYR H 334 39.22 -0.75 4.63
N ALA H 335 38.09 -1.44 4.69
CA ALA H 335 36.83 -0.83 5.06
C ALA H 335 36.99 0.05 6.29
N ARG H 336 37.60 -0.51 7.34
CA ARG H 336 37.79 0.21 8.58
C ARG H 336 38.82 1.34 8.53
N GLU H 337 40.05 1.00 8.16
CA GLU H 337 41.14 1.98 8.10
C GLU H 337 41.20 2.92 6.90
N VAL H 338 40.78 2.47 5.72
CA VAL H 338 40.87 3.30 4.53
C VAL H 338 39.57 3.88 4.01
N PHE H 339 38.58 3.02 3.80
CA PHE H 339 37.29 3.46 3.26
C PHE H 339 36.81 4.79 3.84
N PRO H 340 36.74 4.91 5.18
CA PRO H 340 36.30 6.13 5.85
C PRO H 340 37.08 7.36 5.40
N ILE H 341 38.39 7.22 5.40
CA ILE H 341 39.29 8.31 5.00
C ILE H 341 39.10 8.75 3.55
N GLU H 342 39.12 7.82 2.60
CA GLU H 342 38.96 8.15 1.18
C GLU H 342 37.67 8.96 0.97
N GLU H 343 36.60 8.50 1.60
CA GLU H 343 35.30 9.16 1.51
C GLU H 343 35.37 10.61 1.97
N GLU H 344 36.02 10.84 3.11
CA GLU H 344 36.16 12.19 3.66
C GLU H 344 36.78 13.09 2.61
N ALA H 345 37.92 12.66 2.06
CA ALA H 345 38.62 13.42 1.04
C ALA H 345 37.74 13.61 -0.19
N ASN H 346 36.82 12.68 -0.41
CA ASN H 346 35.90 12.78 -1.54
C ASN H 346 34.86 13.83 -1.20
N GLY H 347 34.67 14.10 0.09
CA GLY H 347 33.71 15.11 0.50
C GLY H 347 32.53 14.72 1.39
N LEU H 348 32.49 13.50 1.90
CA LEU H 348 31.39 13.11 2.76
C LEU H 348 31.69 13.54 4.20
N ASP H 349 30.95 13.03 5.19
CA ASP H 349 31.19 13.41 6.57
C ASP H 349 30.54 12.42 7.53
N TRP H 350 29.78 11.47 6.98
CA TRP H 350 29.11 10.47 7.81
C TRP H 350 30.07 9.79 8.79
N MET H 351 31.36 10.06 8.63
CA MET H 351 32.36 9.46 9.50
C MET H 351 32.63 10.32 10.72
N LEU H 352 32.28 11.59 10.63
CA LEU H 352 32.50 12.51 11.73
C LEU H 352 31.30 12.49 12.67
N THR I 2 -16.60 -54.14 18.41
CA THR I 2 -17.85 -54.91 18.39
C THR I 2 -18.56 -54.63 17.06
N THR I 3 -19.69 -55.28 16.82
CA THR I 3 -20.46 -55.09 15.59
C THR I 3 -21.94 -54.88 15.92
N CYS I 4 -22.61 -53.95 15.22
CA CYS I 4 -24.03 -53.69 15.47
C CYS I 4 -24.89 -54.82 14.95
N THR I 5 -25.87 -55.23 15.75
CA THR I 5 -26.75 -56.34 15.38
C THR I 5 -27.80 -55.97 14.35
N ASN I 6 -28.02 -54.68 14.16
CA ASN I 6 -29.00 -54.22 13.19
C ASN I 6 -28.38 -53.91 11.83
N CYS I 7 -27.54 -52.87 11.78
CA CYS I 7 -26.90 -52.46 10.54
C CYS I 7 -25.52 -53.11 10.35
N PHE I 8 -25.01 -53.71 11.40
CA PHE I 8 -23.72 -54.40 11.36
C PHE I 8 -22.51 -53.49 11.20
N THR I 9 -22.65 -52.21 11.51
CA THR I 9 -21.50 -51.31 11.41
C THR I 9 -20.49 -51.74 12.47
N GLN I 10 -19.32 -51.12 12.44
CA GLN I 10 -18.27 -51.40 13.43
C GLN I 10 -17.65 -50.06 13.77
N THR I 11 -18.26 -49.01 13.24
CA THR I 11 -17.83 -47.63 13.47
C THR I 11 -19.01 -46.86 14.06
N THR I 12 -18.86 -46.41 15.30
CA THR I 12 -19.94 -45.68 15.98
C THR I 12 -19.38 -44.90 17.17
N PRO I 13 -19.84 -43.65 17.36
CA PRO I 13 -19.40 -42.77 18.45
C PRO I 13 -19.71 -43.29 19.86
N LEU I 14 -20.72 -44.14 19.95
CA LEU I 14 -21.13 -44.71 21.22
C LEU I 14 -21.86 -46.02 20.99
N TRP I 15 -21.47 -47.05 21.74
CA TRP I 15 -22.12 -48.34 21.62
C TRP I 15 -23.34 -48.37 22.52
N ARG I 16 -24.28 -49.24 22.18
CA ARG I 16 -25.50 -49.38 22.95
C ARG I 16 -25.82 -50.82 23.28
N ARG I 17 -26.83 -51.00 24.10
CA ARG I 17 -27.30 -52.31 24.51
C ARG I 17 -28.81 -52.30 24.38
N ASN I 18 -29.34 -53.21 23.59
CA ASN I 18 -30.78 -53.32 23.42
C ASN I 18 -31.32 -53.92 24.71
N PRO I 19 -32.65 -54.08 24.82
CA PRO I 19 -33.18 -54.66 26.06
C PRO I 19 -32.59 -56.03 26.40
N GLU I 20 -31.64 -56.50 25.58
CA GLU I 20 -31.02 -57.80 25.80
C GLU I 20 -29.50 -57.71 26.01
N GLY I 21 -29.01 -56.50 26.24
CA GLY I 21 -27.58 -56.33 26.45
C GLY I 21 -26.82 -56.58 25.16
N GLN I 22 -27.55 -56.98 24.12
CA GLN I 22 -26.98 -57.26 22.79
C GLN I 22 -26.44 -55.92 22.26
N PRO I 23 -25.34 -55.94 21.50
CA PRO I 23 -24.69 -54.74 20.93
C PRO I 23 -25.36 -54.02 19.75
N LEU I 24 -25.66 -52.74 19.97
CA LEU I 24 -26.26 -51.91 18.94
C LEU I 24 -25.40 -50.67 18.77
N CYS I 25 -25.53 -50.01 17.64
CA CYS I 25 -24.77 -48.80 17.41
C CYS I 25 -25.59 -47.64 17.97
N ASN I 26 -24.99 -46.46 18.01
CA ASN I 26 -25.69 -45.29 18.53
C ASN I 26 -26.99 -45.10 17.77
N ALA I 27 -26.89 -45.11 16.45
CA ALA I 27 -28.05 -44.93 15.58
C ALA I 27 -29.17 -45.94 15.82
N CYS I 28 -28.86 -47.21 15.63
CA CYS I 28 -29.83 -48.27 15.80
C CYS I 28 -30.43 -48.22 17.19
N GLY I 29 -29.59 -48.15 18.22
CA GLY I 29 -30.06 -48.11 19.60
C GLY I 29 -30.91 -46.89 19.91
N LEU I 30 -30.47 -45.74 19.42
CA LEU I 30 -31.18 -44.48 19.63
C LEU I 30 -32.55 -44.50 18.94
N PHE I 31 -32.57 -44.93 17.67
CA PHE I 31 -33.81 -45.01 16.90
C PHE I 31 -34.81 -45.87 17.63
N LEU I 32 -34.40 -47.08 18.00
CA LEU I 32 -35.27 -47.99 18.73
C LEU I 32 -35.81 -47.28 19.97
N LYS I 33 -34.91 -46.72 20.78
CA LYS I 33 -35.32 -46.05 22.01
C LYS I 33 -36.41 -44.99 21.79
N LEU I 34 -36.21 -44.13 20.79
CA LEU I 34 -37.13 -43.04 20.50
C LEU I 34 -38.42 -43.44 19.82
N HIS I 35 -38.36 -44.43 18.95
CA HIS I 35 -39.54 -44.80 18.19
C HIS I 35 -40.19 -46.13 18.50
N GLY I 36 -39.45 -47.01 19.15
CA GLY I 36 -40.00 -48.31 19.50
C GLY I 36 -39.66 -49.46 18.58
N VAL I 37 -39.29 -49.15 17.33
CA VAL I 37 -38.95 -50.22 16.39
C VAL I 37 -37.51 -50.14 15.97
N VAL I 38 -37.01 -51.25 15.45
CA VAL I 38 -35.63 -51.32 15.01
C VAL I 38 -35.43 -50.45 13.78
N ARG I 39 -34.31 -49.74 13.75
CA ARG I 39 -34.00 -48.86 12.64
C ARG I 39 -34.10 -49.62 11.32
N PRO I 40 -34.90 -49.14 10.38
CA PRO I 40 -35.06 -49.79 9.08
C PRO I 40 -33.87 -49.45 8.15
N LEU I 41 -33.33 -50.48 7.51
CA LEU I 41 -32.19 -50.29 6.63
C LEU I 41 -32.54 -50.43 5.17
N SER I 42 -31.86 -49.67 4.30
CA SER I 42 -32.13 -49.75 2.87
C SER I 42 -32.07 -51.19 2.36
N LEU I 43 -32.13 -51.35 1.05
CA LEU I 43 -32.12 -52.63 0.36
C LEU I 43 -33.46 -53.36 0.53
N THR J 2 -12.81 -61.08 15.16
CA THR J 2 -12.00 -62.16 15.72
C THR J 2 -11.10 -61.66 16.86
N THR J 3 -10.32 -62.58 17.44
CA THR J 3 -9.40 -62.29 18.55
C THR J 3 -8.46 -63.52 18.68
N CYS J 4 -7.22 -63.33 19.12
CA CYS J 4 -6.31 -64.47 19.25
C CYS J 4 -6.31 -65.09 20.62
N THR J 5 -6.64 -66.38 20.64
CA THR J 5 -6.74 -67.18 21.84
C THR J 5 -5.53 -67.07 22.78
N ASN J 6 -4.35 -66.82 22.23
CA ASN J 6 -3.12 -66.75 23.03
C ASN J 6 -2.71 -65.35 23.50
N CYS J 7 -2.40 -64.47 22.55
CA CYS J 7 -1.99 -63.12 22.87
C CYS J 7 -3.14 -62.15 22.88
N PHE J 8 -4.32 -62.62 22.49
CA PHE J 8 -5.51 -61.77 22.47
C PHE J 8 -5.41 -60.58 21.53
N THR J 9 -4.80 -60.76 20.36
CA THR J 9 -4.68 -59.69 19.37
C THR J 9 -5.92 -59.76 18.52
N GLN J 10 -6.22 -58.67 17.83
CA GLN J 10 -7.38 -58.62 16.94
C GLN J 10 -6.90 -58.07 15.61
N THR J 11 -5.58 -57.87 15.52
CA THR J 11 -4.92 -57.37 14.32
C THR J 11 -3.93 -58.44 13.89
N THR J 12 -4.10 -58.96 12.67
CA THR J 12 -3.19 -59.97 12.13
C THR J 12 -3.43 -60.15 10.64
N PRO J 13 -2.35 -60.30 9.85
CA PRO J 13 -2.39 -60.48 8.39
C PRO J 13 -3.09 -61.75 7.91
N LEU J 14 -3.15 -62.75 8.78
CA LEU J 14 -3.80 -64.01 8.46
C LEU J 14 -4.21 -64.74 9.71
N TRP J 15 -5.46 -65.15 9.77
CA TRP J 15 -5.95 -65.87 10.93
C TRP J 15 -5.71 -67.35 10.73
N ARG J 16 -4.83 -67.92 11.52
CA ARG J 16 -4.60 -69.35 11.42
C ARG J 16 -5.54 -69.93 12.48
N ARG J 17 -5.40 -71.22 12.75
CA ARG J 17 -6.24 -71.86 13.75
C ARG J 17 -5.67 -73.19 14.21
N ASN J 18 -5.88 -73.49 15.48
CA ASN J 18 -5.39 -74.72 16.09
C ASN J 18 -6.33 -75.88 15.76
N PRO J 19 -5.91 -77.13 16.07
CA PRO J 19 -6.71 -78.33 15.82
C PRO J 19 -8.23 -78.24 16.04
N GLU J 20 -8.66 -77.61 17.12
CA GLU J 20 -10.10 -77.49 17.38
C GLU J 20 -10.70 -76.29 16.68
N GLY J 21 -10.09 -75.91 15.56
CA GLY J 21 -10.58 -74.79 14.76
C GLY J 21 -10.71 -73.44 15.44
N GLN J 22 -10.06 -73.25 16.59
CA GLN J 22 -10.13 -71.97 17.28
C GLN J 22 -9.26 -70.91 16.61
N PRO J 23 -9.55 -69.62 16.86
CA PRO J 23 -8.80 -68.50 16.29
C PRO J 23 -7.42 -68.25 16.88
N LEU J 24 -6.45 -68.10 15.98
CA LEU J 24 -5.08 -67.80 16.36
C LEU J 24 -4.53 -66.75 15.41
N CYS J 25 -3.65 -65.90 15.91
CA CYS J 25 -3.04 -64.91 15.05
C CYS J 25 -2.01 -65.69 14.25
N ASN J 26 -1.56 -65.11 13.15
CA ASN J 26 -0.57 -65.75 12.31
C ASN J 26 0.67 -66.13 13.14
N ALA J 27 1.05 -65.23 14.04
CA ALA J 27 2.21 -65.43 14.90
C ALA J 27 2.03 -66.67 15.79
N CYS J 28 1.05 -66.61 16.69
CA CYS J 28 0.80 -67.73 17.59
C CYS J 28 0.65 -69.05 16.85
N GLY J 29 -0.20 -69.06 15.82
CA GLY J 29 -0.40 -70.26 15.04
C GLY J 29 0.85 -70.77 14.33
N LEU J 30 1.63 -69.83 13.80
CA LEU J 30 2.86 -70.17 13.11
C LEU J 30 3.91 -70.73 14.07
N PHE J 31 4.05 -70.05 15.21
CA PHE J 31 5.00 -70.48 16.22
C PHE J 31 4.69 -71.90 16.62
N LEU J 32 3.46 -72.12 17.04
CA LEU J 32 3.05 -73.45 17.45
C LEU J 32 3.43 -74.48 16.38
N LYS J 33 3.02 -74.20 15.15
CA LYS J 33 3.27 -75.13 14.04
C LYS J 33 4.74 -75.47 13.82
N LEU J 34 5.61 -74.47 13.94
CA LEU J 34 7.04 -74.69 13.74
C LEU J 34 7.78 -75.26 14.95
N HIS J 35 7.36 -74.91 16.16
CA HIS J 35 8.08 -75.40 17.32
C HIS J 35 7.34 -76.32 18.28
N GLY J 36 6.04 -76.50 18.06
CA GLY J 36 5.28 -77.41 18.90
C GLY J 36 4.73 -76.89 20.21
N VAL J 37 5.06 -75.66 20.57
CA VAL J 37 4.58 -75.10 21.83
C VAL J 37 3.88 -73.80 21.54
N VAL J 38 2.98 -73.40 22.44
CA VAL J 38 2.25 -72.14 22.26
C VAL J 38 3.25 -71.00 22.40
N ARG J 39 3.08 -69.98 21.58
CA ARG J 39 3.96 -68.81 21.61
C ARG J 39 3.97 -68.18 23.01
N PRO J 40 5.15 -68.09 23.62
CA PRO J 40 5.23 -67.50 24.98
C PRO J 40 5.14 -65.95 24.92
N LEU J 41 4.40 -65.37 25.88
CA LEU J 41 4.22 -63.92 25.95
C LEU J 41 4.88 -63.38 27.22
N SER J 42 4.83 -62.06 27.41
CA SER J 42 5.46 -61.44 28.59
C SER J 42 4.54 -61.06 29.75
N LEU J 43 5.05 -60.22 30.65
CA LEU J 43 4.30 -59.75 31.82
C LEU J 43 3.98 -60.93 32.75
N THR K 2 2.95 95.61 4.37
CA THR K 2 2.05 96.22 5.33
C THR K 2 1.26 95.17 6.10
N THR K 3 1.49 95.10 7.40
CA THR K 3 0.79 94.13 8.26
C THR K 3 0.42 94.78 9.59
N CYS K 4 -0.48 94.18 10.35
CA CYS K 4 -0.90 94.74 11.63
C CYS K 4 0.05 94.40 12.77
N THR K 5 0.57 95.45 13.41
CA THR K 5 1.51 95.28 14.52
C THR K 5 0.90 94.52 15.69
N ASN K 6 -0.43 94.39 15.70
CA ASN K 6 -1.12 93.68 16.78
C ASN K 6 -1.60 92.27 16.41
N CYS K 7 -2.62 92.19 15.57
CA CYS K 7 -3.16 90.89 15.18
C CYS K 7 -2.37 90.26 14.03
N PHE K 8 -1.54 91.07 13.39
CA PHE K 8 -0.67 90.63 12.29
C PHE K 8 -1.39 90.33 10.96
N THR K 9 -2.63 90.79 10.84
CA THR K 9 -3.40 90.58 9.62
C THR K 9 -2.74 91.39 8.52
N GLN K 10 -3.05 91.06 7.27
CA GLN K 10 -2.52 91.76 6.11
C GLN K 10 -3.70 92.06 5.20
N THR K 11 -4.89 91.71 5.70
CA THR K 11 -6.15 91.93 5.01
C THR K 11 -7.00 92.84 5.89
N THR K 12 -7.31 94.05 5.40
CA THR K 12 -8.12 95.00 6.18
C THR K 12 -8.69 96.04 5.21
N PRO K 13 -9.94 96.48 5.45
CA PRO K 13 -10.63 97.48 4.62
C PRO K 13 -10.05 98.88 4.72
N LEU K 14 -9.33 99.13 5.81
CA LEU K 14 -8.72 100.42 6.06
C LEU K 14 -7.57 100.32 7.06
N TRP K 15 -6.40 100.82 6.68
CA TRP K 15 -5.25 100.80 7.56
C TRP K 15 -5.34 101.95 8.55
N ARG K 16 -4.87 101.73 9.77
CA ARG K 16 -4.91 102.75 10.81
C ARG K 16 -3.57 102.83 11.52
N ARG K 17 -2.73 103.76 11.09
CA ARG K 17 -1.42 103.92 11.72
C ARG K 17 -1.62 104.19 13.20
N ASN K 18 -0.65 103.75 13.99
CA ASN K 18 -0.68 103.91 15.44
C ASN K 18 -0.20 105.32 15.78
N PRO K 19 -0.71 105.90 16.90
CA PRO K 19 -0.35 107.25 17.36
C PRO K 19 1.13 107.59 17.22
N GLU K 20 1.94 106.58 16.95
CA GLU K 20 3.38 106.73 16.78
C GLU K 20 3.73 106.85 15.30
N GLY K 21 3.84 105.70 14.63
CA GLY K 21 4.16 105.69 13.22
C GLY K 21 3.87 104.32 12.65
N GLN K 22 3.83 103.33 13.53
CA GLN K 22 3.56 101.95 13.13
C GLN K 22 2.09 101.80 12.72
N PRO K 23 1.78 100.79 11.89
CA PRO K 23 0.44 100.48 11.38
C PRO K 23 -0.41 99.46 12.15
N LEU K 24 -1.73 99.59 12.02
CA LEU K 24 -2.68 98.70 12.67
C LEU K 24 -3.88 98.49 11.74
N CYS K 25 -4.53 97.34 11.89
CA CYS K 25 -5.71 97.03 11.08
C CYS K 25 -6.86 97.91 11.53
N ASN K 26 -7.91 97.98 10.73
CA ASN K 26 -9.09 98.79 11.06
C ASN K 26 -9.59 98.37 12.43
N ALA K 27 -9.65 97.06 12.65
CA ALA K 27 -10.11 96.47 13.90
C ALA K 27 -9.27 96.90 15.11
N CYS K 28 -8.00 96.52 15.10
CA CYS K 28 -7.11 96.87 16.21
C CYS K 28 -7.08 98.35 16.49
N GLY K 29 -6.93 99.15 15.44
CA GLY K 29 -6.89 100.60 15.59
C GLY K 29 -8.19 101.19 16.09
N LEU K 30 -9.32 100.65 15.62
CA LEU K 30 -10.63 101.13 16.05
C LEU K 30 -10.86 100.75 17.52
N PHE K 31 -10.61 99.50 17.85
CA PHE K 31 -10.79 99.03 19.21
C PHE K 31 -10.04 99.92 20.18
N LEU K 32 -8.74 100.09 19.93
CA LEU K 32 -7.91 100.92 20.78
C LEU K 32 -8.46 102.35 20.90
N LYS K 33 -8.94 102.90 19.79
CA LYS K 33 -9.49 104.24 19.80
C LYS K 33 -10.72 104.36 20.68
N LEU K 34 -11.62 103.40 20.57
CA LEU K 34 -12.87 103.41 21.33
C LEU K 34 -12.78 102.94 22.78
N HIS K 35 -11.81 102.08 23.09
CA HIS K 35 -11.75 101.58 24.45
C HIS K 35 -10.49 101.90 25.21
N GLY K 36 -9.44 102.33 24.53
CA GLY K 36 -8.23 102.70 25.23
C GLY K 36 -7.16 101.64 25.32
N VAL K 37 -7.52 100.39 25.08
CA VAL K 37 -6.51 99.34 25.16
C VAL K 37 -6.39 98.61 23.84
N VAL K 38 -5.29 97.88 23.69
CA VAL K 38 -5.04 97.11 22.47
C VAL K 38 -6.05 95.96 22.37
N ARG K 39 -6.54 95.71 21.16
CA ARG K 39 -7.51 94.63 20.96
C ARG K 39 -6.92 93.30 21.40
N PRO K 40 -7.59 92.62 22.35
CA PRO K 40 -7.12 91.34 22.85
C PRO K 40 -7.34 90.22 21.81
N LEU K 41 -6.36 89.33 21.66
CA LEU K 41 -6.48 88.25 20.68
C LEU K 41 -6.50 86.85 21.28
N SER K 42 -7.02 85.89 20.51
CA SER K 42 -7.14 84.50 20.95
C SER K 42 -5.85 83.81 21.39
N LEU K 43 -5.98 82.53 21.69
CA LEU K 43 -4.87 81.69 22.15
C LEU K 43 -4.03 82.39 23.22
N THR L 2 42.23 5.85 25.14
CA THR L 2 43.28 4.84 25.16
C THR L 2 42.82 3.64 25.99
N THR L 3 42.71 3.86 27.29
CA THR L 3 42.31 2.82 28.23
C THR L 3 42.12 3.39 29.65
N CYS L 4 40.90 3.30 30.17
CA CYS L 4 40.59 3.80 31.50
C CYS L 4 41.56 3.30 32.55
N THR L 5 41.98 4.18 33.45
CA THR L 5 42.94 3.79 34.48
C THR L 5 42.31 3.12 35.71
N ASN L 6 40.99 3.00 35.72
CA ASN L 6 40.30 2.37 36.85
C ASN L 6 39.86 0.93 36.53
N CYS L 7 38.94 0.81 35.57
CA CYS L 7 38.40 -0.48 35.14
C CYS L 7 39.21 -1.01 33.95
N PHE L 8 40.07 -0.14 33.41
CA PHE L 8 40.93 -0.45 32.28
C PHE L 8 40.19 -0.78 30.99
N THR L 9 38.99 -0.23 30.83
CA THR L 9 38.20 -0.46 29.64
C THR L 9 38.83 0.29 28.48
N GLN L 10 38.42 -0.04 27.26
CA GLN L 10 38.91 0.66 26.07
C GLN L 10 37.70 0.97 25.20
N THR L 11 36.54 0.60 25.72
CA THR L 11 35.24 0.80 25.06
C THR L 11 34.39 1.73 25.95
N THR L 12 34.09 2.94 25.48
CA THR L 12 33.28 3.87 26.26
C THR L 12 32.71 4.94 25.33
N PRO L 13 31.46 5.36 25.59
CA PRO L 13 30.79 6.39 24.76
C PRO L 13 31.38 7.79 24.90
N LEU L 14 32.10 8.01 26.00
CA LEU L 14 32.70 9.31 26.26
C LEU L 14 33.86 9.16 27.23
N TRP L 15 35.01 9.72 26.89
CA TRP L 15 36.15 9.63 27.78
C TRP L 15 36.19 10.78 28.77
N ARG L 16 36.65 10.48 29.98
CA ARG L 16 36.75 11.47 31.07
C ARG L 16 38.10 11.51 31.77
N ARG L 17 38.25 12.52 32.61
CA ARG L 17 39.46 12.76 33.41
C ARG L 17 39.11 13.70 34.55
N ASN L 18 39.23 13.22 35.80
CA ASN L 18 38.96 14.08 36.99
C ASN L 18 40.06 15.15 36.85
N PRO L 19 39.94 16.26 37.61
CA PRO L 19 40.85 17.42 37.66
C PRO L 19 42.37 16.96 37.69
N GLU L 20 42.82 16.62 36.47
CA GLU L 20 44.20 16.15 36.22
C GLU L 20 44.56 15.71 34.80
N GLY L 21 43.59 15.24 34.02
CA GLY L 21 43.96 14.80 32.68
C GLY L 21 44.43 13.36 32.75
N GLN L 22 43.54 12.54 33.28
CA GLN L 22 43.79 11.13 33.46
C GLN L 22 42.71 10.35 32.73
N PRO L 23 43.09 9.31 31.98
CA PRO L 23 42.16 8.48 31.23
C PRO L 23 41.13 7.73 32.08
N LEU L 24 39.87 8.14 31.96
CA LEU L 24 38.80 7.50 32.71
C LEU L 24 37.58 7.24 31.84
N CYS L 25 36.98 6.09 32.05
CA CYS L 25 35.78 5.69 31.33
C CYS L 25 34.61 6.64 31.74
N ASN L 26 33.58 6.77 30.89
CA ASN L 26 32.41 7.60 31.22
C ASN L 26 31.90 7.15 32.60
N ALA L 27 31.81 5.84 32.80
CA ALA L 27 31.34 5.26 34.06
C ALA L 27 32.19 5.66 35.27
N CYS L 28 33.47 5.31 35.21
CA CYS L 28 34.42 5.58 36.25
C CYS L 28 34.43 7.06 36.61
N GLY L 29 34.59 7.90 35.59
CA GLY L 29 34.62 9.34 35.78
C GLY L 29 33.32 9.90 36.30
N LEU L 30 32.20 9.37 35.81
CA LEU L 30 30.90 9.85 36.24
C LEU L 30 30.63 9.47 37.69
N PHE L 31 30.94 8.22 38.04
CA PHE L 31 30.76 7.70 39.38
C PHE L 31 31.53 8.56 40.36
N LEU L 32 32.82 8.76 40.09
CA LEU L 32 33.63 9.58 40.98
C LEU L 32 32.98 10.95 41.13
N LYS L 33 32.66 11.58 40.01
CA LYS L 33 32.06 12.91 40.04
C LYS L 33 30.83 13.02 40.93
N LEU L 34 29.93 12.05 40.84
CA LEU L 34 28.69 12.07 41.62
C LEU L 34 28.81 11.60 43.06
N HIS L 35 29.72 10.67 43.32
CA HIS L 35 29.81 10.13 44.67
C HIS L 35 31.08 10.48 45.45
N GLY L 36 32.13 10.88 44.75
CA GLY L 36 33.35 11.27 45.44
C GLY L 36 34.43 10.23 45.50
N VAL L 37 34.08 8.97 45.26
CA VAL L 37 35.07 7.90 45.31
C VAL L 37 35.16 7.14 44.00
N VAL L 38 36.29 6.48 43.81
CA VAL L 38 36.52 5.70 42.60
C VAL L 38 35.48 4.60 42.47
N ARG L 39 35.03 4.34 41.25
CA ARG L 39 34.06 3.29 41.03
C ARG L 39 34.63 1.95 41.45
N PRO L 40 33.97 1.26 42.39
CA PRO L 40 34.45 -0.05 42.88
C PRO L 40 34.21 -1.15 41.83
N LEU L 41 35.24 -1.97 41.60
CA LEU L 41 35.17 -3.06 40.62
C LEU L 41 35.16 -4.48 41.20
N SER L 42 34.58 -5.43 40.45
CA SER L 42 34.47 -6.84 40.86
C SER L 42 35.76 -7.62 41.06
N LEU L 43 35.64 -8.83 41.60
CA LEU L 43 36.78 -9.71 41.86
C LEU L 43 37.67 -9.12 42.95
N THR M 2 -10.05 -0.92 -45.95
CA THR M 2 -9.70 0.12 -46.92
C THR M 2 -8.50 0.96 -46.47
N THR M 3 -8.46 2.22 -46.91
CA THR M 3 -7.37 3.14 -46.57
C THR M 3 -7.78 4.62 -46.75
N CYS M 4 -7.50 5.46 -45.75
CA CYS M 4 -7.86 6.89 -45.81
C CYS M 4 -7.19 7.60 -46.94
N THR M 5 -7.97 8.44 -47.63
CA THR M 5 -7.45 9.21 -48.74
C THR M 5 -6.54 10.30 -48.23
N ASN M 6 -6.78 10.73 -47.00
CA ASN M 6 -6.02 11.82 -46.43
C ASN M 6 -4.73 11.49 -45.68
N CYS M 7 -4.84 10.75 -44.58
CA CYS M 7 -3.64 10.42 -43.80
C CYS M 7 -3.12 9.01 -44.11
N PHE M 8 -3.92 8.26 -44.86
CA PHE M 8 -3.62 6.89 -45.32
C PHE M 8 -3.60 5.82 -44.23
N THR M 9 -4.21 6.13 -43.10
CA THR M 9 -4.27 5.18 -42.00
C THR M 9 -5.17 4.05 -42.50
N GLN M 10 -4.93 2.85 -42.00
CA GLN M 10 -5.70 1.68 -42.38
C GLN M 10 -6.31 1.14 -41.11
N THR M 11 -6.06 1.84 -40.01
CA THR M 11 -6.57 1.49 -38.69
C THR M 11 -7.49 2.60 -38.17
N THR M 12 -8.79 2.32 -38.09
CA THR M 12 -9.77 3.30 -37.62
C THR M 12 -11.01 2.60 -37.05
N PRO M 13 -11.57 3.16 -35.97
CA PRO M 13 -12.76 2.58 -35.32
C PRO M 13 -14.03 2.66 -36.18
N LEU M 14 -14.05 3.60 -37.11
CA LEU M 14 -15.18 3.81 -37.99
C LEU M 14 -14.73 4.46 -39.29
N TRP M 15 -15.16 3.90 -40.42
CA TRP M 15 -14.80 4.47 -41.69
C TRP M 15 -15.86 5.46 -42.15
N ARG M 16 -15.43 6.47 -42.89
CA ARG M 16 -16.32 7.50 -43.41
C ARG M 16 -16.11 7.62 -44.91
N ARG M 17 -16.87 8.49 -45.55
CA ARG M 17 -16.74 8.64 -47.00
C ARG M 17 -16.88 10.08 -47.45
N ASN M 18 -16.51 10.31 -48.71
CA ASN M 18 -16.64 11.62 -49.31
C ASN M 18 -17.90 11.54 -50.16
N PRO M 19 -18.58 12.67 -50.38
CA PRO M 19 -19.79 12.61 -51.19
C PRO M 19 -19.48 11.92 -52.51
N GLU M 20 -18.19 11.85 -52.84
CA GLU M 20 -17.74 11.22 -54.07
C GLU M 20 -17.08 9.85 -53.82
N GLY M 21 -17.54 9.18 -52.77
CA GLY M 21 -17.01 7.87 -52.46
C GLY M 21 -15.55 7.80 -52.07
N GLN M 22 -15.07 8.80 -51.35
CA GLN M 22 -13.68 8.79 -50.92
C GLN M 22 -13.62 8.21 -49.52
N PRO M 23 -12.74 7.22 -49.29
CA PRO M 23 -12.62 6.60 -47.96
C PRO M 23 -11.88 7.52 -46.96
N LEU M 24 -12.57 7.86 -45.86
CA LEU M 24 -11.99 8.71 -44.83
C LEU M 24 -12.07 8.10 -43.45
N CYS M 25 -10.93 8.02 -42.77
CA CYS M 25 -10.90 7.48 -41.42
C CYS M 25 -11.82 8.33 -40.56
N ASN M 26 -12.13 7.87 -39.35
CA ASN M 26 -13.02 8.61 -38.46
C ASN M 26 -12.51 10.02 -38.21
N ALA M 27 -11.23 10.14 -37.87
CA ALA M 27 -10.63 11.44 -37.59
C ALA M 27 -10.73 12.43 -38.76
N CYS M 28 -10.17 12.07 -39.90
CA CYS M 28 -10.21 12.93 -41.09
C CYS M 28 -11.63 13.30 -41.51
N GLY M 29 -12.52 12.33 -41.46
CA GLY M 29 -13.90 12.58 -41.84
C GLY M 29 -14.62 13.47 -40.83
N LEU M 30 -14.40 13.19 -39.54
CA LEU M 30 -15.03 13.95 -38.48
C LEU M 30 -14.51 15.39 -38.48
N PHE M 31 -13.19 15.57 -38.57
CA PHE M 31 -12.62 16.90 -38.57
C PHE M 31 -13.18 17.74 -39.71
N LEU M 32 -13.23 17.17 -40.91
CA LEU M 32 -13.78 17.88 -42.06
C LEU M 32 -15.23 18.28 -41.76
N LYS M 33 -16.00 17.33 -41.25
CA LYS M 33 -17.40 17.57 -40.92
C LYS M 33 -17.58 18.75 -39.95
N LEU M 34 -16.82 18.75 -38.86
CA LEU M 34 -16.93 19.80 -37.86
C LEU M 34 -16.28 21.14 -38.18
N HIS M 35 -15.26 21.13 -39.00
CA HIS M 35 -14.54 22.38 -39.29
C HIS M 35 -14.63 22.89 -40.71
N GLY M 36 -14.92 22.00 -41.64
CA GLY M 36 -15.04 22.41 -43.03
C GLY M 36 -13.83 22.18 -43.89
N VAL M 37 -12.67 21.92 -43.27
CA VAL M 37 -11.46 21.69 -44.03
C VAL M 37 -10.89 20.32 -43.73
N VAL M 38 -10.02 19.85 -44.61
CA VAL M 38 -9.40 18.54 -44.45
C VAL M 38 -8.39 18.59 -43.30
N ARG M 39 -8.41 17.54 -42.48
CA ARG M 39 -7.53 17.45 -41.32
C ARG M 39 -6.09 17.66 -41.75
N PRO M 40 -5.42 18.66 -41.17
CA PRO M 40 -4.01 18.92 -41.52
C PRO M 40 -3.06 17.94 -40.80
N LEU M 41 -2.12 17.36 -41.54
CA LEU M 41 -1.16 16.41 -40.97
C LEU M 41 0.24 17.02 -40.89
N SER M 42 1.14 16.41 -40.12
CA SER M 42 2.50 16.95 -39.96
C SER M 42 3.46 16.68 -41.12
N LEU M 43 4.76 16.80 -40.87
CA LEU M 43 5.77 16.56 -41.90
C LEU M 43 5.56 17.53 -43.06
N THR N 2 -54.44 28.15 -0.64
CA THR N 2 -53.12 27.69 -1.08
C THR N 2 -52.06 28.26 -0.15
N THR N 3 -51.73 27.49 0.88
CA THR N 3 -50.72 27.90 1.85
C THR N 3 -49.87 26.71 2.25
N CYS N 4 -48.55 26.82 2.07
CA CYS N 4 -47.62 25.74 2.39
C CYS N 4 -47.80 25.24 3.80
N THR N 5 -47.95 23.92 3.94
CA THR N 5 -48.12 23.28 5.23
C THR N 5 -46.90 23.47 6.13
N ASN N 6 -45.73 23.33 5.52
CA ASN N 6 -44.46 23.45 6.23
C ASN N 6 -44.09 24.87 6.64
N CYS N 7 -43.81 25.72 5.66
CA CYS N 7 -43.41 27.10 5.93
C CYS N 7 -44.49 28.17 5.81
N PHE N 8 -45.72 27.75 5.56
CA PHE N 8 -46.83 28.70 5.47
C PHE N 8 -46.72 29.79 4.41
N THR N 9 -45.83 29.63 3.45
CA THR N 9 -45.73 30.63 2.41
C THR N 9 -46.96 30.56 1.52
N GLN N 10 -47.28 31.67 0.88
CA GLN N 10 -48.44 31.73 0.01
C GLN N 10 -47.96 32.19 -1.35
N THR N 11 -46.65 32.41 -1.43
CA THR N 11 -46.01 32.88 -2.66
C THR N 11 -44.99 31.82 -3.09
N THR N 12 -45.22 31.20 -4.24
CA THR N 12 -44.32 30.16 -4.78
C THR N 12 -44.54 30.00 -6.28
N PRO N 13 -43.45 29.76 -7.03
CA PRO N 13 -43.50 29.58 -8.49
C PRO N 13 -44.18 28.30 -8.95
N LEU N 14 -44.29 27.35 -8.03
CA LEU N 14 -44.90 26.07 -8.32
C LEU N 14 -45.36 25.40 -7.03
N TRP N 15 -46.60 24.95 -7.01
CA TRP N 15 -47.11 24.29 -5.81
C TRP N 15 -46.87 22.79 -5.90
N ARG N 16 -46.82 22.15 -4.76
CA ARG N 16 -46.59 20.72 -4.69
C ARG N 16 -47.57 20.09 -3.73
N ARG N 17 -47.89 18.82 -3.98
CA ARG N 17 -48.84 18.08 -3.18
C ARG N 17 -48.09 16.95 -2.48
N ASN N 18 -48.71 16.41 -1.43
CA ASN N 18 -48.13 15.31 -0.68
C ASN N 18 -48.92 14.05 -1.00
N PRO N 19 -48.33 12.88 -0.73
CA PRO N 19 -49.07 11.66 -1.03
C PRO N 19 -50.27 11.67 -0.07
N GLU N 20 -50.39 12.79 0.64
CA GLU N 20 -51.46 13.02 1.60
C GLU N 20 -52.23 14.27 1.19
N GLY N 21 -52.16 14.61 -0.09
CA GLY N 21 -52.86 15.77 -0.62
C GLY N 21 -52.56 17.10 0.06
N GLN N 22 -51.41 17.19 0.73
CA GLN N 22 -51.02 18.42 1.40
C GLN N 22 -50.30 19.37 0.46
N PRO N 23 -50.52 20.68 0.63
CA PRO N 23 -49.88 21.70 -0.20
C PRO N 23 -48.50 22.13 0.31
N LEU N 24 -47.47 21.93 -0.50
CA LEU N 24 -46.12 22.31 -0.14
C LEU N 24 -45.48 23.19 -1.20
N CYS N 25 -45.02 24.38 -0.80
CA CYS N 25 -44.37 25.27 -1.75
C CYS N 25 -43.29 24.49 -2.52
N ASN N 26 -42.79 25.08 -3.59
CA ASN N 26 -41.77 24.43 -4.41
C ASN N 26 -40.54 24.06 -3.58
N ALA N 27 -40.12 24.97 -2.70
CA ALA N 27 -38.95 24.75 -1.84
C ALA N 27 -39.17 23.56 -0.92
N CYS N 28 -40.15 23.65 -0.02
CA CYS N 28 -40.41 22.57 0.92
C CYS N 28 -40.58 21.22 0.23
N GLY N 29 -41.39 21.18 -0.82
CA GLY N 29 -41.63 19.96 -1.54
C GLY N 29 -40.39 19.42 -2.24
N LEU N 30 -39.62 20.33 -2.82
CA LEU N 30 -38.38 19.98 -3.51
C LEU N 30 -37.34 19.41 -2.55
N PHE N 31 -37.16 20.09 -1.43
CA PHE N 31 -36.22 19.69 -0.40
C PHE N 31 -36.54 18.31 0.11
N LEU N 32 -37.79 18.09 0.48
CA LEU N 32 -38.23 16.80 0.97
C LEU N 32 -37.92 15.72 -0.07
N LYS N 33 -38.26 16.01 -1.32
CA LYS N 33 -38.02 15.06 -2.41
C LYS N 33 -36.55 14.65 -2.50
N LEU N 34 -35.67 15.65 -2.60
CA LEU N 34 -34.24 15.40 -2.73
C LEU N 34 -33.55 14.80 -1.52
N HIS N 35 -33.89 15.26 -0.31
CA HIS N 35 -33.21 14.79 0.89
C HIS N 35 -33.95 13.83 1.80
N GLY N 36 -35.27 13.77 1.69
CA GLY N 36 -36.02 12.84 2.52
C GLY N 36 -36.63 13.40 3.77
N VAL N 37 -36.26 14.61 4.15
CA VAL N 37 -36.82 15.20 5.36
C VAL N 37 -37.46 16.52 5.01
N VAL N 38 -38.30 17.01 5.92
CA VAL N 38 -39.00 18.27 5.69
C VAL N 38 -38.01 19.41 5.85
N ARG N 39 -38.13 20.39 4.97
CA ARG N 39 -37.23 21.54 5.01
C ARG N 39 -37.24 22.20 6.36
N PRO N 40 -36.05 22.34 6.98
CA PRO N 40 -35.93 22.97 8.30
C PRO N 40 -36.02 24.50 8.19
N LEU N 41 -36.74 25.12 9.12
CA LEU N 41 -36.94 26.57 9.13
C LEU N 41 -36.17 27.27 10.26
N SER N 42 -36.58 28.48 10.64
CA SER N 42 -35.89 29.24 11.70
C SER N 42 -36.73 29.38 12.99
N LEU N 43 -36.57 30.52 13.66
CA LEU N 43 -37.28 30.83 14.89
C LEU N 43 -37.30 29.64 15.85
N THR O 2 -5.03 -4.71 -50.65
CA THR O 2 -5.51 -5.16 -51.95
C THR O 2 -6.41 -6.40 -51.78
N THR O 3 -6.98 -6.86 -52.89
CA THR O 3 -7.85 -8.03 -52.85
C THR O 3 -7.68 -8.91 -54.10
N CYS O 4 -7.47 -10.22 -53.89
CA CYS O 4 -7.25 -11.21 -54.96
C CYS O 4 -8.41 -11.40 -55.92
N THR O 5 -8.10 -11.28 -57.21
CA THR O 5 -9.11 -11.43 -58.26
C THR O 5 -9.93 -12.72 -58.16
N ASN O 6 -9.27 -13.84 -57.90
CA ASN O 6 -9.90 -15.15 -57.82
C ASN O 6 -10.45 -15.57 -56.45
N CYS O 7 -9.58 -15.69 -55.46
CA CYS O 7 -9.98 -16.15 -54.12
C CYS O 7 -10.45 -15.05 -53.20
N PHE O 8 -10.29 -13.78 -53.60
CA PHE O 8 -10.69 -12.62 -52.81
C PHE O 8 -9.94 -12.42 -51.49
N THR O 9 -8.79 -13.07 -51.34
CA THR O 9 -8.03 -12.87 -50.09
C THR O 9 -7.45 -11.48 -50.11
N GLN O 10 -6.91 -11.04 -48.96
CA GLN O 10 -6.28 -9.75 -48.86
C GLN O 10 -5.01 -9.94 -48.06
N THR O 11 -4.77 -11.20 -47.69
CA THR O 11 -3.59 -11.58 -46.93
C THR O 11 -2.81 -12.58 -47.79
N THR O 12 -1.58 -12.22 -48.16
CA THR O 12 -0.74 -13.09 -48.97
C THR O 12 0.72 -12.63 -48.89
N PRO O 13 1.66 -13.59 -48.79
CA PRO O 13 3.10 -13.29 -48.70
C PRO O 13 3.70 -12.59 -49.91
N LEU O 14 3.05 -12.75 -51.06
CA LEU O 14 3.51 -12.16 -52.30
C LEU O 14 2.34 -12.02 -53.27
N TRP O 15 2.19 -10.83 -53.83
CA TRP O 15 1.12 -10.58 -54.78
C TRP O 15 1.60 -10.88 -56.20
N ARG O 16 0.75 -11.52 -56.98
CA ARG O 16 1.09 -11.83 -58.35
C ARG O 16 0.24 -10.90 -59.23
N ARG O 17 0.75 -10.60 -60.41
CA ARG O 17 0.07 -9.73 -61.36
C ARG O 17 -0.18 -10.51 -62.64
N ASN O 18 -1.43 -10.87 -62.88
CA ASN O 18 -1.81 -11.63 -64.07
C ASN O 18 -1.75 -10.79 -65.34
N PRO O 19 -1.84 -11.43 -66.52
CA PRO O 19 -1.79 -10.75 -67.81
C PRO O 19 -2.58 -9.43 -67.90
N GLU O 20 -3.90 -9.51 -67.74
CA GLU O 20 -4.76 -8.33 -67.81
C GLU O 20 -4.47 -7.28 -66.75
N GLY O 21 -3.37 -7.48 -66.01
CA GLY O 21 -3.00 -6.52 -64.97
C GLY O 21 -3.68 -6.78 -63.64
N GLN O 22 -4.50 -7.82 -63.59
CA GLN O 22 -5.22 -8.19 -62.39
C GLN O 22 -4.29 -8.77 -61.33
N PRO O 23 -4.65 -8.60 -60.05
CA PRO O 23 -3.88 -9.10 -58.91
C PRO O 23 -4.32 -10.51 -58.49
N LEU O 24 -3.37 -11.33 -58.10
CA LEU O 24 -3.66 -12.68 -57.67
C LEU O 24 -2.77 -13.03 -56.49
N CYS O 25 -3.36 -13.56 -55.43
CA CYS O 25 -2.55 -13.94 -54.27
C CYS O 25 -1.50 -14.91 -54.77
N ASN O 26 -0.49 -15.18 -53.95
CA ASN O 26 0.59 -16.08 -54.34
C ASN O 26 0.02 -17.44 -54.74
N ALA O 27 -0.98 -17.91 -53.99
CA ALA O 27 -1.59 -19.21 -54.25
C ALA O 27 -2.24 -19.27 -55.62
N CYS O 28 -3.26 -18.44 -55.82
CA CYS O 28 -3.97 -18.41 -57.11
C CYS O 28 -3.06 -18.22 -58.32
N GLY O 29 -2.13 -17.27 -58.20
CA GLY O 29 -1.19 -17.01 -59.28
C GLY O 29 -0.23 -18.17 -59.51
N LEU O 30 0.25 -18.75 -58.42
CA LEU O 30 1.17 -19.88 -58.52
C LEU O 30 0.50 -21.08 -59.16
N PHE O 31 -0.70 -21.40 -58.66
CA PHE O 31 -1.49 -22.51 -59.14
C PHE O 31 -1.72 -22.43 -60.64
N LEU O 32 -2.16 -21.25 -61.08
CA LEU O 32 -2.43 -21.01 -62.50
C LEU O 32 -1.16 -21.18 -63.32
N LYS O 33 -0.06 -20.66 -62.80
CA LYS O 33 1.23 -20.73 -63.46
C LYS O 33 1.70 -22.16 -63.66
N LEU O 34 1.58 -22.97 -62.61
CA LEU O 34 2.00 -24.37 -62.67
C LEU O 34 1.07 -25.33 -63.38
N HIS O 35 -0.24 -25.12 -63.26
CA HIS O 35 -1.18 -26.05 -63.87
C HIS O 35 -1.99 -25.56 -65.06
N GLY O 36 -2.03 -24.25 -65.27
CA GLY O 36 -2.75 -23.73 -66.41
C GLY O 36 -4.17 -23.30 -66.18
N VAL O 37 -4.73 -23.65 -65.03
CA VAL O 37 -6.11 -23.25 -64.75
C VAL O 37 -6.18 -22.49 -63.45
N VAL O 38 -7.28 -21.75 -63.29
CA VAL O 38 -7.50 -20.96 -62.09
C VAL O 38 -7.70 -21.88 -60.90
N ARG O 39 -7.10 -21.52 -59.78
CA ARG O 39 -7.22 -22.32 -58.58
C ARG O 39 -8.67 -22.52 -58.19
N PRO O 40 -9.13 -23.78 -58.12
CA PRO O 40 -10.53 -24.02 -57.75
C PRO O 40 -10.71 -23.77 -56.24
N LEU O 41 -11.86 -23.23 -55.83
CA LEU O 41 -12.09 -22.92 -54.42
C LEU O 41 -13.25 -23.67 -53.77
N SER O 42 -13.57 -23.24 -52.54
CA SER O 42 -14.67 -23.76 -51.72
C SER O 42 -14.25 -24.87 -50.78
N THR P 2 46.93 -0.71 20.59
CA THR P 2 48.21 -0.45 19.95
C THR P 2 48.01 -0.07 18.49
N THR P 3 48.71 0.97 18.05
CA THR P 3 48.61 1.47 16.67
C THR P 3 49.99 1.41 15.96
N CYS P 4 49.98 1.28 14.63
CA CYS P 4 51.23 1.23 13.87
C CYS P 4 51.88 2.59 13.89
N THR P 5 53.13 2.65 14.34
CA THR P 5 53.84 3.91 14.40
C THR P 5 54.06 4.54 13.02
N ASN P 6 54.05 3.71 11.98
CA ASN P 6 54.27 4.18 10.61
C ASN P 6 52.99 4.49 9.82
N CYS P 7 52.19 3.46 9.58
CA CYS P 7 50.96 3.60 8.79
C CYS P 7 49.76 4.03 9.62
N PHE P 8 49.82 3.76 10.92
CA PHE P 8 48.76 4.10 11.87
C PHE P 8 47.54 3.22 11.83
N THR P 9 47.67 2.00 11.33
CA THR P 9 46.51 1.13 11.31
C THR P 9 46.36 0.55 12.71
N GLN P 10 45.17 0.03 12.98
CA GLN P 10 44.88 -0.56 14.27
C GLN P 10 44.30 -1.94 13.99
N THR P 11 44.30 -2.32 12.71
CA THR P 11 43.80 -3.61 12.26
C THR P 11 44.97 -4.31 11.57
N THR P 12 45.41 -5.43 12.13
CA THR P 12 46.54 -6.20 11.59
C THR P 12 46.47 -7.64 12.08
N PRO P 13 46.81 -8.62 11.23
CA PRO P 13 46.79 -10.04 11.61
C PRO P 13 47.90 -10.42 12.59
N LEU P 14 48.95 -9.60 12.66
CA LEU P 14 50.07 -9.85 13.56
C LEU P 14 50.83 -8.56 13.80
N TRP P 15 51.05 -8.22 15.06
CA TRP P 15 51.81 -7.01 15.37
C TRP P 15 53.29 -7.30 15.47
N ARG P 16 54.11 -6.25 15.41
CA ARG P 16 55.55 -6.43 15.48
C ARG P 16 56.21 -5.24 16.12
N ARG P 17 57.23 -5.51 16.93
CA ARG P 17 57.96 -4.43 17.59
C ARG P 17 59.05 -3.92 16.68
N ASN P 18 59.32 -2.62 16.81
CA ASN P 18 60.34 -1.95 16.04
C ASN P 18 61.63 -2.19 16.83
N PRO P 19 62.80 -2.08 16.17
CA PRO P 19 64.01 -2.30 16.96
C PRO P 19 63.98 -1.42 18.21
N GLU P 20 63.20 -0.34 18.12
CA GLU P 20 63.02 0.62 19.21
C GLU P 20 61.87 0.18 20.11
N GLY P 21 61.34 -1.00 19.83
CA GLY P 21 60.23 -1.50 20.62
C GLY P 21 58.91 -0.92 20.16
N GLN P 22 58.97 0.15 19.37
CA GLN P 22 57.77 0.81 18.86
C GLN P 22 56.96 -0.16 18.01
N PRO P 23 55.64 0.04 17.92
CA PRO P 23 54.72 -0.81 17.15
C PRO P 23 54.78 -0.69 15.63
N LEU P 24 54.54 -1.81 14.97
CA LEU P 24 54.53 -1.89 13.52
C LEU P 24 53.55 -2.96 13.11
N CYS P 25 52.64 -2.63 12.20
CA CYS P 25 51.69 -3.63 11.74
C CYS P 25 52.48 -4.66 10.96
N ASN P 26 51.86 -5.79 10.63
CA ASN P 26 52.58 -6.84 9.92
C ASN P 26 53.19 -6.31 8.63
N ALA P 27 52.44 -5.49 7.92
CA ALA P 27 52.90 -4.90 6.65
C ALA P 27 54.14 -4.03 6.83
N CYS P 28 54.01 -2.96 7.60
CA CYS P 28 55.13 -2.07 7.83
C CYS P 28 56.37 -2.79 8.37
N GLY P 29 56.16 -3.67 9.35
CA GLY P 29 57.26 -4.40 9.93
C GLY P 29 57.90 -5.37 8.95
N LEU P 30 57.07 -6.05 8.19
CA LEU P 30 57.55 -7.01 7.19
C LEU P 30 58.33 -6.31 6.08
N PHE P 31 57.76 -5.22 5.56
CA PHE P 31 58.39 -4.46 4.50
C PHE P 31 59.78 -3.97 4.91
N LEU P 32 59.86 -3.40 6.10
CA LEU P 32 61.13 -2.91 6.61
C LEU P 32 62.13 -4.07 6.75
N LYS P 33 61.66 -5.21 7.26
CA LYS P 33 62.51 -6.38 7.43
C LYS P 33 63.10 -6.86 6.10
N LEU P 34 62.25 -7.00 5.10
CA LEU P 34 62.67 -7.48 3.79
C LEU P 34 63.45 -6.49 2.94
N HIS P 35 63.12 -5.21 3.01
CA HIS P 35 63.76 -4.22 2.17
C HIS P 35 64.68 -3.20 2.83
N GLY P 36 64.64 -3.12 4.15
CA GLY P 36 65.51 -2.18 4.82
C GLY P 36 65.00 -0.77 5.03
N VAL P 37 63.86 -0.43 4.42
CA VAL P 37 63.33 0.91 4.60
C VAL P 37 61.90 0.83 5.08
N VAL P 38 61.42 1.93 5.64
CA VAL P 38 60.06 2.02 6.15
C VAL P 38 59.08 1.99 5.00
N ARG P 39 58.00 1.23 5.17
CA ARG P 39 56.99 1.11 4.12
C ARG P 39 56.48 2.49 3.70
N PRO P 40 56.60 2.83 2.40
CA PRO P 40 56.15 4.13 1.92
C PRO P 40 54.63 4.17 1.72
N LEU P 41 53.97 5.21 2.24
CA LEU P 41 52.52 5.38 2.12
C LEU P 41 52.20 6.54 1.17
N SER P 42 50.94 6.63 0.73
CA SER P 42 50.53 7.70 -0.19
C SER P 42 49.94 8.98 0.45
N LEU P 43 49.59 9.93 -0.41
CA LEU P 43 49.01 11.23 -0.04
C LEU P 43 50.11 12.29 0.10
#